data_8RMR
#
_entry.id   8RMR
#
_cell.length_a   1.00
_cell.length_b   1.00
_cell.length_c   1.00
_cell.angle_alpha   90.00
_cell.angle_beta   90.00
_cell.angle_gamma   90.00
#
_symmetry.space_group_name_H-M   'P 1'
#
loop_
_entity.id
_entity.type
_entity.pdbx_description
1 polymer 'Polymerase acidic protein'
2 polymer 'RNA-directed RNA polymerase catalytic subunit'
3 polymer 'Polymerase basic protein 2'
4 polymer 'Acidic leucine-rich nuclear phosphoprotein 32 family member A'
5 non-polymer 'MAGNESIUM ION'
#
loop_
_entity_poly.entity_id
_entity_poly.type
_entity_poly.pdbx_seq_one_letter_code
_entity_poly.pdbx_strand_id
1 'polypeptide(L)'
;MEDFVRQCFNPMIVELAEKAMKEYGEDPKIETNKFASICTHLEVCFMYSDFHFIDERGESTIIESGDPNVLLKHRFEIIE
GRDRTMAWTVVNSICNTTGVEKPKFLPDLYDYKENRFIEIGVTRREVHIYYLEKANKIKSEKTHIHIFSFTGEEMATKAD
YTLDEESRARIKTRLFTIRQEMASRGLWDSFRQSERGEETIEERFEITGTMRRLADQSLPPNFSSLENFRAYVDGFEPNG
CIEGKLSQMSKEVNARIEPFLRTTPRPLRLPDGPPCSQRSKFLLMDALKLSIEDPSHEGEGIPLYDAIKCMKTFFGWKEP
NIIKPHEKGINPNYLLTWKQVLAELQDIKNEEKIPRTKNMKKTSQLKWALGENMAPEKVDFEDCKDVNDLKQYDSDEPEP
RSLACWIQSEFNKACELTDSSWVELDEIGEDVAPIEHIASMRRNYFTAEVSHCRATEYIMKGVYINTALLNASCAAMDDF
QLIPMISKCITKEGRRKTNLYGFIIKGRSHLRNDTDVVNFVSMEFSLTDPRLEPHKWEKYCVLEIGDMLLRTAVGQVSRP
MFLYVRTNGTSKIKMKWGMEMRRCLLQSLQQIESMIEAESSVKEKDLTKEFFENKSETWPIGESPKGVEEGSIGKVCRTL
LAKSVFNSLYASPQLEGFSAESRKLLLIVQALRDNLEPGTFDLEGLYEAIEECLINDPWVLLNASWFNSFLTHALR
;
A,D
2 'polypeptide(L)'
;MDVNPTLLFLKVPVQNAISTTFPYTGDPPYSHGTGTGYTMDTVNRTHKYSEKGKWTTNTETGAPQLNPIDGPLPEDNEPS
GYAQTDCVLEAMAFLEESHPGIFENSCLETMEIVQQTRVDKLTQGRQTYDWTLNRNQPAATALANTIEVFRSNGLTANES
GRLIDFLKDVMDSMDKEEMEITTHFQRKRRVRDNMTKKMVTQRTIGKKKQRLNKRSYLIRALTLNTMTKDAERGKLKRRA
IATPGMQIRGFVYFVEALARSICEKLEQSGLPVGGNEKKAKLANVVRKMMTNSQDTELSFTITGDNTKWNENQNPRMFLA
MITYITRNQPEWFRNVLSIAPIMFSNKMARLGKGYMFESKSMKLRTQVPAEMLANIDLKYFNKSTREKIEKIRPLLIDGT
ASLSPGMMMGMFNMLSTVLGVSILNLGQKKYTKTTYWWDGLQSSDDFALIVNAPNHEGIQAGVDRFYRTCKLVGINMSKK
KSYINRTGTFEFTSFFYRYGFVANFSMELPSFGVSGINESADMSVGVTVIKNNMINNDLGPATAQMALQLFIKDYRYTYR
CHRGDTQIQTRRAFELGKLWEQTRSKAGLLVSDGGPNLYNIRNLHIPEVCLKWELMDEDYQGRLCNPMNPFVSHKEIDSV
NNAVVMPAHGPAKSMEYDAVATTHSWIPKRNRSILNTSQRGILEDEQMYQKCCNLFEKFFPSSSYRRPVGISSMVEAMVS
RARIDARIDFESGRIKKEEFAEIMKICSTIEELRRQK
;
B,E
3 'polypeptide(L)'
;MERIKELRDLMSQSRTREILTKTTVDHMAIIKKYTSGRQEKNPALRMKWMMAMKYPITADKRIMEMIPERNEQRQTLWSK
TNDAGSDRVMVSPLAVTWWNRNGPTTSTVHYPKVYKTYFEKVERLKHGTFGPVHFRNQVKIRRRVDINPGHADLSAKEAQ
DVIMEVVFPNEVGARILTSESQLTITKEKKKELQDCKIAPLMVAYMLERELVRKTRFLPVAGGTSSVYIEVLHLTQGTCW
EQMYTPGGEVRNDDVDQSLIIAARNIVRRATVSADPLASLLEMCHSTQIGGVRMVDILRQNPTEEQAVDICKAAMGLRIS
SSFSFGGFTFKRTSGSSVKREEEVLTGNLQTLKIRVHEGYEEFTMVGRRATAILRKATRRLIQLIVSGKDEQSIAEAIIV
AMVFSQEDCMIKAVRGDLNFVNRANQRLNPMHQLLRHFQKDAKVLFQNWGIEPIDNVMGMIGILPDMTPSTEMSLRGVRV
SKMGVDEYSSTERVVVSIDRFLRVRDQRGNVLLSPEEVSETQGTEKLTITYSSSMMWEINGPESVLVNTYQWIIRNWENV
KIQWSQDPTMLYNKMEFEPFQSLVPKAARGQYSGFVRVLFQQMRDVLGTFDTVQIIKLLPFAAAPPEQSRMQFSSLTVNV
RGSGMRIVVRGNSPVFNYNKATKRLTVLGKDAGALMEDPDEGTAGVESAVLRGFLILGKENKRYGPALSINELSNLAKGE
KANVLIGQGDVVLVMKRKRDSSILTDSQTATKRIRMAINGWSHPQFEKGGGSGGGSGGSAWSHPQFEK
;
C,F
4 'polypeptide(L)'
;MKHHHHHHPMSDYDIPTTENLYFQGAMEMGRRIHLELRNRTPSDVKELVLDNSRSNEGKLEGLTDEFEELEFLSTINVGL
TSIANLPKLNKLKKLELSDNRVSGGLEVLAEKCPNLTHLNLSGNKIKDLSTIEPLKKLENLKSLDLFNCEVTNLNDYREN
VFKLLPQLTYLDGYDRDDKEAPDSDAEGYVEGLDDEEEDEDEEEYDEDAQVVEDEEDEDEEEEGEEEDVSGEEEEDEEGY
NDGEVDDEEDEEELGEEERGQKRKREPEDEGEDDD
;
G
#
loop_
_chem_comp.id
_chem_comp.type
_chem_comp.name
_chem_comp.formula
MG non-polymer 'MAGNESIUM ION' 'Mg 2'
#
# COMPACT_ATOMS: atom_id res chain seq x y z
N MET A 1 33.46 -23.83 29.70
CA MET A 1 33.48 -24.49 31.03
C MET A 1 33.13 -23.48 32.11
N GLU A 2 33.95 -22.42 32.24
CA GLU A 2 33.61 -21.34 33.16
C GLU A 2 32.31 -20.68 32.75
N ASP A 3 32.12 -20.44 31.45
CA ASP A 3 30.86 -19.90 30.96
C ASP A 3 29.72 -20.87 31.26
N PHE A 4 29.96 -22.17 31.07
CA PHE A 4 28.92 -23.16 31.36
C PHE A 4 28.55 -23.12 32.84
N VAL A 5 29.54 -23.03 33.72
CA VAL A 5 29.27 -22.95 35.15
C VAL A 5 28.43 -21.71 35.45
N ARG A 6 28.82 -20.56 34.87
CA ARG A 6 28.09 -19.33 35.12
C ARG A 6 26.65 -19.44 34.65
N GLN A 7 26.42 -20.06 33.49
CA GLN A 7 25.09 -20.09 32.91
C GLN A 7 24.18 -21.14 33.52
N CYS A 8 24.72 -22.29 33.94
CA CYS A 8 23.88 -23.43 34.31
C CYS A 8 23.41 -23.37 35.76
N PHE A 9 24.17 -22.73 36.65
CA PHE A 9 23.83 -22.67 38.07
C PHE A 9 23.24 -21.31 38.42
N ASN A 10 22.62 -21.26 39.59
CA ASN A 10 22.06 -20.00 40.08
C ASN A 10 23.20 -19.01 40.30
N PRO A 11 23.07 -17.76 39.82
CA PRO A 11 24.20 -16.82 39.95
C PRO A 11 24.63 -16.58 41.38
N MET A 12 23.71 -16.66 42.34
CA MET A 12 24.09 -16.41 43.73
C MET A 12 25.10 -17.45 44.19
N ILE A 13 24.85 -18.71 43.86
CA ILE A 13 25.78 -19.78 44.21
C ILE A 13 27.14 -19.52 43.56
N VAL A 14 27.12 -19.00 42.33
CA VAL A 14 28.37 -18.62 41.67
C VAL A 14 29.09 -17.57 42.50
N GLU A 15 28.36 -16.59 43.02
CA GLU A 15 28.98 -15.57 43.87
C GLU A 15 29.58 -16.19 45.12
N LEU A 16 28.86 -17.13 45.75
CA LEU A 16 29.39 -17.77 46.96
C LEU A 16 30.66 -18.54 46.64
N ALA A 17 30.66 -19.28 45.53
CA ALA A 17 31.88 -20.00 45.14
C ALA A 17 33.03 -19.04 44.89
N GLU A 18 32.75 -17.92 44.22
CA GLU A 18 33.79 -16.94 43.94
C GLU A 18 34.38 -16.39 45.24
N LYS A 19 33.52 -16.04 46.20
CA LYS A 19 34.01 -15.54 47.48
C LYS A 19 34.82 -16.60 48.21
N ALA A 20 34.32 -17.84 48.23
CA ALA A 20 35.00 -18.91 48.95
C ALA A 20 36.39 -19.17 48.38
N MET A 21 36.50 -19.15 47.05
CA MET A 21 37.83 -19.34 46.45
C MET A 21 38.72 -18.12 46.66
N LYS A 22 38.17 -16.92 46.47
CA LYS A 22 38.98 -15.72 46.66
C LYS A 22 39.52 -15.64 48.08
N GLU A 23 38.84 -16.26 49.04
CA GLU A 23 39.40 -16.37 50.39
C GLU A 23 40.78 -17.00 50.35
N TYR A 24 41.04 -17.87 49.39
CA TYR A 24 42.31 -18.58 49.26
C TYR A 24 43.28 -17.87 48.32
N GLY A 25 42.95 -16.69 47.83
CA GLY A 25 43.81 -16.01 46.88
C GLY A 25 43.92 -16.71 45.54
N GLU A 26 42.80 -17.15 44.99
CA GLU A 26 42.76 -17.82 43.69
C GLU A 26 41.85 -17.04 42.76
N ASP A 27 42.12 -17.15 41.46
CA ASP A 27 41.31 -16.50 40.43
C ASP A 27 40.59 -17.56 39.61
N PRO A 28 39.25 -17.57 39.56
CA PRO A 28 38.58 -18.60 38.75
C PRO A 28 39.01 -18.62 37.29
N LYS A 29 39.35 -17.46 36.74
CA LYS A 29 39.72 -17.40 35.33
C LYS A 29 40.99 -18.18 35.03
N ILE A 30 41.81 -18.47 36.05
CA ILE A 30 43.02 -19.25 35.87
C ILE A 30 42.72 -20.71 36.19
N GLU A 31 41.89 -20.94 37.20
CA GLU A 31 41.49 -22.28 37.63
C GLU A 31 39.97 -22.36 37.62
N THR A 32 39.43 -23.25 36.78
CA THR A 32 37.99 -23.42 36.69
C THR A 32 37.50 -24.78 37.17
N ASN A 33 38.36 -25.81 37.15
CA ASN A 33 37.96 -27.10 37.70
C ASN A 33 37.61 -26.98 39.17
N LYS A 34 38.43 -26.26 39.94
CA LYS A 34 38.10 -25.99 41.33
C LYS A 34 36.82 -25.18 41.43
N PHE A 35 36.64 -24.20 40.54
CA PHE A 35 35.43 -23.39 40.57
C PHE A 35 34.19 -24.24 40.33
N ALA A 36 34.25 -25.12 39.33
CA ALA A 36 33.10 -25.98 39.06
C ALA A 36 32.86 -26.95 40.21
N SER A 37 33.93 -27.49 40.79
CA SER A 37 33.78 -28.39 41.92
C SER A 37 33.09 -27.68 43.09
N ILE A 38 33.51 -26.46 43.39
CA ILE A 38 32.92 -25.72 44.51
C ILE A 38 31.47 -25.36 44.21
N CYS A 39 31.18 -24.99 42.96
CA CYS A 39 29.80 -24.68 42.60
C CYS A 39 28.91 -25.91 42.76
N THR A 40 29.39 -27.07 42.31
CA THR A 40 28.62 -28.30 42.50
C THR A 40 28.45 -28.59 43.98
N HIS A 41 29.49 -28.36 44.77
CA HIS A 41 29.42 -28.61 46.22
C HIS A 41 28.34 -27.76 46.86
N LEU A 42 28.35 -26.44 46.58
CA LEU A 42 27.35 -25.56 47.15
C LEU A 42 25.95 -25.91 46.66
N GLU A 43 25.82 -26.24 45.38
CA GLU A 43 24.50 -26.60 44.85
C GLU A 43 23.95 -27.84 45.55
N VAL A 44 24.77 -28.87 45.72
CA VAL A 44 24.29 -30.08 46.38
C VAL A 44 24.00 -29.80 47.85
N CYS A 45 24.81 -28.97 48.49
CA CYS A 45 24.55 -28.60 49.88
C CYS A 45 23.18 -27.95 50.03
N PHE A 46 22.92 -26.93 49.22
CA PHE A 46 21.66 -26.19 49.35
C PHE A 46 20.48 -27.04 48.90
N MET A 47 20.68 -27.95 47.95
CA MET A 47 19.62 -28.89 47.60
C MET A 47 19.30 -29.82 48.76
N TYR A 48 20.33 -30.27 49.48
CA TYR A 48 20.11 -31.19 50.58
C TYR A 48 19.24 -30.56 51.67
N SER A 49 19.49 -29.31 51.99
CA SER A 49 18.82 -28.63 53.11
C SER A 49 17.54 -27.92 52.69
N ASP A 50 17.10 -28.10 51.45
CA ASP A 50 15.92 -27.40 50.96
C ASP A 50 14.66 -28.22 51.21
N PHE A 51 13.54 -27.52 51.33
CA PHE A 51 12.21 -28.12 51.44
C PHE A 51 12.05 -29.01 52.66
N HIS A 52 12.86 -28.81 53.70
CA HIS A 52 12.77 -29.57 54.94
C HIS A 52 12.49 -28.63 56.10
N PHE A 53 11.56 -29.03 56.97
CA PHE A 53 11.13 -28.18 58.07
C PHE A 53 10.73 -29.07 59.24
N ILE A 54 10.63 -28.46 60.41
CA ILE A 54 10.27 -29.17 61.64
C ILE A 54 8.86 -28.74 62.05
N ASP A 55 7.97 -29.72 62.25
CA ASP A 55 6.57 -29.44 62.54
C ASP A 55 6.40 -29.00 63.98
N GLU A 56 5.13 -28.82 64.38
CA GLU A 56 4.84 -28.40 65.74
C GLU A 56 5.23 -29.48 66.74
N ARG A 57 4.99 -30.74 66.41
CA ARG A 57 5.29 -31.86 67.29
C ARG A 57 6.75 -32.31 67.20
N GLY A 58 7.55 -31.69 66.33
CA GLY A 58 8.94 -32.06 66.15
C GLY A 58 9.20 -32.99 64.98
N GLU A 59 8.15 -33.54 64.39
CA GLU A 59 8.30 -34.43 63.23
C GLU A 59 8.72 -33.63 62.00
N SER A 60 9.48 -34.30 61.13
CA SER A 60 9.93 -33.68 59.90
C SER A 60 8.76 -33.46 58.95
N THR A 61 8.89 -32.44 58.10
CA THR A 61 7.86 -32.10 57.14
C THR A 61 8.51 -31.46 55.92
N ILE A 62 7.78 -31.46 54.81
CA ILE A 62 8.27 -30.99 53.53
C ILE A 62 7.42 -29.81 53.08
N ILE A 63 8.07 -28.69 52.76
CA ILE A 63 7.38 -27.52 52.22
C ILE A 63 8.19 -26.96 51.06
N LEU A 72 8.32 -22.10 60.49
CA LEU A 72 8.88 -23.04 61.46
C LEU A 72 10.41 -22.94 61.44
N LYS A 73 11.10 -24.08 61.54
CA LYS A 73 12.55 -24.09 61.61
C LYS A 73 13.09 -25.11 60.63
N HIS A 74 14.20 -24.74 59.98
CA HIS A 74 14.83 -25.63 59.01
C HIS A 74 15.42 -26.84 59.71
N ARG A 75 15.05 -28.03 59.25
CA ARG A 75 15.58 -29.25 59.84
C ARG A 75 17.09 -29.36 59.61
N PHE A 76 17.55 -28.95 58.43
CA PHE A 76 18.97 -28.95 58.10
C PHE A 76 19.53 -27.53 58.20
N GLU A 77 20.72 -27.41 58.78
CA GLU A 77 21.45 -26.16 58.88
C GLU A 77 22.73 -26.28 58.05
N ILE A 78 23.00 -25.29 57.21
CA ILE A 78 24.19 -25.31 56.34
C ILE A 78 25.34 -24.69 57.10
N ILE A 79 26.53 -25.28 56.96
CA ILE A 79 27.74 -24.74 57.58
C ILE A 79 28.80 -24.49 56.52
N GLU A 80 28.70 -25.20 55.38
CA GLU A 80 29.76 -25.17 54.38
C GLU A 80 29.80 -23.87 53.60
N GLY A 81 28.69 -23.15 53.49
CA GLY A 81 28.66 -21.92 52.73
C GLY A 81 29.18 -20.70 53.43
N ARG A 82 29.64 -20.83 54.66
CA ARG A 82 30.04 -19.70 55.49
C ARG A 82 31.56 -19.64 55.62
N ASP A 83 32.03 -18.52 56.16
CA ASP A 83 33.45 -18.30 56.38
C ASP A 83 33.97 -19.25 57.47
N ARG A 84 35.29 -19.23 57.66
CA ARG A 84 35.90 -20.08 58.69
C ARG A 84 35.40 -19.69 60.07
N THR A 85 35.50 -18.40 60.42
CA THR A 85 35.08 -17.96 61.75
C THR A 85 33.60 -18.23 61.95
N MET A 86 32.78 -17.90 60.96
CA MET A 86 31.34 -18.11 61.09
C MET A 86 30.99 -19.59 61.25
N ALA A 87 31.59 -20.43 60.40
CA ALA A 87 31.31 -21.86 60.47
C ALA A 87 31.73 -22.43 61.81
N TRP A 88 32.92 -22.05 62.28
CA TRP A 88 33.39 -22.55 63.57
C TRP A 88 32.48 -22.07 64.70
N THR A 89 32.05 -20.82 64.66
CA THR A 89 31.15 -20.31 65.70
C THR A 89 29.83 -21.06 65.70
N VAL A 90 29.25 -21.31 64.53
CA VAL A 90 27.96 -21.98 64.50
C VAL A 90 28.08 -23.44 64.94
N VAL A 91 29.17 -24.11 64.55
CA VAL A 91 29.33 -25.50 65.01
C VAL A 91 29.52 -25.53 66.52
N ASN A 92 30.28 -24.58 67.07
CA ASN A 92 30.44 -24.53 68.53
C ASN A 92 29.11 -24.26 69.22
N SER A 93 28.31 -23.36 68.66
CA SER A 93 27.00 -23.07 69.23
C SER A 93 26.11 -24.30 69.22
N ILE A 94 26.11 -25.05 68.11
CA ILE A 94 25.33 -26.27 68.03
C ILE A 94 25.81 -27.27 69.08
N CYS A 95 27.13 -27.42 69.20
CA CYS A 95 27.68 -28.34 70.17
C CYS A 95 27.23 -28.00 71.59
N ASN A 96 27.29 -26.72 71.93
CA ASN A 96 26.92 -26.31 73.29
C ASN A 96 25.43 -26.47 73.53
N THR A 97 24.60 -25.98 72.60
CA THR A 97 23.15 -26.00 72.82
C THR A 97 22.61 -27.42 72.85
N THR A 98 22.95 -28.23 71.84
CA THR A 98 22.47 -29.59 71.73
C THR A 98 23.43 -30.60 72.36
N GLY A 99 24.50 -30.14 72.98
CA GLY A 99 25.43 -31.05 73.64
C GLY A 99 26.06 -32.04 72.70
N VAL A 100 26.44 -31.61 71.51
CA VAL A 100 27.03 -32.48 70.50
C VAL A 100 28.54 -32.43 70.65
N GLU A 101 29.20 -33.50 70.20
CA GLU A 101 30.65 -33.60 70.28
C GLU A 101 31.29 -32.88 69.11
N LYS A 102 32.48 -32.33 69.34
CA LYS A 102 33.15 -31.53 68.34
C LYS A 102 33.79 -32.47 67.31
N PRO A 103 33.36 -32.44 66.04
CA PRO A 103 34.05 -33.25 65.03
C PRO A 103 35.47 -32.75 64.82
N LYS A 104 36.35 -33.68 64.45
CA LYS A 104 37.75 -33.31 64.23
C LYS A 104 37.90 -32.33 63.08
N PHE A 105 36.96 -32.34 62.13
CA PHE A 105 37.02 -31.46 60.97
C PHE A 105 35.65 -30.82 60.75
N LEU A 106 35.64 -29.75 59.96
CA LEU A 106 34.43 -28.96 59.78
C LEU A 106 33.43 -29.74 58.93
N PRO A 107 32.22 -30.04 59.43
CA PRO A 107 31.23 -30.73 58.59
C PRO A 107 30.59 -29.79 57.57
N ASP A 108 29.59 -30.29 56.84
CA ASP A 108 28.84 -29.49 55.87
C ASP A 108 27.46 -29.11 56.39
N LEU A 109 26.67 -30.08 56.84
CA LEU A 109 25.31 -29.83 57.28
C LEU A 109 25.11 -30.34 58.70
N TYR A 110 24.04 -29.86 59.33
CA TYR A 110 23.63 -30.32 60.66
C TYR A 110 22.16 -30.68 60.59
N ASP A 111 21.84 -31.94 60.89
CA ASP A 111 20.47 -32.42 60.91
C ASP A 111 19.93 -32.27 62.33
N TYR A 112 18.87 -31.46 62.46
CA TYR A 112 18.30 -31.17 63.78
C TYR A 112 17.43 -32.32 64.29
N LYS A 113 16.69 -32.99 63.40
CA LYS A 113 15.80 -34.05 63.88
C LYS A 113 16.58 -35.20 64.52
N GLU A 114 17.71 -35.59 63.91
CA GLU A 114 18.59 -36.56 64.52
C GLU A 114 19.75 -35.93 65.28
N ASN A 115 19.91 -34.61 65.20
CA ASN A 115 20.95 -33.89 65.94
C ASN A 115 22.33 -34.47 65.65
N ARG A 116 22.76 -34.35 64.39
CA ARG A 116 24.07 -34.87 64.03
C ARG A 116 24.65 -34.09 62.86
N PHE A 117 25.98 -34.03 62.83
CA PHE A 117 26.70 -33.36 61.76
C PHE A 117 26.89 -34.35 60.61
N ILE A 118 26.49 -33.96 59.42
CA ILE A 118 26.57 -34.81 58.23
C ILE A 118 27.45 -34.08 57.22
N GLU A 119 28.53 -34.73 56.80
CA GLU A 119 29.36 -34.27 55.70
C GLU A 119 28.84 -34.88 54.41
N ILE A 120 28.82 -34.07 53.35
CA ILE A 120 28.29 -34.48 52.06
C ILE A 120 29.33 -34.19 50.99
N GLY A 121 29.48 -35.11 50.05
CA GLY A 121 30.44 -34.94 48.97
C GLY A 121 29.99 -35.51 47.65
N VAL A 122 30.23 -34.79 46.57
CA VAL A 122 29.91 -35.27 45.22
C VAL A 122 31.20 -35.73 44.56
N THR A 123 31.23 -37.00 44.15
CA THR A 123 32.43 -37.61 43.60
C THR A 123 32.22 -37.96 42.14
N ARG A 124 33.19 -37.60 41.30
CA ARG A 124 33.16 -37.98 39.90
C ARG A 124 33.48 -39.46 39.71
N ARG A 125 34.22 -40.06 40.64
CA ARG A 125 34.60 -41.46 40.58
C ARG A 125 33.54 -42.32 41.26
N GLU A 126 33.88 -43.57 41.55
CA GLU A 126 32.94 -44.47 42.22
C GLU A 126 32.61 -43.93 43.61
N VAL A 127 31.43 -44.30 44.10
CA VAL A 127 30.98 -43.81 45.40
C VAL A 127 31.78 -44.45 46.53
N HIS A 128 32.01 -45.77 46.44
CA HIS A 128 32.61 -46.49 47.57
C HIS A 128 33.99 -45.93 47.89
N ILE A 129 34.80 -45.67 46.86
CA ILE A 129 36.16 -45.19 47.09
C ILE A 129 36.12 -43.86 47.84
N TYR A 130 35.28 -42.94 47.40
CA TYR A 130 35.19 -41.64 48.07
C TYR A 130 34.71 -41.80 49.50
N TYR A 131 33.75 -42.71 49.72
CA TYR A 131 33.31 -42.99 51.09
C TYR A 131 34.48 -43.44 51.96
N LEU A 132 35.30 -44.35 51.44
CA LEU A 132 36.44 -44.82 52.23
C LEU A 132 37.44 -43.70 52.49
N GLU A 133 37.72 -42.86 51.49
CA GLU A 133 38.65 -41.77 51.71
C GLU A 133 38.12 -40.81 52.78
N LYS A 134 36.84 -40.47 52.71
CA LYS A 134 36.26 -39.57 53.71
C LYS A 134 36.33 -40.17 55.10
N ALA A 135 36.00 -41.47 55.22
CA ALA A 135 36.04 -42.13 56.51
C ALA A 135 37.46 -42.14 57.08
N ASN A 136 38.45 -42.44 56.24
CA ASN A 136 39.83 -42.44 56.70
C ASN A 136 40.28 -41.03 57.10
N LYS A 137 39.82 -40.01 56.36
CA LYS A 137 40.21 -38.64 56.66
C LYS A 137 39.63 -38.19 58.00
N ILE A 138 38.33 -38.38 58.20
CA ILE A 138 37.68 -37.84 59.40
C ILE A 138 38.14 -38.58 60.64
N LYS A 139 38.18 -39.92 60.58
CA LYS A 139 38.59 -40.74 61.71
C LYS A 139 37.70 -40.50 62.93
N SER A 140 36.40 -40.32 62.68
CA SER A 140 35.43 -40.11 63.73
C SER A 140 34.12 -40.79 63.36
N GLU A 141 33.49 -41.42 64.33
CA GLU A 141 32.22 -42.10 64.13
C GLU A 141 31.02 -41.23 64.50
N LYS A 142 31.25 -39.96 64.83
CA LYS A 142 30.19 -39.04 65.25
C LYS A 142 29.74 -38.13 64.13
N THR A 143 30.21 -38.34 62.90
CA THR A 143 29.82 -37.53 61.75
C THR A 143 29.31 -38.46 60.67
N HIS A 144 28.09 -38.22 60.21
CA HIS A 144 27.52 -39.02 59.13
C HIS A 144 28.13 -38.60 57.80
N ILE A 145 28.10 -39.52 56.84
CA ILE A 145 28.68 -39.29 55.52
C ILE A 145 27.63 -39.56 54.46
N HIS A 146 27.49 -38.66 53.50
CA HIS A 146 26.59 -38.84 52.37
C HIS A 146 27.36 -38.48 51.10
N ILE A 147 27.62 -39.47 50.26
CA ILE A 147 28.38 -39.29 49.03
C ILE A 147 27.44 -39.50 47.86
N PHE A 148 27.44 -38.55 46.93
CA PHE A 148 26.65 -38.62 45.70
C PHE A 148 27.59 -38.81 44.51
N SER A 149 27.03 -39.37 43.43
CA SER A 149 27.77 -39.55 42.19
C SER A 149 26.96 -39.00 41.04
N PHE A 150 27.66 -38.39 40.08
CA PHE A 150 27.00 -37.86 38.89
C PHE A 150 26.29 -38.95 38.11
N THR A 151 26.73 -40.20 38.24
CA THR A 151 26.20 -41.32 37.45
C THR A 151 24.86 -41.83 37.98
N GLY A 152 24.43 -41.38 39.14
CA GLY A 152 23.22 -41.90 39.76
C GLY A 152 23.46 -42.82 40.94
N GLU A 153 24.66 -42.83 41.50
CA GLU A 153 24.99 -43.65 42.65
C GLU A 153 25.24 -42.78 43.87
N GLU A 154 24.98 -43.35 45.04
CA GLU A 154 25.17 -42.67 46.31
C GLU A 154 25.48 -43.70 47.37
N MET A 155 25.99 -43.22 48.51
CA MET A 155 26.24 -44.10 49.64
C MET A 155 26.22 -43.28 50.93
N ALA A 156 25.94 -43.97 52.02
CA ALA A 156 25.90 -43.36 53.34
C ALA A 156 26.09 -44.45 54.39
N THR A 157 26.38 -44.03 55.61
CA THR A 157 26.62 -44.99 56.69
C THR A 157 25.36 -45.76 57.01
N LYS A 158 25.48 -47.09 57.07
CA LYS A 158 24.37 -48.00 57.38
C LYS A 158 23.24 -47.90 56.36
N ALA A 159 23.45 -47.17 55.26
CA ALA A 159 22.39 -46.90 54.29
C ALA A 159 21.24 -46.14 54.93
N ASP A 160 21.52 -45.41 56.01
CA ASP A 160 20.52 -44.59 56.70
C ASP A 160 20.48 -43.22 56.02
N TYR A 161 19.87 -43.19 54.84
CA TYR A 161 19.77 -41.97 54.07
C TYR A 161 18.67 -41.10 54.69
N THR A 162 19.05 -39.91 55.16
CA THR A 162 18.14 -39.08 55.94
C THR A 162 16.92 -38.69 55.12
N LEU A 163 17.12 -38.28 53.88
CA LEU A 163 16.04 -37.75 53.08
C LEU A 163 15.11 -38.87 52.61
N ASP A 164 13.95 -38.47 52.12
CA ASP A 164 13.00 -39.39 51.52
C ASP A 164 13.37 -39.67 50.07
N GLU A 165 12.77 -40.72 49.49
CA GLU A 165 13.11 -41.09 48.13
C GLU A 165 12.98 -39.92 47.16
N GLU A 166 12.01 -39.03 47.39
CA GLU A 166 11.79 -37.93 46.46
C GLU A 166 13.00 -37.01 46.39
N SER A 167 13.52 -36.57 47.55
CA SER A 167 14.62 -35.62 47.55
C SER A 167 15.91 -36.27 47.07
N ARG A 168 16.15 -37.53 47.46
CA ARG A 168 17.30 -38.25 46.93
C ARG A 168 17.22 -38.35 45.42
N ALA A 169 16.04 -38.65 44.88
CA ALA A 169 15.87 -38.69 43.45
C ALA A 169 16.15 -37.34 42.82
N ARG A 170 15.70 -36.26 43.46
CA ARG A 170 15.93 -34.92 42.91
C ARG A 170 17.43 -34.62 42.82
N ILE A 171 18.17 -34.93 43.89
CA ILE A 171 19.61 -34.66 43.87
C ILE A 171 20.31 -35.53 42.84
N LYS A 172 19.99 -36.83 42.83
CA LYS A 172 20.54 -37.73 41.83
C LYS A 172 20.31 -37.18 40.43
N THR A 173 19.07 -36.74 40.16
CA THR A 173 18.71 -36.33 38.81
C THR A 173 19.37 -35.02 38.43
N ARG A 174 19.48 -34.09 39.38
CA ARG A 174 20.18 -32.85 39.09
C ARG A 174 21.63 -33.12 38.72
N LEU A 175 22.30 -33.98 39.50
CA LEU A 175 23.69 -34.31 39.18
C LEU A 175 23.79 -35.05 37.84
N PHE A 176 22.84 -35.94 37.57
CA PHE A 176 22.84 -36.66 36.31
C PHE A 176 22.71 -35.72 35.12
N THR A 177 21.79 -34.75 35.22
CA THR A 177 21.62 -33.79 34.13
C THR A 177 22.86 -32.91 33.99
N ILE A 178 23.47 -32.53 35.11
CA ILE A 178 24.72 -31.76 35.04
C ILE A 178 25.78 -32.56 34.30
N ARG A 179 25.90 -33.85 34.61
CA ARG A 179 26.88 -34.70 33.94
C ARG A 179 26.60 -34.78 32.45
N GLN A 180 25.33 -34.97 32.08
CA GLN A 180 25.00 -35.08 30.67
C GLN A 180 25.33 -33.78 29.93
N GLU A 181 25.02 -32.65 30.54
CA GLU A 181 25.31 -31.36 29.89
C GLU A 181 26.81 -31.14 29.77
N MET A 182 27.57 -31.46 30.82
CA MET A 182 29.02 -31.32 30.73
C MET A 182 29.60 -32.21 29.64
N ALA A 183 29.11 -33.44 29.54
CA ALA A 183 29.60 -34.35 28.50
C ALA A 183 29.27 -33.83 27.11
N SER A 184 28.01 -33.43 26.89
CA SER A 184 27.63 -32.91 25.59
C SER A 184 28.39 -31.64 25.23
N ARG A 185 28.92 -30.92 26.21
CA ARG A 185 29.71 -29.72 25.99
C ARG A 185 31.20 -30.00 25.91
N GLY A 186 31.61 -31.27 25.97
CA GLY A 186 33.01 -31.61 25.85
C GLY A 186 33.87 -31.13 27.00
N LEU A 187 33.39 -31.26 28.23
CA LEU A 187 34.16 -30.91 29.41
C LEU A 187 34.10 -31.97 30.50
N TRP A 188 33.31 -33.03 30.31
CA TRP A 188 33.17 -34.05 31.34
C TRP A 188 34.48 -34.77 31.61
N ASP A 189 35.27 -35.03 30.56
CA ASP A 189 36.51 -35.78 30.74
C ASP A 189 37.49 -35.02 31.64
N SER A 190 37.70 -33.74 31.36
CA SER A 190 38.62 -32.96 32.18
C SER A 190 38.10 -32.84 33.61
N PHE A 191 36.79 -32.65 33.77
CA PHE A 191 36.22 -32.55 35.11
C PHE A 191 36.46 -33.83 35.91
N ARG A 192 36.14 -34.98 35.31
CA ARG A 192 36.37 -36.25 35.99
C ARG A 192 37.86 -36.47 36.26
N GLN A 193 38.73 -35.97 35.38
CA GLN A 193 40.16 -36.16 35.56
C GLN A 193 40.70 -35.34 36.72
N SER A 194 40.27 -34.08 36.83
CA SER A 194 40.89 -33.16 37.79
C SER A 194 40.70 -33.64 39.22
N GLU A 195 39.72 -34.49 39.47
CA GLU A 195 39.51 -35.02 40.82
C GLU A 195 40.60 -36.03 41.15
N ARG A 196 41.37 -35.74 42.20
CA ARG A 196 42.47 -36.59 42.65
C ARG A 196 42.23 -36.88 44.13
N GLY A 197 41.63 -38.03 44.43
CA GLY A 197 41.29 -38.32 45.79
C GLY A 197 40.21 -37.39 46.28
N GLU A 198 40.60 -36.42 47.13
CA GLU A 198 39.64 -35.51 47.73
C GLU A 198 39.94 -34.05 47.39
N GLU A 199 40.73 -33.78 46.36
CA GLU A 199 41.05 -32.41 45.97
C GLU A 199 41.05 -32.28 44.45
N THR A 200 40.83 -31.06 43.98
CA THR A 200 40.83 -30.72 42.56
C THR A 200 42.09 -29.92 42.25
N ILE A 201 42.80 -30.33 41.20
CA ILE A 201 44.11 -29.77 40.88
C ILE A 201 44.05 -29.06 39.54
N GLU A 202 44.86 -28.01 39.41
CA GLU A 202 44.95 -27.24 38.18
C GLU A 202 45.60 -28.07 37.08
N GLU A 203 45.21 -27.79 35.84
CA GLU A 203 45.79 -28.50 34.70
C GLU A 203 47.26 -28.18 34.57
N ARG A 204 48.07 -29.22 34.41
CA ARG A 204 49.53 -29.10 34.40
C ARG A 204 50.07 -29.59 33.07
N PHE A 205 51.00 -28.82 32.48
CA PHE A 205 51.67 -29.20 31.24
C PHE A 205 53.07 -28.61 31.30
N GLU A 206 54.02 -29.42 31.76
CA GLU A 206 55.38 -28.97 32.03
C GLU A 206 56.35 -29.59 31.04
N ILE A 207 57.35 -28.81 30.64
CA ILE A 207 58.36 -29.25 29.69
C ILE A 207 59.49 -29.92 30.45
N THR A 208 59.64 -31.23 30.26
CA THR A 208 60.69 -31.99 30.92
C THR A 208 61.29 -32.98 29.94
N GLY A 209 62.59 -33.24 30.09
CA GLY A 209 63.26 -34.23 29.28
C GLY A 209 63.74 -33.71 27.95
N THR A 210 63.23 -34.29 26.86
CA THR A 210 63.72 -33.94 25.53
C THR A 210 63.44 -32.48 25.21
N MET A 211 62.20 -32.02 25.40
CA MET A 211 61.88 -30.65 25.07
C MET A 211 62.67 -29.66 25.92
N ARG A 212 63.06 -30.03 27.14
CA ARG A 212 63.88 -29.11 27.92
C ARG A 212 65.20 -28.84 27.22
N ARG A 213 65.87 -29.90 26.76
CA ARG A 213 67.12 -29.72 26.02
C ARG A 213 66.88 -28.96 24.72
N LEU A 214 65.82 -29.33 24.00
CA LEU A 214 65.52 -28.66 22.74
C LEU A 214 65.32 -27.16 22.95
N ALA A 215 64.57 -26.78 23.99
CA ALA A 215 64.37 -25.37 24.29
C ALA A 215 65.67 -24.70 24.70
N ASP A 216 66.49 -25.39 25.50
CA ASP A 216 67.80 -24.83 25.84
C ASP A 216 68.63 -24.56 24.60
N GLN A 217 68.42 -25.34 23.54
CA GLN A 217 69.18 -25.18 22.31
C GLN A 217 68.49 -24.30 21.28
N SER A 218 67.32 -23.73 21.59
CA SER A 218 66.54 -22.94 20.66
C SER A 218 66.30 -21.53 21.20
N LEU A 219 67.35 -20.89 21.72
CA LEU A 219 67.29 -19.55 22.26
C LEU A 219 68.31 -18.66 21.56
N PRO A 220 68.15 -17.33 21.65
CA PRO A 220 69.12 -16.42 21.04
C PRO A 220 70.53 -16.71 21.54
N PRO A 221 71.55 -16.17 20.86
CA PRO A 221 72.93 -16.53 21.23
C PRO A 221 73.29 -16.19 22.66
N ASN A 222 72.82 -15.06 23.20
CA ASN A 222 73.27 -14.57 24.48
C ASN A 222 72.47 -15.13 25.66
N PHE A 223 71.74 -16.22 25.43
CA PHE A 223 70.98 -16.89 26.49
C PHE A 223 71.28 -18.39 26.45
N SER A 224 71.14 -19.04 27.59
CA SER A 224 71.50 -20.44 27.75
C SER A 224 70.36 -21.34 28.19
N SER A 225 69.37 -20.81 28.90
CA SER A 225 68.26 -21.62 29.41
C SER A 225 66.95 -20.92 29.12
N LEU A 226 65.91 -21.73 28.85
CA LEU A 226 64.60 -21.18 28.57
C LEU A 226 64.11 -20.31 29.72
N GLU A 227 64.42 -20.69 30.96
CA GLU A 227 64.00 -19.90 32.11
C GLU A 227 64.71 -18.55 32.14
N ASN A 228 65.99 -18.52 31.81
CA ASN A 228 66.70 -17.24 31.75
C ASN A 228 66.09 -16.34 30.69
N PHE A 229 65.76 -16.90 29.53
CA PHE A 229 65.13 -16.11 28.48
C PHE A 229 63.76 -15.60 28.92
N ARG A 230 62.97 -16.45 29.58
CA ARG A 230 61.67 -16.00 30.06
C ARG A 230 61.81 -14.88 31.07
N ALA A 231 62.79 -15.00 31.97
CA ALA A 231 63.02 -13.94 32.94
C ALA A 231 63.43 -12.64 32.26
N TYR A 232 64.30 -12.73 31.25
CA TYR A 232 64.72 -11.53 30.52
C TYR A 232 63.54 -10.88 29.82
N VAL A 233 62.70 -11.68 29.16
CA VAL A 233 61.56 -11.13 28.44
C VAL A 233 60.59 -10.47 29.41
N ASP A 234 60.35 -11.13 30.55
CA ASP A 234 59.38 -10.59 31.51
C ASP A 234 59.81 -9.23 32.04
N GLY A 235 61.11 -9.08 32.33
CA GLY A 235 61.63 -7.85 32.87
C GLY A 235 62.02 -6.80 31.84
N PHE A 236 61.76 -7.05 30.56
CA PHE A 236 62.15 -6.12 29.51
C PHE A 236 61.20 -4.93 29.45
N GLU A 237 61.77 -3.75 29.23
CA GLU A 237 61.00 -2.54 29.00
C GLU A 237 61.54 -1.82 27.78
N PRO A 238 60.68 -1.15 27.00
CA PRO A 238 61.13 -0.52 25.76
C PRO A 238 61.93 0.74 26.03
N ASN A 239 63.25 0.66 25.83
CA ASN A 239 64.15 1.82 25.98
C ASN A 239 64.97 1.96 24.71
N GLY A 240 64.39 2.66 23.72
CA GLY A 240 65.10 3.05 22.52
C GLY A 240 65.99 2.00 21.88
N CYS A 241 65.61 0.72 21.96
CA CYS A 241 66.39 -0.31 21.27
C CYS A 241 66.32 -0.11 19.76
N ILE A 242 65.13 0.12 19.23
CA ILE A 242 64.98 0.30 17.79
C ILE A 242 65.70 1.56 17.34
N GLU A 243 65.59 2.64 18.11
CA GLU A 243 66.26 3.88 17.73
C GLU A 243 67.77 3.69 17.69
N GLY A 244 68.34 3.02 18.69
CA GLY A 244 69.77 2.78 18.70
C GLY A 244 70.21 1.89 17.54
N LYS A 245 69.44 0.84 17.26
CA LYS A 245 69.78 -0.05 16.16
C LYS A 245 69.74 0.71 14.83
N LEU A 246 68.73 1.57 14.64
CA LEU A 246 68.67 2.37 13.42
C LEU A 246 69.86 3.33 13.35
N SER A 247 70.22 3.95 14.47
CA SER A 247 71.39 4.82 14.51
C SER A 247 72.68 4.05 14.28
N GLN A 248 72.68 2.73 14.42
CA GLN A 248 73.88 1.94 14.22
C GLN A 248 74.00 1.41 12.79
N MET A 249 72.94 0.78 12.28
CA MET A 249 73.02 0.11 10.98
C MET A 249 73.35 1.12 9.88
N SER A 250 74.14 0.67 8.91
CA SER A 250 74.67 1.56 7.89
C SER A 250 73.55 2.15 7.04
N LYS A 251 73.80 3.33 6.49
CA LYS A 251 72.83 3.99 5.63
C LYS A 251 72.55 3.20 4.36
N GLU A 252 73.44 2.27 3.99
CA GLU A 252 73.27 1.50 2.77
C GLU A 252 72.05 0.58 2.82
N VAL A 253 71.48 0.36 4.00
CA VAL A 253 70.25 -0.44 4.12
C VAL A 253 69.10 0.57 4.11
N ASN A 254 68.62 0.89 2.90
CA ASN A 254 67.56 1.87 2.75
C ASN A 254 66.77 1.56 1.48
N ALA A 255 65.53 2.00 1.47
CA ALA A 255 64.65 1.88 0.30
C ALA A 255 64.61 3.25 -0.37
N ARG A 256 65.31 3.35 -1.49
CA ARG A 256 65.36 4.61 -2.24
C ARG A 256 64.32 4.60 -3.35
N ILE A 257 63.54 5.68 -3.42
CA ILE A 257 62.52 5.83 -4.46
C ILE A 257 63.18 6.34 -5.73
N GLU A 258 63.09 5.56 -6.80
CA GLU A 258 63.64 5.97 -8.09
C GLU A 258 62.54 6.62 -8.91
N PRO A 259 62.72 7.85 -9.39
CA PRO A 259 61.67 8.47 -10.20
C PRO A 259 61.35 7.65 -11.45
N PHE A 260 60.07 7.65 -11.82
CA PHE A 260 59.57 6.93 -12.98
C PHE A 260 58.76 7.93 -13.81
N LEU A 261 59.34 8.43 -14.89
CA LEU A 261 58.71 9.55 -15.61
C LEU A 261 59.02 9.45 -17.10
N ARG A 262 58.17 8.71 -17.82
CA ARG A 262 58.02 8.87 -19.27
C ARG A 262 59.26 8.51 -20.08
N THR A 263 60.36 8.14 -19.42
CA THR A 263 61.60 7.88 -20.14
C THR A 263 62.25 6.59 -19.66
N THR A 264 62.04 6.25 -18.40
CA THR A 264 62.66 5.05 -17.84
C THR A 264 62.24 3.77 -18.53
N PRO A 265 60.95 3.51 -18.79
CA PRO A 265 60.56 2.17 -19.25
C PRO A 265 61.12 1.85 -20.63
N ARG A 266 61.33 0.57 -20.86
CA ARG A 266 61.83 0.06 -22.13
C ARG A 266 61.04 -1.19 -22.50
N PRO A 267 61.05 -1.58 -23.78
CA PRO A 267 60.32 -2.78 -24.18
C PRO A 267 60.96 -4.04 -23.62
N LEU A 268 60.15 -5.09 -23.51
CA LEU A 268 60.62 -6.37 -23.03
C LEU A 268 61.32 -7.13 -24.15
N ARG A 269 62.50 -7.66 -23.86
CA ARG A 269 63.31 -8.33 -24.87
C ARG A 269 62.85 -9.77 -25.03
N LEU A 270 62.46 -10.14 -26.24
CA LEU A 270 62.05 -11.50 -26.54
C LEU A 270 63.27 -12.41 -26.68
N PRO A 271 63.10 -13.71 -26.47
CA PRO A 271 64.22 -14.64 -26.65
C PRO A 271 64.52 -14.86 -28.12
N ASP A 272 65.80 -14.99 -28.43
CA ASP A 272 66.28 -15.21 -29.78
C ASP A 272 66.36 -16.70 -30.08
N GLY A 273 66.25 -17.04 -31.36
CA GLY A 273 66.32 -18.41 -31.80
C GLY A 273 65.53 -18.63 -33.07
N PRO A 274 65.18 -19.88 -33.35
CA PRO A 274 64.35 -20.16 -34.52
C PRO A 274 62.90 -19.82 -34.25
N PRO A 275 62.07 -19.68 -35.28
CA PRO A 275 60.65 -19.40 -35.06
C PRO A 275 59.97 -20.54 -34.31
N CYS A 276 58.99 -20.17 -33.49
CA CYS A 276 58.26 -21.14 -32.68
C CYS A 276 57.28 -21.92 -33.55
N SER A 277 56.98 -23.15 -33.10
CA SER A 277 56.16 -24.08 -33.86
C SER A 277 54.81 -24.27 -33.17
N GLN A 278 53.81 -24.57 -33.99
CA GLN A 278 52.48 -24.85 -33.47
C GLN A 278 52.52 -26.00 -32.47
N ARG A 279 51.67 -25.92 -31.44
CA ARG A 279 51.58 -26.98 -30.45
C ARG A 279 50.14 -27.30 -30.06
N SER A 280 49.15 -26.77 -30.77
CA SER A 280 47.77 -26.98 -30.39
C SER A 280 47.41 -28.46 -30.56
N LYS A 281 46.37 -28.87 -29.82
CA LYS A 281 45.91 -30.26 -29.89
C LYS A 281 45.37 -30.58 -31.28
N PHE A 282 44.69 -29.62 -31.90
CA PHE A 282 44.03 -29.80 -33.18
C PHE A 282 44.27 -28.60 -34.07
N LEU A 283 44.01 -28.79 -35.37
CA LEU A 283 44.12 -27.71 -36.33
C LEU A 283 43.05 -26.66 -36.06
N LEU A 284 43.42 -25.39 -36.20
CA LEU A 284 42.53 -24.28 -35.85
C LEU A 284 42.06 -23.51 -37.09
N MET A 285 43.00 -22.99 -37.89
CA MET A 285 42.64 -22.18 -39.05
C MET A 285 42.89 -22.90 -40.38
N ASP A 286 43.51 -24.08 -40.35
CA ASP A 286 43.82 -24.84 -41.56
C ASP A 286 43.01 -26.12 -41.67
N ALA A 287 41.94 -26.25 -40.90
CA ALA A 287 41.14 -27.47 -40.94
C ALA A 287 40.23 -27.48 -42.15
N LEU A 288 39.80 -28.67 -42.54
CA LEU A 288 38.77 -28.86 -43.55
C LEU A 288 37.77 -29.88 -43.02
N LYS A 289 36.50 -29.64 -43.32
CA LYS A 289 35.42 -30.49 -42.83
C LYS A 289 34.63 -31.03 -44.00
N LEU A 290 34.39 -32.34 -44.00
CA LEU A 290 33.49 -32.96 -44.96
C LEU A 290 32.06 -32.85 -44.41
N SER A 291 31.17 -32.27 -45.19
CA SER A 291 29.88 -31.82 -44.69
C SER A 291 28.74 -32.65 -45.28
N ILE A 292 27.72 -32.90 -44.45
CA ILE A 292 26.42 -33.35 -44.92
C ILE A 292 25.39 -32.35 -44.37
N GLU A 293 24.67 -31.68 -45.26
CA GLU A 293 23.78 -30.61 -44.85
C GLU A 293 22.62 -31.12 -44.00
N ASP A 294 22.06 -32.28 -44.33
CA ASP A 294 20.95 -32.84 -43.57
C ASP A 294 21.19 -34.32 -43.35
N PRO A 295 21.61 -34.73 -42.16
CA PRO A 295 21.70 -36.16 -41.86
C PRO A 295 20.34 -36.78 -41.61
N SER A 296 19.65 -37.15 -42.69
CA SER A 296 18.35 -37.81 -42.61
C SER A 296 18.43 -39.28 -43.02
N HIS A 297 19.58 -39.89 -42.81
CA HIS A 297 19.81 -41.27 -43.20
C HIS A 297 19.50 -42.22 -42.03
N GLU A 298 19.41 -43.51 -42.36
CA GLU A 298 19.03 -44.51 -41.36
C GLU A 298 20.08 -44.60 -40.25
N GLY A 299 19.62 -44.86 -39.04
CA GLY A 299 20.53 -44.96 -37.91
C GLY A 299 21.32 -43.70 -37.66
N GLU A 300 20.69 -42.54 -37.80
CA GLU A 300 21.39 -41.28 -37.63
C GLU A 300 21.71 -41.05 -36.16
N GLY A 301 22.72 -40.21 -35.93
CA GLY A 301 23.11 -39.85 -34.57
C GLY A 301 24.39 -40.50 -34.13
N ILE A 302 24.59 -41.77 -34.48
CA ILE A 302 25.82 -42.46 -34.09
C ILE A 302 27.01 -41.80 -34.77
N PRO A 303 28.09 -41.48 -34.06
CA PRO A 303 29.22 -40.81 -34.73
C PRO A 303 29.76 -41.59 -35.91
N LEU A 304 29.79 -42.92 -35.82
CA LEU A 304 30.33 -43.71 -36.92
C LEU A 304 29.48 -43.58 -38.18
N TYR A 305 28.15 -43.63 -38.04
CA TYR A 305 27.28 -43.51 -39.19
C TYR A 305 27.43 -42.15 -39.86
N ASP A 306 27.45 -41.08 -39.06
CA ASP A 306 27.62 -39.74 -39.62
C ASP A 306 28.98 -39.61 -40.29
N ALA A 307 30.03 -40.17 -39.67
CA ALA A 307 31.36 -40.11 -40.26
C ALA A 307 31.39 -40.82 -41.59
N ILE A 308 30.76 -42.00 -41.68
CA ILE A 308 30.77 -42.76 -42.94
C ILE A 308 29.99 -42.01 -44.01
N LYS A 309 28.84 -41.45 -43.64
CA LYS A 309 28.05 -40.70 -44.63
C LYS A 309 28.81 -39.49 -45.12
N CYS A 310 29.52 -38.79 -44.23
CA CYS A 310 30.36 -37.67 -44.65
C CYS A 310 31.48 -38.16 -45.57
N MET A 311 32.06 -39.31 -45.26
CA MET A 311 33.12 -39.87 -46.09
C MET A 311 32.61 -40.13 -47.50
N LYS A 312 31.41 -40.70 -47.61
CA LYS A 312 30.86 -41.04 -48.92
C LYS A 312 30.49 -39.82 -49.76
N THR A 313 30.49 -38.63 -49.18
CA THR A 313 30.18 -37.41 -49.91
C THR A 313 31.40 -36.81 -50.61
N PHE A 314 32.56 -37.47 -50.53
CA PHE A 314 33.78 -36.95 -51.13
C PHE A 314 34.45 -38.03 -51.98
N PHE A 315 34.97 -37.61 -53.12
CA PHE A 315 35.76 -38.47 -54.00
C PHE A 315 37.08 -37.78 -54.31
N GLY A 316 38.10 -38.59 -54.57
CA GLY A 316 39.44 -38.05 -54.78
C GLY A 316 40.48 -38.74 -53.90
N TRP A 317 40.14 -39.93 -53.40
CA TRP A 317 41.07 -40.71 -52.60
C TRP A 317 42.19 -41.22 -53.49
N LYS A 318 43.33 -40.54 -53.50
CA LYS A 318 44.48 -40.94 -54.28
C LYS A 318 45.56 -41.49 -53.34
N GLU A 319 46.58 -42.09 -53.94
CA GLU A 319 47.60 -42.76 -53.16
C GLU A 319 48.34 -41.73 -52.30
N PRO A 320 48.30 -41.84 -50.97
CA PRO A 320 48.99 -40.86 -50.12
C PRO A 320 50.50 -41.05 -50.15
N ASN A 321 51.20 -39.96 -49.87
CA ASN A 321 52.65 -39.98 -49.85
C ASN A 321 53.14 -38.91 -48.88
N ILE A 322 54.24 -39.20 -48.18
CA ILE A 322 54.74 -38.28 -47.17
C ILE A 322 55.08 -36.94 -47.82
N ILE A 323 54.55 -35.86 -47.26
CA ILE A 323 54.79 -34.51 -47.75
C ILE A 323 55.70 -33.74 -46.80
N LYS A 324 55.31 -33.62 -45.53
CA LYS A 324 56.14 -33.03 -44.50
C LYS A 324 56.52 -34.10 -43.49
N PRO A 325 57.74 -34.64 -43.53
CA PRO A 325 58.04 -35.80 -42.70
C PRO A 325 58.03 -35.48 -41.21
N HIS A 326 57.64 -36.48 -40.42
CA HIS A 326 57.84 -36.43 -38.98
C HIS A 326 59.33 -36.63 -38.71
N GLU A 327 60.03 -35.54 -38.39
CA GLU A 327 61.49 -35.58 -38.34
C GLU A 327 61.99 -36.62 -37.35
N LYS A 328 61.18 -36.97 -36.35
CA LYS A 328 61.59 -37.92 -35.33
C LYS A 328 60.92 -39.29 -35.47
N GLY A 329 59.74 -39.37 -36.05
CA GLY A 329 59.00 -40.60 -36.15
C GLY A 329 59.40 -41.43 -37.34
N ILE A 330 58.51 -42.36 -37.71
CA ILE A 330 58.71 -43.24 -38.86
C ILE A 330 57.52 -43.01 -39.78
N ASN A 331 57.72 -42.18 -40.80
CA ASN A 331 56.62 -41.75 -41.67
C ASN A 331 55.88 -42.92 -42.32
N PRO A 332 56.55 -43.95 -42.84
CA PRO A 332 55.78 -45.04 -43.47
C PRO A 332 54.80 -45.70 -42.53
N ASN A 333 55.08 -45.73 -41.23
CA ASN A 333 54.12 -46.31 -40.29
C ASN A 333 52.87 -45.44 -40.17
N TYR A 334 53.04 -44.12 -40.20
CA TYR A 334 51.89 -43.22 -40.25
C TYR A 334 51.09 -43.43 -41.53
N LEU A 335 51.79 -43.59 -42.66
CA LEU A 335 51.11 -43.87 -43.91
C LEU A 335 50.30 -45.16 -43.81
N LEU A 336 50.88 -46.19 -43.20
CA LEU A 336 50.18 -47.45 -43.03
C LEU A 336 48.99 -47.30 -42.08
N THR A 337 49.12 -46.46 -41.05
CA THR A 337 47.99 -46.21 -40.17
C THR A 337 46.83 -45.60 -40.95
N TRP A 338 47.11 -44.60 -41.77
CA TRP A 338 46.04 -43.99 -42.56
C TRP A 338 45.45 -45.00 -43.55
N LYS A 339 46.30 -45.81 -44.16
CA LYS A 339 45.82 -46.83 -45.09
C LYS A 339 44.91 -47.84 -44.38
N GLN A 340 45.29 -48.25 -43.18
CA GLN A 340 44.46 -49.17 -42.40
C GLN A 340 43.14 -48.52 -42.03
N VAL A 341 43.17 -47.24 -41.67
CA VAL A 341 41.92 -46.53 -41.35
C VAL A 341 41.00 -46.56 -42.56
N LEU A 342 41.53 -46.23 -43.74
CA LEU A 342 40.72 -46.23 -44.95
C LEU A 342 40.19 -47.62 -45.25
N ALA A 343 41.05 -48.65 -45.14
CA ALA A 343 40.63 -50.00 -45.47
C ALA A 343 39.54 -50.49 -44.52
N GLU A 344 39.68 -50.20 -43.23
CA GLU A 344 38.64 -50.56 -42.28
C GLU A 344 37.35 -49.82 -42.60
N LEU A 345 37.46 -48.56 -43.03
CA LEU A 345 36.26 -47.82 -43.43
C LEU A 345 35.56 -48.51 -44.59
N GLN A 346 36.30 -48.91 -45.62
CA GLN A 346 35.67 -49.60 -46.75
C GLN A 346 35.07 -50.93 -46.30
N ASP A 347 35.79 -51.67 -45.46
CA ASP A 347 35.30 -52.95 -45.00
C ASP A 347 33.98 -52.80 -44.25
N ILE A 348 33.92 -51.87 -43.31
CA ILE A 348 32.69 -51.66 -42.56
C ILE A 348 31.59 -51.14 -43.48
N LYS A 349 31.95 -50.32 -44.47
CA LYS A 349 30.95 -49.87 -45.44
C LYS A 349 30.31 -51.05 -46.14
N ASN A 350 31.11 -52.03 -46.55
CA ASN A 350 30.57 -53.19 -47.25
C ASN A 350 30.01 -54.25 -46.31
N GLU A 351 30.23 -54.14 -45.00
CA GLU A 351 29.61 -55.08 -44.07
C GLU A 351 28.09 -54.94 -44.07
N GLU A 352 27.59 -53.71 -44.03
CA GLU A 352 26.16 -53.38 -43.99
C GLU A 352 25.56 -53.57 -42.60
N LYS A 353 26.37 -53.74 -41.56
CA LYS A 353 25.89 -53.90 -40.19
C LYS A 353 26.71 -53.04 -39.23
N ILE A 354 26.89 -51.78 -39.59
CA ILE A 354 27.71 -50.85 -38.81
C ILE A 354 27.25 -50.85 -37.35
N PRO A 355 28.08 -51.28 -36.41
CA PRO A 355 27.71 -51.18 -34.99
C PRO A 355 27.92 -49.76 -34.49
N ARG A 356 27.68 -49.57 -33.19
CA ARG A 356 27.83 -48.24 -32.59
C ARG A 356 29.28 -47.78 -32.62
N THR A 357 30.22 -48.67 -32.33
CA THR A 357 31.62 -48.33 -32.25
C THR A 357 32.45 -49.30 -33.07
N LYS A 358 33.63 -48.83 -33.49
CA LYS A 358 34.55 -49.62 -34.31
C LYS A 358 35.86 -49.79 -33.55
N ASN A 359 36.29 -51.04 -33.42
CA ASN A 359 37.55 -51.38 -32.75
C ASN A 359 38.55 -51.81 -33.80
N MET A 360 39.74 -51.20 -33.76
CA MET A 360 40.77 -51.44 -34.75
C MET A 360 41.66 -52.59 -34.31
N LYS A 361 41.99 -53.47 -35.25
CA LYS A 361 42.91 -54.57 -34.97
C LYS A 361 44.29 -54.02 -34.63
N LYS A 362 44.93 -54.59 -33.61
CA LYS A 362 46.27 -54.17 -33.25
C LYS A 362 47.25 -54.53 -34.34
N THR A 363 48.15 -53.59 -34.66
CA THR A 363 49.13 -53.79 -35.71
C THR A 363 50.42 -53.10 -35.32
N SER A 364 51.49 -53.43 -36.03
CA SER A 364 52.80 -52.83 -35.76
C SER A 364 52.72 -51.32 -35.87
N GLN A 365 52.14 -50.82 -36.96
CA GLN A 365 52.05 -49.37 -37.14
C GLN A 365 51.18 -48.73 -36.07
N LEU A 366 50.05 -49.36 -35.71
CA LEU A 366 49.23 -48.80 -34.65
C LEU A 366 49.97 -48.81 -33.32
N LYS A 367 50.55 -49.95 -32.94
CA LYS A 367 51.21 -50.03 -31.64
C LYS A 367 52.34 -49.02 -31.53
N TRP A 368 53.12 -48.85 -32.60
CA TRP A 368 54.19 -47.86 -32.55
C TRP A 368 53.64 -46.44 -32.56
N ALA A 369 52.56 -46.18 -33.30
CA ALA A 369 52.02 -44.83 -33.40
C ALA A 369 51.55 -44.34 -32.04
N LEU A 370 50.87 -45.20 -31.28
CA LEU A 370 50.35 -44.84 -29.98
C LEU A 370 51.37 -45.05 -28.86
N GLY A 371 52.64 -45.24 -29.20
CA GLY A 371 53.67 -45.38 -28.18
C GLY A 371 53.46 -46.58 -27.28
N GLU A 372 53.10 -47.72 -27.85
CA GLU A 372 52.82 -48.90 -27.05
C GLU A 372 54.09 -49.69 -26.82
N ASN A 373 54.53 -49.76 -25.55
CA ASN A 373 55.69 -50.51 -25.10
C ASN A 373 57.01 -49.83 -25.45
N MET A 374 56.98 -48.59 -25.94
CA MET A 374 58.22 -47.84 -26.17
C MET A 374 58.52 -47.02 -24.91
N ALA A 375 59.07 -47.71 -23.91
CA ALA A 375 59.39 -47.13 -22.62
C ALA A 375 60.55 -47.90 -21.99
N PRO A 376 61.58 -47.21 -21.50
CA PRO A 376 62.70 -47.92 -20.87
C PRO A 376 62.24 -48.75 -19.69
N GLU A 377 62.84 -49.91 -19.53
CA GLU A 377 62.54 -50.78 -18.40
C GLU A 377 63.15 -50.25 -17.12
N LYS A 378 62.45 -50.44 -16.01
CA LYS A 378 62.90 -49.96 -14.71
C LYS A 378 63.83 -50.98 -14.08
N VAL A 379 65.00 -50.51 -13.64
CA VAL A 379 66.00 -51.36 -13.00
C VAL A 379 66.52 -50.66 -11.75
N ASP A 380 67.10 -51.46 -10.85
CA ASP A 380 67.73 -50.91 -9.66
C ASP A 380 69.02 -50.18 -10.04
N PHE A 381 69.22 -49.01 -9.43
CA PHE A 381 70.40 -48.23 -9.76
C PHE A 381 71.68 -48.99 -9.46
N GLU A 382 71.74 -49.67 -8.31
CA GLU A 382 72.95 -50.39 -7.94
C GLU A 382 73.27 -51.47 -8.98
N ASP A 383 72.25 -52.13 -9.53
CA ASP A 383 72.49 -53.18 -10.51
C ASP A 383 73.17 -52.64 -11.75
N CYS A 384 72.73 -51.48 -12.24
CA CYS A 384 73.28 -50.85 -13.43
C CYS A 384 74.08 -49.60 -13.11
N LYS A 385 74.65 -49.53 -11.91
CA LYS A 385 75.40 -48.34 -11.51
C LYS A 385 76.72 -48.21 -12.26
N ASP A 386 77.22 -49.31 -12.84
CA ASP A 386 78.48 -49.29 -13.56
C ASP A 386 78.35 -48.76 -14.98
N VAL A 387 77.13 -48.55 -15.48
CA VAL A 387 76.94 -48.10 -16.85
C VAL A 387 77.52 -46.69 -17.00
N ASN A 388 78.44 -46.53 -17.95
CA ASN A 388 79.03 -45.22 -18.19
C ASN A 388 77.99 -44.22 -18.68
N ASP A 389 77.09 -44.66 -19.57
CA ASP A 389 76.09 -43.77 -20.14
C ASP A 389 75.06 -43.30 -19.12
N LEU A 390 74.99 -43.93 -17.95
CA LEU A 390 74.02 -43.53 -16.94
C LEU A 390 74.23 -42.08 -16.54
N LYS A 391 73.15 -41.31 -16.54
CA LYS A 391 73.21 -39.89 -16.22
C LYS A 391 71.81 -39.44 -15.81
N GLN A 392 71.78 -38.47 -14.90
CA GLN A 392 70.52 -37.87 -14.46
C GLN A 392 69.61 -37.56 -15.64
N TYR A 393 68.30 -37.55 -15.38
CA TYR A 393 67.35 -37.24 -16.44
C TYR A 393 67.62 -35.86 -17.02
N ASP A 394 67.54 -35.76 -18.34
CA ASP A 394 67.83 -34.51 -19.03
C ASP A 394 66.71 -33.50 -18.75
N SER A 395 67.06 -32.42 -18.05
CA SER A 395 66.10 -31.36 -17.72
C SER A 395 66.75 -30.00 -17.94
N ASP A 396 67.44 -29.85 -19.07
CA ASP A 396 68.20 -28.64 -19.35
C ASP A 396 67.24 -27.51 -19.76
N GLU A 397 67.82 -26.37 -20.12
CA GLU A 397 67.02 -25.20 -20.49
C GLU A 397 66.25 -25.50 -21.77
N PRO A 398 64.93 -25.26 -21.81
CA PRO A 398 64.20 -25.40 -23.07
C PRO A 398 64.75 -24.46 -24.13
N GLU A 399 64.73 -24.90 -25.37
CA GLU A 399 65.31 -24.13 -26.46
C GLU A 399 64.57 -22.79 -26.59
N PRO A 400 65.27 -21.66 -26.49
CA PRO A 400 64.62 -20.39 -26.83
C PRO A 400 64.21 -20.36 -28.30
N ARG A 401 63.12 -19.66 -28.58
CA ARG A 401 62.60 -19.55 -29.93
C ARG A 401 62.25 -18.09 -30.21
N SER A 402 61.79 -17.83 -31.42
CA SER A 402 61.42 -16.50 -31.86
C SER A 402 59.94 -16.47 -32.22
N LEU A 403 59.28 -15.35 -31.91
CA LEU A 403 57.89 -15.19 -32.27
C LEU A 403 57.74 -15.24 -33.79
N ALA A 404 56.90 -16.16 -34.26
CA ALA A 404 56.61 -16.31 -35.68
C ALA A 404 55.22 -15.77 -35.96
N CYS A 405 55.04 -15.19 -37.14
CA CYS A 405 53.81 -14.47 -37.46
C CYS A 405 52.60 -15.39 -37.56
N TRP A 406 52.80 -16.71 -37.58
CA TRP A 406 51.65 -17.62 -37.70
C TRP A 406 50.69 -17.47 -36.54
N ILE A 407 51.20 -17.17 -35.34
CA ILE A 407 50.33 -17.01 -34.18
C ILE A 407 49.39 -15.83 -34.37
N GLN A 408 49.92 -14.71 -34.87
CA GLN A 408 49.10 -13.53 -35.08
C GLN A 408 48.01 -13.81 -36.12
N SER A 409 48.37 -14.50 -37.20
CA SER A 409 47.38 -14.84 -38.22
C SER A 409 46.32 -15.76 -37.66
N GLU A 410 46.73 -16.74 -36.85
CA GLU A 410 45.76 -17.65 -36.24
C GLU A 410 44.79 -16.88 -35.36
N PHE A 411 45.31 -15.97 -34.53
CA PHE A 411 44.43 -15.18 -33.66
C PHE A 411 43.50 -14.30 -34.49
N ASN A 412 44.02 -13.67 -35.55
CA ASN A 412 43.18 -12.81 -36.38
C ASN A 412 42.05 -13.61 -37.03
N LYS A 413 42.36 -14.81 -37.52
CA LYS A 413 41.31 -15.67 -38.06
C LYS A 413 40.37 -16.18 -36.98
N ALA A 414 40.81 -16.21 -35.72
CA ALA A 414 39.95 -16.67 -34.64
C ALA A 414 38.90 -15.64 -34.27
N CYS A 415 39.23 -14.35 -34.34
CA CYS A 415 38.35 -13.29 -33.91
C CYS A 415 37.39 -12.83 -34.99
N GLU A 416 37.16 -13.62 -36.02
CA GLU A 416 36.28 -13.28 -37.13
C GLU A 416 35.12 -14.26 -37.21
N LEU A 417 34.08 -13.84 -37.92
CA LEU A 417 32.83 -14.58 -37.97
C LEU A 417 32.87 -15.67 -39.04
N THR A 418 31.84 -16.51 -39.03
CA THR A 418 31.73 -17.67 -39.90
C THR A 418 30.39 -17.63 -40.63
N ASP A 419 30.07 -18.73 -41.32
CA ASP A 419 28.84 -18.81 -42.08
C ASP A 419 27.67 -19.36 -41.27
N SER A 420 27.93 -20.21 -40.30
CA SER A 420 26.88 -20.89 -39.55
C SER A 420 27.06 -20.64 -38.05
N SER A 421 26.10 -21.13 -37.27
CA SER A 421 26.06 -20.87 -35.84
C SER A 421 26.64 -22.05 -35.07
N TRP A 422 27.61 -21.77 -34.21
CA TRP A 422 28.38 -22.79 -33.50
C TRP A 422 28.01 -22.86 -32.02
N VAL A 423 26.74 -22.63 -31.68
CA VAL A 423 26.29 -22.70 -30.29
C VAL A 423 24.78 -22.89 -30.29
N GLU A 424 24.30 -23.75 -29.40
CA GLU A 424 22.89 -24.08 -29.27
C GLU A 424 22.49 -24.08 -27.80
N LEU A 425 22.81 -23.00 -27.11
CA LEU A 425 22.58 -22.91 -25.67
C LEU A 425 21.16 -23.32 -25.33
N ASP A 426 21.00 -23.98 -24.18
CA ASP A 426 19.74 -24.59 -23.80
C ASP A 426 18.75 -23.52 -23.33
N GLU A 427 17.60 -23.98 -22.84
CA GLU A 427 16.49 -23.10 -22.51
C GLU A 427 16.52 -22.69 -21.03
N ILE A 428 15.77 -21.63 -20.72
CA ILE A 428 15.62 -21.13 -19.36
C ILE A 428 14.14 -20.82 -19.12
N GLY A 429 13.83 -20.45 -17.88
CA GLY A 429 12.46 -20.10 -17.55
C GLY A 429 12.04 -18.80 -18.20
N GLU A 430 10.74 -18.66 -18.43
CA GLU A 430 10.21 -17.47 -19.09
C GLU A 430 10.47 -16.24 -18.24
N ASP A 431 10.83 -15.14 -18.91
CA ASP A 431 11.05 -13.88 -18.22
C ASP A 431 9.74 -13.32 -17.70
N VAL A 432 9.76 -12.81 -16.47
CA VAL A 432 8.61 -12.12 -15.89
C VAL A 432 9.05 -10.75 -15.39
N ALA A 433 10.09 -10.73 -14.56
CA ALA A 433 10.56 -9.47 -14.01
C ALA A 433 11.12 -8.58 -15.11
N PRO A 434 10.99 -7.27 -14.98
CA PRO A 434 11.61 -6.38 -15.98
C PRO A 434 13.10 -6.59 -16.12
N ILE A 435 13.81 -6.81 -15.01
CA ILE A 435 15.25 -7.07 -15.10
C ILE A 435 15.50 -8.38 -15.83
N GLU A 436 14.62 -9.36 -15.66
CA GLU A 436 14.74 -10.58 -16.46
C GLU A 436 14.65 -10.27 -17.94
N HIS A 437 13.76 -9.34 -18.33
CA HIS A 437 13.63 -8.98 -19.73
C HIS A 437 14.88 -8.25 -20.23
N ILE A 438 15.41 -7.32 -19.44
CA ILE A 438 16.65 -6.65 -19.84
C ILE A 438 17.78 -7.66 -19.97
N ALA A 439 17.85 -8.61 -19.04
CA ALA A 439 18.88 -9.64 -19.09
C ALA A 439 18.73 -10.49 -20.34
N SER A 440 17.50 -10.86 -20.69
CA SER A 440 17.28 -11.64 -21.90
C SER A 440 17.72 -10.85 -23.13
N MET A 441 17.40 -9.56 -23.17
CA MET A 441 17.82 -8.72 -24.28
C MET A 441 19.35 -8.73 -24.40
N ARG A 442 20.04 -8.47 -23.30
CA ARG A 442 21.50 -8.41 -23.33
C ARG A 442 22.09 -9.75 -23.74
N ARG A 443 21.55 -10.84 -23.18
CA ARG A 443 22.06 -12.18 -23.49
C ARG A 443 21.87 -12.50 -24.97
N ASN A 444 20.69 -12.20 -25.51
CA ASN A 444 20.44 -12.48 -26.92
C ASN A 444 21.34 -11.64 -27.82
N TYR A 445 21.56 -10.38 -27.45
CA TYR A 445 22.45 -9.54 -28.25
C TYR A 445 23.87 -10.11 -28.26
N PHE A 446 24.38 -10.48 -27.09
CA PHE A 446 25.73 -11.04 -27.04
C PHE A 446 25.80 -12.35 -27.82
N THR A 447 24.79 -13.21 -27.65
CA THR A 447 24.78 -14.49 -28.35
C THR A 447 24.81 -14.29 -29.85
N ALA A 448 23.96 -13.41 -30.37
CA ALA A 448 24.00 -13.09 -31.79
C ALA A 448 25.35 -12.52 -32.19
N GLU A 449 25.99 -11.78 -31.28
CA GLU A 449 27.30 -11.22 -31.59
C GLU A 449 28.35 -12.31 -31.77
N VAL A 450 28.28 -13.37 -30.96
CA VAL A 450 29.31 -14.40 -30.99
C VAL A 450 28.71 -15.80 -31.16
N SER A 451 27.56 -15.90 -31.81
CA SER A 451 26.98 -17.22 -32.05
C SER A 451 27.60 -17.92 -33.25
N HIS A 452 28.37 -17.22 -34.06
CA HIS A 452 29.01 -17.79 -35.25
C HIS A 452 30.51 -17.60 -35.28
N CYS A 453 31.08 -16.84 -34.35
CA CYS A 453 32.51 -16.55 -34.36
C CYS A 453 33.32 -17.84 -34.41
N ARG A 454 34.55 -17.73 -34.93
CA ARG A 454 35.42 -18.88 -35.07
C ARG A 454 35.72 -19.53 -33.72
N ALA A 455 35.99 -18.71 -32.70
CA ALA A 455 36.30 -19.25 -31.39
C ALA A 455 35.19 -20.18 -30.90
N THR A 456 33.94 -19.90 -31.27
CA THR A 456 32.84 -20.78 -30.90
C THR A 456 32.96 -22.11 -31.63
N GLU A 457 33.41 -22.08 -32.89
CA GLU A 457 33.71 -23.33 -33.59
C GLU A 457 34.78 -24.13 -32.83
N TYR A 458 35.85 -23.46 -32.42
CA TYR A 458 36.88 -24.15 -31.65
C TYR A 458 36.28 -24.78 -30.41
N ILE A 459 35.44 -24.03 -29.70
CA ILE A 459 34.85 -24.52 -28.46
C ILE A 459 34.03 -25.77 -28.71
N MET A 460 33.13 -25.73 -29.68
CA MET A 460 32.27 -26.87 -29.95
C MET A 460 33.08 -28.08 -30.40
N LYS A 461 34.05 -27.86 -31.30
CA LYS A 461 34.85 -28.95 -31.82
C LYS A 461 35.61 -29.65 -30.69
N GLY A 462 36.29 -28.85 -29.84
CA GLY A 462 37.03 -29.44 -28.75
C GLY A 462 36.13 -30.13 -27.74
N VAL A 463 34.97 -29.55 -27.44
CA VAL A 463 34.04 -30.16 -26.52
C VAL A 463 33.65 -31.55 -27.01
N TYR A 464 33.23 -31.64 -28.28
CA TYR A 464 32.84 -32.94 -28.82
C TYR A 464 34.02 -33.91 -28.83
N ILE A 465 35.20 -33.44 -29.22
CA ILE A 465 36.37 -34.31 -29.30
C ILE A 465 36.63 -34.94 -27.94
N ASN A 466 36.71 -34.11 -26.90
CA ASN A 466 37.07 -34.62 -25.58
C ASN A 466 35.95 -35.46 -24.98
N THR A 467 34.70 -35.09 -25.22
CA THR A 467 33.59 -35.90 -24.72
C THR A 467 33.66 -37.31 -25.30
N ALA A 468 33.80 -37.41 -26.62
CA ALA A 468 33.88 -38.73 -27.24
C ALA A 468 35.11 -39.48 -26.75
N LEU A 469 36.25 -38.80 -26.63
CA LEU A 469 37.47 -39.44 -26.19
C LEU A 469 37.28 -40.06 -24.80
N LEU A 470 36.79 -39.29 -23.85
CA LEU A 470 36.62 -39.79 -22.49
C LEU A 470 35.59 -40.91 -22.43
N ASN A 471 34.47 -40.75 -23.16
CA ASN A 471 33.44 -41.78 -23.11
C ASN A 471 33.96 -43.10 -23.65
N ALA A 472 34.70 -43.06 -24.77
CA ALA A 472 35.28 -44.28 -25.31
C ALA A 472 36.34 -44.84 -24.38
N SER A 473 37.14 -43.97 -23.75
CA SER A 473 38.16 -44.44 -22.83
C SER A 473 37.56 -45.22 -21.68
N CYS A 474 36.46 -44.73 -21.12
CA CYS A 474 35.81 -45.45 -20.03
C CYS A 474 35.12 -46.71 -20.53
N ALA A 475 34.45 -46.63 -21.69
CA ALA A 475 33.70 -47.78 -22.17
C ALA A 475 34.61 -48.85 -22.78
N ALA A 476 35.67 -48.44 -23.47
CA ALA A 476 36.59 -49.35 -24.16
C ALA A 476 37.94 -49.26 -23.47
N MET A 477 38.14 -50.11 -22.46
CA MET A 477 39.34 -50.01 -21.62
C MET A 477 40.57 -50.50 -22.37
N ASP A 478 40.46 -51.65 -23.04
CA ASP A 478 41.62 -52.34 -23.64
C ASP A 478 41.36 -52.63 -25.11
N ASP A 479 40.91 -51.62 -25.85
CA ASP A 479 40.72 -51.73 -27.28
C ASP A 479 41.14 -50.44 -27.95
N PHE A 480 41.49 -50.55 -29.23
CA PHE A 480 41.82 -49.39 -30.06
C PHE A 480 40.53 -48.93 -30.74
N GLN A 481 39.99 -47.81 -30.29
CA GLN A 481 38.72 -47.30 -30.78
C GLN A 481 38.95 -46.18 -31.78
N LEU A 482 38.17 -46.18 -32.85
CA LEU A 482 38.26 -45.19 -33.90
C LEU A 482 37.19 -44.14 -33.63
N ILE A 483 37.61 -42.91 -33.34
CA ILE A 483 36.70 -41.86 -32.91
C ILE A 483 36.68 -40.76 -33.97
N PRO A 484 35.67 -40.69 -34.83
CA PRO A 484 35.59 -39.57 -35.78
C PRO A 484 35.46 -38.24 -35.06
N MET A 485 36.11 -37.22 -35.61
CA MET A 485 35.96 -35.85 -35.12
C MET A 485 34.79 -35.23 -35.86
N ILE A 486 33.64 -35.18 -35.20
CA ILE A 486 32.40 -34.69 -35.80
C ILE A 486 31.94 -33.46 -35.04
N SER A 487 31.20 -32.60 -35.74
CA SER A 487 30.57 -31.45 -35.13
C SER A 487 29.23 -31.19 -35.83
N LYS A 488 28.35 -30.47 -35.13
CA LYS A 488 27.05 -30.11 -35.66
C LYS A 488 26.96 -28.60 -35.79
N CYS A 489 26.11 -28.13 -36.70
CA CYS A 489 26.04 -26.71 -37.00
C CYS A 489 24.68 -26.38 -37.60
N ILE A 490 24.38 -25.09 -37.63
CA ILE A 490 23.13 -24.56 -38.17
C ILE A 490 23.48 -23.56 -39.27
N THR A 491 23.16 -23.91 -40.51
CA THR A 491 23.49 -23.08 -41.66
C THR A 491 22.57 -21.87 -41.73
N LYS A 492 22.94 -20.92 -42.60
CA LYS A 492 22.10 -19.75 -42.81
C LYS A 492 20.69 -20.13 -43.21
N GLU A 493 20.53 -21.27 -43.90
CA GLU A 493 19.21 -21.78 -44.24
C GLU A 493 18.53 -22.48 -43.08
N GLY A 494 19.18 -22.56 -41.93
CA GLY A 494 18.59 -23.21 -40.77
C GLY A 494 18.44 -24.71 -40.94
N ARG A 495 19.50 -25.36 -41.42
CA ARG A 495 19.51 -26.79 -41.65
C ARG A 495 20.56 -27.42 -40.74
N ARG A 496 20.21 -28.55 -40.13
CA ARG A 496 21.14 -29.26 -39.25
C ARG A 496 22.27 -29.90 -40.05
N LYS A 497 23.42 -29.23 -40.09
CA LYS A 497 24.57 -29.68 -40.85
C LYS A 497 25.53 -30.45 -39.94
N THR A 498 26.20 -31.45 -40.49
CA THR A 498 27.21 -32.22 -39.78
C THR A 498 28.53 -32.14 -40.52
N ASN A 499 29.61 -31.93 -39.76
CA ASN A 499 30.93 -31.69 -40.31
C ASN A 499 31.92 -32.70 -39.74
N LEU A 500 32.78 -33.23 -40.60
CA LEU A 500 33.80 -34.20 -40.21
C LEU A 500 35.17 -33.56 -40.39
N TYR A 501 35.82 -33.21 -39.28
CA TYR A 501 37.15 -32.64 -39.33
C TYR A 501 38.21 -33.69 -39.59
N GLY A 502 38.05 -34.87 -39.00
CA GLY A 502 39.04 -35.92 -39.15
C GLY A 502 38.70 -37.10 -38.26
N PHE A 503 39.72 -37.90 -37.94
CA PHE A 503 39.56 -39.07 -37.10
C PHE A 503 40.61 -39.05 -35.99
N ILE A 504 40.32 -39.80 -34.93
CA ILE A 504 41.23 -39.96 -33.80
C ILE A 504 41.26 -41.44 -33.43
N ILE A 505 42.44 -41.95 -33.10
CA ILE A 505 42.62 -43.32 -32.66
C ILE A 505 43.28 -43.28 -31.28
N LYS A 506 42.65 -43.92 -30.31
CA LYS A 506 43.09 -43.89 -28.92
C LYS A 506 43.78 -45.19 -28.58
N GLY A 507 44.88 -45.09 -27.82
CA GLY A 507 45.63 -46.26 -27.43
C GLY A 507 45.03 -46.97 -26.22
N ARG A 508 45.88 -47.48 -25.34
CA ARG A 508 45.40 -48.15 -24.15
C ARG A 508 44.89 -47.12 -23.15
N SER A 509 43.68 -47.35 -22.62
CA SER A 509 43.00 -46.40 -21.77
C SER A 509 42.88 -46.91 -20.33
N HIS A 510 43.79 -47.80 -19.92
CA HIS A 510 43.82 -48.28 -18.54
C HIS A 510 44.38 -47.15 -17.66
N LEU A 511 43.53 -46.14 -17.44
CA LEU A 511 43.89 -44.95 -16.70
C LEU A 511 43.40 -45.08 -15.27
N ARG A 512 44.27 -44.76 -14.31
CA ARG A 512 43.92 -44.79 -12.89
C ARG A 512 44.07 -43.45 -12.22
N ASN A 513 45.14 -42.72 -12.49
CA ASN A 513 45.33 -41.40 -11.91
C ASN A 513 44.78 -40.32 -12.85
N ASP A 514 44.72 -39.09 -12.34
CA ASP A 514 44.24 -37.95 -13.09
C ASP A 514 45.35 -37.23 -13.83
N THR A 515 46.59 -37.74 -13.79
CA THR A 515 47.69 -37.16 -14.52
C THR A 515 48.35 -38.12 -15.50
N ASP A 516 48.18 -39.43 -15.33
CA ASP A 516 48.67 -40.38 -16.31
C ASP A 516 47.96 -40.18 -17.65
N VAL A 517 48.70 -40.42 -18.73
CA VAL A 517 48.32 -39.99 -20.07
C VAL A 517 47.91 -41.20 -20.90
N VAL A 518 46.90 -41.00 -21.74
CA VAL A 518 46.55 -41.92 -22.81
C VAL A 518 47.06 -41.31 -24.11
N ASN A 519 47.75 -42.12 -24.91
CA ASN A 519 48.34 -41.67 -26.17
C ASN A 519 47.38 -41.96 -27.32
N PHE A 520 47.20 -40.97 -28.19
CA PHE A 520 46.34 -41.11 -29.35
C PHE A 520 47.05 -40.54 -30.56
N VAL A 521 46.52 -40.88 -31.73
CA VAL A 521 46.98 -40.34 -33.00
C VAL A 521 45.78 -39.69 -33.68
N SER A 522 45.93 -38.41 -34.03
CA SER A 522 44.86 -37.62 -34.62
C SER A 522 45.22 -37.32 -36.07
N MET A 523 44.29 -37.61 -36.98
CA MET A 523 44.44 -37.35 -38.41
C MET A 523 43.34 -36.40 -38.84
N GLU A 524 43.70 -35.13 -39.06
CA GLU A 524 42.77 -34.08 -39.41
C GLU A 524 42.96 -33.68 -40.86
N PHE A 525 41.88 -33.64 -41.63
CA PHE A 525 41.96 -33.16 -42.99
C PHE A 525 42.40 -31.70 -43.01
N SER A 526 42.92 -31.27 -44.16
CA SER A 526 43.37 -29.88 -44.29
C SER A 526 43.55 -29.56 -45.76
N LEU A 527 43.70 -28.26 -46.03
CA LEU A 527 43.95 -27.77 -47.38
C LEU A 527 45.20 -26.90 -47.48
N THR A 528 45.92 -26.70 -46.39
CA THR A 528 47.15 -25.94 -46.44
C THR A 528 48.31 -26.82 -46.89
N ASP A 529 49.39 -26.18 -47.33
CA ASP A 529 50.60 -26.89 -47.73
C ASP A 529 51.66 -26.67 -46.66
N PRO A 530 52.06 -27.70 -45.91
CA PRO A 530 53.02 -27.46 -44.82
C PRO A 530 54.33 -26.89 -45.31
N ARG A 531 54.73 -27.21 -46.53
CA ARG A 531 56.04 -26.80 -47.04
C ARG A 531 56.19 -25.27 -47.03
N LEU A 532 55.08 -24.54 -47.02
CA LEU A 532 55.17 -23.08 -46.98
C LEU A 532 55.82 -22.61 -45.68
N GLU A 533 55.42 -23.20 -44.55
CA GLU A 533 55.97 -22.86 -43.23
C GLU A 533 56.30 -24.14 -42.49
N PRO A 534 57.39 -24.82 -42.87
CA PRO A 534 57.68 -26.12 -42.23
C PRO A 534 57.83 -26.05 -40.73
N HIS A 535 58.46 -24.99 -40.20
CA HIS A 535 58.69 -24.91 -38.77
C HIS A 535 57.39 -24.89 -37.99
N LYS A 536 56.27 -24.56 -38.63
CA LYS A 536 54.99 -24.60 -37.94
C LYS A 536 54.58 -26.03 -37.60
N TRP A 537 54.82 -26.97 -38.51
CA TRP A 537 54.29 -28.33 -38.39
C TRP A 537 55.39 -29.35 -38.15
N GLU A 538 56.40 -28.98 -37.35
CA GLU A 538 57.50 -29.90 -37.09
C GLU A 538 57.12 -31.02 -36.13
N LYS A 539 55.87 -31.08 -35.67
CA LYS A 539 55.37 -32.18 -34.86
C LYS A 539 54.32 -32.99 -35.60
N TYR A 540 54.09 -32.72 -36.87
CA TYR A 540 53.01 -33.33 -37.64
C TYR A 540 53.59 -34.15 -38.79
N CYS A 541 52.77 -35.07 -39.28
CA CYS A 541 53.04 -35.80 -40.51
C CYS A 541 51.89 -35.55 -41.48
N VAL A 542 52.23 -35.19 -42.70
CA VAL A 542 51.26 -34.72 -43.69
C VAL A 542 51.28 -35.65 -44.90
N LEU A 543 50.13 -36.20 -45.24
CA LEU A 543 49.95 -37.07 -46.39
C LEU A 543 48.98 -36.38 -47.35
N GLU A 544 49.41 -36.17 -48.60
CA GLU A 544 48.52 -35.63 -49.61
C GLU A 544 47.55 -36.72 -50.00
N ILE A 545 46.38 -36.75 -49.35
CA ILE A 545 45.47 -37.87 -49.52
C ILE A 545 44.47 -37.68 -50.65
N GLY A 546 44.29 -36.46 -51.16
CA GLY A 546 43.36 -36.35 -52.26
C GLY A 546 43.48 -35.02 -52.98
N ASP A 547 42.48 -34.78 -53.84
CA ASP A 547 42.32 -33.52 -54.54
C ASP A 547 40.88 -33.05 -54.39
N MET A 548 40.71 -31.76 -54.13
CA MET A 548 39.38 -31.19 -53.91
C MET A 548 39.18 -30.01 -54.86
N LEU A 549 37.96 -29.86 -55.36
CA LEU A 549 37.62 -28.80 -56.30
C LEU A 549 37.03 -27.64 -55.52
N LEU A 550 37.74 -26.52 -55.49
CA LEU A 550 37.30 -25.30 -54.80
C LEU A 550 36.77 -24.31 -55.83
N ARG A 551 35.62 -23.72 -55.53
CA ARG A 551 34.98 -22.77 -56.43
C ARG A 551 35.52 -21.37 -56.21
N THR A 552 35.77 -20.67 -57.31
CA THR A 552 36.24 -19.30 -57.29
C THR A 552 35.74 -18.59 -58.54
N ALA A 553 36.10 -17.32 -58.68
CA ALA A 553 35.67 -16.54 -59.83
C ALA A 553 36.12 -17.16 -61.14
N VAL A 554 37.15 -18.00 -61.12
CA VAL A 554 37.66 -18.64 -62.32
C VAL A 554 37.18 -20.08 -62.43
N GLY A 555 36.08 -20.43 -61.77
CA GLY A 555 35.52 -21.76 -61.88
C GLY A 555 35.97 -22.70 -60.77
N GLN A 556 36.02 -23.99 -61.09
CA GLN A 556 36.43 -25.01 -60.12
C GLN A 556 37.90 -25.33 -60.31
N VAL A 557 38.71 -25.01 -59.31
CA VAL A 557 40.16 -25.25 -59.35
C VAL A 557 40.49 -26.40 -58.41
N SER A 558 41.27 -27.36 -58.91
CA SER A 558 41.68 -28.49 -58.10
C SER A 558 42.85 -28.10 -57.21
N ARG A 559 42.77 -28.49 -55.94
CA ARG A 559 43.82 -28.24 -54.97
C ARG A 559 44.12 -29.52 -54.21
N PRO A 560 45.34 -29.65 -53.67
CA PRO A 560 45.69 -30.87 -52.94
C PRO A 560 45.12 -30.85 -51.52
N MET A 561 44.38 -31.91 -51.18
CA MET A 561 43.78 -32.06 -49.86
C MET A 561 44.70 -32.94 -49.02
N PHE A 562 45.26 -32.36 -47.96
CA PHE A 562 46.23 -32.98 -47.08
C PHE A 562 45.51 -33.61 -45.88
N LEU A 563 46.27 -34.38 -45.10
CA LEU A 563 45.75 -35.04 -43.92
C LEU A 563 46.87 -35.06 -42.87
N TYR A 564 46.81 -34.11 -41.94
CA TYR A 564 47.82 -34.00 -40.89
C TYR A 564 47.61 -35.11 -39.86
N VAL A 565 48.57 -36.03 -39.77
CA VAL A 565 48.60 -37.06 -38.73
C VAL A 565 49.64 -36.64 -37.69
N ARG A 566 49.26 -36.71 -36.42
CA ARG A 566 50.22 -36.50 -35.34
C ARG A 566 49.90 -37.42 -34.19
N THR A 567 50.91 -37.63 -33.34
CA THR A 567 50.77 -38.42 -32.11
C THR A 567 50.80 -37.46 -30.93
N ASN A 568 49.77 -37.54 -30.09
CA ASN A 568 49.63 -36.67 -28.92
C ASN A 568 49.24 -37.52 -27.72
N GLY A 569 49.24 -36.87 -26.56
CA GLY A 569 48.79 -37.52 -25.33
C GLY A 569 47.86 -36.62 -24.56
N THR A 570 46.88 -37.22 -23.90
CA THR A 570 45.91 -36.48 -23.12
C THR A 570 45.72 -37.15 -21.76
N SER A 571 45.58 -36.33 -20.72
CA SER A 571 45.31 -36.80 -19.37
C SER A 571 43.86 -36.49 -19.01
N LYS A 572 43.32 -37.26 -18.06
CA LYS A 572 41.94 -37.06 -17.64
C LYS A 572 41.70 -35.61 -17.26
N ILE A 573 42.61 -35.00 -16.50
CA ILE A 573 42.47 -33.60 -16.15
C ILE A 573 42.43 -32.74 -17.42
N LYS A 574 43.26 -33.07 -18.40
CA LYS A 574 43.27 -32.30 -19.64
C LYS A 574 41.98 -32.49 -20.42
N MET A 575 41.44 -33.70 -20.44
CA MET A 575 40.15 -33.91 -21.11
C MET A 575 39.05 -33.11 -20.44
N LYS A 576 39.02 -33.11 -19.11
CA LYS A 576 38.03 -32.31 -18.40
C LYS A 576 38.20 -30.83 -18.71
N TRP A 577 39.44 -30.34 -18.71
CA TRP A 577 39.68 -28.93 -19.05
C TRP A 577 39.25 -28.64 -20.48
N GLY A 578 39.36 -29.63 -21.37
CA GLY A 578 38.86 -29.44 -22.72
C GLY A 578 37.34 -29.33 -22.76
N MET A 579 36.65 -30.18 -22.02
CA MET A 579 35.19 -30.11 -21.99
C MET A 579 34.68 -28.87 -21.25
N GLU A 580 35.55 -28.15 -20.54
CA GLU A 580 35.16 -26.95 -19.82
C GLU A 580 35.33 -25.68 -20.67
N MET A 581 35.80 -25.82 -21.92
CA MET A 581 36.09 -24.64 -22.73
C MET A 581 34.87 -23.77 -22.96
N ARG A 582 33.66 -24.32 -22.85
CA ARG A 582 32.48 -23.49 -23.06
C ARG A 582 32.40 -22.36 -22.04
N ARG A 583 32.96 -22.56 -20.85
CA ARG A 583 32.97 -21.49 -19.86
C ARG A 583 33.66 -20.25 -20.41
N CYS A 584 34.54 -20.42 -21.40
CA CYS A 584 35.18 -19.26 -22.02
C CYS A 584 34.14 -18.21 -22.39
N LEU A 585 33.01 -18.64 -22.97
CA LEU A 585 31.94 -17.72 -23.31
C LEU A 585 31.72 -16.74 -22.17
N LEU A 586 31.37 -17.26 -20.99
CA LEU A 586 31.05 -16.39 -19.86
C LEU A 586 32.12 -15.34 -19.65
N GLN A 587 33.39 -15.75 -19.66
CA GLN A 587 34.46 -14.81 -19.37
C GLN A 587 34.32 -13.58 -20.24
N SER A 588 34.19 -13.78 -21.55
CA SER A 588 34.09 -12.63 -22.45
C SER A 588 32.98 -11.70 -21.99
N LEU A 589 31.78 -12.24 -21.79
CA LEU A 589 30.66 -11.40 -21.40
C LEU A 589 30.97 -10.64 -20.12
N GLN A 590 31.60 -11.31 -19.15
CA GLN A 590 31.83 -10.67 -17.86
C GLN A 590 32.73 -9.44 -17.98
N GLN A 591 33.46 -9.29 -19.08
CA GLN A 591 34.30 -8.12 -19.25
C GLN A 591 33.61 -7.01 -20.02
N ILE A 592 32.56 -7.31 -20.78
CA ILE A 592 31.87 -6.28 -21.54
C ILE A 592 30.70 -5.74 -20.75
N GLU A 593 29.91 -6.63 -20.15
CA GLU A 593 28.75 -6.20 -19.36
C GLU A 593 29.16 -5.15 -18.35
N SER A 594 30.24 -5.40 -17.61
CA SER A 594 30.71 -4.41 -16.63
C SER A 594 30.85 -3.05 -17.30
N MET A 595 31.57 -3.00 -18.42
CA MET A 595 31.72 -1.74 -19.13
C MET A 595 30.35 -1.14 -19.42
N ILE A 596 29.45 -1.93 -20.02
CA ILE A 596 28.09 -1.46 -20.22
C ILE A 596 27.56 -0.87 -18.93
N GLU A 597 27.52 -1.69 -17.87
CA GLU A 597 26.98 -1.24 -16.61
C GLU A 597 27.66 0.04 -16.16
N ALA A 598 29.00 0.10 -16.30
CA ALA A 598 29.72 1.28 -15.86
C ALA A 598 29.11 2.53 -16.49
N GLU A 599 28.96 2.53 -17.81
CA GLU A 599 28.42 3.72 -18.47
C GLU A 599 27.00 3.99 -17.99
N SER A 600 26.20 2.94 -17.79
CA SER A 600 24.86 3.15 -17.25
C SER A 600 24.93 3.92 -15.94
N SER A 601 25.88 3.55 -15.07
CA SER A 601 26.03 4.26 -13.81
C SER A 601 26.30 5.74 -14.05
N VAL A 602 27.13 6.05 -15.04
CA VAL A 602 27.44 7.45 -15.35
C VAL A 602 26.33 8.12 -16.15
N LYS A 603 25.37 7.34 -16.67
CA LYS A 603 24.25 7.90 -17.41
C LYS A 603 22.90 7.69 -16.74
N GLU A 604 22.83 6.84 -15.71
CA GLU A 604 21.58 6.60 -14.99
C GLU A 604 20.49 6.06 -15.91
N LYS A 605 20.88 5.33 -16.94
CA LYS A 605 19.92 4.71 -17.85
C LYS A 605 20.56 3.51 -18.52
N ASP A 606 19.72 2.63 -19.05
CA ASP A 606 20.20 1.46 -19.77
C ASP A 606 20.97 1.88 -21.01
N LEU A 607 21.92 1.05 -21.42
CA LEU A 607 22.73 1.36 -22.59
C LEU A 607 22.98 0.13 -23.46
N THR A 608 22.12 -0.88 -23.35
CA THR A 608 22.29 -2.08 -24.18
C THR A 608 22.06 -1.75 -25.65
N LYS A 609 21.03 -0.97 -25.96
CA LYS A 609 20.72 -0.67 -27.35
C LYS A 609 21.74 0.31 -27.94
N GLU A 610 22.08 1.36 -27.20
CA GLU A 610 23.02 2.37 -27.70
C GLU A 610 24.43 1.82 -27.82
N PHE A 611 24.67 0.59 -27.37
CA PHE A 611 25.96 -0.08 -27.55
C PHE A 611 25.86 -1.21 -28.58
N PHE A 612 24.84 -2.06 -28.46
CA PHE A 612 24.74 -3.23 -29.32
C PHE A 612 24.09 -2.92 -30.66
N GLU A 613 23.55 -1.71 -30.84
CA GLU A 613 22.89 -1.33 -32.08
C GLU A 613 23.32 0.02 -32.61
N ASN A 614 23.98 0.86 -31.80
CA ASN A 614 24.46 2.14 -32.30
C ASN A 614 25.57 1.94 -33.34
N LYS A 615 26.54 1.09 -33.04
CA LYS A 615 27.65 0.80 -33.94
C LYS A 615 28.40 2.08 -34.33
N SER A 616 28.50 3.02 -33.40
CA SER A 616 29.25 4.26 -33.60
C SER A 616 30.39 4.41 -32.60
N GLU A 617 30.11 4.17 -31.32
CA GLU A 617 31.16 4.19 -30.31
C GLU A 617 32.14 3.05 -30.55
N THR A 618 33.41 3.29 -30.23
CA THR A 618 34.47 2.34 -30.51
C THR A 618 35.54 2.40 -29.43
N TRP A 619 36.33 1.32 -29.35
CA TRP A 619 37.46 1.21 -28.43
C TRP A 619 38.70 0.81 -29.23
N PRO A 620 39.89 1.32 -28.88
CA PRO A 620 41.09 0.86 -29.59
C PRO A 620 41.36 -0.62 -29.33
N ILE A 621 41.26 -1.44 -30.37
CA ILE A 621 41.31 -2.89 -30.20
C ILE A 621 42.32 -3.53 -31.15
N GLY A 622 43.29 -2.76 -31.63
CA GLY A 622 44.28 -3.34 -32.52
C GLY A 622 45.26 -2.30 -32.99
N GLU A 623 46.13 -2.73 -33.90
CA GLU A 623 47.19 -1.90 -34.45
C GLU A 623 47.27 -2.11 -35.96
N SER A 624 47.73 -1.08 -36.65
CA SER A 624 47.84 -1.09 -38.11
C SER A 624 48.86 -0.05 -38.50
N PRO A 625 49.39 -0.10 -39.74
CA PRO A 625 50.46 0.84 -40.09
C PRO A 625 50.04 2.29 -40.00
N LYS A 626 48.77 2.60 -40.27
CA LYS A 626 48.29 3.97 -40.14
C LYS A 626 48.38 4.44 -38.69
N GLY A 627 48.05 3.57 -37.75
CA GLY A 627 48.08 3.92 -36.34
C GLY A 627 47.33 2.88 -35.52
N VAL A 628 46.63 3.36 -34.49
CA VAL A 628 45.81 2.49 -33.65
C VAL A 628 44.43 2.36 -34.27
N GLU A 629 43.89 1.15 -34.26
CA GLU A 629 42.61 0.85 -34.89
C GLU A 629 41.52 0.73 -33.84
N GLU A 630 40.37 1.30 -34.13
CA GLU A 630 39.23 1.32 -33.22
C GLU A 630 38.16 0.37 -33.74
N GLY A 631 37.51 -0.33 -32.80
CA GLY A 631 36.52 -1.33 -33.15
C GLY A 631 35.23 -1.13 -32.38
N SER A 632 34.17 -1.72 -32.92
CA SER A 632 32.84 -1.60 -32.35
C SER A 632 32.69 -2.58 -31.18
N ILE A 633 31.47 -2.69 -30.65
CA ILE A 633 31.23 -3.60 -29.52
C ILE A 633 31.42 -5.04 -29.96
N GLY A 634 30.96 -5.39 -31.16
CA GLY A 634 31.12 -6.76 -31.63
C GLY A 634 32.56 -7.15 -31.82
N LYS A 635 33.38 -6.23 -32.34
CA LYS A 635 34.79 -6.49 -32.49
C LYS A 635 35.41 -6.86 -31.15
N VAL A 636 35.12 -6.08 -30.11
CA VAL A 636 35.68 -6.35 -28.79
C VAL A 636 35.11 -7.65 -28.22
N CYS A 637 33.81 -7.89 -28.44
CA CYS A 637 33.20 -9.13 -27.97
C CYS A 637 33.96 -10.33 -28.49
N ARG A 638 34.13 -10.40 -29.80
CA ARG A 638 34.77 -11.57 -30.40
C ARG A 638 36.28 -11.58 -30.12
N THR A 639 36.90 -10.42 -29.99
CA THR A 639 38.31 -10.38 -29.62
C THR A 639 38.54 -10.99 -28.26
N LEU A 640 37.72 -10.60 -27.27
CA LEU A 640 37.86 -11.16 -25.93
C LEU A 640 37.51 -12.64 -25.91
N LEU A 641 36.48 -13.04 -26.66
CA LEU A 641 36.14 -14.46 -26.72
C LEU A 641 37.31 -15.26 -27.30
N ALA A 642 37.92 -14.76 -28.37
CA ALA A 642 39.05 -15.46 -28.98
C ALA A 642 40.22 -15.52 -28.02
N LYS A 643 40.50 -14.43 -27.31
CA LYS A 643 41.59 -14.43 -26.34
C LYS A 643 41.35 -15.48 -25.27
N SER A 644 40.13 -15.55 -24.74
CA SER A 644 39.83 -16.54 -23.72
C SER A 644 39.98 -17.96 -24.26
N VAL A 645 39.45 -18.22 -25.46
CA VAL A 645 39.51 -19.57 -26.02
C VAL A 645 40.95 -19.97 -26.28
N PHE A 646 41.76 -19.05 -26.81
CA PHE A 646 43.17 -19.39 -27.06
C PHE A 646 43.91 -19.60 -25.76
N ASN A 647 43.69 -18.74 -24.76
CA ASN A 647 44.29 -18.98 -23.45
C ASN A 647 43.95 -20.37 -22.95
N SER A 648 42.72 -20.80 -23.17
CA SER A 648 42.37 -22.18 -22.83
C SER A 648 43.18 -23.19 -23.65
N LEU A 649 43.36 -22.93 -24.95
CA LEU A 649 44.04 -23.88 -25.80
C LEU A 649 45.55 -23.85 -25.61
N TYR A 650 46.12 -22.68 -25.35
CA TYR A 650 47.56 -22.50 -25.23
C TYR A 650 47.98 -22.22 -23.79
N ALA A 651 47.30 -22.84 -22.84
CA ALA A 651 47.65 -22.66 -21.43
C ALA A 651 49.04 -23.22 -21.15
N SER A 652 49.84 -22.45 -20.41
CA SER A 652 51.20 -22.87 -20.08
C SER A 652 51.66 -22.07 -18.86
N PRO A 653 52.54 -22.63 -18.03
CA PRO A 653 52.98 -21.89 -16.83
C PRO A 653 53.61 -20.55 -17.16
N GLN A 654 54.40 -20.48 -18.23
CA GLN A 654 55.05 -19.23 -18.59
C GLN A 654 54.02 -18.12 -18.84
N LEU A 655 52.87 -18.48 -19.40
CA LEU A 655 51.82 -17.49 -19.62
C LEU A 655 51.41 -16.84 -18.32
N GLU A 656 51.09 -17.65 -17.31
CA GLU A 656 50.62 -17.09 -16.04
C GLU A 656 51.75 -16.33 -15.34
N GLY A 657 52.97 -16.82 -15.41
CA GLY A 657 54.08 -16.10 -14.82
C GLY A 657 54.24 -14.71 -15.42
N PHE A 658 54.23 -14.65 -16.75
CA PHE A 658 54.36 -13.35 -17.42
C PHE A 658 53.19 -12.44 -17.09
N SER A 659 51.96 -12.98 -17.08
CA SER A 659 50.81 -12.16 -16.76
C SER A 659 50.95 -11.55 -15.36
N ALA A 660 51.29 -12.38 -14.37
CA ALA A 660 51.40 -11.90 -13.01
C ALA A 660 52.50 -10.86 -12.88
N GLU A 661 53.67 -11.11 -13.48
CA GLU A 661 54.78 -10.17 -13.33
C GLU A 661 54.66 -8.96 -14.23
N SER A 662 53.74 -8.96 -15.19
CA SER A 662 53.50 -7.82 -16.05
C SER A 662 52.38 -6.93 -15.56
N ARG A 663 51.44 -7.48 -14.78
CA ARG A 663 50.41 -6.65 -14.19
C ARG A 663 51.01 -5.50 -13.40
N LYS A 664 52.13 -5.74 -12.71
CA LYS A 664 52.76 -4.70 -11.91
C LYS A 664 53.25 -3.55 -12.78
N LEU A 665 53.91 -3.88 -13.91
CA LEU A 665 54.37 -2.81 -14.79
C LEU A 665 53.19 -2.07 -15.41
N LEU A 666 52.14 -2.80 -15.77
CA LEU A 666 50.93 -2.14 -16.28
C LEU A 666 50.40 -1.12 -15.27
N LEU A 667 50.31 -1.53 -14.01
CA LEU A 667 49.78 -0.63 -12.98
C LEU A 667 50.70 0.56 -12.77
N ILE A 668 52.01 0.33 -12.81
CA ILE A 668 52.95 1.45 -12.63
C ILE A 668 52.77 2.47 -13.75
N VAL A 669 52.70 2.00 -15.00
CA VAL A 669 52.59 2.95 -16.10
C VAL A 669 51.26 3.68 -16.06
N GLN A 670 50.19 2.95 -15.72
CA GLN A 670 48.88 3.60 -15.61
C GLN A 670 48.89 4.65 -14.51
N ALA A 671 49.51 4.34 -13.36
CA ALA A 671 49.62 5.34 -12.31
C ALA A 671 50.37 6.57 -12.79
N LEU A 672 51.40 6.36 -13.60
CA LEU A 672 52.09 7.51 -14.21
C LEU A 672 51.12 8.29 -15.09
N ARG A 673 50.29 7.59 -15.87
CA ARG A 673 49.35 8.28 -16.75
C ARG A 673 48.37 9.12 -15.96
N ASP A 674 47.90 8.62 -14.82
CA ASP A 674 46.98 9.37 -13.98
C ASP A 674 47.67 10.54 -13.26
N ASN A 675 48.94 10.81 -13.55
CA ASN A 675 49.65 11.95 -12.98
C ASN A 675 49.86 11.78 -11.48
N LEU A 676 50.03 10.53 -11.05
CA LEU A 676 50.20 10.19 -9.63
C LEU A 676 51.65 10.20 -9.19
N GLU A 677 52.58 10.55 -10.07
CA GLU A 677 54.00 10.62 -9.75
C GLU A 677 54.51 9.31 -9.17
N PRO A 678 54.37 8.21 -9.89
CA PRO A 678 54.81 6.91 -9.37
C PRO A 678 56.33 6.85 -9.24
N GLY A 679 56.77 5.93 -8.40
CA GLY A 679 58.19 5.69 -8.21
C GLY A 679 58.43 4.22 -7.89
N THR A 680 59.67 3.78 -8.11
CA THR A 680 60.04 2.40 -7.89
C THR A 680 61.45 2.36 -7.31
N PHE A 681 61.81 1.20 -6.76
CA PHE A 681 63.09 1.01 -6.09
C PHE A 681 64.08 0.19 -6.89
N ASP A 682 63.65 -0.94 -7.45
CA ASP A 682 64.51 -1.89 -8.16
C ASP A 682 63.86 -2.32 -9.47
N LEU A 683 63.44 -1.33 -10.27
CA LEU A 683 62.67 -1.60 -11.48
C LEU A 683 63.35 -2.65 -12.35
N GLU A 684 64.69 -2.62 -12.42
CA GLU A 684 65.39 -3.61 -13.22
C GLU A 684 65.07 -5.02 -12.77
N GLY A 685 64.88 -5.21 -11.45
CA GLY A 685 64.46 -6.52 -10.97
C GLY A 685 63.12 -6.93 -11.54
N LEU A 686 62.17 -5.99 -11.60
CA LEU A 686 60.87 -6.29 -12.18
C LEU A 686 61.01 -6.66 -13.66
N TYR A 687 61.83 -5.91 -14.40
CA TYR A 687 62.05 -6.24 -15.80
C TYR A 687 62.64 -7.63 -15.96
N GLU A 688 63.63 -7.99 -15.13
CA GLU A 688 64.21 -9.32 -15.21
C GLU A 688 63.18 -10.39 -14.90
N ALA A 689 62.35 -10.16 -13.88
CA ALA A 689 61.34 -11.15 -13.53
C ALA A 689 60.35 -11.34 -14.67
N ILE A 690 59.95 -10.26 -15.33
CA ILE A 690 59.05 -10.37 -16.47
C ILE A 690 59.74 -11.13 -17.60
N GLU A 691 60.98 -10.77 -17.90
CA GLU A 691 61.69 -11.36 -19.04
C GLU A 691 61.95 -12.84 -18.85
N GLU A 692 62.09 -13.28 -17.60
CA GLU A 692 62.40 -14.70 -17.36
C GLU A 692 61.30 -15.62 -17.88
N CYS A 693 60.11 -15.08 -18.14
CA CYS A 693 58.96 -15.90 -18.51
C CYS A 693 58.83 -16.16 -20.00
N LEU A 694 59.69 -15.57 -20.83
CA LEU A 694 59.59 -15.69 -22.28
C LEU A 694 60.69 -16.62 -22.78
N ILE A 695 60.31 -17.87 -23.11
CA ILE A 695 61.29 -18.84 -23.60
C ILE A 695 60.87 -19.42 -24.94
N ASN A 696 59.71 -20.08 -25.00
CA ASN A 696 59.32 -20.85 -26.17
C ASN A 696 57.86 -20.70 -26.60
N ASP A 697 56.96 -20.36 -25.70
CA ASP A 697 55.54 -20.42 -26.04
C ASP A 697 55.20 -19.38 -27.12
N PRO A 698 54.48 -19.77 -28.17
CA PRO A 698 54.02 -18.75 -29.13
C PRO A 698 53.11 -17.72 -28.49
N TRP A 699 52.17 -18.17 -27.66
CA TRP A 699 51.21 -17.27 -27.04
C TRP A 699 51.89 -16.22 -26.18
N VAL A 700 52.86 -16.64 -25.37
CA VAL A 700 53.53 -15.71 -24.45
C VAL A 700 54.37 -14.71 -25.23
N LEU A 701 55.06 -15.15 -26.27
CA LEU A 701 55.83 -14.23 -27.09
C LEU A 701 54.92 -13.21 -27.77
N LEU A 702 53.77 -13.68 -28.27
CA LEU A 702 52.80 -12.75 -28.86
C LEU A 702 52.33 -11.72 -27.85
N ASN A 703 52.03 -12.17 -26.62
CA ASN A 703 51.58 -11.24 -25.59
C ASN A 703 52.68 -10.24 -25.23
N ALA A 704 53.93 -10.70 -25.21
CA ALA A 704 55.04 -9.78 -24.94
C ALA A 704 55.15 -8.73 -26.03
N SER A 705 54.99 -9.12 -27.29
CA SER A 705 54.98 -8.15 -28.38
C SER A 705 53.84 -7.15 -28.20
N TRP A 706 52.67 -7.67 -27.82
CA TRP A 706 51.52 -6.79 -27.59
C TRP A 706 51.80 -5.78 -26.49
N PHE A 707 52.44 -6.23 -25.40
CA PHE A 707 52.76 -5.30 -24.31
C PHE A 707 53.78 -4.27 -24.76
N ASN A 708 54.77 -4.69 -25.55
CA ASN A 708 55.74 -3.71 -26.06
C ASN A 708 55.02 -2.66 -26.89
N SER A 709 54.08 -3.09 -27.75
CA SER A 709 53.33 -2.13 -28.55
C SER A 709 52.52 -1.19 -27.67
N PHE A 710 51.85 -1.72 -26.65
CA PHE A 710 51.05 -0.87 -25.78
C PHE A 710 51.91 0.13 -25.02
N LEU A 711 53.07 -0.30 -24.53
CA LEU A 711 53.98 0.64 -23.88
C LEU A 711 54.42 1.73 -24.84
N THR A 712 54.73 1.34 -26.09
CA THR A 712 55.14 2.33 -27.08
C THR A 712 54.04 3.36 -27.27
N HIS A 713 52.79 2.91 -27.38
CA HIS A 713 51.67 3.84 -27.57
C HIS A 713 51.48 4.74 -26.36
N ALA A 714 51.46 4.15 -25.16
CA ALA A 714 51.12 4.91 -23.96
C ALA A 714 52.20 5.92 -23.61
N LEU A 715 53.48 5.59 -23.86
CA LEU A 715 54.55 6.51 -23.47
C LEU A 715 54.42 7.85 -24.19
N ARG A 716 54.11 7.83 -25.48
CA ARG A 716 53.95 9.06 -26.25
C ARG A 716 52.90 9.97 -25.63
N MET B 1 45.19 -5.34 -40.54
CA MET B 1 44.95 -4.95 -39.12
C MET B 1 45.25 -6.12 -38.20
N ASP B 2 46.00 -5.85 -37.12
CA ASP B 2 46.39 -6.86 -36.16
C ASP B 2 45.69 -6.60 -34.83
N VAL B 3 45.01 -7.61 -34.31
CA VAL B 3 44.32 -7.49 -33.04
C VAL B 3 45.34 -7.46 -31.92
N ASN B 4 45.19 -6.49 -31.02
CA ASN B 4 46.17 -6.27 -29.95
C ASN B 4 45.43 -5.73 -28.75
N PRO B 5 44.77 -6.59 -27.97
CA PRO B 5 43.89 -6.11 -26.90
C PRO B 5 44.59 -5.31 -25.83
N THR B 6 45.92 -5.40 -25.71
CA THR B 6 46.60 -4.61 -24.70
C THR B 6 46.43 -3.12 -24.94
N LEU B 7 46.31 -2.70 -26.20
CA LEU B 7 46.04 -1.29 -26.50
C LEU B 7 44.75 -0.82 -25.86
N LEU B 8 43.85 -1.74 -25.51
CA LEU B 8 42.63 -1.36 -24.84
C LEU B 8 42.90 -0.60 -23.55
N PHE B 9 44.08 -0.81 -22.95
CA PHE B 9 44.41 -0.09 -21.73
C PHE B 9 44.76 1.37 -21.98
N LEU B 10 44.61 1.88 -23.21
CA LEU B 10 44.77 3.30 -23.45
C LEU B 10 43.48 4.07 -23.22
N LYS B 11 42.33 3.38 -23.19
CA LYS B 11 41.05 4.00 -22.90
C LYS B 11 40.46 3.49 -21.59
N VAL B 12 40.30 2.18 -21.46
CA VAL B 12 39.80 1.58 -20.22
C VAL B 12 40.97 1.45 -19.25
N PRO B 13 40.94 2.10 -18.09
CA PRO B 13 42.05 1.97 -17.16
C PRO B 13 42.30 0.52 -16.75
N VAL B 14 43.55 0.22 -16.40
CA VAL B 14 43.95 -1.16 -16.14
C VAL B 14 43.06 -1.79 -15.09
N GLN B 15 42.78 -1.07 -14.00
CA GLN B 15 41.99 -1.63 -12.92
C GLN B 15 40.59 -2.01 -13.41
N ASN B 16 39.98 -1.18 -14.25
CA ASN B 16 38.63 -1.47 -14.72
C ASN B 16 38.59 -2.75 -15.55
N ALA B 17 39.57 -2.94 -16.43
CA ALA B 17 39.62 -4.08 -17.34
C ALA B 17 40.60 -5.16 -16.87
N ILE B 18 40.81 -5.28 -15.56
CA ILE B 18 41.79 -6.23 -15.04
C ILE B 18 41.42 -7.67 -15.37
N SER B 19 40.13 -7.93 -15.63
CA SER B 19 39.72 -9.30 -15.92
C SER B 19 40.47 -9.88 -17.10
N THR B 20 40.97 -9.03 -18.00
CA THR B 20 41.67 -9.50 -19.18
C THR B 20 43.09 -9.97 -18.88
N THR B 21 43.66 -9.56 -17.76
CA THR B 21 45.01 -9.97 -17.39
C THR B 21 45.04 -11.26 -16.59
N PHE B 22 43.91 -11.94 -16.43
CA PHE B 22 43.84 -13.22 -15.73
C PHE B 22 43.53 -14.32 -16.74
N PRO B 23 44.53 -15.07 -17.20
CA PRO B 23 44.26 -16.01 -18.30
C PRO B 23 43.26 -17.11 -17.96
N TYR B 24 43.51 -17.86 -16.90
CA TYR B 24 42.78 -19.10 -16.64
C TYR B 24 41.49 -18.84 -15.87
N THR B 25 40.48 -19.66 -16.16
CA THR B 25 39.24 -19.71 -15.40
C THR B 25 39.15 -21.14 -14.85
N GLY B 26 39.77 -21.36 -13.71
CA GLY B 26 39.88 -22.67 -13.10
C GLY B 26 41.32 -23.07 -12.89
N ASP B 27 41.50 -24.33 -12.52
CA ASP B 27 42.83 -24.85 -12.26
C ASP B 27 43.51 -25.23 -13.58
N PRO B 28 44.66 -24.65 -13.90
CA PRO B 28 45.37 -25.07 -15.12
C PRO B 28 45.72 -26.55 -15.05
N PRO B 29 45.62 -27.27 -16.18
CA PRO B 29 45.74 -28.73 -16.12
C PRO B 29 47.17 -29.25 -16.21
N TYR B 30 48.11 -28.66 -15.47
CA TYR B 30 49.45 -29.23 -15.42
C TYR B 30 49.96 -29.44 -14.01
N SER B 31 49.67 -28.51 -13.09
CA SER B 31 50.06 -28.65 -11.68
C SER B 31 51.51 -29.11 -11.53
N HIS B 32 52.41 -28.26 -11.99
CA HIS B 32 53.85 -28.52 -11.93
C HIS B 32 54.53 -27.47 -11.06
N GLY B 33 55.83 -27.67 -10.83
CA GLY B 33 56.62 -26.71 -10.08
C GLY B 33 57.01 -27.18 -8.69
N THR B 34 57.33 -28.48 -8.56
CA THR B 34 57.74 -29.03 -7.28
C THR B 34 58.58 -30.27 -7.51
N GLY B 35 59.44 -30.56 -6.56
CA GLY B 35 60.35 -31.69 -6.66
C GLY B 35 61.45 -31.62 -5.64
N THR B 36 62.24 -32.70 -5.60
CA THR B 36 63.31 -32.79 -4.61
C THR B 36 64.35 -31.70 -4.82
N GLY B 37 64.69 -31.40 -6.06
CA GLY B 37 65.63 -30.31 -6.32
C GLY B 37 65.15 -29.00 -5.74
N TYR B 38 63.85 -28.73 -5.82
CA TYR B 38 63.30 -27.51 -5.24
C TYR B 38 63.54 -27.47 -3.74
N THR B 39 63.36 -28.60 -3.05
CA THR B 39 63.63 -28.64 -1.62
C THR B 39 65.10 -28.38 -1.34
N MET B 40 65.99 -28.93 -2.17
CA MET B 40 67.41 -28.64 -2.00
C MET B 40 67.69 -27.15 -2.15
N ASP B 41 67.10 -26.52 -3.18
CA ASP B 41 67.30 -25.08 -3.35
C ASP B 41 66.77 -24.32 -2.15
N THR B 42 65.61 -24.71 -1.63
CA THR B 42 65.02 -24.00 -0.50
C THR B 42 65.93 -24.09 0.72
N VAL B 43 66.43 -25.29 1.01
CA VAL B 43 67.30 -25.46 2.17
C VAL B 43 68.57 -24.63 1.99
N ASN B 44 69.18 -24.71 0.80
CA ASN B 44 70.42 -23.99 0.57
C ASN B 44 70.22 -22.49 0.71
N ARG B 45 69.15 -21.95 0.13
CA ARG B 45 68.94 -20.50 0.21
C ARG B 45 68.59 -20.06 1.62
N THR B 46 67.80 -20.86 2.34
CA THR B 46 67.47 -20.52 3.72
C THR B 46 68.73 -20.47 4.58
N HIS B 47 69.63 -21.44 4.42
CA HIS B 47 70.86 -21.42 5.19
C HIS B 47 71.82 -20.34 4.69
N LYS B 48 71.71 -19.95 3.42
CA LYS B 48 72.52 -18.85 2.90
C LYS B 48 72.13 -17.54 3.56
N TYR B 49 70.83 -17.23 3.57
CA TYR B 49 70.40 -15.96 4.16
C TYR B 49 70.87 -15.83 5.61
N SER B 50 70.90 -16.93 6.35
CA SER B 50 71.27 -16.92 7.76
C SER B 50 72.70 -17.38 8.01
N GLU B 51 73.52 -17.48 6.96
CA GLU B 51 74.83 -18.10 7.09
C GLU B 51 75.70 -17.41 8.13
N LYS B 52 75.58 -16.09 8.29
CA LYS B 52 76.47 -15.33 9.15
C LYS B 52 76.20 -15.55 10.63
N GLY B 53 75.21 -16.36 10.99
CA GLY B 53 74.87 -16.61 12.37
C GLY B 53 75.81 -17.62 13.01
N LYS B 54 75.44 -18.01 14.24
CA LYS B 54 76.23 -18.96 15.00
C LYS B 54 75.88 -20.39 14.60
N TRP B 55 76.89 -21.25 14.57
CA TRP B 55 76.72 -22.65 14.22
C TRP B 55 76.84 -23.50 15.48
N THR B 56 75.82 -24.32 15.73
CA THR B 56 75.75 -25.15 16.94
C THR B 56 75.46 -26.59 16.55
N THR B 57 75.67 -27.50 17.49
CA THR B 57 75.40 -28.92 17.30
C THR B 57 74.31 -29.34 18.28
N ASN B 58 73.20 -29.84 17.74
CA ASN B 58 72.11 -30.28 18.60
C ASN B 58 72.51 -31.55 19.37
N THR B 59 72.09 -31.61 20.63
CA THR B 59 72.49 -32.71 21.50
C THR B 59 71.65 -33.97 21.32
N GLU B 60 70.52 -33.89 20.64
CA GLU B 60 69.62 -35.03 20.50
C GLU B 60 69.73 -35.68 19.11
N THR B 61 69.52 -34.91 18.06
CA THR B 61 69.64 -35.43 16.69
C THR B 61 71.06 -35.35 16.15
N GLY B 62 71.95 -34.61 16.81
CA GLY B 62 73.31 -34.48 16.34
C GLY B 62 73.47 -33.65 15.09
N ALA B 63 72.39 -33.04 14.61
CA ALA B 63 72.46 -32.28 13.37
C ALA B 63 73.00 -30.87 13.63
N PRO B 64 73.71 -30.28 12.67
CA PRO B 64 74.09 -28.87 12.81
C PRO B 64 72.87 -27.97 12.74
N GLN B 65 72.97 -26.84 13.44
CA GLN B 65 71.89 -25.86 13.48
C GLN B 65 72.47 -24.46 13.40
N LEU B 66 71.67 -23.53 12.91
CA LEU B 66 72.09 -22.17 12.65
C LEU B 66 71.28 -21.20 13.51
N ASN B 67 71.92 -20.11 13.93
CA ASN B 67 71.31 -19.11 14.80
C ASN B 67 71.67 -17.72 14.30
N PRO B 68 70.84 -17.14 13.42
CA PRO B 68 71.09 -15.77 12.96
C PRO B 68 70.63 -14.69 13.93
N ILE B 69 69.83 -15.04 14.94
CA ILE B 69 69.29 -14.03 15.84
C ILE B 69 70.42 -13.20 16.43
N ASP B 70 70.14 -11.91 16.64
CA ASP B 70 71.10 -10.99 17.23
C ASP B 70 72.43 -11.02 16.48
N GLY B 71 72.39 -11.36 15.19
CA GLY B 71 73.56 -11.36 14.38
C GLY B 71 74.00 -9.94 14.03
N PRO B 72 75.13 -9.83 13.34
CA PRO B 72 75.61 -8.49 12.96
C PRO B 72 74.61 -7.78 12.07
N LEU B 73 74.56 -6.47 12.20
CA LEU B 73 73.58 -5.68 11.47
C LEU B 73 73.79 -5.88 9.97
N PRO B 74 72.72 -6.02 9.18
CA PRO B 74 72.90 -6.12 7.73
C PRO B 74 73.56 -4.86 7.18
N GLU B 75 74.46 -5.07 6.22
CA GLU B 75 75.18 -3.98 5.57
C GLU B 75 74.73 -3.74 4.13
N ASP B 76 74.00 -4.67 3.53
CA ASP B 76 73.57 -4.57 2.14
C ASP B 76 72.09 -4.88 2.08
N ASN B 77 71.52 -4.75 0.87
CA ASN B 77 70.09 -4.89 0.67
C ASN B 77 69.66 -6.32 0.34
N GLU B 78 70.58 -7.28 0.34
CA GLU B 78 70.21 -8.66 0.15
C GLU B 78 69.37 -9.15 1.33
N PRO B 79 68.49 -10.12 1.12
CA PRO B 79 67.61 -10.56 2.21
C PRO B 79 68.42 -11.15 3.35
N SER B 80 68.13 -10.67 4.56
CA SER B 80 68.84 -11.08 5.76
C SER B 80 67.85 -11.45 6.85
N GLY B 81 68.10 -12.58 7.51
CA GLY B 81 67.27 -13.01 8.62
C GLY B 81 67.88 -12.72 9.96
N TYR B 82 68.83 -11.77 9.99
CA TYR B 82 69.54 -11.41 11.21
C TYR B 82 68.70 -10.47 12.08
N ALA B 83 67.56 -11.00 12.53
CA ALA B 83 66.67 -10.24 13.40
C ALA B 83 67.27 -10.08 14.79
N GLN B 84 66.87 -9.02 15.47
CA GLN B 84 67.31 -8.73 16.83
C GLN B 84 66.15 -8.95 17.79
N THR B 85 66.40 -9.68 18.88
CA THR B 85 65.34 -9.96 19.84
C THR B 85 64.90 -8.70 20.56
N ASP B 86 65.85 -7.84 20.95
CA ASP B 86 65.49 -6.61 21.64
C ASP B 86 64.52 -5.78 20.80
N CYS B 87 64.78 -5.69 19.49
CA CYS B 87 63.93 -4.86 18.64
C CYS B 87 62.52 -5.42 18.52
N VAL B 88 62.39 -6.73 18.33
CA VAL B 88 61.06 -7.31 18.24
C VAL B 88 60.32 -7.15 19.56
N LEU B 89 61.03 -7.27 20.68
CA LEU B 89 60.39 -7.08 21.97
C LEU B 89 59.91 -5.65 22.14
N GLU B 90 60.72 -4.67 21.73
CA GLU B 90 60.29 -3.28 21.80
C GLU B 90 59.08 -3.02 20.90
N ALA B 91 59.09 -3.61 19.70
CA ALA B 91 57.95 -3.44 18.80
C ALA B 91 56.68 -4.03 19.40
N MET B 92 56.77 -5.22 19.99
CA MET B 92 55.61 -5.83 20.63
C MET B 92 55.16 -4.99 21.82
N ALA B 93 56.10 -4.41 22.56
CA ALA B 93 55.76 -3.55 23.68
C ALA B 93 54.95 -2.35 23.21
N PHE B 94 55.40 -1.70 22.14
CA PHE B 94 54.64 -0.58 21.60
C PHE B 94 53.28 -1.01 21.09
N LEU B 95 53.21 -2.19 20.46
CA LEU B 95 51.93 -2.68 19.96
C LEU B 95 50.94 -2.88 21.10
N GLU B 96 51.41 -3.48 22.21
CA GLU B 96 50.55 -3.62 23.37
C GLU B 96 50.16 -2.26 23.94
N GLU B 97 51.11 -1.32 23.95
CA GLU B 97 50.83 0.02 24.47
C GLU B 97 49.70 0.67 23.70
N SER B 98 49.72 0.56 22.37
CA SER B 98 48.68 1.17 21.56
C SER B 98 47.40 0.35 21.48
N HIS B 99 47.41 -0.90 21.95
CA HIS B 99 46.22 -1.75 22.01
C HIS B 99 46.21 -2.50 23.32
N PRO B 100 46.08 -1.79 24.44
CA PRO B 100 46.17 -2.47 25.74
C PRO B 100 45.10 -3.54 25.90
N GLY B 101 45.49 -4.66 26.53
CA GLY B 101 44.58 -5.73 26.84
C GLY B 101 44.33 -6.71 25.72
N ILE B 102 44.88 -6.47 24.53
CA ILE B 102 44.66 -7.40 23.42
C ILE B 102 45.34 -8.74 23.69
N PHE B 103 46.60 -8.70 24.14
CA PHE B 103 47.30 -9.93 24.44
C PHE B 103 46.57 -10.73 25.51
N GLU B 104 46.11 -10.06 26.56
CA GLU B 104 45.47 -10.76 27.67
C GLU B 104 44.20 -11.47 27.23
N ASN B 105 43.30 -10.73 26.56
CA ASN B 105 42.03 -11.34 26.14
C ASN B 105 42.27 -12.46 25.13
N SER B 106 43.22 -12.26 24.21
CA SER B 106 43.58 -13.33 23.30
C SER B 106 44.05 -14.56 24.05
N CYS B 107 44.85 -14.36 25.10
CA CYS B 107 45.32 -15.49 25.90
C CYS B 107 44.16 -16.21 26.58
N LEU B 108 43.19 -15.46 27.10
CA LEU B 108 42.04 -16.11 27.76
C LEU B 108 41.27 -16.95 26.76
N GLU B 109 41.00 -16.40 25.57
CA GLU B 109 40.26 -17.17 24.57
C GLU B 109 41.05 -18.40 24.14
N THR B 110 42.37 -18.27 24.01
CA THR B 110 43.18 -19.41 23.63
C THR B 110 43.17 -20.47 24.72
N MET B 111 43.16 -20.05 25.99
CA MET B 111 43.06 -21.00 27.09
C MET B 111 41.76 -21.78 27.00
N GLU B 112 40.65 -21.07 26.74
CA GLU B 112 39.37 -21.76 26.56
C GLU B 112 39.46 -22.79 25.44
N ILE B 113 40.03 -22.38 24.30
CA ILE B 113 40.13 -23.29 23.16
C ILE B 113 40.96 -24.51 23.52
N VAL B 114 42.09 -24.29 24.20
CA VAL B 114 42.93 -25.40 24.64
C VAL B 114 42.14 -26.36 25.51
N GLN B 115 41.38 -25.82 26.46
CA GLN B 115 40.67 -26.68 27.42
C GLN B 115 39.59 -27.51 26.73
N GLN B 116 38.81 -26.91 25.82
CA GLN B 116 37.63 -27.58 25.31
C GLN B 116 37.89 -28.47 24.10
N THR B 117 38.99 -28.28 23.38
CA THR B 117 39.20 -28.97 22.12
C THR B 117 39.25 -30.49 22.31
N ARG B 118 39.23 -31.22 21.19
CA ARG B 118 39.19 -32.67 21.18
C ARG B 118 40.26 -33.22 20.23
N VAL B 119 40.57 -34.51 20.40
CA VAL B 119 41.58 -35.15 19.57
C VAL B 119 41.13 -35.22 18.11
N ASP B 120 39.90 -35.68 17.90
CA ASP B 120 39.39 -35.93 16.54
C ASP B 120 39.50 -34.72 15.64
N LYS B 121 39.73 -33.52 16.18
CA LYS B 121 39.91 -32.35 15.34
C LYS B 121 41.03 -32.57 14.33
N LEU B 122 42.06 -33.34 14.71
CA LEU B 122 43.19 -33.56 13.82
C LEU B 122 42.84 -34.43 12.63
N THR B 123 41.65 -35.02 12.58
CA THR B 123 41.19 -35.70 11.38
C THR B 123 40.61 -34.72 10.35
N GLN B 124 40.63 -33.42 10.64
CA GLN B 124 40.13 -32.41 9.71
C GLN B 124 41.25 -31.71 8.94
N GLY B 125 42.48 -32.20 9.05
CA GLY B 125 43.59 -31.62 8.31
C GLY B 125 43.72 -32.20 6.91
N ARG B 126 44.78 -31.78 6.24
CA ARG B 126 45.07 -32.22 4.88
C ARG B 126 45.99 -33.44 4.93
N GLN B 127 46.55 -33.80 3.78
CA GLN B 127 47.47 -34.94 3.70
C GLN B 127 48.59 -34.77 4.72
N THR B 128 48.87 -35.84 5.47
CA THR B 128 49.78 -35.76 6.60
C THR B 128 50.85 -36.83 6.50
N TYR B 129 52.06 -36.50 6.94
CA TYR B 129 53.18 -37.45 6.89
C TYR B 129 53.06 -38.40 8.06
N ASP B 130 52.48 -39.57 7.83
CA ASP B 130 52.45 -40.62 8.82
C ASP B 130 53.86 -41.15 9.03
N TRP B 131 54.43 -40.87 10.20
CA TRP B 131 55.77 -41.36 10.52
C TRP B 131 55.79 -42.87 10.71
N THR B 132 54.69 -43.43 11.23
CA THR B 132 54.68 -44.86 11.52
C THR B 132 54.96 -45.67 10.26
N LEU B 133 54.23 -45.41 9.18
CA LEU B 133 54.50 -46.02 7.88
C LEU B 133 55.52 -45.25 7.07
N ASN B 134 55.98 -44.10 7.57
CA ASN B 134 57.01 -43.31 6.90
C ASN B 134 56.57 -42.91 5.49
N ARG B 135 55.37 -42.36 5.39
CA ARG B 135 54.86 -41.91 4.09
C ARG B 135 53.63 -41.05 4.32
N ASN B 136 53.21 -40.35 3.27
CA ASN B 136 52.00 -39.54 3.36
C ASN B 136 50.77 -40.43 3.44
N GLN B 137 49.79 -39.98 4.22
CA GLN B 137 48.56 -40.72 4.44
C GLN B 137 47.48 -39.72 4.82
N PRO B 138 46.21 -40.11 4.73
CA PRO B 138 45.13 -39.20 5.12
C PRO B 138 45.20 -38.84 6.60
N ALA B 139 44.61 -37.69 6.93
CA ALA B 139 44.62 -37.25 8.32
C ALA B 139 43.93 -38.25 9.24
N ALA B 140 42.76 -38.74 8.83
CA ALA B 140 42.02 -39.68 9.66
C ALA B 140 42.79 -40.98 9.83
N THR B 141 43.25 -41.57 8.73
CA THR B 141 43.98 -42.83 8.81
C THR B 141 45.31 -42.63 9.55
N ALA B 142 45.99 -41.51 9.32
CA ALA B 142 47.23 -41.25 10.02
C ALA B 142 47.00 -41.16 11.53
N LEU B 143 45.93 -40.47 11.94
CA LEU B 143 45.62 -40.37 13.36
C LEU B 143 45.28 -41.73 13.95
N ALA B 144 44.48 -42.53 13.22
CA ALA B 144 44.17 -43.87 13.71
C ALA B 144 45.43 -44.70 13.87
N ASN B 145 46.36 -44.59 12.91
CA ASN B 145 47.58 -45.37 12.98
C ASN B 145 48.47 -44.93 14.13
N THR B 146 48.59 -43.62 14.34
CA THR B 146 49.38 -43.13 15.47
C THR B 146 48.76 -43.57 16.79
N ILE B 147 47.43 -43.54 16.88
CA ILE B 147 46.76 -44.02 18.09
C ILE B 147 47.04 -45.51 18.30
N GLU B 148 46.99 -46.30 17.23
CA GLU B 148 47.29 -47.72 17.34
C GLU B 148 48.71 -47.94 17.84
N VAL B 149 49.68 -47.22 17.27
CA VAL B 149 51.08 -47.41 17.68
C VAL B 149 51.26 -47.01 19.14
N PHE B 150 50.68 -45.87 19.54
CA PHE B 150 50.81 -45.44 20.92
C PHE B 150 50.16 -46.45 21.87
N ARG B 151 49.03 -47.02 21.48
CA ARG B 151 48.39 -48.04 22.30
C ARG B 151 49.28 -49.26 22.44
N SER B 152 49.89 -49.70 21.33
CA SER B 152 50.81 -50.83 21.40
C SER B 152 52.07 -50.50 22.18
N ASN B 153 52.39 -49.21 22.36
CA ASN B 153 53.56 -48.78 23.11
C ASN B 153 53.21 -48.29 24.50
N GLY B 154 52.04 -48.64 25.01
CA GLY B 154 51.65 -48.25 26.36
C GLY B 154 51.49 -46.76 26.54
N LEU B 155 50.81 -46.10 25.60
CA LEU B 155 50.47 -44.69 25.73
C LEU B 155 49.00 -44.54 25.33
N THR B 156 48.16 -44.26 26.32
CA THR B 156 46.71 -44.20 26.11
C THR B 156 46.10 -42.99 26.81
N ALA B 157 46.84 -41.90 26.91
CA ALA B 157 46.23 -40.67 27.41
C ALA B 157 45.16 -40.17 26.46
N ASN B 158 45.40 -40.28 25.15
CA ASN B 158 44.43 -39.82 24.17
C ASN B 158 43.11 -40.57 24.28
N GLU B 159 43.09 -41.73 24.93
CA GLU B 159 41.85 -42.43 25.16
C GLU B 159 40.83 -41.56 25.90
N SER B 160 41.31 -40.62 26.73
CA SER B 160 40.39 -39.73 27.41
C SER B 160 39.51 -38.97 26.42
N GLY B 161 40.05 -38.63 25.26
CA GLY B 161 39.30 -37.91 24.25
C GLY B 161 39.55 -36.44 24.17
N ARG B 162 40.74 -35.98 24.56
CA ARG B 162 41.10 -34.56 24.57
C ARG B 162 42.37 -34.34 23.77
N LEU B 163 42.40 -33.25 23.02
CA LEU B 163 43.58 -32.94 22.21
C LEU B 163 44.80 -32.74 23.09
N ILE B 164 44.66 -32.01 24.19
CA ILE B 164 45.80 -31.79 25.07
C ILE B 164 46.27 -33.12 25.66
N ASP B 165 45.34 -34.07 25.85
CA ASP B 165 45.75 -35.39 26.29
C ASP B 165 46.59 -36.08 25.23
N PHE B 166 46.24 -35.91 23.95
CA PHE B 166 47.07 -36.46 22.87
C PHE B 166 48.43 -35.78 22.85
N LEU B 167 48.48 -34.49 23.15
CA LEU B 167 49.76 -33.79 23.22
C LEU B 167 50.62 -34.33 24.36
N LYS B 168 50.00 -34.61 25.51
CA LYS B 168 50.74 -35.24 26.61
C LYS B 168 51.20 -36.64 26.21
N ASP B 169 50.39 -37.35 25.43
CA ASP B 169 50.80 -38.66 24.95
C ASP B 169 52.01 -38.57 24.05
N VAL B 170 52.04 -37.57 23.16
CA VAL B 170 53.20 -37.36 22.31
C VAL B 170 54.42 -37.01 23.15
N MET B 171 54.23 -36.15 24.16
CA MET B 171 55.28 -35.87 25.13
C MET B 171 55.86 -37.14 25.72
N ASP B 172 54.98 -38.04 26.18
CA ASP B 172 55.46 -39.30 26.73
C ASP B 172 56.22 -40.11 25.67
N SER B 173 55.72 -40.11 24.43
CA SER B 173 56.31 -40.92 23.39
C SER B 173 57.74 -40.46 23.07
N MET B 174 57.94 -39.15 22.90
CA MET B 174 59.24 -38.66 22.42
C MET B 174 60.34 -38.85 23.45
N ASP B 175 60.02 -38.95 24.74
CA ASP B 175 61.00 -39.27 25.76
C ASP B 175 61.20 -40.77 25.93
N LYS B 176 60.41 -41.58 25.24
CA LYS B 176 60.55 -43.03 25.34
C LYS B 176 61.88 -43.48 24.75
N GLU B 177 62.43 -44.55 25.31
CA GLU B 177 63.75 -45.04 24.86
C GLU B 177 63.67 -45.74 23.53
N GLU B 178 62.56 -46.43 23.24
CA GLU B 178 62.41 -47.14 21.99
C GLU B 178 60.93 -47.25 21.65
N MET B 179 60.64 -47.27 20.35
CA MET B 179 59.27 -47.36 19.86
C MET B 179 59.14 -48.60 18.98
N GLU B 180 58.07 -49.36 19.21
CA GLU B 180 57.84 -50.62 18.50
C GLU B 180 56.68 -50.44 17.53
N ILE B 181 56.93 -50.70 16.26
CA ILE B 181 55.94 -50.58 15.21
C ILE B 181 55.57 -51.98 14.73
N THR B 182 54.28 -52.27 14.71
CA THR B 182 53.77 -53.55 14.24
C THR B 182 53.01 -53.35 12.94
N THR B 183 53.18 -54.29 12.02
CA THR B 183 52.53 -54.22 10.71
C THR B 183 52.04 -55.60 10.31
N HIS B 184 51.00 -55.62 9.48
CA HIS B 184 50.43 -56.85 8.96
C HIS B 184 50.74 -56.97 7.47
N PHE B 185 50.80 -58.20 6.99
CA PHE B 185 50.99 -58.51 5.58
C PHE B 185 49.65 -59.04 5.06
N GLN B 186 48.96 -58.24 4.27
CA GLN B 186 47.62 -58.60 3.78
C GLN B 186 47.72 -59.25 2.40
N ARG B 187 48.32 -60.45 2.40
CA ARG B 187 48.45 -61.23 1.17
C ARG B 187 49.22 -60.47 0.11
N ARG B 203 49.06 -67.46 -0.79
CA ARG B 203 48.78 -66.17 -0.17
C ARG B 203 48.42 -66.37 1.31
N THR B 204 49.18 -65.74 2.20
CA THR B 204 48.95 -65.87 3.63
C THR B 204 49.33 -64.57 4.32
N ILE B 205 48.82 -64.39 5.54
CA ILE B 205 49.01 -63.18 6.32
C ILE B 205 50.02 -63.46 7.42
N GLY B 206 50.85 -62.45 7.71
CA GLY B 206 51.86 -62.57 8.73
C GLY B 206 51.93 -61.37 9.66
N LYS B 207 53.09 -61.17 10.27
CA LYS B 207 53.32 -60.05 11.19
C LYS B 207 54.75 -59.55 11.02
N LYS B 208 54.93 -58.25 11.29
CA LYS B 208 56.26 -57.66 11.20
C LYS B 208 56.43 -56.67 12.34
N LYS B 209 57.57 -56.72 13.01
CA LYS B 209 57.89 -55.82 14.11
C LYS B 209 59.15 -55.06 13.79
N GLN B 210 59.17 -53.78 14.14
CA GLN B 210 60.31 -52.90 13.89
C GLN B 210 60.57 -52.07 15.13
N ARG B 211 61.84 -51.83 15.43
CA ARG B 211 62.25 -51.14 16.64
C ARG B 211 63.01 -49.87 16.27
N LEU B 212 62.59 -48.74 16.85
CA LEU B 212 63.19 -47.44 16.59
C LEU B 212 63.81 -46.91 17.87
N ASN B 213 65.08 -46.55 17.81
CA ASN B 213 65.75 -45.99 18.97
C ASN B 213 65.21 -44.58 19.23
N LYS B 214 65.74 -43.93 20.27
CA LYS B 214 65.28 -42.59 20.62
C LYS B 214 65.55 -41.60 19.48
N ARG B 215 66.76 -41.65 18.91
CA ARG B 215 67.13 -40.67 17.90
C ARG B 215 66.33 -40.86 16.62
N SER B 216 66.11 -42.11 16.21
CA SER B 216 65.36 -42.36 14.98
C SER B 216 63.93 -41.81 15.08
N TYR B 217 63.24 -42.14 16.17
CA TYR B 217 61.89 -41.63 16.35
C TYR B 217 61.90 -40.10 16.49
N LEU B 218 62.88 -39.56 17.20
CA LEU B 218 62.99 -38.12 17.34
C LEU B 218 63.07 -37.46 15.98
N ILE B 219 63.93 -37.99 15.10
CA ILE B 219 64.07 -37.43 13.76
C ILE B 219 62.77 -37.57 12.98
N ARG B 220 62.11 -38.73 13.11
CA ARG B 220 60.85 -38.93 12.40
C ARG B 220 59.80 -37.93 12.86
N ALA B 221 59.84 -37.54 14.14
CA ALA B 221 58.85 -36.60 14.65
C ALA B 221 59.07 -35.20 14.10
N LEU B 222 60.33 -34.81 13.92
CA LEU B 222 60.70 -33.47 13.45
C LEU B 222 60.98 -33.45 11.95
N THR B 223 60.23 -34.23 11.17
CA THR B 223 60.43 -34.34 9.73
C THR B 223 59.29 -33.66 8.98
N LEU B 224 59.62 -33.13 7.80
CA LEU B 224 58.65 -32.55 6.87
C LEU B 224 58.74 -33.31 5.56
N ASN B 225 57.81 -34.26 5.35
CA ASN B 225 57.69 -34.87 4.05
C ASN B 225 57.35 -33.81 3.01
N THR B 226 58.13 -33.77 1.93
CA THR B 226 57.95 -32.78 0.88
C THR B 226 57.39 -33.46 -0.37
N MET B 227 56.26 -32.97 -0.84
CA MET B 227 55.60 -33.56 -2.00
C MET B 227 55.35 -32.49 -3.08
N ILE B 241 53.75 -26.85 0.85
CA ILE B 241 54.55 -27.78 0.08
C ILE B 241 54.79 -29.04 0.90
N ALA B 242 55.29 -28.86 2.11
CA ALA B 242 55.58 -29.95 3.03
C ALA B 242 54.46 -30.08 4.06
N THR B 243 54.41 -31.26 4.69
CA THR B 243 53.40 -31.57 5.69
C THR B 243 54.08 -32.20 6.89
N PRO B 244 53.91 -31.67 8.09
CA PRO B 244 54.50 -32.32 9.28
C PRO B 244 53.62 -33.48 9.76
N GLY B 245 54.22 -34.28 10.64
CA GLY B 245 53.53 -35.42 11.19
C GLY B 245 52.54 -35.03 12.28
N MET B 246 51.83 -36.05 12.79
CA MET B 246 50.87 -35.81 13.85
C MET B 246 51.52 -35.31 15.13
N GLN B 247 52.84 -35.44 15.24
CA GLN B 247 53.52 -34.93 16.43
C GLN B 247 53.39 -33.42 16.56
N ILE B 248 53.49 -32.69 15.43
CA ILE B 248 53.57 -31.24 15.45
C ILE B 248 52.33 -30.58 14.87
N ARG B 249 51.17 -31.25 14.94
CA ARG B 249 49.93 -30.61 14.50
C ARG B 249 49.28 -29.81 15.62
N GLY B 250 49.19 -30.40 16.82
CA GLY B 250 48.44 -29.75 17.89
C GLY B 250 49.07 -28.45 18.36
N PHE B 251 50.38 -28.43 18.52
CA PHE B 251 51.04 -27.23 19.03
C PHE B 251 50.89 -26.07 18.07
N VAL B 252 51.10 -26.32 16.77
CA VAL B 252 50.90 -25.27 15.78
C VAL B 252 49.44 -24.88 15.72
N TYR B 253 48.53 -25.84 15.93
CA TYR B 253 47.10 -25.53 15.94
C TYR B 253 46.77 -24.54 17.05
N PHE B 254 47.32 -24.77 18.25
CA PHE B 254 47.04 -23.87 19.37
C PHE B 254 47.71 -22.51 19.16
N VAL B 255 48.93 -22.49 18.63
CA VAL B 255 49.57 -21.21 18.34
C VAL B 255 48.78 -20.45 17.28
N GLU B 256 48.21 -21.17 16.31
CA GLU B 256 47.37 -20.54 15.31
C GLU B 256 46.09 -19.99 15.92
N ALA B 257 45.51 -20.71 16.88
CA ALA B 257 44.34 -20.19 17.57
C ALA B 257 44.69 -18.89 18.28
N LEU B 258 45.84 -18.85 18.95
CA LEU B 258 46.26 -17.63 19.62
C LEU B 258 46.47 -16.49 18.63
N ALA B 259 47.15 -16.77 17.52
CA ALA B 259 47.42 -15.73 16.53
C ALA B 259 46.12 -15.22 15.92
N ARG B 260 45.18 -16.12 15.64
CA ARG B 260 43.89 -15.71 15.11
C ARG B 260 43.13 -14.84 16.11
N SER B 261 43.20 -15.20 17.39
CA SER B 261 42.54 -14.38 18.40
C SER B 261 43.15 -12.99 18.45
N ILE B 262 44.47 -12.89 18.40
CA ILE B 262 45.12 -11.58 18.41
C ILE B 262 44.73 -10.79 17.16
N CYS B 263 44.71 -11.45 15.99
CA CYS B 263 44.45 -10.73 14.75
C CYS B 263 43.01 -10.29 14.63
N GLU B 264 42.06 -11.06 15.17
CA GLU B 264 40.66 -10.66 15.11
C GLU B 264 40.44 -9.30 15.75
N LYS B 265 41.30 -8.91 16.68
CA LYS B 265 41.16 -7.66 17.41
C LYS B 265 42.00 -6.53 16.80
N LEU B 266 42.70 -6.78 15.69
CA LEU B 266 43.54 -5.79 15.05
C LEU B 266 42.86 -5.29 13.78
N GLU B 267 42.83 -3.97 13.62
CA GLU B 267 42.24 -3.37 12.43
C GLU B 267 43.15 -3.50 11.21
N GLN B 268 44.46 -3.37 11.39
CA GLN B 268 45.39 -3.37 10.28
C GLN B 268 45.63 -4.75 9.69
N SER B 269 45.18 -5.81 10.36
CA SER B 269 45.39 -7.15 9.85
C SER B 269 44.56 -7.38 8.59
N GLY B 270 44.80 -8.52 7.95
CA GLY B 270 44.07 -8.90 6.75
C GLY B 270 43.45 -10.28 6.85
N LEU B 271 43.60 -10.92 7.99
CA LEU B 271 43.07 -12.26 8.23
C LEU B 271 42.32 -12.28 9.56
N PRO B 272 41.39 -13.22 9.75
CA PRO B 272 40.91 -14.24 8.81
C PRO B 272 39.60 -13.82 8.13
N VAL B 273 39.53 -12.58 7.65
CA VAL B 273 38.29 -12.03 7.12
C VAL B 273 38.00 -12.61 5.74
N GLY B 274 36.79 -12.41 5.25
CA GLY B 274 36.37 -12.89 3.95
C GLY B 274 36.44 -11.83 2.89
N GLY B 275 35.75 -12.08 1.77
CA GLY B 275 35.81 -11.17 0.64
C GLY B 275 35.15 -9.83 0.89
N ASN B 276 34.01 -9.82 1.58
CA ASN B 276 33.27 -8.57 1.77
C ASN B 276 33.97 -7.64 2.75
N GLU B 277 34.58 -8.20 3.80
CA GLU B 277 35.22 -7.37 4.82
C GLU B 277 36.53 -6.77 4.33
N LYS B 278 37.19 -7.42 3.39
CA LYS B 278 38.46 -6.89 2.87
C LYS B 278 38.24 -5.54 2.19
N LYS B 279 37.18 -5.41 1.41
CA LYS B 279 36.88 -4.13 0.76
C LYS B 279 36.64 -3.05 1.79
N ALA B 280 35.88 -3.37 2.85
CA ALA B 280 35.62 -2.39 3.89
C ALA B 280 36.91 -1.96 4.57
N LYS B 281 37.80 -2.92 4.87
CA LYS B 281 39.06 -2.57 5.51
C LYS B 281 39.90 -1.66 4.61
N LEU B 282 39.99 -1.99 3.33
CA LEU B 282 40.77 -1.18 2.40
C LEU B 282 40.21 0.24 2.33
N ALA B 283 38.89 0.36 2.18
CA ALA B 283 38.27 1.68 2.09
C ALA B 283 38.50 2.46 3.37
N ASN B 284 38.34 1.81 4.52
CA ASN B 284 38.53 2.49 5.80
C ASN B 284 39.95 3.05 5.91
N VAL B 285 40.95 2.22 5.62
CA VAL B 285 42.33 2.68 5.79
C VAL B 285 42.63 3.82 4.83
N VAL B 286 42.20 3.68 3.57
CA VAL B 286 42.54 4.71 2.58
C VAL B 286 41.86 6.03 2.93
N ARG B 287 40.59 5.98 3.32
CA ARG B 287 39.90 7.22 3.71
C ARG B 287 40.56 7.83 4.94
N LYS B 288 40.91 7.01 5.93
CA LYS B 288 41.54 7.53 7.13
C LYS B 288 42.84 8.25 6.79
N MET B 289 43.67 7.65 5.95
CA MET B 289 44.96 8.24 5.65
C MET B 289 44.84 9.44 4.72
N MET B 290 43.84 9.46 3.84
CA MET B 290 43.73 10.54 2.87
C MET B 290 43.03 11.76 3.46
N THR B 291 41.83 11.57 4.02
CA THR B 291 41.06 12.70 4.52
C THR B 291 41.81 13.42 5.63
N ASN B 292 42.37 12.67 6.58
CA ASN B 292 43.13 13.30 7.67
C ASN B 292 44.30 14.11 7.14
N SER B 293 44.81 13.78 5.96
CA SER B 293 45.87 14.57 5.36
C SER B 293 45.38 15.99 5.09
N GLN B 294 46.16 16.97 5.53
CA GLN B 294 45.78 18.37 5.37
C GLN B 294 46.17 18.86 3.98
N ASP B 295 45.86 20.12 3.72
CA ASP B 295 46.16 20.70 2.41
C ASP B 295 47.66 20.83 2.19
N THR B 296 48.45 20.79 3.26
CA THR B 296 49.90 20.96 3.18
C THR B 296 50.66 19.66 3.41
N GLU B 297 50.00 18.51 3.34
CA GLU B 297 50.63 17.22 3.54
C GLU B 297 50.55 16.39 2.27
N LEU B 298 51.66 15.73 1.94
CA LEU B 298 51.74 14.84 0.80
C LEU B 298 51.63 13.39 1.26
N SER B 299 50.85 12.60 0.53
CA SER B 299 50.58 11.22 0.84
C SER B 299 51.03 10.32 -0.29
N PHE B 300 51.48 9.13 0.06
CA PHE B 300 51.92 8.13 -0.90
C PHE B 300 51.48 6.75 -0.44
N THR B 301 51.32 5.83 -1.39
CA THR B 301 50.96 4.45 -1.11
C THR B 301 51.97 3.54 -1.77
N ILE B 302 52.51 2.61 -1.00
CA ILE B 302 53.50 1.65 -1.46
C ILE B 302 52.81 0.29 -1.49
N THR B 303 52.50 -0.19 -2.69
CA THR B 303 52.02 -1.56 -2.85
C THR B 303 53.23 -2.48 -2.89
N GLY B 304 53.31 -3.44 -1.97
CA GLY B 304 54.54 -4.18 -1.79
C GLY B 304 54.30 -5.64 -1.49
N ASP B 305 55.34 -6.43 -1.77
CA ASP B 305 55.41 -7.83 -1.45
C ASP B 305 56.72 -8.09 -0.72
N ASN B 306 56.78 -9.20 0.00
CA ASN B 306 57.94 -9.53 0.82
C ASN B 306 58.87 -10.45 0.05
N THR B 307 60.17 -10.15 0.11
CA THR B 307 61.16 -10.86 -0.70
C THR B 307 61.00 -12.38 -0.59
N LYS B 308 61.18 -12.90 0.62
CA LYS B 308 60.97 -14.33 0.89
C LYS B 308 60.44 -14.45 2.31
N TRP B 309 59.12 -14.61 2.43
CA TRP B 309 58.48 -14.56 3.73
C TRP B 309 58.96 -15.69 4.63
N ASN B 310 58.68 -16.94 4.24
CA ASN B 310 58.91 -18.07 5.12
C ASN B 310 60.38 -18.48 5.22
N GLU B 311 61.25 -17.91 4.39
CA GLU B 311 62.67 -18.25 4.44
C GLU B 311 63.48 -17.33 5.33
N ASN B 312 62.88 -16.27 5.88
CA ASN B 312 63.57 -15.35 6.77
C ASN B 312 62.86 -15.18 8.11
N GLN B 313 61.87 -16.01 8.40
CA GLN B 313 61.14 -15.95 9.67
C GLN B 313 61.77 -16.97 10.61
N ASN B 314 62.73 -16.51 11.40
CA ASN B 314 63.42 -17.40 12.34
C ASN B 314 62.45 -17.83 13.44
N PRO B 315 62.39 -19.13 13.75
CA PRO B 315 61.49 -19.56 14.84
C PRO B 315 61.81 -18.92 16.18
N ARG B 316 63.08 -18.60 16.45
CA ARG B 316 63.42 -17.95 17.70
C ARG B 316 62.71 -16.61 17.85
N MET B 317 62.52 -15.88 16.75
CA MET B 317 61.81 -14.61 16.82
C MET B 317 60.37 -14.82 17.27
N PHE B 318 59.72 -15.85 16.70
CA PHE B 318 58.35 -16.17 17.10
C PHE B 318 58.30 -16.62 18.55
N LEU B 319 59.31 -17.37 19.01
CA LEU B 319 59.34 -17.76 20.40
C LEU B 319 59.47 -16.54 21.31
N ALA B 320 60.31 -15.57 20.94
CA ALA B 320 60.43 -14.36 21.75
C ALA B 320 59.12 -13.59 21.79
N MET B 321 58.45 -13.47 20.64
CA MET B 321 57.19 -12.72 20.62
C MET B 321 56.09 -13.45 21.36
N ILE B 322 56.08 -14.79 21.33
CA ILE B 322 55.10 -15.54 22.12
C ILE B 322 55.41 -15.41 23.60
N THR B 323 56.68 -15.39 23.97
CA THR B 323 57.04 -15.18 25.37
C THR B 323 56.54 -13.82 25.85
N TYR B 324 56.71 -12.78 25.03
CA TYR B 324 56.17 -11.48 25.40
C TYR B 324 54.64 -11.50 25.46
N ILE B 325 54.00 -12.21 24.53
CA ILE B 325 52.54 -12.22 24.49
C ILE B 325 51.97 -12.91 25.72
N THR B 326 52.58 -14.03 26.14
CA THR B 326 52.07 -14.83 27.24
C THR B 326 52.74 -14.47 28.58
N ARG B 327 53.12 -13.21 28.75
CA ARG B 327 53.64 -12.76 30.04
C ARG B 327 52.55 -12.83 31.10
N ASN B 328 52.94 -13.21 32.32
CA ASN B 328 52.01 -13.30 33.44
C ASN B 328 50.81 -14.18 33.09
N GLN B 329 51.10 -15.43 32.80
CA GLN B 329 50.09 -16.41 32.43
C GLN B 329 50.42 -17.74 33.10
N PRO B 330 49.47 -18.66 33.16
CA PRO B 330 49.76 -19.98 33.73
C PRO B 330 50.90 -20.66 32.99
N GLU B 331 51.75 -21.35 33.74
CA GLU B 331 52.95 -21.95 33.15
C GLU B 331 52.60 -23.02 32.14
N TRP B 332 51.57 -23.83 32.41
CA TRP B 332 51.17 -24.85 31.45
C TRP B 332 50.78 -24.23 30.12
N PHE B 333 50.05 -23.12 30.16
CA PHE B 333 49.67 -22.43 28.93
C PHE B 333 50.90 -21.92 28.19
N ARG B 334 51.83 -21.30 28.92
CA ARG B 334 53.04 -20.79 28.30
C ARG B 334 53.81 -21.91 27.61
N ASN B 335 53.92 -23.07 28.27
CA ASN B 335 54.69 -24.16 27.70
C ASN B 335 53.99 -24.77 26.49
N VAL B 336 52.66 -24.94 26.56
CA VAL B 336 51.94 -25.47 25.42
C VAL B 336 52.09 -24.55 24.22
N LEU B 337 52.09 -23.24 24.46
CA LEU B 337 52.26 -22.29 23.36
C LEU B 337 53.70 -22.22 22.88
N SER B 338 54.67 -22.49 23.75
CA SER B 338 56.07 -22.37 23.40
C SER B 338 56.63 -23.63 22.75
N ILE B 339 55.94 -24.76 22.86
CA ILE B 339 56.47 -26.00 22.29
C ILE B 339 56.59 -25.87 20.76
N ALA B 340 55.57 -25.29 20.12
CA ALA B 340 55.51 -25.28 18.66
C ALA B 340 56.73 -24.59 18.05
N PRO B 341 57.07 -23.35 18.45
CA PRO B 341 58.31 -22.76 17.93
C PRO B 341 59.55 -23.54 18.31
N ILE B 342 59.58 -24.10 19.53
CA ILE B 342 60.71 -24.92 19.94
C ILE B 342 60.84 -26.14 19.04
N MET B 343 59.72 -26.81 18.76
CA MET B 343 59.75 -27.95 17.87
C MET B 343 60.18 -27.54 16.46
N PHE B 344 59.71 -26.39 15.98
CA PHE B 344 59.99 -26.00 14.61
C PHE B 344 61.44 -25.59 14.44
N SER B 345 62.06 -25.07 15.49
CA SER B 345 63.42 -24.55 15.39
C SER B 345 64.46 -25.64 15.16
N ASN B 346 64.11 -26.90 15.40
CA ASN B 346 65.04 -28.02 15.22
C ASN B 346 64.45 -29.03 14.25
N LYS B 347 63.73 -28.55 13.24
CA LYS B 347 62.96 -29.41 12.37
C LYS B 347 63.84 -30.00 11.27
N MET B 348 63.35 -31.07 10.65
CA MET B 348 64.05 -31.74 9.57
C MET B 348 63.16 -31.71 8.33
N ALA B 349 63.79 -31.54 7.17
CA ALA B 349 63.10 -31.48 5.89
C ALA B 349 63.44 -32.72 5.09
N ARG B 350 62.42 -33.47 4.66
CA ARG B 350 62.64 -34.66 3.86
C ARG B 350 62.97 -34.26 2.43
N LEU B 351 63.54 -35.23 1.68
CA LEU B 351 64.02 -34.98 0.32
C LEU B 351 63.20 -35.76 -0.71
N GLY B 352 61.93 -36.00 -0.43
CA GLY B 352 61.03 -36.53 -1.44
C GLY B 352 61.41 -37.92 -1.93
N LYS B 353 60.95 -38.22 -3.15
CA LYS B 353 61.13 -39.54 -3.73
C LYS B 353 62.60 -39.83 -4.00
N GLY B 354 63.30 -38.92 -4.67
CA GLY B 354 64.69 -39.13 -5.01
C GLY B 354 65.06 -38.55 -6.36
N TYR B 355 65.70 -39.36 -7.20
CA TYR B 355 66.13 -38.93 -8.52
C TYR B 355 65.93 -40.06 -9.52
N MET B 356 65.88 -39.68 -10.81
CA MET B 356 65.71 -40.62 -11.90
C MET B 356 66.94 -40.57 -12.79
N PHE B 357 67.51 -41.73 -13.09
CA PHE B 357 68.69 -41.85 -13.93
C PHE B 357 68.33 -42.62 -15.20
N GLU B 358 68.68 -42.05 -16.35
CA GLU B 358 68.37 -42.64 -17.65
C GLU B 358 69.66 -42.82 -18.44
N SER B 359 69.80 -43.99 -19.06
CA SER B 359 70.95 -44.31 -19.90
C SER B 359 70.44 -44.55 -21.31
N LYS B 360 70.95 -43.77 -22.27
CA LYS B 360 70.50 -43.87 -23.65
C LYS B 360 71.11 -45.07 -24.36
N SER B 361 72.32 -45.49 -23.98
CA SER B 361 72.99 -46.58 -24.68
C SER B 361 72.16 -47.85 -24.63
N MET B 362 71.60 -48.17 -23.47
CA MET B 362 70.75 -49.34 -23.29
C MET B 362 69.31 -48.96 -22.99
N LYS B 363 68.95 -47.69 -23.15
CA LYS B 363 67.62 -47.18 -22.82
C LYS B 363 67.13 -47.81 -21.51
N LEU B 364 67.90 -47.57 -20.46
CA LEU B 364 67.67 -48.17 -19.14
C LEU B 364 67.43 -47.07 -18.13
N ARG B 365 66.32 -47.18 -17.40
CA ARG B 365 65.91 -46.17 -16.42
C ARG B 365 65.90 -46.78 -15.03
N THR B 366 66.30 -45.98 -14.05
CA THR B 366 66.33 -46.44 -12.66
C THR B 366 65.98 -45.27 -11.75
N GLN B 367 65.52 -45.61 -10.55
CA GLN B 367 65.16 -44.64 -9.52
C GLN B 367 66.13 -44.79 -8.36
N VAL B 368 66.75 -43.69 -7.97
CA VAL B 368 67.67 -43.66 -6.84
C VAL B 368 66.99 -42.91 -5.70
N PRO B 369 66.61 -43.57 -4.61
CA PRO B 369 66.00 -42.84 -3.48
C PRO B 369 66.96 -41.84 -2.89
N ALA B 370 66.40 -40.75 -2.35
CA ALA B 370 67.22 -39.68 -1.80
C ALA B 370 68.02 -40.12 -0.58
N GLU B 371 67.64 -41.23 0.06
CA GLU B 371 68.34 -41.66 1.26
C GLU B 371 69.83 -41.84 0.99
N MET B 372 70.17 -42.52 -0.08
CA MET B 372 71.57 -42.77 -0.44
C MET B 372 72.23 -41.56 -1.09
N LEU B 373 71.49 -40.46 -1.28
CA LEU B 373 72.09 -39.27 -1.88
C LEU B 373 73.29 -38.79 -1.09
N ALA B 374 73.34 -39.11 0.21
CA ALA B 374 74.49 -38.73 1.03
C ALA B 374 75.77 -39.41 0.55
N ASN B 375 75.68 -40.68 0.17
CA ASN B 375 76.85 -41.50 -0.13
C ASN B 375 76.83 -42.02 -1.56
N ILE B 376 76.51 -41.15 -2.51
CA ILE B 376 76.55 -41.47 -3.94
C ILE B 376 77.48 -40.49 -4.63
N ASP B 377 78.20 -40.99 -5.63
CA ASP B 377 79.17 -40.17 -6.34
C ASP B 377 78.48 -39.00 -7.03
N LEU B 378 79.28 -37.99 -7.37
CA LEU B 378 78.80 -36.72 -7.90
C LEU B 378 79.07 -36.61 -9.40
N LYS B 379 78.95 -37.73 -10.13
CA LYS B 379 79.15 -37.73 -11.57
C LYS B 379 77.87 -37.94 -12.37
N TYR B 380 76.82 -38.50 -11.75
CA TYR B 380 75.54 -38.67 -12.44
C TYR B 380 74.70 -37.39 -12.44
N PHE B 381 75.14 -36.34 -11.76
CA PHE B 381 74.35 -35.13 -11.59
C PHE B 381 74.99 -33.96 -12.35
N ASN B 382 74.15 -33.13 -12.95
CA ASN B 382 74.63 -31.96 -13.68
C ASN B 382 75.29 -30.97 -12.72
N LYS B 383 75.83 -29.89 -13.28
CA LYS B 383 76.59 -28.93 -12.49
C LYS B 383 75.74 -28.32 -11.39
N SER B 384 74.52 -27.88 -11.72
CA SER B 384 73.67 -27.24 -10.73
C SER B 384 73.31 -28.22 -9.61
N THR B 385 72.93 -29.44 -9.98
CA THR B 385 72.64 -30.45 -8.97
C THR B 385 73.89 -30.82 -8.18
N ARG B 386 75.05 -30.81 -8.83
CA ARG B 386 76.29 -31.06 -8.11
C ARG B 386 76.52 -30.00 -7.04
N GLU B 387 76.31 -28.72 -7.38
CA GLU B 387 76.43 -27.66 -6.39
C GLU B 387 75.43 -27.85 -5.26
N LYS B 388 74.18 -28.17 -5.61
CA LYS B 388 73.17 -28.37 -4.58
C LYS B 388 73.58 -29.47 -3.61
N ILE B 389 74.02 -30.61 -4.15
CA ILE B 389 74.38 -31.74 -3.29
C ILE B 389 75.62 -31.40 -2.46
N GLU B 390 76.58 -30.70 -3.06
CA GLU B 390 77.79 -30.33 -2.32
C GLU B 390 77.44 -29.42 -1.16
N LYS B 391 76.50 -28.48 -1.36
CA LYS B 391 76.14 -27.57 -0.28
C LYS B 391 75.30 -28.27 0.78
N ILE B 392 74.44 -29.22 0.37
CA ILE B 392 73.50 -29.83 1.31
C ILE B 392 74.04 -31.08 1.99
N ARG B 393 75.18 -31.60 1.56
CA ARG B 393 75.73 -32.80 2.20
C ARG B 393 76.04 -32.60 3.67
N PRO B 394 76.73 -31.53 4.09
CA PRO B 394 77.05 -31.40 5.52
C PRO B 394 75.83 -31.29 6.43
N LEU B 395 74.67 -30.91 5.89
CA LEU B 395 73.46 -30.73 6.67
C LEU B 395 72.52 -31.93 6.59
N LEU B 396 72.96 -33.03 6.01
CA LEU B 396 72.09 -34.18 5.76
C LEU B 396 72.27 -35.23 6.85
N ILE B 397 71.18 -35.56 7.54
CA ILE B 397 71.19 -36.53 8.63
C ILE B 397 70.10 -37.55 8.36
N ASP B 398 70.47 -38.82 8.26
CA ASP B 398 69.51 -39.92 8.12
C ASP B 398 68.55 -39.66 6.96
N GLY B 399 69.07 -39.13 5.87
CA GLY B 399 68.25 -38.86 4.70
C GLY B 399 67.38 -37.63 4.80
N THR B 400 67.57 -36.80 5.84
CA THR B 400 66.80 -35.58 6.03
C THR B 400 67.74 -34.44 6.34
N ALA B 401 67.43 -33.25 5.81
CA ALA B 401 68.29 -32.09 6.00
C ALA B 401 67.80 -31.27 7.19
N SER B 402 68.74 -30.85 8.04
CA SER B 402 68.40 -30.07 9.23
C SER B 402 68.28 -28.60 8.84
N LEU B 403 67.06 -28.08 8.93
CA LEU B 403 66.75 -26.69 8.56
C LEU B 403 66.27 -25.96 9.82
N SER B 404 67.20 -25.40 10.58
CA SER B 404 66.86 -24.66 11.79
C SER B 404 66.27 -23.29 11.42
N PRO B 405 67.00 -22.43 10.72
CA PRO B 405 66.44 -21.12 10.37
C PRO B 405 65.40 -21.22 9.27
N GLY B 406 64.59 -20.17 9.17
CA GLY B 406 63.53 -20.12 8.19
C GLY B 406 62.32 -20.95 8.62
N MET B 407 61.32 -20.96 7.76
CA MET B 407 60.07 -21.63 8.07
C MET B 407 59.45 -22.15 6.77
N MET B 408 58.35 -22.88 6.92
CA MET B 408 57.57 -23.38 5.81
C MET B 408 56.23 -22.65 5.76
N MET B 409 55.59 -22.70 4.59
CA MET B 409 54.36 -21.96 4.38
C MET B 409 53.18 -22.62 5.06
N GLY B 410 52.12 -21.84 5.27
CA GLY B 410 50.84 -22.37 5.71
C GLY B 410 50.74 -22.73 7.17
N MET B 411 51.74 -22.39 7.98
CA MET B 411 51.72 -22.74 9.40
C MET B 411 51.70 -21.52 10.30
N PHE B 412 52.62 -20.58 10.11
CA PHE B 412 52.74 -19.41 10.97
C PHE B 412 52.38 -18.13 10.22
N ASN B 413 51.37 -18.21 9.35
CA ASN B 413 50.93 -17.04 8.62
C ASN B 413 50.41 -15.96 9.57
N MET B 414 49.60 -16.36 10.54
CA MET B 414 48.92 -15.37 11.39
C MET B 414 49.90 -14.68 12.34
N LEU B 415 50.84 -15.42 12.91
CA LEU B 415 51.80 -14.79 13.81
C LEU B 415 52.70 -13.82 13.05
N SER B 416 53.09 -14.19 11.82
CA SER B 416 53.85 -13.29 10.98
C SER B 416 53.02 -12.05 10.65
N THR B 417 51.73 -12.22 10.39
CA THR B 417 50.85 -11.07 10.20
C THR B 417 50.84 -10.19 11.44
N VAL B 418 50.84 -10.79 12.62
CA VAL B 418 50.87 -10.02 13.86
C VAL B 418 52.15 -9.19 13.94
N LEU B 419 53.28 -9.80 13.61
CA LEU B 419 54.55 -9.06 13.64
C LEU B 419 54.53 -7.90 12.63
N GLY B 420 54.02 -8.16 11.43
CA GLY B 420 53.93 -7.10 10.44
C GLY B 420 53.03 -5.97 10.90
N VAL B 421 51.90 -6.30 11.50
CA VAL B 421 51.00 -5.28 12.01
C VAL B 421 51.65 -4.51 13.15
N SER B 422 52.47 -5.18 13.95
CA SER B 422 53.20 -4.49 15.01
C SER B 422 54.15 -3.45 14.44
N ILE B 423 54.93 -3.85 13.43
CA ILE B 423 55.87 -2.88 12.85
C ILE B 423 55.12 -1.74 12.18
N LEU B 424 53.97 -2.04 11.56
CA LEU B 424 53.16 -0.98 10.98
C LEU B 424 52.67 -0.01 12.06
N ASN B 425 52.10 -0.56 13.14
CA ASN B 425 51.61 0.26 14.24
C ASN B 425 52.72 1.10 14.87
N LEU B 426 53.97 0.66 14.75
CA LEU B 426 55.07 1.47 15.24
C LEU B 426 55.16 2.81 14.53
N GLY B 427 54.46 2.97 13.41
CA GLY B 427 54.55 4.19 12.61
C GLY B 427 53.81 5.39 13.16
N GLN B 428 52.96 5.21 14.17
CA GLN B 428 52.20 6.32 14.71
C GLN B 428 53.10 7.53 14.96
N LYS B 429 52.55 8.72 14.75
CA LYS B 429 53.36 9.93 14.79
C LYS B 429 54.11 10.08 16.10
N LYS B 430 53.53 9.58 17.20
CA LYS B 430 54.21 9.71 18.49
C LYS B 430 55.53 8.96 18.50
N TYR B 431 55.56 7.75 17.93
CA TYR B 431 56.79 6.96 17.91
C TYR B 431 57.85 7.60 17.03
N THR B 432 57.46 8.07 15.84
CA THR B 432 58.44 8.56 14.88
C THR B 432 59.12 9.84 15.36
N LYS B 433 58.45 10.63 16.19
CA LYS B 433 59.02 11.85 16.76
C LYS B 433 59.24 12.92 15.70
N THR B 434 58.88 12.63 14.44
CA THR B 434 59.10 13.56 13.36
C THR B 434 57.82 13.65 12.52
N THR B 435 57.84 14.57 11.55
CA THR B 435 56.62 14.89 10.81
C THR B 435 56.04 13.67 10.10
N TYR B 436 56.90 12.88 9.44
CA TYR B 436 56.40 11.76 8.66
C TYR B 436 55.70 10.74 9.56
N TRP B 437 54.76 10.00 8.97
CA TRP B 437 54.13 8.90 9.70
C TRP B 437 53.39 8.02 8.69
N TRP B 438 53.26 6.74 9.03
CA TRP B 438 52.74 5.76 8.09
C TRP B 438 51.70 4.87 8.75
N ASP B 439 51.01 4.12 7.90
CA ASP B 439 49.99 3.15 8.32
C ASP B 439 49.78 2.18 7.17
N GLY B 440 48.76 1.35 7.26
CA GLY B 440 48.41 0.41 6.20
C GLY B 440 48.10 -0.97 6.73
N LEU B 441 47.81 -1.88 5.80
CA LEU B 441 47.44 -3.24 6.14
C LEU B 441 48.64 -4.16 6.08
N GLN B 442 48.41 -5.44 6.39
CA GLN B 442 49.43 -6.48 6.28
C GLN B 442 48.72 -7.82 6.28
N SER B 443 48.87 -8.58 5.20
CA SER B 443 48.29 -9.92 5.08
C SER B 443 49.38 -10.96 4.91
N SER B 444 50.50 -10.77 5.61
CA SER B 444 51.61 -11.72 5.59
C SER B 444 52.35 -11.68 4.26
N ASP B 445 51.78 -12.27 3.22
CA ASP B 445 52.47 -12.37 1.94
C ASP B 445 52.73 -10.99 1.35
N ASP B 446 51.70 -10.15 1.29
CA ASP B 446 51.77 -8.83 0.65
C ASP B 446 51.35 -7.77 1.65
N PHE B 447 51.47 -6.51 1.25
CA PHE B 447 51.04 -5.41 2.10
C PHE B 447 50.93 -4.14 1.28
N ALA B 448 50.40 -3.09 1.92
CA ALA B 448 50.20 -1.79 1.29
C ALA B 448 50.42 -0.72 2.35
N LEU B 449 51.60 -0.08 2.30
CA LEU B 449 51.89 1.02 3.21
C LEU B 449 51.31 2.31 2.68
N ILE B 450 51.07 3.25 3.59
CA ILE B 450 50.68 4.61 3.24
C ILE B 450 51.47 5.57 4.13
N VAL B 451 52.14 6.53 3.50
CA VAL B 451 53.09 7.42 4.18
C VAL B 451 52.65 8.86 3.95
N ASN B 452 52.56 9.64 5.02
CA ASN B 452 52.25 11.06 4.96
C ASN B 452 53.43 11.85 5.49
N ALA B 453 53.74 12.96 4.83
CA ALA B 453 54.86 13.79 5.24
C ALA B 453 54.73 15.15 4.57
N PRO B 454 55.46 16.17 5.06
CA PRO B 454 55.32 17.51 4.48
C PRO B 454 55.83 17.62 3.05
N ASN B 455 57.07 17.17 2.81
CA ASN B 455 57.71 17.28 1.51
C ASN B 455 58.08 15.88 1.02
N HIS B 456 58.57 15.82 -0.22
CA HIS B 456 59.04 14.55 -0.75
C HIS B 456 60.25 14.05 0.02
N GLU B 457 61.03 14.97 0.59
CA GLU B 457 62.09 14.57 1.51
C GLU B 457 61.51 13.84 2.70
N GLY B 458 60.39 14.33 3.23
CA GLY B 458 59.74 13.66 4.33
C GLY B 458 59.25 12.27 3.96
N ILE B 459 58.69 12.14 2.75
CA ILE B 459 58.24 10.82 2.30
C ILE B 459 59.42 9.87 2.19
N GLN B 460 60.53 10.35 1.62
CA GLN B 460 61.71 9.51 1.50
C GLN B 460 62.21 9.08 2.88
N ALA B 461 62.28 10.02 3.83
CA ALA B 461 62.76 9.69 5.16
C ALA B 461 61.84 8.68 5.84
N GLY B 462 60.52 8.86 5.71
CA GLY B 462 59.60 7.91 6.30
C GLY B 462 59.74 6.52 5.72
N VAL B 463 59.86 6.42 4.40
CA VAL B 463 60.01 5.10 3.78
C VAL B 463 61.33 4.48 4.20
N ASP B 464 62.40 5.28 4.28
CA ASP B 464 63.68 4.75 4.70
C ASP B 464 63.60 4.20 6.12
N ARG B 465 62.97 4.94 7.03
CA ARG B 465 62.84 4.49 8.41
C ARG B 465 62.02 3.21 8.48
N PHE B 466 60.90 3.16 7.76
CA PHE B 466 60.08 1.95 7.75
C PHE B 466 60.88 0.76 7.25
N TYR B 467 61.62 0.96 6.15
CA TYR B 467 62.40 -0.13 5.58
C TYR B 467 63.46 -0.63 6.56
N ARG B 468 64.18 0.30 7.19
CA ARG B 468 65.23 -0.09 8.11
C ARG B 468 64.67 -0.82 9.32
N THR B 469 63.53 -0.34 9.84
CA THR B 469 62.93 -1.04 10.97
C THR B 469 62.46 -2.43 10.59
N CYS B 470 61.84 -2.57 9.41
CA CYS B 470 61.43 -3.89 8.95
C CYS B 470 62.64 -4.81 8.81
N LYS B 471 63.76 -4.28 8.33
CA LYS B 471 64.98 -5.07 8.25
C LYS B 471 65.45 -5.50 9.64
N LEU B 472 65.44 -4.57 10.60
CA LEU B 472 65.91 -4.90 11.94
C LEU B 472 65.05 -5.99 12.57
N VAL B 473 63.72 -5.90 12.40
CA VAL B 473 62.85 -6.95 12.90
C VAL B 473 63.07 -8.26 12.15
N GLY B 474 63.69 -8.21 10.98
CA GLY B 474 63.93 -9.39 10.19
C GLY B 474 62.95 -9.59 9.04
N ILE B 475 62.43 -8.51 8.47
CA ILE B 475 61.46 -8.58 7.38
C ILE B 475 62.07 -7.87 6.18
N ASN B 476 62.00 -8.52 5.02
CA ASN B 476 62.50 -7.97 3.77
C ASN B 476 61.33 -7.73 2.83
N MET B 477 61.20 -6.49 2.36
CA MET B 477 60.18 -6.13 1.40
C MET B 477 60.77 -6.24 0.00
N SER B 478 60.05 -6.93 -0.88
CA SER B 478 60.52 -7.15 -2.24
C SER B 478 60.61 -5.81 -2.97
N LYS B 479 61.85 -5.33 -3.17
CA LYS B 479 62.02 -4.04 -3.82
C LYS B 479 61.53 -4.05 -5.26
N LYS B 480 61.66 -5.20 -5.95
CA LYS B 480 61.23 -5.26 -7.34
C LYS B 480 59.72 -5.28 -7.46
N LYS B 481 59.05 -6.07 -6.61
CA LYS B 481 57.60 -6.22 -6.69
C LYS B 481 56.84 -5.09 -6.01
N SER B 482 57.54 -4.15 -5.37
CA SER B 482 56.91 -3.08 -4.60
C SER B 482 57.10 -1.76 -5.33
N TYR B 483 56.00 -1.06 -5.59
CA TYR B 483 56.04 0.25 -6.24
C TYR B 483 55.19 1.24 -5.47
N ILE B 484 55.58 2.51 -5.55
CA ILE B 484 55.00 3.58 -4.76
C ILE B 484 54.38 4.61 -5.69
N ASN B 485 53.12 4.97 -5.43
CA ASN B 485 52.41 5.99 -6.19
C ASN B 485 51.57 6.82 -5.24
N ARG B 486 51.31 8.07 -5.62
CA ARG B 486 50.51 8.94 -4.76
C ARG B 486 49.20 8.25 -4.37
N THR B 487 48.67 8.62 -3.20
CA THR B 487 47.52 7.91 -2.65
C THR B 487 46.33 7.98 -3.59
N GLY B 488 45.57 6.90 -3.62
CA GLY B 488 44.38 6.82 -4.45
C GLY B 488 44.25 5.50 -5.18
N THR B 489 45.39 4.86 -5.46
CA THR B 489 45.43 3.61 -6.20
C THR B 489 46.42 2.66 -5.55
N PHE B 490 46.08 1.37 -5.50
CA PHE B 490 47.01 0.36 -5.01
C PHE B 490 46.41 -1.02 -5.28
N GLU B 491 47.11 -2.05 -4.81
CA GLU B 491 46.61 -3.42 -4.83
C GLU B 491 46.92 -4.08 -3.49
N PHE B 492 46.12 -5.08 -3.15
CA PHE B 492 46.31 -5.81 -1.90
C PHE B 492 45.63 -7.16 -2.03
N THR B 493 46.43 -8.23 -2.07
CA THR B 493 45.91 -9.59 -2.19
C THR B 493 44.82 -9.68 -3.26
N SER B 494 45.20 -9.34 -4.49
CA SER B 494 44.35 -9.43 -5.68
C SER B 494 43.15 -8.50 -5.63
N PHE B 495 43.08 -7.60 -4.65
CA PHE B 495 42.05 -6.58 -4.60
C PHE B 495 42.65 -5.28 -5.13
N PHE B 496 42.12 -4.78 -6.24
CA PHE B 496 42.67 -3.61 -6.91
C PHE B 496 41.85 -2.39 -6.55
N TYR B 497 42.47 -1.42 -5.89
CA TYR B 497 41.80 -0.20 -5.47
C TYR B 497 42.19 0.94 -6.40
N ARG B 498 41.18 1.62 -6.96
CA ARG B 498 41.37 2.74 -7.88
C ARG B 498 40.34 3.82 -7.53
N TYR B 499 40.79 4.87 -6.86
CA TYR B 499 39.96 6.03 -6.56
C TYR B 499 38.62 5.60 -5.97
N GLY B 500 38.64 4.64 -5.06
CA GLY B 500 37.48 4.19 -4.35
C GLY B 500 36.84 2.94 -4.89
N PHE B 501 37.12 2.57 -6.14
CA PHE B 501 36.55 1.38 -6.74
C PHE B 501 37.48 0.20 -6.48
N VAL B 502 36.94 -0.85 -5.85
CA VAL B 502 37.71 -2.04 -5.51
C VAL B 502 37.23 -3.18 -6.40
N ALA B 503 38.17 -3.79 -7.11
CA ALA B 503 37.91 -4.92 -7.98
C ALA B 503 38.46 -6.19 -7.35
N ASN B 504 37.64 -7.23 -7.28
CA ASN B 504 37.96 -8.49 -6.62
C ASN B 504 38.21 -9.57 -7.67
N PHE B 505 39.42 -10.14 -7.64
CA PHE B 505 39.73 -11.28 -8.51
C PHE B 505 40.60 -12.29 -7.79
N SER B 506 40.45 -12.41 -6.46
CA SER B 506 41.27 -13.34 -5.70
C SER B 506 41.02 -14.78 -6.14
N MET B 507 39.76 -15.13 -6.40
CA MET B 507 39.41 -16.49 -6.82
C MET B 507 38.95 -16.57 -8.27
N GLU B 508 38.54 -15.46 -8.87
CA GLU B 508 38.08 -15.46 -10.25
C GLU B 508 36.82 -16.29 -10.41
N LEU B 509 36.48 -16.67 -11.64
CA LEU B 509 35.23 -17.38 -11.88
C LEU B 509 35.27 -18.74 -11.20
N PRO B 510 34.18 -19.16 -10.56
CA PRO B 510 34.14 -20.49 -9.94
C PRO B 510 33.88 -21.57 -11.00
N SER B 511 33.71 -22.80 -10.52
CA SER B 511 33.43 -23.94 -11.38
C SER B 511 31.92 -24.08 -11.51
N PHE B 512 31.40 -23.85 -12.71
CA PHE B 512 29.97 -23.93 -12.96
C PHE B 512 29.53 -25.31 -13.45
N GLY B 513 30.46 -26.25 -13.61
CA GLY B 513 30.08 -27.58 -13.99
C GLY B 513 29.45 -28.34 -12.84
N VAL B 514 28.78 -29.45 -13.18
CA VAL B 514 28.14 -30.28 -12.15
C VAL B 514 29.20 -30.71 -11.15
N SER B 515 28.95 -30.43 -9.86
CA SER B 515 29.93 -30.73 -8.84
C SER B 515 30.21 -32.22 -8.74
N GLY B 516 29.17 -33.04 -8.86
CA GLY B 516 29.33 -34.48 -8.89
C GLY B 516 28.99 -35.17 -7.59
N ILE B 517 27.91 -34.73 -6.94
CA ILE B 517 27.42 -35.39 -5.74
C ILE B 517 26.36 -36.40 -6.16
N ASN B 518 25.28 -35.90 -6.73
CA ASN B 518 24.22 -36.70 -7.34
C ASN B 518 23.39 -35.75 -8.17
N GLU B 519 22.26 -36.24 -8.70
CA GLU B 519 21.43 -35.40 -9.56
C GLU B 519 20.94 -34.17 -8.81
N SER B 520 20.13 -34.40 -7.77
CA SER B 520 19.51 -33.28 -7.06
C SER B 520 20.56 -32.39 -6.41
N ALA B 521 21.56 -32.99 -5.77
CA ALA B 521 22.59 -32.19 -5.12
C ALA B 521 23.33 -31.32 -6.12
N ASP B 522 23.68 -31.88 -7.28
CA ASP B 522 24.39 -31.10 -8.29
C ASP B 522 23.53 -29.96 -8.82
N MET B 523 22.26 -30.23 -9.09
CA MET B 523 21.38 -29.16 -9.57
C MET B 523 21.29 -28.04 -8.55
N SER B 524 21.02 -28.38 -7.28
CA SER B 524 20.90 -27.37 -6.25
C SER B 524 22.20 -26.59 -6.08
N VAL B 525 23.33 -27.29 -6.11
CA VAL B 525 24.62 -26.61 -5.92
C VAL B 525 24.88 -25.65 -7.07
N GLY B 526 24.58 -26.06 -8.30
CA GLY B 526 24.81 -25.17 -9.44
C GLY B 526 23.96 -23.91 -9.35
N VAL B 527 22.67 -24.08 -9.11
CA VAL B 527 21.80 -22.90 -9.03
C VAL B 527 22.23 -22.01 -7.87
N THR B 528 22.56 -22.61 -6.72
CA THR B 528 22.94 -21.83 -5.56
C THR B 528 24.24 -21.08 -5.79
N VAL B 529 25.21 -21.69 -6.47
CA VAL B 529 26.47 -21.00 -6.71
C VAL B 529 26.27 -19.85 -7.69
N ILE B 530 25.40 -20.04 -8.70
CA ILE B 530 25.08 -18.92 -9.58
C ILE B 530 24.48 -17.78 -8.77
N LYS B 531 23.53 -18.11 -7.89
CA LYS B 531 22.88 -17.08 -7.07
C LYS B 531 23.89 -16.37 -6.18
N ASN B 532 24.78 -17.13 -5.53
CA ASN B 532 25.75 -16.53 -4.62
C ASN B 532 26.73 -15.63 -5.38
N ASN B 533 27.15 -16.06 -6.58
CA ASN B 533 28.00 -15.20 -7.40
C ASN B 533 27.27 -13.91 -7.76
N MET B 534 25.99 -14.01 -8.08
CA MET B 534 25.23 -12.79 -8.38
C MET B 534 25.17 -11.87 -7.19
N ILE B 535 24.93 -12.42 -5.99
CA ILE B 535 24.78 -11.58 -4.81
C ILE B 535 26.11 -10.93 -4.43
N ASN B 536 27.18 -11.73 -4.37
CA ASN B 536 28.46 -11.28 -3.83
C ASN B 536 29.50 -11.00 -4.90
N ASN B 537 29.64 -11.88 -5.88
CA ASN B 537 30.72 -11.79 -6.85
C ASN B 537 30.43 -10.81 -7.99
N ASP B 538 29.45 -9.92 -7.83
CA ASP B 538 29.20 -8.84 -8.77
C ASP B 538 28.83 -9.36 -10.16
N LEU B 539 28.35 -10.59 -10.25
CA LEU B 539 27.99 -11.16 -11.54
C LEU B 539 26.74 -10.47 -12.08
N GLY B 540 26.62 -10.47 -13.41
CA GLY B 540 25.56 -9.75 -14.07
C GLY B 540 24.33 -10.61 -14.32
N PRO B 541 23.22 -9.97 -14.72
CA PRO B 541 22.00 -10.73 -15.00
C PRO B 541 22.13 -11.62 -16.23
N ALA B 542 22.59 -11.04 -17.34
CA ALA B 542 22.78 -11.81 -18.56
C ALA B 542 23.84 -12.89 -18.36
N THR B 543 24.91 -12.56 -17.64
CA THR B 543 25.93 -13.55 -17.34
C THR B 543 25.34 -14.70 -16.53
N ALA B 544 24.47 -14.39 -15.57
CA ALA B 544 23.82 -15.44 -14.78
C ALA B 544 22.93 -16.31 -15.66
N GLN B 545 22.18 -15.68 -16.59
CA GLN B 545 21.33 -16.46 -17.48
C GLN B 545 22.15 -17.41 -18.34
N MET B 546 23.25 -16.91 -18.90
CA MET B 546 24.11 -17.77 -19.72
C MET B 546 24.72 -18.88 -18.89
N ALA B 547 25.14 -18.56 -17.66
CA ALA B 547 25.70 -19.59 -16.79
C ALA B 547 24.68 -20.67 -16.50
N LEU B 548 23.42 -20.28 -16.27
CA LEU B 548 22.37 -21.27 -16.04
C LEU B 548 22.16 -22.13 -17.28
N GLN B 549 22.19 -21.51 -18.47
CA GLN B 549 22.01 -22.27 -19.71
C GLN B 549 23.13 -23.30 -19.86
N LEU B 550 24.38 -22.86 -19.68
CA LEU B 550 25.51 -23.77 -19.80
C LEU B 550 25.42 -24.89 -18.78
N PHE B 551 25.05 -24.55 -17.54
CA PHE B 551 24.95 -25.56 -16.49
C PHE B 551 23.87 -26.59 -16.81
N ILE B 552 22.71 -26.15 -17.31
CA ILE B 552 21.65 -27.10 -17.60
C ILE B 552 22.06 -28.01 -18.75
N LYS B 553 22.74 -27.46 -19.77
CA LYS B 553 23.22 -28.30 -20.86
C LYS B 553 24.22 -29.34 -20.35
N ASP B 554 25.16 -28.90 -19.51
CA ASP B 554 26.15 -29.82 -18.95
C ASP B 554 25.49 -30.90 -18.12
N TYR B 555 24.51 -30.52 -17.30
CA TYR B 555 23.78 -31.49 -16.48
C TYR B 555 23.09 -32.52 -17.36
N ARG B 556 22.36 -32.06 -18.37
CA ARG B 556 21.62 -32.99 -19.23
C ARG B 556 22.57 -33.94 -19.94
N TYR B 557 23.69 -33.44 -20.44
CA TYR B 557 24.67 -34.33 -21.07
C TYR B 557 25.22 -35.34 -20.07
N THR B 558 25.62 -34.86 -18.89
CA THR B 558 26.32 -35.72 -17.94
C THR B 558 25.44 -36.85 -17.45
N TYR B 559 24.17 -36.56 -17.14
CA TYR B 559 23.30 -37.54 -16.50
C TYR B 559 22.41 -38.29 -17.48
N ARG B 560 22.64 -38.14 -18.78
CA ARG B 560 21.89 -38.88 -19.80
C ARG B 560 20.39 -38.66 -19.67
N CYS B 561 19.99 -37.51 -19.15
CA CYS B 561 18.59 -37.19 -18.89
C CYS B 561 18.03 -36.21 -19.90
N HIS B 562 18.42 -36.35 -21.17
CA HIS B 562 17.96 -35.43 -22.21
C HIS B 562 16.43 -35.40 -22.25
N ARG B 563 15.91 -34.37 -22.92
CA ARG B 563 14.47 -34.17 -22.99
C ARG B 563 13.80 -35.41 -23.55
N GLY B 564 12.65 -35.76 -22.97
CA GLY B 564 11.93 -36.93 -23.43
C GLY B 564 11.54 -36.84 -24.89
N ASP B 565 11.21 -35.64 -25.35
CA ASP B 565 10.85 -35.46 -26.76
C ASP B 565 12.07 -35.61 -27.67
N THR B 566 13.19 -34.99 -27.31
CA THR B 566 14.36 -34.99 -28.17
C THR B 566 14.93 -36.40 -28.32
N GLN B 567 15.53 -36.66 -29.48
CA GLN B 567 16.19 -37.92 -29.79
C GLN B 567 17.69 -37.69 -29.78
N ILE B 568 18.38 -38.31 -28.81
CA ILE B 568 19.83 -38.19 -28.72
C ILE B 568 20.44 -39.58 -28.62
N GLN B 569 19.60 -40.60 -28.42
CA GLN B 569 20.04 -41.99 -28.40
C GLN B 569 21.18 -42.21 -27.41
N THR B 570 20.88 -41.98 -26.15
CA THR B 570 21.75 -42.39 -25.05
C THR B 570 21.22 -43.70 -24.46
N ARG B 571 21.94 -44.22 -23.47
CA ARG B 571 21.50 -45.45 -22.82
C ARG B 571 20.15 -45.25 -22.13
N ARG B 572 19.95 -44.08 -21.52
CA ARG B 572 18.75 -43.80 -20.75
C ARG B 572 17.59 -43.29 -21.59
N ALA B 573 17.81 -43.03 -22.88
CA ALA B 573 16.83 -42.31 -23.67
C ALA B 573 15.51 -43.08 -23.79
N PHE B 574 15.59 -44.40 -23.93
CA PHE B 574 14.37 -45.18 -24.16
C PHE B 574 13.40 -45.08 -22.98
N GLU B 575 13.92 -45.25 -21.76
CA GLU B 575 13.04 -45.21 -20.60
C GLU B 575 12.46 -43.82 -20.39
N LEU B 576 13.27 -42.78 -20.60
CA LEU B 576 12.75 -41.43 -20.54
C LEU B 576 11.65 -41.21 -21.57
N GLY B 577 11.84 -41.75 -22.77
CA GLY B 577 10.80 -41.64 -23.80
C GLY B 577 9.52 -42.33 -23.39
N LYS B 578 9.63 -43.52 -22.80
CA LYS B 578 8.45 -44.22 -22.32
C LYS B 578 7.74 -43.42 -21.23
N LEU B 579 8.52 -42.87 -20.30
CA LEU B 579 7.93 -42.06 -19.23
C LEU B 579 7.21 -40.84 -19.81
N TRP B 580 7.85 -40.15 -20.76
CA TRP B 580 7.24 -38.99 -21.38
C TRP B 580 5.96 -39.38 -22.11
N GLU B 581 5.97 -40.49 -22.84
CA GLU B 581 4.78 -40.98 -23.50
C GLU B 581 3.71 -41.43 -22.52
N GLN B 582 4.07 -41.66 -21.26
CA GLN B 582 3.11 -42.11 -20.26
C GLN B 582 2.43 -40.94 -19.54
N THR B 583 3.19 -39.95 -19.10
CA THR B 583 2.64 -38.88 -18.29
C THR B 583 1.73 -37.96 -19.12
N ARG B 584 1.12 -37.00 -18.44
CA ARG B 584 0.25 -36.02 -19.06
C ARG B 584 0.78 -34.60 -18.95
N SER B 585 1.10 -34.15 -17.73
CA SER B 585 1.62 -32.79 -17.51
C SER B 585 3.14 -32.86 -17.63
N LYS B 586 3.61 -32.83 -18.88
CA LYS B 586 5.03 -32.97 -19.15
C LYS B 586 5.84 -31.78 -18.67
N ALA B 587 5.19 -30.68 -18.28
CA ALA B 587 5.91 -29.53 -17.75
C ALA B 587 6.30 -29.72 -16.29
N GLY B 588 5.82 -30.78 -15.64
CA GLY B 588 6.08 -31.00 -14.24
C GLY B 588 7.26 -31.91 -13.97
N LEU B 589 7.61 -32.74 -14.95
CA LEU B 589 8.70 -33.69 -14.76
C LEU B 589 10.01 -32.96 -14.48
N LEU B 590 10.86 -33.59 -13.67
CA LEU B 590 12.15 -33.00 -13.34
C LEU B 590 13.05 -32.98 -14.56
N VAL B 591 14.07 -32.12 -14.52
CA VAL B 591 15.05 -32.10 -15.59
C VAL B 591 15.66 -33.49 -15.77
N SER B 592 16.01 -34.14 -14.67
CA SER B 592 16.64 -35.45 -14.72
C SER B 592 15.67 -36.55 -15.18
N ASP B 593 14.38 -36.25 -15.29
CA ASP B 593 13.41 -37.21 -15.80
C ASP B 593 12.89 -36.83 -17.18
N GLY B 594 13.49 -35.83 -17.82
CA GLY B 594 13.06 -35.41 -19.14
C GLY B 594 12.04 -34.31 -19.09
N GLY B 595 12.36 -33.21 -18.41
CA GLY B 595 11.44 -32.10 -18.27
C GLY B 595 12.10 -30.77 -18.60
N PRO B 596 11.30 -29.77 -18.95
CA PRO B 596 11.85 -28.46 -19.27
C PRO B 596 12.48 -27.79 -18.06
N ASN B 597 13.50 -26.98 -18.34
CA ASN B 597 14.13 -26.18 -17.29
C ASN B 597 13.33 -24.91 -17.07
N LEU B 598 13.02 -24.61 -15.80
CA LEU B 598 12.14 -23.51 -15.45
C LEU B 598 12.81 -22.49 -14.53
N TYR B 599 14.14 -22.43 -14.55
CA TYR B 599 14.87 -21.51 -13.68
C TYR B 599 15.08 -20.17 -14.37
N ASN B 600 15.48 -19.18 -13.58
CA ASN B 600 15.70 -17.82 -14.05
C ASN B 600 16.23 -16.98 -12.89
N ILE B 601 16.58 -15.72 -13.14
CA ILE B 601 16.98 -14.84 -12.05
C ILE B 601 15.88 -14.73 -11.01
N ARG B 602 14.65 -15.12 -11.36
CA ARG B 602 13.54 -15.06 -10.43
C ARG B 602 13.69 -16.10 -9.32
N ASN B 603 13.78 -17.37 -9.69
CA ASN B 603 13.65 -18.47 -8.73
C ASN B 603 14.90 -19.32 -8.64
N LEU B 604 16.07 -18.69 -8.58
CA LEU B 604 17.30 -19.47 -8.39
C LEU B 604 17.34 -20.13 -7.03
N HIS B 605 16.65 -19.58 -6.04
CA HIS B 605 16.70 -20.08 -4.67
C HIS B 605 15.68 -21.18 -4.39
N ILE B 606 14.78 -21.47 -5.32
CA ILE B 606 13.72 -22.45 -5.10
C ILE B 606 14.21 -23.84 -5.49
N PRO B 607 14.17 -24.82 -4.60
CA PRO B 607 14.51 -26.19 -5.00
C PRO B 607 13.61 -26.70 -6.11
N GLU B 608 14.19 -27.52 -6.98
CA GLU B 608 13.50 -27.93 -8.20
C GLU B 608 12.18 -28.62 -7.89
N VAL B 609 12.21 -29.62 -7.02
CA VAL B 609 11.00 -30.44 -6.80
C VAL B 609 9.86 -29.56 -6.30
N CYS B 610 10.17 -28.54 -5.52
CA CYS B 610 9.16 -27.60 -5.09
C CYS B 610 8.77 -26.66 -6.23
N LEU B 611 9.75 -26.19 -6.99
CA LEU B 611 9.48 -25.17 -8.01
C LEU B 611 8.44 -25.64 -9.02
N LYS B 612 8.33 -26.96 -9.23
CA LYS B 612 7.35 -27.52 -10.15
C LYS B 612 6.49 -28.57 -9.47
N TRP B 613 6.31 -28.46 -8.16
CA TRP B 613 5.49 -29.43 -7.44
C TRP B 613 4.05 -29.38 -7.89
N GLU B 614 3.50 -28.18 -8.08
CA GLU B 614 2.10 -28.05 -8.43
C GLU B 614 1.78 -28.74 -9.76
N LEU B 615 2.68 -28.62 -10.73
CA LEU B 615 2.45 -29.20 -12.05
C LEU B 615 2.59 -30.72 -12.08
N MET B 616 3.23 -31.30 -11.06
CA MET B 616 3.57 -32.72 -11.10
C MET B 616 2.31 -33.57 -11.23
N ASP B 617 2.39 -34.61 -12.06
CA ASP B 617 1.29 -35.56 -12.18
C ASP B 617 1.18 -36.40 -10.92
N GLU B 618 -0.05 -36.85 -10.64
CA GLU B 618 -0.30 -37.56 -9.40
C GLU B 618 0.53 -38.84 -9.30
N ASP B 619 0.57 -39.64 -10.38
CA ASP B 619 1.29 -40.91 -10.33
C ASP B 619 2.79 -40.68 -10.33
N TYR B 620 3.29 -39.79 -11.19
CA TYR B 620 4.70 -39.44 -11.17
C TYR B 620 5.08 -38.83 -9.83
N GLN B 621 4.21 -37.98 -9.29
CA GLN B 621 4.47 -37.40 -7.97
C GLN B 621 4.59 -38.49 -6.90
N GLY B 622 3.70 -39.47 -6.94
CA GLY B 622 3.76 -40.54 -5.95
C GLY B 622 5.00 -41.40 -6.09
N ARG B 623 5.34 -41.79 -7.32
CA ARG B 623 6.50 -42.65 -7.53
C ARG B 623 7.80 -41.92 -7.18
N LEU B 624 7.97 -40.72 -7.72
CA LEU B 624 9.23 -39.99 -7.53
C LEU B 624 9.53 -39.77 -6.05
N CYS B 625 8.50 -39.64 -5.22
CA CYS B 625 8.67 -39.31 -3.81
C CYS B 625 8.32 -40.46 -2.90
N ASN B 626 8.19 -41.67 -3.42
CA ASN B 626 7.93 -42.83 -2.57
C ASN B 626 9.12 -43.02 -1.63
N PRO B 627 8.94 -42.91 -0.32
CA PRO B 627 10.09 -43.03 0.59
C PRO B 627 10.60 -44.44 0.78
N MET B 628 9.90 -45.45 0.26
CA MET B 628 10.35 -46.84 0.34
C MET B 628 11.20 -47.24 -0.86
N ASN B 629 11.55 -46.30 -1.73
CA ASN B 629 12.40 -46.62 -2.85
C ASN B 629 13.78 -47.06 -2.34
N PRO B 630 14.45 -47.98 -3.04
CA PRO B 630 15.75 -48.46 -2.58
C PRO B 630 16.94 -47.60 -3.01
N PHE B 631 16.70 -46.46 -3.67
CA PHE B 631 17.79 -45.64 -4.19
C PHE B 631 18.15 -44.46 -3.32
N VAL B 632 17.48 -44.26 -2.20
CA VAL B 632 17.75 -43.11 -1.34
C VAL B 632 18.66 -43.53 -0.20
N SER B 633 19.69 -42.72 0.06
CA SER B 633 20.62 -42.97 1.15
C SER B 633 20.92 -41.65 1.85
N HIS B 634 20.93 -41.68 3.18
CA HIS B 634 21.25 -40.51 4.00
C HIS B 634 22.41 -40.87 4.91
N LYS B 635 23.41 -39.99 4.97
CA LYS B 635 24.56 -40.16 5.84
C LYS B 635 24.39 -39.29 7.08
N GLU B 636 25.44 -39.24 7.91
CA GLU B 636 25.43 -38.41 9.11
C GLU B 636 25.06 -36.99 8.76
N ILE B 637 24.55 -36.24 9.75
CA ILE B 637 24.00 -34.91 9.47
C ILE B 637 25.05 -34.00 8.86
N ASP B 638 26.30 -34.10 9.31
CA ASP B 638 27.34 -33.21 8.81
C ASP B 638 27.53 -33.35 7.31
N SER B 639 27.11 -34.47 6.72
CA SER B 639 27.24 -34.70 5.28
C SER B 639 25.88 -34.74 4.58
N VAL B 640 24.82 -34.26 5.22
CA VAL B 640 23.49 -34.23 4.64
C VAL B 640 23.22 -32.82 4.12
N ASN B 641 22.85 -32.71 2.85
CA ASN B 641 22.55 -31.43 2.22
C ASN B 641 23.69 -30.44 2.44
N ASN B 642 24.92 -30.92 2.29
CA ASN B 642 26.10 -30.09 2.43
C ASN B 642 27.24 -30.77 1.69
N ALA B 643 28.07 -29.97 1.03
CA ALA B 643 29.18 -30.48 0.23
C ALA B 643 30.46 -29.75 0.59
N VAL B 644 31.58 -30.48 0.53
CA VAL B 644 32.89 -29.95 0.86
C VAL B 644 33.63 -29.64 -0.44
N VAL B 645 34.22 -28.46 -0.51
CA VAL B 645 34.95 -28.03 -1.70
C VAL B 645 36.39 -27.68 -1.34
N LYS B 653 36.93 -25.44 2.35
CA LYS B 653 35.67 -24.72 2.38
C LYS B 653 34.51 -25.66 2.05
N SER B 654 33.32 -25.34 2.60
CA SER B 654 32.13 -26.13 2.38
C SER B 654 30.94 -25.22 2.12
N MET B 655 29.96 -25.74 1.40
CA MET B 655 28.74 -25.00 1.08
C MET B 655 27.55 -25.92 1.33
N GLU B 656 26.41 -25.31 1.64
CA GLU B 656 25.19 -26.03 1.95
C GLU B 656 24.12 -25.73 0.91
N TYR B 657 23.39 -26.78 0.53
CA TYR B 657 22.37 -26.68 -0.52
C TYR B 657 21.06 -27.27 -0.01
N ASP B 658 19.96 -26.83 -0.62
CA ASP B 658 18.62 -27.29 -0.27
C ASP B 658 18.07 -28.15 -1.40
N ALA B 659 17.51 -29.30 -1.03
CA ALA B 659 16.92 -30.19 -2.02
C ALA B 659 15.97 -31.14 -1.32
N VAL B 660 15.03 -31.69 -2.09
CA VAL B 660 14.05 -32.63 -1.59
C VAL B 660 14.57 -34.05 -1.80
N ALA B 661 14.53 -34.86 -0.76
CA ALA B 661 15.05 -36.23 -0.82
C ALA B 661 14.10 -37.08 -1.66
N THR B 662 14.39 -37.19 -2.95
CA THR B 662 13.59 -37.96 -3.88
C THR B 662 14.38 -39.19 -4.35
N THR B 663 13.79 -39.92 -5.29
CA THR B 663 14.45 -41.09 -5.85
C THR B 663 15.77 -40.73 -6.53
N HIS B 664 15.97 -39.47 -6.91
CA HIS B 664 17.17 -39.03 -7.58
C HIS B 664 18.26 -38.57 -6.63
N SER B 665 18.23 -39.03 -5.38
CA SER B 665 19.23 -38.66 -4.39
C SER B 665 20.22 -39.78 -4.13
N TRP B 666 20.37 -40.71 -5.07
CA TRP B 666 21.25 -41.85 -4.88
C TRP B 666 22.69 -41.40 -4.65
N ILE B 667 23.51 -42.35 -4.23
CA ILE B 667 24.93 -42.11 -3.95
C ILE B 667 25.75 -42.97 -4.92
N PRO B 668 26.75 -42.42 -5.60
CA PRO B 668 27.48 -43.20 -6.59
C PRO B 668 28.45 -44.19 -5.96
N LYS B 669 28.92 -45.11 -6.81
CA LYS B 669 29.82 -46.16 -6.35
C LYS B 669 31.13 -45.58 -5.85
N ARG B 670 31.70 -46.23 -4.84
CA ARG B 670 33.01 -45.85 -4.33
C ARG B 670 34.12 -46.53 -5.12
N ASN B 671 35.27 -45.87 -5.19
CA ASN B 671 36.41 -46.35 -5.94
C ASN B 671 37.55 -46.70 -5.00
N ARG B 672 38.14 -47.87 -5.20
CA ARG B 672 39.33 -48.26 -4.46
C ARG B 672 39.87 -49.58 -5.01
N ARG B 680 51.59 -52.13 3.90
CA ARG B 680 52.02 -51.68 5.22
C ARG B 680 50.93 -50.89 5.92
N GLY B 681 50.11 -51.58 6.70
CA GLY B 681 49.04 -50.95 7.45
C GLY B 681 48.99 -51.43 8.88
N ILE B 682 49.09 -50.48 9.82
CA ILE B 682 49.19 -50.85 11.23
C ILE B 682 47.90 -51.52 11.70
N LEU B 683 46.76 -50.93 11.37
CA LEU B 683 45.48 -51.50 11.77
C LEU B 683 45.26 -52.82 11.05
N GLU B 684 44.94 -53.86 11.80
CA GLU B 684 44.66 -55.15 11.18
C GLU B 684 43.46 -55.06 10.26
N ASP B 685 42.41 -54.37 10.70
CA ASP B 685 41.19 -54.15 9.91
C ASP B 685 40.95 -52.66 9.86
N GLU B 686 41.18 -52.05 8.70
CA GLU B 686 41.08 -50.60 8.58
C GLU B 686 39.70 -50.07 8.92
N GLN B 687 38.67 -50.91 8.83
CA GLN B 687 37.29 -50.46 9.01
C GLN B 687 36.71 -50.88 10.36
N MET B 688 37.57 -51.22 11.33
CA MET B 688 37.04 -51.67 12.62
C MET B 688 36.22 -50.58 13.29
N TYR B 689 36.70 -49.33 13.26
CA TYR B 689 35.93 -48.23 13.85
C TYR B 689 34.65 -47.98 13.08
N GLN B 690 34.71 -47.96 11.75
CA GLN B 690 33.50 -47.76 10.96
C GLN B 690 32.52 -48.90 11.16
N LYS B 691 33.01 -50.13 11.21
CA LYS B 691 32.15 -51.27 11.52
C LYS B 691 31.52 -51.11 12.90
N CYS B 692 32.28 -50.56 13.85
CA CYS B 692 31.80 -50.44 15.22
C CYS B 692 30.69 -49.38 15.32
N CYS B 693 30.92 -48.21 14.74
CA CYS B 693 29.91 -47.16 14.79
C CYS B 693 28.62 -47.63 14.14
N ASN B 694 28.73 -48.28 12.98
CA ASN B 694 27.57 -48.96 12.41
C ASN B 694 27.17 -50.12 13.32
N LEU B 695 25.87 -50.44 13.30
CA LEU B 695 25.17 -51.29 14.24
C LEU B 695 24.92 -50.55 15.55
N PHE B 696 25.47 -49.34 15.73
CA PHE B 696 24.98 -48.42 16.74
C PHE B 696 23.81 -47.61 16.20
N GLU B 697 23.93 -47.15 14.95
CA GLU B 697 22.82 -46.43 14.32
C GLU B 697 21.58 -47.30 14.21
N LYS B 698 21.75 -48.61 14.04
CA LYS B 698 20.60 -49.50 13.97
C LYS B 698 19.79 -49.44 15.26
N PHE B 699 20.42 -49.80 16.38
CA PHE B 699 19.72 -49.82 17.65
C PHE B 699 19.29 -48.42 18.07
N PHE B 700 20.13 -47.42 17.80
CA PHE B 700 19.88 -46.03 18.19
C PHE B 700 20.01 -45.14 16.96
N PRO B 701 18.93 -44.97 16.18
CA PRO B 701 19.01 -44.06 15.03
C PRO B 701 19.43 -42.66 15.40
N SER B 702 19.06 -42.18 16.59
CA SER B 702 19.41 -40.82 16.98
C SER B 702 20.92 -40.61 16.96
N SER B 703 21.70 -41.68 17.10
CA SER B 703 23.15 -41.56 17.06
C SER B 703 23.62 -40.89 15.77
N SER B 704 22.90 -41.10 14.67
CA SER B 704 23.29 -40.46 13.42
C SER B 704 23.09 -38.95 13.50
N TYR B 705 22.02 -38.50 14.16
CA TYR B 705 21.69 -37.08 14.17
C TYR B 705 22.59 -36.30 15.12
N ARG B 706 22.53 -36.60 16.41
CA ARG B 706 23.27 -35.87 17.43
C ARG B 706 24.31 -36.78 18.06
N ARG B 707 25.44 -36.18 18.47
CA ARG B 707 26.50 -36.92 19.15
C ARG B 707 25.90 -37.59 20.38
N PRO B 708 25.72 -38.91 20.37
CA PRO B 708 25.12 -39.57 21.54
C PRO B 708 26.02 -39.48 22.75
N VAL B 709 25.39 -39.39 23.92
CA VAL B 709 26.09 -39.25 25.20
C VAL B 709 25.54 -40.29 26.17
N GLY B 710 26.44 -41.01 26.81
CA GLY B 710 26.07 -42.00 27.81
C GLY B 710 27.28 -42.55 28.53
N ILE B 711 27.09 -43.05 29.74
CA ILE B 711 28.21 -43.58 30.51
C ILE B 711 28.36 -45.09 30.33
N SER B 712 27.28 -45.78 30.01
CA SER B 712 27.36 -47.21 29.78
C SER B 712 28.15 -47.50 28.51
N SER B 713 28.92 -48.59 28.54
CA SER B 713 29.61 -49.04 27.34
C SER B 713 28.60 -49.36 26.25
N MET B 714 29.09 -49.46 25.02
CA MET B 714 28.20 -49.63 23.89
C MET B 714 27.48 -50.98 23.94
N VAL B 715 28.25 -52.06 24.10
CA VAL B 715 27.69 -53.40 23.93
C VAL B 715 26.47 -53.58 24.84
N GLU B 716 26.58 -53.15 26.08
CA GLU B 716 25.43 -53.23 26.98
C GLU B 716 24.27 -52.38 26.44
N ALA B 717 24.56 -51.29 25.76
CA ALA B 717 23.51 -50.47 25.16
C ALA B 717 22.75 -51.27 24.10
N MET B 718 23.46 -51.86 23.15
CA MET B 718 22.77 -52.70 22.17
C MET B 718 22.03 -53.84 22.85
N VAL B 719 22.63 -54.44 23.88
CA VAL B 719 22.02 -55.60 24.52
C VAL B 719 20.67 -55.22 25.13
N SER B 720 20.65 -54.13 25.89
CA SER B 720 19.40 -53.70 26.52
C SER B 720 18.37 -53.31 25.47
N ARG B 721 18.78 -52.54 24.45
CA ARG B 721 17.82 -52.13 23.43
C ARG B 721 17.24 -53.34 22.71
N ALA B 722 18.09 -54.32 22.39
CA ALA B 722 17.61 -55.51 21.70
C ALA B 722 16.66 -56.31 22.57
N ARG B 723 16.97 -56.46 23.86
CA ARG B 723 16.07 -57.19 24.74
C ARG B 723 14.70 -56.51 24.79
N ILE B 724 14.69 -55.19 24.97
CA ILE B 724 13.43 -54.46 25.05
C ILE B 724 12.64 -54.60 23.76
N ASP B 725 13.34 -54.44 22.63
CA ASP B 725 12.66 -54.51 21.33
C ASP B 725 12.08 -55.89 21.09
N ALA B 726 12.84 -56.95 21.41
CA ALA B 726 12.33 -58.30 21.23
C ALA B 726 11.13 -58.56 22.13
N ARG B 727 11.19 -58.09 23.38
CA ARG B 727 10.06 -58.29 24.29
C ARG B 727 8.81 -57.62 23.74
N ILE B 728 8.92 -56.36 23.31
CA ILE B 728 7.75 -55.66 22.81
C ILE B 728 7.26 -56.30 21.52
N ASP B 729 8.19 -56.76 20.67
CA ASP B 729 7.80 -57.42 19.43
C ASP B 729 7.01 -58.69 19.70
N PHE B 730 7.46 -59.50 20.66
CA PHE B 730 6.67 -60.66 21.06
C PHE B 730 5.31 -60.23 21.58
N GLU B 731 5.28 -59.18 22.41
CA GLU B 731 4.01 -58.73 22.97
C GLU B 731 3.01 -58.39 21.87
N SER B 732 3.49 -57.74 20.80
CA SER B 732 2.58 -57.31 19.74
C SER B 732 1.89 -58.50 19.09
N GLY B 733 2.64 -59.57 18.81
CA GLY B 733 2.12 -60.72 18.11
C GLY B 733 2.72 -60.94 16.73
N ARG B 734 3.71 -60.14 16.32
CA ARG B 734 4.37 -60.33 15.04
C ARG B 734 5.58 -61.24 15.15
N ILE B 735 5.91 -61.71 16.36
CA ILE B 735 7.04 -62.60 16.60
C ILE B 735 6.53 -63.78 17.43
N LYS B 736 7.09 -64.96 17.16
CA LYS B 736 6.69 -66.19 17.85
C LYS B 736 7.70 -66.54 18.94
N LYS B 737 7.50 -67.72 19.55
CA LYS B 737 8.29 -68.10 20.72
C LYS B 737 9.74 -68.39 20.34
N GLU B 738 9.97 -69.04 19.20
CA GLU B 738 11.32 -69.46 18.85
C GLU B 738 12.25 -68.27 18.70
N GLU B 739 11.79 -67.20 18.05
CA GLU B 739 12.63 -66.02 17.90
C GLU B 739 12.94 -65.38 19.24
N PHE B 740 11.96 -65.32 20.13
CA PHE B 740 12.19 -64.78 21.46
C PHE B 740 13.25 -65.57 22.20
N ALA B 741 13.13 -66.90 22.18
CA ALA B 741 14.11 -67.75 22.86
C ALA B 741 15.49 -67.56 22.26
N GLU B 742 15.58 -67.52 20.93
CA GLU B 742 16.86 -67.33 20.27
C GLU B 742 17.47 -66.00 20.67
N ILE B 743 16.67 -64.93 20.68
CA ILE B 743 17.19 -63.62 20.99
C ILE B 743 17.70 -63.56 22.42
N MET B 744 16.97 -64.15 23.35
CA MET B 744 17.41 -64.11 24.75
C MET B 744 18.65 -64.98 24.96
N LYS B 745 18.72 -66.14 24.31
CA LYS B 745 19.94 -66.93 24.39
C LYS B 745 21.13 -66.15 23.84
N ILE B 746 20.95 -65.48 22.70
CA ILE B 746 22.03 -64.73 22.09
C ILE B 746 22.46 -63.59 23.00
N CYS B 747 21.49 -62.86 23.57
CA CYS B 747 21.82 -61.74 24.44
C CYS B 747 22.55 -62.21 25.68
N SER B 748 22.11 -63.32 26.28
CA SER B 748 22.81 -63.87 27.43
C SER B 748 24.24 -64.25 27.05
N THR B 749 24.43 -64.88 25.90
CA THR B 749 25.76 -65.26 25.46
C THR B 749 26.65 -64.04 25.25
N ILE B 750 26.11 -62.98 24.65
CA ILE B 750 26.88 -61.75 24.49
C ILE B 750 27.27 -61.18 25.84
N GLU B 751 26.35 -61.23 26.80
CA GLU B 751 26.68 -60.80 28.15
C GLU B 751 27.84 -61.59 28.71
N GLU B 752 27.80 -62.92 28.61
CA GLU B 752 28.91 -63.73 29.13
C GLU B 752 30.21 -63.38 28.41
N LEU B 753 30.14 -63.19 27.09
CA LEU B 753 31.35 -62.88 26.33
C LEU B 753 31.95 -61.56 26.80
N ARG B 754 31.12 -60.56 27.07
CA ARG B 754 31.65 -59.26 27.44
C ARG B 754 32.14 -59.24 28.89
N ARG B 755 31.48 -59.99 29.78
CA ARG B 755 31.92 -60.03 31.18
C ARG B 755 33.34 -60.58 31.29
N GLN B 756 33.61 -61.67 30.58
CA GLN B 756 34.92 -62.31 30.63
C GLN B 756 35.98 -61.48 29.93
N MET C 1 18.08 -62.39 15.29
CA MET C 1 17.83 -61.52 14.11
C MET C 1 19.14 -60.98 13.56
N GLU C 2 19.06 -60.25 12.44
CA GLU C 2 20.26 -59.79 11.77
C GLU C 2 21.12 -58.92 12.66
N ARG C 3 20.51 -57.97 13.39
CA ARG C 3 21.28 -57.01 14.17
C ARG C 3 22.05 -57.70 15.28
N ILE C 4 21.37 -58.56 16.05
CA ILE C 4 22.02 -59.20 17.19
C ILE C 4 23.06 -60.20 16.71
N LYS C 5 22.79 -60.89 15.61
CA LYS C 5 23.79 -61.82 15.06
C LYS C 5 25.03 -61.06 14.59
N GLU C 6 24.85 -59.91 13.96
CA GLU C 6 26.00 -59.09 13.58
C GLU C 6 26.77 -58.63 14.82
N LEU C 7 26.05 -58.24 15.88
CA LEU C 7 26.73 -57.85 17.10
C LEU C 7 27.52 -59.02 17.67
N ARG C 8 26.97 -60.23 17.61
CA ARG C 8 27.68 -61.40 18.09
C ARG C 8 28.93 -61.66 17.27
N ASP C 9 28.83 -61.51 15.94
CA ASP C 9 30.01 -61.63 15.09
C ASP C 9 31.07 -60.62 15.49
N LEU C 10 30.67 -59.37 15.72
CA LEU C 10 31.62 -58.34 16.13
C LEU C 10 32.27 -58.70 17.46
N MET C 11 31.48 -59.18 18.41
CA MET C 11 32.01 -59.55 19.71
C MET C 11 32.95 -60.75 19.63
N SER C 12 32.78 -61.62 18.63
CA SER C 12 33.62 -62.81 18.53
C SER C 12 35.08 -62.44 18.42
N GLN C 13 35.42 -61.49 17.54
CA GLN C 13 36.79 -61.06 17.39
C GLN C 13 37.26 -60.32 18.64
N SER C 14 38.57 -60.38 18.89
CA SER C 14 39.12 -59.78 20.09
C SER C 14 39.11 -58.26 20.00
N ARG C 15 39.52 -57.70 18.86
CA ARG C 15 39.66 -56.25 18.77
C ARG C 15 38.31 -55.55 18.78
N THR C 16 37.34 -56.07 18.03
CA THR C 16 36.01 -55.46 18.04
C THR C 16 35.40 -55.51 19.44
N ARG C 17 35.56 -56.65 20.13
CA ARG C 17 35.08 -56.73 21.51
C ARG C 17 35.78 -55.72 22.40
N GLU C 18 37.10 -55.56 22.24
CA GLU C 18 37.82 -54.62 23.08
C GLU C 18 37.34 -53.20 22.86
N ILE C 19 37.11 -52.83 21.60
CA ILE C 19 36.65 -51.47 21.31
C ILE C 19 35.22 -51.28 21.81
N LEU C 20 34.37 -52.29 21.67
CA LEU C 20 33.01 -52.20 22.17
C LEU C 20 33.00 -51.98 23.68
N THR C 21 33.71 -52.82 24.43
CA THR C 21 33.66 -52.75 25.89
C THR C 21 34.43 -51.56 26.45
N LYS C 22 35.49 -51.11 25.78
CA LYS C 22 36.29 -50.02 26.30
C LYS C 22 35.61 -48.68 26.10
N THR C 23 35.34 -48.32 24.86
CA THR C 23 34.82 -47.00 24.55
C THR C 23 33.43 -46.81 25.14
N THR C 24 33.23 -45.66 25.79
CA THR C 24 31.92 -45.28 26.31
C THR C 24 31.12 -44.55 25.25
N VAL C 25 29.79 -44.64 25.37
CA VAL C 25 28.92 -44.04 24.37
C VAL C 25 29.24 -42.56 24.19
N ASP C 26 29.69 -41.90 25.26
CA ASP C 26 30.06 -40.48 25.16
C ASP C 26 31.03 -40.25 24.01
N HIS C 27 32.02 -41.12 23.85
CA HIS C 27 33.04 -40.98 22.83
C HIS C 27 32.70 -41.72 21.55
N MET C 28 31.46 -42.20 21.39
CA MET C 28 31.09 -42.88 20.16
C MET C 28 31.41 -42.01 18.95
N ALA C 29 30.96 -40.76 18.97
CA ALA C 29 31.16 -39.88 17.82
C ALA C 29 32.64 -39.61 17.58
N ILE C 30 33.50 -39.85 18.58
CA ILE C 30 34.93 -39.71 18.35
C ILE C 30 35.45 -40.83 17.46
N ILE C 31 34.96 -42.07 17.67
CA ILE C 31 35.36 -43.18 16.81
C ILE C 31 34.57 -43.23 15.53
N LYS C 32 33.70 -42.26 15.28
CA LYS C 32 33.05 -42.07 13.99
C LYS C 32 33.89 -41.22 13.04
N LYS C 33 34.91 -40.53 13.55
CA LYS C 33 35.80 -39.71 12.74
C LYS C 33 37.04 -40.45 12.31
N TYR C 34 37.17 -41.74 12.65
CA TYR C 34 38.33 -42.54 12.26
C TYR C 34 37.98 -43.33 11.01
N THR C 35 37.98 -42.63 9.89
CA THR C 35 37.65 -43.22 8.59
C THR C 35 38.94 -43.55 7.85
N SER C 36 39.07 -44.80 7.42
CA SER C 36 40.28 -45.28 6.75
C SER C 36 40.18 -45.18 5.23
N GLY C 37 39.09 -44.63 4.70
CA GLY C 37 38.95 -44.49 3.27
C GLY C 37 39.81 -43.40 2.69
N ARG C 38 39.40 -42.83 1.57
CA ARG C 38 40.13 -41.73 0.94
C ARG C 38 39.13 -40.82 0.26
N GLN C 39 39.15 -39.53 0.61
CA GLN C 39 38.24 -38.58 -0.01
C GLN C 39 38.63 -38.35 -1.46
N GLU C 40 37.62 -38.31 -2.33
CA GLU C 40 37.85 -38.19 -3.77
C GLU C 40 38.08 -36.73 -4.13
N LYS C 41 39.29 -36.41 -4.58
CA LYS C 41 39.60 -35.07 -5.05
C LYS C 41 39.00 -34.85 -6.44
N ASN C 42 38.51 -33.64 -6.67
CA ASN C 42 37.86 -33.30 -7.94
C ASN C 42 36.72 -34.29 -8.19
N PRO C 43 35.66 -34.25 -7.39
CA PRO C 43 34.55 -35.19 -7.60
C PRO C 43 33.79 -34.95 -8.90
N ALA C 44 33.91 -33.77 -9.51
CA ALA C 44 33.25 -33.51 -10.79
C ALA C 44 33.81 -34.42 -11.88
N LEU C 45 35.15 -34.49 -11.98
CA LEU C 45 35.77 -35.40 -12.94
C LEU C 45 35.38 -36.83 -12.66
N ARG C 46 35.35 -37.20 -11.37
CA ARG C 46 34.98 -38.57 -11.02
C ARG C 46 33.55 -38.88 -11.45
N MET C 47 32.62 -37.95 -11.26
CA MET C 47 31.25 -38.17 -11.68
C MET C 47 31.15 -38.29 -13.19
N LYS C 48 31.86 -37.42 -13.92
CA LYS C 48 31.87 -37.51 -15.38
C LYS C 48 32.34 -38.89 -15.81
N TRP C 49 33.43 -39.37 -15.22
CA TRP C 49 33.95 -40.70 -15.57
C TRP C 49 32.94 -41.78 -15.19
N MET C 50 32.36 -41.69 -14.00
CA MET C 50 31.48 -42.76 -13.51
C MET C 50 30.25 -42.92 -14.38
N MET C 51 29.65 -41.79 -14.81
CA MET C 51 28.39 -41.88 -15.53
C MET C 51 28.51 -42.73 -16.80
N ALA C 52 29.71 -42.83 -17.36
CA ALA C 52 29.90 -43.61 -18.57
C ALA C 52 29.77 -45.11 -18.34
N MET C 53 29.93 -45.56 -17.09
CA MET C 53 29.92 -46.98 -16.80
C MET C 53 28.51 -47.55 -17.00
N LYS C 54 28.38 -48.87 -16.82
CA LYS C 54 27.10 -49.53 -16.99
C LYS C 54 26.24 -49.41 -15.74
N TYR C 55 26.82 -49.64 -14.56
CA TYR C 55 26.10 -49.60 -13.29
C TYR C 55 26.84 -48.71 -12.32
N PRO C 56 26.68 -47.40 -12.42
CA PRO C 56 27.34 -46.48 -11.47
C PRO C 56 26.50 -46.08 -10.27
N ILE C 57 25.29 -46.60 -10.13
CA ILE C 57 24.38 -46.25 -9.04
C ILE C 57 24.18 -47.47 -8.15
N THR C 58 24.26 -47.26 -6.85
CA THR C 58 24.20 -48.34 -5.86
C THR C 58 22.81 -48.38 -5.23
N ALA C 59 22.18 -49.55 -5.29
CA ALA C 59 20.86 -49.79 -4.71
C ALA C 59 20.96 -50.91 -3.68
N ASP C 60 19.85 -51.16 -3.00
CA ASP C 60 19.81 -52.11 -1.89
C ASP C 60 19.22 -53.44 -2.35
N LYS C 61 19.50 -54.46 -1.54
CA LYS C 61 19.15 -55.84 -1.89
C LYS C 61 17.68 -55.98 -2.25
N ARG C 62 16.79 -55.30 -1.51
CA ARG C 62 15.36 -55.47 -1.73
C ARG C 62 14.95 -55.16 -3.16
N ILE C 63 15.72 -54.31 -3.85
CA ILE C 63 15.40 -53.96 -5.24
C ILE C 63 15.25 -55.19 -6.10
N MET C 64 15.89 -56.31 -5.72
CA MET C 64 15.81 -57.53 -6.52
C MET C 64 14.39 -58.06 -6.64
N GLU C 65 13.50 -57.71 -5.70
CA GLU C 65 12.16 -58.27 -5.68
C GLU C 65 11.12 -57.41 -6.38
N MET C 66 11.39 -56.12 -6.59
CA MET C 66 10.43 -55.21 -7.18
C MET C 66 10.72 -54.84 -8.63
N ILE C 67 11.96 -54.50 -8.94
CA ILE C 67 12.36 -54.13 -10.30
C ILE C 67 12.88 -55.37 -11.00
N PRO C 68 12.27 -55.79 -12.11
CA PRO C 68 12.76 -57.00 -12.80
C PRO C 68 14.15 -56.79 -13.36
N GLU C 69 14.79 -57.91 -13.71
CA GLU C 69 16.17 -57.85 -14.18
C GLU C 69 16.28 -57.03 -15.46
N ARG C 70 15.34 -57.20 -16.39
CA ARG C 70 15.37 -56.50 -17.66
C ARG C 70 14.00 -55.93 -17.96
N ASN C 71 13.99 -54.81 -18.70
CA ASN C 71 12.78 -54.15 -19.11
C ASN C 71 12.30 -54.73 -20.45
N GLU C 72 11.34 -54.07 -21.09
CA GLU C 72 10.79 -54.59 -22.34
C GLU C 72 11.87 -54.69 -23.41
N GLN C 73 12.72 -53.67 -23.52
CA GLN C 73 13.83 -53.69 -24.48
C GLN C 73 15.00 -54.55 -24.03
N ARG C 74 14.82 -55.34 -22.97
CA ARG C 74 15.83 -56.28 -22.47
C ARG C 74 17.07 -55.57 -21.93
N GLN C 75 16.98 -54.26 -21.67
CA GLN C 75 18.10 -53.57 -21.04
C GLN C 75 18.27 -54.07 -19.60
N THR C 76 19.51 -54.01 -19.13
CA THR C 76 19.85 -54.51 -17.80
C THR C 76 19.68 -53.37 -16.79
N LEU C 77 18.73 -53.53 -15.86
CA LEU C 77 18.48 -52.50 -14.87
C LEU C 77 19.41 -52.66 -13.66
N TRP C 78 19.41 -53.82 -13.04
CA TRP C 78 20.23 -54.11 -11.88
C TRP C 78 21.06 -55.36 -12.15
N SER C 79 22.28 -55.38 -11.62
CA SER C 79 23.21 -56.47 -11.83
C SER C 79 23.46 -57.20 -10.51
N LYS C 80 23.65 -58.53 -10.61
CA LYS C 80 23.92 -59.36 -9.44
C LYS C 80 25.35 -59.12 -8.99
N THR C 81 25.55 -58.00 -8.29
CA THR C 81 26.86 -57.61 -7.82
C THR C 81 26.70 -56.97 -6.45
N ASN C 82 27.82 -56.60 -5.84
CA ASN C 82 27.81 -55.93 -4.54
C ASN C 82 28.86 -54.82 -4.54
N ASP C 83 28.60 -53.79 -3.73
CA ASP C 83 29.49 -52.66 -3.63
C ASP C 83 30.71 -53.02 -2.78
N ALA C 84 31.72 -52.15 -2.83
CA ALA C 84 32.96 -52.36 -2.09
C ALA C 84 32.76 -51.87 -0.67
N GLY C 85 32.41 -52.80 0.22
CA GLY C 85 32.25 -52.49 1.63
C GLY C 85 30.90 -52.84 2.20
N SER C 86 29.96 -53.23 1.35
CA SER C 86 28.61 -53.53 1.80
C SER C 86 27.96 -54.50 0.81
N ASP C 87 26.68 -54.78 1.03
CA ASP C 87 25.90 -55.64 0.13
C ASP C 87 24.95 -54.83 -0.75
N ARG C 88 25.35 -53.60 -1.09
CA ARG C 88 24.53 -52.77 -1.96
C ARG C 88 24.65 -53.23 -3.40
N VAL C 89 23.57 -53.81 -3.94
CA VAL C 89 23.58 -54.28 -5.31
C VAL C 89 23.81 -53.10 -6.25
N MET C 90 24.27 -53.41 -7.46
CA MET C 90 24.62 -52.41 -8.45
C MET C 90 23.49 -52.27 -9.47
N VAL C 91 23.09 -51.03 -9.75
CA VAL C 91 22.01 -50.74 -10.67
C VAL C 91 22.39 -49.52 -11.50
N SER C 92 21.70 -49.35 -12.62
CA SER C 92 21.95 -48.29 -13.58
C SER C 92 20.88 -47.22 -13.50
N PRO C 93 21.12 -46.03 -14.07
CA PRO C 93 20.06 -45.01 -14.08
C PRO C 93 18.77 -45.50 -14.67
N LEU C 94 18.85 -46.48 -15.57
CA LEU C 94 17.66 -47.13 -16.09
C LEU C 94 16.76 -47.61 -14.96
N ALA C 95 17.36 -48.14 -13.89
CA ALA C 95 16.55 -48.60 -12.77
C ALA C 95 15.79 -47.44 -12.13
N VAL C 96 16.46 -46.31 -11.94
CA VAL C 96 15.81 -45.15 -11.33
C VAL C 96 14.63 -44.70 -12.19
N THR C 97 14.86 -44.56 -13.50
CA THR C 97 13.79 -44.07 -14.36
C THR C 97 12.65 -45.08 -14.47
N TRP C 98 12.98 -46.37 -14.50
CA TRP C 98 11.94 -47.40 -14.50
C TRP C 98 11.12 -47.33 -13.23
N TRP C 99 11.76 -47.14 -12.08
CA TRP C 99 11.03 -47.00 -10.84
C TRP C 99 10.10 -45.80 -10.91
N ASN C 100 10.59 -44.67 -11.43
CA ASN C 100 9.76 -43.47 -11.50
C ASN C 100 8.56 -43.69 -12.40
N ARG C 101 8.73 -44.37 -13.54
CA ARG C 101 7.67 -44.49 -14.52
C ARG C 101 6.73 -45.66 -14.27
N ASN C 102 7.15 -46.66 -13.50
CA ASN C 102 6.32 -47.84 -13.29
C ASN C 102 6.37 -48.37 -11.86
N GLY C 103 7.02 -47.67 -10.93
CA GLY C 103 7.11 -48.13 -9.56
C GLY C 103 5.81 -47.95 -8.81
N PRO C 104 5.69 -48.60 -7.65
CA PRO C 104 4.47 -48.44 -6.85
C PRO C 104 4.31 -47.00 -6.38
N THR C 105 3.05 -46.59 -6.23
CA THR C 105 2.70 -45.21 -5.95
C THR C 105 2.08 -45.08 -4.56
N THR C 106 2.32 -43.94 -3.92
CA THR C 106 1.78 -43.65 -2.60
C THR C 106 1.28 -42.20 -2.56
N SER C 107 0.97 -41.71 -1.37
CA SER C 107 0.50 -40.34 -1.19
C SER C 107 1.58 -39.54 -0.47
N THR C 108 1.98 -38.42 -1.07
CA THR C 108 2.96 -37.52 -0.47
C THR C 108 2.27 -36.42 0.34
N VAL C 109 1.39 -36.83 1.25
CA VAL C 109 0.63 -35.87 2.04
C VAL C 109 1.54 -35.13 3.00
N HIS C 110 2.55 -35.82 3.55
CA HIS C 110 3.42 -35.21 4.54
C HIS C 110 4.57 -34.43 3.92
N TYR C 111 4.82 -34.58 2.62
CA TYR C 111 5.94 -33.88 1.99
C TYR C 111 5.80 -32.38 2.10
N PRO C 112 4.64 -31.77 1.81
CA PRO C 112 4.50 -30.32 2.07
C PRO C 112 4.72 -29.97 3.53
N LYS C 113 4.29 -30.83 4.45
CA LYS C 113 4.43 -30.53 5.87
C LYS C 113 5.89 -30.61 6.31
N VAL C 114 6.62 -31.64 5.87
CA VAL C 114 8.03 -31.73 6.22
C VAL C 114 8.82 -30.61 5.54
N TYR C 115 8.44 -30.26 4.33
CA TYR C 115 9.17 -29.31 3.49
C TYR C 115 8.49 -27.94 3.44
N LYS C 116 7.94 -27.49 4.58
CA LYS C 116 7.22 -26.24 4.61
C LYS C 116 8.10 -25.05 4.24
N THR C 117 9.41 -25.13 4.49
CA THR C 117 10.28 -23.99 4.18
C THR C 117 10.36 -23.73 2.68
N TYR C 118 10.62 -24.79 1.91
CA TYR C 118 10.75 -24.63 0.46
C TYR C 118 9.43 -24.21 -0.17
N PHE C 119 8.33 -24.85 0.23
CA PHE C 119 7.03 -24.47 -0.29
C PHE C 119 6.65 -23.06 0.15
N GLU C 120 7.14 -22.62 1.31
CA GLU C 120 6.95 -21.23 1.73
C GLU C 120 7.69 -20.30 0.78
N LYS C 121 8.92 -20.64 0.40
CA LYS C 121 9.61 -19.86 -0.63
C LYS C 121 8.79 -19.81 -1.91
N VAL C 122 8.24 -20.95 -2.31
CA VAL C 122 7.44 -21.00 -3.53
C VAL C 122 6.26 -20.05 -3.44
N GLU C 123 5.53 -20.09 -2.32
CA GLU C 123 4.37 -19.22 -2.15
C GLU C 123 4.78 -17.76 -2.11
N ARG C 124 5.87 -17.43 -1.41
CA ARG C 124 6.30 -16.04 -1.36
C ARG C 124 6.62 -15.50 -2.74
N LEU C 125 7.24 -16.33 -3.59
CA LEU C 125 7.50 -15.90 -4.96
C LEU C 125 6.22 -15.80 -5.77
N LYS C 126 5.32 -16.77 -5.62
CA LYS C 126 4.16 -16.87 -6.50
C LYS C 126 3.22 -15.68 -6.34
N HIS C 127 3.28 -14.98 -5.21
CA HIS C 127 2.37 -13.88 -4.92
C HIS C 127 3.11 -12.54 -4.83
N GLY C 128 4.30 -12.45 -5.40
CA GLY C 128 5.04 -11.21 -5.35
C GLY C 128 4.58 -10.20 -6.37
N THR C 129 5.14 -8.99 -6.26
CA THR C 129 4.84 -7.89 -7.16
C THR C 129 6.15 -7.24 -7.60
N PHE C 130 6.20 -6.81 -8.85
CA PHE C 130 7.40 -6.23 -9.44
C PHE C 130 7.14 -4.77 -9.78
N GLY C 131 8.23 -4.04 -10.04
CA GLY C 131 8.14 -2.66 -10.42
C GLY C 131 9.24 -2.25 -11.37
N PRO C 132 9.17 -1.03 -11.88
CA PRO C 132 10.16 -0.58 -12.87
C PRO C 132 11.57 -0.59 -12.32
N VAL C 133 12.52 -1.01 -13.16
CA VAL C 133 13.93 -0.94 -12.77
C VAL C 133 14.42 0.50 -12.85
N HIS C 134 15.40 0.81 -12.01
CA HIS C 134 16.03 2.12 -11.99
C HIS C 134 17.53 1.94 -12.09
N PHE C 135 18.17 2.74 -12.94
CA PHE C 135 19.60 2.67 -13.18
C PHE C 135 20.25 3.90 -12.54
N ARG C 136 21.17 3.66 -11.62
CA ARG C 136 21.86 4.73 -10.91
C ARG C 136 22.98 4.11 -10.09
N ASN C 137 23.86 4.96 -9.58
CA ASN C 137 24.91 4.50 -8.68
C ASN C 137 24.29 3.82 -7.47
N GLN C 138 24.79 2.63 -7.15
CA GLN C 138 24.27 1.82 -6.05
C GLN C 138 25.27 1.82 -4.90
N VAL C 139 24.77 2.06 -3.69
CA VAL C 139 25.56 1.95 -2.47
C VAL C 139 24.97 0.82 -1.65
N LYS C 140 25.77 -0.22 -1.41
CA LYS C 140 25.35 -1.40 -0.66
C LYS C 140 26.12 -1.41 0.65
N ILE C 141 25.53 -0.82 1.69
CA ILE C 141 26.13 -0.89 3.02
C ILE C 141 26.18 -2.33 3.47
N ARG C 142 27.27 -2.71 4.14
CA ARG C 142 27.46 -4.08 4.59
C ARG C 142 26.98 -4.24 6.02
N ARG C 143 26.24 -5.31 6.28
CA ARG C 143 25.72 -5.55 7.62
C ARG C 143 25.26 -7.00 7.73
N ARG C 144 24.89 -7.39 8.95
CA ARG C 144 24.37 -8.71 9.22
C ARG C 144 22.86 -8.73 8.99
N VAL C 145 22.37 -9.83 8.43
CA VAL C 145 20.97 -9.97 8.04
C VAL C 145 20.54 -11.41 8.21
N ASP C 146 19.25 -11.59 8.49
CA ASP C 146 18.67 -12.92 8.60
C ASP C 146 18.77 -13.66 7.27
N ILE C 147 18.47 -14.96 7.31
CA ILE C 147 18.50 -15.82 6.12
C ILE C 147 17.14 -16.48 5.89
N ASN C 148 16.67 -17.28 6.85
CA ASN C 148 15.51 -18.11 6.64
C ASN C 148 14.31 -17.58 7.40
N PRO C 149 13.33 -16.97 6.74
CA PRO C 149 12.08 -16.61 7.44
C PRO C 149 11.28 -17.85 7.80
N GLY C 150 10.38 -17.68 8.76
CA GLY C 150 9.59 -18.78 9.29
C GLY C 150 10.21 -19.50 10.46
N HIS C 151 11.37 -19.06 10.93
CA HIS C 151 12.03 -19.69 12.06
C HIS C 151 11.44 -19.23 13.38
N ALA C 152 11.56 -20.08 14.39
CA ALA C 152 11.16 -19.74 15.75
C ALA C 152 12.28 -19.08 16.55
N ASP C 153 13.45 -18.90 15.95
CA ASP C 153 14.58 -18.24 16.61
C ASP C 153 15.04 -19.02 17.84
N LEU C 154 14.78 -20.32 17.86
CA LEU C 154 15.20 -21.14 18.98
C LEU C 154 16.71 -21.35 18.96
N SER C 155 17.27 -21.58 20.14
CA SER C 155 18.67 -21.95 20.24
C SER C 155 18.87 -23.35 19.68
N ALA C 156 20.08 -23.61 19.17
CA ALA C 156 20.36 -24.91 18.57
C ALA C 156 20.00 -26.04 19.51
N LYS C 157 20.30 -25.88 20.81
CA LYS C 157 19.98 -26.92 21.78
C LYS C 157 18.47 -27.18 21.84
N GLU C 158 17.68 -26.11 21.86
CA GLU C 158 16.22 -26.27 21.93
C GLU C 158 15.69 -26.94 20.66
N ALA C 159 16.22 -26.56 19.50
CA ALA C 159 15.80 -27.21 18.26
C ALA C 159 16.15 -28.69 18.29
N GLN C 160 17.33 -29.03 18.78
CA GLN C 160 17.71 -30.44 18.89
C GLN C 160 16.77 -31.19 19.83
N ASP C 161 16.40 -30.57 20.95
CA ASP C 161 15.48 -31.23 21.88
C ASP C 161 14.12 -31.44 21.22
N VAL C 162 13.61 -30.43 20.51
CA VAL C 162 12.32 -30.55 19.86
C VAL C 162 12.35 -31.68 18.83
N ILE C 163 13.42 -31.71 18.02
CA ILE C 163 13.53 -32.76 17.01
C ILE C 163 13.59 -34.13 17.67
N MET C 164 14.36 -34.25 18.74
CA MET C 164 14.50 -35.53 19.41
C MET C 164 13.17 -36.02 19.96
N GLU C 165 12.38 -35.12 20.56
CA GLU C 165 11.07 -35.53 21.03
C GLU C 165 10.12 -35.86 19.88
N VAL C 166 10.22 -35.14 18.77
CA VAL C 166 9.25 -35.29 17.69
C VAL C 166 9.47 -36.59 16.92
N VAL C 167 10.70 -36.81 16.46
CA VAL C 167 10.95 -37.94 15.57
C VAL C 167 11.61 -39.11 16.30
N PHE C 168 12.31 -38.85 17.40
CA PHE C 168 12.90 -39.92 18.21
C PHE C 168 12.15 -40.01 19.53
N PRO C 169 10.95 -40.59 19.55
CA PRO C 169 10.13 -40.52 20.78
C PRO C 169 10.72 -41.28 21.95
N ASN C 170 11.22 -42.50 21.72
CA ASN C 170 11.70 -43.35 22.81
C ASN C 170 13.23 -43.40 22.87
N GLU C 171 13.89 -42.32 22.48
CA GLU C 171 15.35 -42.22 22.58
C GLU C 171 15.76 -40.84 23.07
N VAL C 172 14.91 -40.16 23.83
CA VAL C 172 15.17 -38.79 24.23
C VAL C 172 16.08 -38.80 25.46
N GLY C 173 16.95 -37.79 25.55
CA GLY C 173 17.90 -37.72 26.63
C GLY C 173 17.23 -37.61 27.98
N ALA C 174 18.04 -37.51 29.04
CA ALA C 174 17.49 -37.41 30.39
C ALA C 174 16.91 -36.03 30.67
N ARG C 175 17.42 -34.99 29.99
CA ARG C 175 16.94 -33.64 30.24
C ARG C 175 15.46 -33.51 29.93
N ILE C 176 14.98 -34.16 28.87
CA ILE C 176 13.57 -34.08 28.52
C ILE C 176 12.71 -34.81 29.53
N LEU C 177 13.13 -36.02 29.93
CA LEU C 177 12.38 -36.75 30.93
C LEU C 177 12.50 -36.12 32.31
N THR C 178 13.38 -35.13 32.48
CA THR C 178 13.45 -34.37 33.72
C THR C 178 13.14 -32.91 33.35
N SER C 179 12.14 -32.72 32.50
CA SER C 179 11.74 -31.41 32.01
C SER C 179 10.23 -31.25 32.16
N GLU C 180 9.81 -29.99 32.22
CA GLU C 180 8.41 -29.65 32.46
C GLU C 180 7.77 -28.92 31.29
N SER C 181 8.48 -27.95 30.69
CA SER C 181 7.91 -27.17 29.60
C SER C 181 7.86 -27.99 28.31
N GLN C 182 6.74 -28.63 28.05
CA GLN C 182 6.52 -29.36 26.80
C GLN C 182 6.04 -28.34 25.77
N LEU C 183 6.96 -27.82 24.97
CA LEU C 183 6.65 -26.74 24.06
C LEU C 183 5.44 -27.09 23.19
N THR C 184 4.60 -26.08 22.94
CA THR C 184 3.43 -26.30 22.08
C THR C 184 3.84 -26.75 20.70
N ILE C 185 4.93 -26.19 20.16
CA ILE C 185 5.37 -26.55 18.82
C ILE C 185 5.67 -28.04 18.74
N THR C 186 6.24 -28.62 19.79
CA THR C 186 6.57 -30.04 19.77
C THR C 186 5.32 -30.88 19.59
N LYS C 187 4.27 -30.59 20.35
CA LYS C 187 3.03 -31.33 20.21
C LYS C 187 2.39 -31.08 18.84
N GLU C 188 2.45 -29.84 18.37
CA GLU C 188 1.94 -29.53 17.04
C GLU C 188 2.60 -30.41 15.99
N LYS C 189 3.93 -30.47 16.01
CA LYS C 189 4.66 -31.27 15.03
C LYS C 189 4.35 -32.76 15.19
N LYS C 190 4.26 -33.23 16.44
CA LYS C 190 3.94 -34.64 16.66
C LYS C 190 2.59 -34.98 16.06
N LYS C 191 1.61 -34.09 16.20
CA LYS C 191 0.31 -34.32 15.58
C LYS C 191 0.40 -34.26 14.06
N GLU C 192 1.19 -33.33 13.53
CA GLU C 192 1.28 -33.16 12.09
C GLU C 192 1.87 -34.39 11.42
N LEU C 193 2.90 -34.98 12.02
CA LEU C 193 3.69 -36.04 11.40
C LEU C 193 3.32 -37.42 11.94
N GLN C 194 2.04 -37.67 12.16
CA GLN C 194 1.62 -38.93 12.78
C GLN C 194 2.11 -40.13 11.99
N ASP C 195 1.65 -40.27 10.75
CA ASP C 195 2.02 -41.40 9.89
C ASP C 195 2.85 -40.85 8.73
N CYS C 196 4.16 -40.72 8.96
CA CYS C 196 5.09 -40.21 7.95
C CYS C 196 6.14 -41.27 7.70
N LYS C 197 6.18 -41.78 6.47
CA LYS C 197 7.16 -42.78 6.08
C LYS C 197 8.50 -42.19 5.65
N ILE C 198 8.60 -40.87 5.55
CA ILE C 198 9.85 -40.25 5.15
C ILE C 198 10.96 -40.69 6.08
N ALA C 199 12.18 -40.73 5.56
CA ALA C 199 13.32 -41.16 6.36
C ALA C 199 13.45 -40.27 7.58
N PRO C 200 13.47 -40.83 8.80
CA PRO C 200 13.48 -39.96 9.99
C PRO C 200 14.65 -38.99 10.03
N LEU C 201 15.80 -39.36 9.50
CA LEU C 201 16.93 -38.42 9.47
C LEU C 201 16.60 -37.20 8.62
N MET C 202 15.93 -37.43 7.48
CA MET C 202 15.51 -36.30 6.64
C MET C 202 14.53 -35.41 7.39
N VAL C 203 13.59 -36.01 8.12
CA VAL C 203 12.63 -35.23 8.88
C VAL C 203 13.35 -34.39 9.94
N ALA C 204 14.31 -35.00 10.63
CA ALA C 204 15.05 -34.28 11.66
C ALA C 204 15.81 -33.11 11.06
N TYR C 205 16.51 -33.34 9.96
CA TYR C 205 17.25 -32.25 9.33
C TYR C 205 16.32 -31.14 8.87
N MET C 206 15.16 -31.50 8.33
CA MET C 206 14.25 -30.47 7.83
C MET C 206 13.67 -29.65 8.98
N LEU C 207 13.32 -30.32 10.08
CA LEU C 207 12.86 -29.57 11.25
C LEU C 207 13.96 -28.64 11.77
N GLU C 208 15.21 -29.12 11.80
CA GLU C 208 16.30 -28.27 12.21
C GLU C 208 16.43 -27.05 11.31
N ARG C 209 16.33 -27.25 10.00
CA ARG C 209 16.41 -26.13 9.07
C ARG C 209 15.25 -25.17 9.29
N GLU C 210 14.07 -25.69 9.63
CA GLU C 210 12.87 -24.87 9.73
C GLU C 210 12.85 -24.06 11.02
N LEU C 211 13.38 -24.59 12.12
CA LEU C 211 13.20 -23.96 13.42
C LEU C 211 14.42 -23.20 13.92
N VAL C 212 15.46 -23.03 13.11
CA VAL C 212 16.69 -22.40 13.55
C VAL C 212 16.86 -21.06 12.84
N ARG C 213 17.61 -20.17 13.48
CA ARG C 213 17.93 -18.86 12.92
C ARG C 213 19.34 -18.86 12.35
N LYS C 214 19.55 -18.05 11.32
CA LYS C 214 20.84 -17.93 10.65
C LYS C 214 21.05 -16.50 10.20
N THR C 215 22.29 -16.04 10.27
CA THR C 215 22.64 -14.65 9.99
C THR C 215 23.90 -14.60 9.15
N ARG C 216 23.93 -13.68 8.19
CA ARG C 216 25.05 -13.56 7.27
C ARG C 216 25.42 -12.11 7.06
N PHE C 217 26.69 -11.87 6.74
CA PHE C 217 27.24 -10.53 6.52
C PHE C 217 27.20 -10.26 5.03
N LEU C 218 26.28 -9.41 4.60
CA LEU C 218 26.08 -9.12 3.18
C LEU C 218 26.03 -7.62 2.94
N PRO C 219 26.36 -7.19 1.71
CA PRO C 219 26.07 -5.80 1.33
C PRO C 219 24.66 -5.66 0.77
N VAL C 220 23.83 -4.87 1.45
CA VAL C 220 22.46 -4.61 1.02
C VAL C 220 22.33 -3.11 0.76
N ALA C 221 21.40 -2.77 -0.13
CA ALA C 221 21.10 -1.37 -0.44
C ALA C 221 19.63 -1.01 -0.25
N GLY C 222 18.77 -1.96 0.11
CA GLY C 222 17.37 -1.68 0.30
C GLY C 222 16.79 -2.35 1.54
N GLY C 223 15.67 -3.04 1.37
CA GLY C 223 15.03 -3.67 2.51
C GLY C 223 15.86 -4.79 3.10
N THR C 224 15.87 -4.86 4.43
CA THR C 224 16.72 -5.79 5.16
C THR C 224 15.97 -6.94 5.80
N SER C 225 14.64 -6.97 5.71
CA SER C 225 13.86 -8.05 6.31
C SER C 225 14.32 -9.39 5.76
N SER C 226 13.98 -10.48 6.46
CA SER C 226 14.41 -11.80 6.02
C SER C 226 13.86 -12.13 4.64
N VAL C 227 12.59 -11.83 4.41
CA VAL C 227 11.98 -12.11 3.11
C VAL C 227 12.55 -11.22 2.02
N TYR C 228 13.24 -10.13 2.37
CA TYR C 228 13.89 -9.26 1.41
C TYR C 228 15.34 -9.63 1.17
N ILE C 229 15.84 -10.71 1.79
CA ILE C 229 17.22 -11.12 1.64
C ILE C 229 17.30 -12.34 0.73
N GLU C 230 16.27 -13.18 0.76
CA GLU C 230 16.25 -14.37 -0.08
C GLU C 230 16.16 -14.03 -1.56
N VAL C 231 15.83 -12.79 -1.91
CA VAL C 231 15.74 -12.37 -3.30
C VAL C 231 16.69 -11.21 -3.53
N LEU C 232 17.80 -11.17 -2.79
CA LEU C 232 18.75 -10.08 -2.94
C LEU C 232 19.41 -10.10 -4.32
N HIS C 233 19.57 -11.28 -4.91
CA HIS C 233 20.11 -11.36 -6.26
C HIS C 233 19.18 -10.68 -7.26
N LEU C 234 17.87 -10.89 -7.12
CA LEU C 234 16.89 -10.32 -8.03
C LEU C 234 16.64 -8.83 -7.80
N THR C 235 17.02 -8.31 -6.64
CA THR C 235 16.59 -6.97 -6.22
C THR C 235 17.66 -5.91 -6.41
N GLN C 236 18.92 -6.20 -6.15
CA GLN C 236 19.99 -5.22 -6.14
C GLN C 236 21.09 -5.60 -7.11
N GLY C 237 21.62 -4.61 -7.82
CA GLY C 237 22.72 -4.81 -8.74
C GLY C 237 23.78 -3.74 -8.57
N THR C 238 24.81 -3.84 -9.42
CA THR C 238 25.91 -2.88 -9.35
C THR C 238 25.55 -1.53 -9.97
N CYS C 239 24.63 -1.51 -10.94
CA CYS C 239 24.23 -0.28 -11.58
C CYS C 239 22.72 -0.14 -11.70
N TRP C 240 21.94 -1.15 -11.31
CA TRP C 240 20.50 -1.17 -11.47
C TRP C 240 19.85 -1.55 -10.16
N GLU C 241 18.52 -1.60 -10.16
CA GLU C 241 17.76 -2.04 -9.01
C GLU C 241 16.40 -2.51 -9.48
N GLN C 242 15.76 -3.38 -8.68
CA GLN C 242 14.48 -3.97 -9.02
C GLN C 242 13.52 -3.78 -7.86
N MET C 243 12.34 -3.25 -8.17
CA MET C 243 11.24 -3.14 -7.21
C MET C 243 10.54 -4.49 -7.08
N TYR C 244 10.60 -5.08 -5.89
CA TYR C 244 9.96 -6.37 -5.65
C TYR C 244 9.37 -6.40 -4.24
N THR C 245 8.33 -7.22 -4.07
CA THR C 245 7.68 -7.44 -2.77
C THR C 245 7.24 -8.89 -2.63
N PRO C 246 7.74 -9.63 -1.64
CA PRO C 246 7.21 -10.97 -1.39
C PRO C 246 5.74 -10.92 -1.02
N GLY C 247 5.00 -11.96 -1.40
CA GLY C 247 3.58 -12.01 -1.15
C GLY C 247 3.14 -13.15 -0.26
N GLY C 248 3.91 -13.43 0.79
CA GLY C 248 3.58 -14.50 1.70
C GLY C 248 3.06 -13.99 3.03
N GLU C 249 3.82 -14.21 4.11
CA GLU C 249 3.43 -13.76 5.43
C GLU C 249 4.69 -13.42 6.21
N VAL C 250 4.70 -12.26 6.85
CA VAL C 250 5.83 -11.82 7.66
C VAL C 250 5.56 -12.15 9.11
N ARG C 251 6.63 -12.46 9.84
CA ARG C 251 6.55 -12.90 11.24
C ARG C 251 7.46 -12.03 12.10
N ASN C 252 7.36 -10.71 11.92
CA ASN C 252 8.14 -9.77 12.71
C ASN C 252 7.64 -9.76 14.14
N ASP C 253 8.47 -10.22 15.07
CA ASP C 253 8.10 -10.28 16.48
C ASP C 253 8.32 -8.92 17.13
N ASP C 254 8.00 -8.85 18.42
CA ASP C 254 8.13 -7.61 19.18
C ASP C 254 8.78 -7.84 20.55
N VAL C 255 9.28 -9.04 20.82
CA VAL C 255 9.84 -9.33 22.15
C VAL C 255 11.03 -8.43 22.45
N ASP C 256 11.75 -7.99 21.42
CA ASP C 256 12.89 -7.12 21.65
C ASP C 256 12.46 -5.81 22.31
N GLN C 257 11.38 -5.20 21.84
CA GLN C 257 10.88 -3.97 22.44
C GLN C 257 10.45 -4.21 23.89
N SER C 258 9.79 -5.34 24.14
CA SER C 258 9.38 -5.66 25.50
C SER C 258 10.60 -5.78 26.41
N LEU C 259 11.66 -6.43 25.93
CA LEU C 259 12.88 -6.56 26.72
C LEU C 259 13.51 -5.19 26.95
N ILE C 260 13.53 -4.33 25.94
CA ILE C 260 14.04 -2.98 26.12
C ILE C 260 13.29 -2.29 27.26
N ILE C 261 11.96 -2.35 27.22
CA ILE C 261 11.16 -1.66 28.24
C ILE C 261 11.41 -2.26 29.61
N ALA C 262 11.48 -3.60 29.68
CA ALA C 262 11.69 -4.25 30.97
C ALA C 262 13.03 -3.85 31.57
N ALA C 263 14.09 -3.91 30.78
CA ALA C 263 15.41 -3.52 31.27
C ALA C 263 15.44 -2.06 31.68
N ARG C 264 14.81 -1.18 30.89
CA ARG C 264 14.78 0.23 31.23
C ARG C 264 14.07 0.45 32.56
N ASN C 265 12.93 -0.20 32.75
CA ASN C 265 12.22 -0.07 34.02
C ASN C 265 13.05 -0.60 35.18
N ILE C 266 13.71 -1.73 34.98
CA ILE C 266 14.51 -2.33 36.05
C ILE C 266 15.62 -1.37 36.47
N VAL C 267 16.35 -0.83 35.49
CA VAL C 267 17.45 0.07 35.83
C VAL C 267 16.92 1.35 36.46
N ARG C 268 15.84 1.91 35.90
CA ARG C 268 15.31 3.17 36.44
C ARG C 268 14.84 3.00 37.87
N ARG C 269 14.28 1.84 38.21
CA ARG C 269 13.74 1.64 39.54
C ARG C 269 14.80 1.12 40.51
N ALA C 270 15.91 0.57 40.00
CA ALA C 270 16.97 0.08 40.87
C ALA C 270 18.05 1.11 41.14
N THR C 271 18.24 2.09 40.25
CA THR C 271 19.26 3.11 40.48
C THR C 271 18.99 3.86 41.77
N VAL C 272 17.72 4.20 42.03
CA VAL C 272 17.36 4.84 43.29
C VAL C 272 17.31 3.86 44.45
N SER C 273 17.26 2.55 44.17
CA SER C 273 17.11 1.56 45.22
C SER C 273 18.38 1.50 46.08
N ALA C 274 18.25 0.83 47.23
CA ALA C 274 19.36 0.75 48.17
C ALA C 274 20.46 -0.18 47.67
N ASP C 275 20.08 -1.35 47.16
CA ASP C 275 21.03 -2.36 46.69
C ASP C 275 20.66 -2.74 45.27
N PRO C 276 21.05 -1.93 44.29
CA PRO C 276 20.59 -2.18 42.91
C PRO C 276 20.99 -3.55 42.36
N LEU C 277 22.16 -4.07 42.75
CA LEU C 277 22.64 -5.31 42.14
C LEU C 277 21.76 -6.49 42.53
N ALA C 278 21.68 -6.80 43.83
CA ALA C 278 20.88 -7.92 44.27
C ALA C 278 19.42 -7.73 43.91
N SER C 279 18.93 -6.50 44.00
CA SER C 279 17.54 -6.22 43.66
C SER C 279 17.25 -6.54 42.20
N LEU C 280 18.08 -6.02 41.28
CA LEU C 280 17.87 -6.28 39.86
C LEU C 280 17.99 -7.77 39.57
N LEU C 281 18.92 -8.45 40.24
CA LEU C 281 19.06 -9.89 40.05
C LEU C 281 17.78 -10.62 40.45
N GLU C 282 17.23 -10.28 41.62
CA GLU C 282 16.01 -10.91 42.07
C GLU C 282 14.86 -10.65 41.10
N MET C 283 14.78 -9.43 40.56
CA MET C 283 13.73 -9.13 39.60
C MET C 283 13.89 -9.99 38.34
N CYS C 284 15.09 -9.99 37.76
CA CYS C 284 15.30 -10.73 36.53
C CYS C 284 15.05 -12.21 36.72
N HIS C 285 15.29 -12.73 37.93
CA HIS C 285 15.10 -14.16 38.15
C HIS C 285 13.62 -14.53 38.26
N SER C 286 12.75 -13.58 38.58
CA SER C 286 11.36 -13.85 38.90
C SER C 286 10.38 -13.16 37.95
N THR C 287 10.85 -12.77 36.76
CA THR C 287 10.03 -12.05 35.80
C THR C 287 9.80 -12.91 34.56
N GLN C 288 8.61 -12.75 33.98
CA GLN C 288 8.18 -13.54 32.83
C GLN C 288 7.79 -12.62 31.69
N ILE C 289 8.29 -12.94 30.49
CA ILE C 289 8.04 -12.16 29.29
C ILE C 289 7.22 -13.04 28.36
N GLY C 290 5.92 -12.81 28.31
CA GLY C 290 5.06 -13.58 27.42
C GLY C 290 5.11 -15.07 27.64
N GLY C 291 5.13 -15.51 28.89
CA GLY C 291 5.13 -16.91 29.21
C GLY C 291 6.48 -17.56 29.32
N VAL C 292 7.58 -16.80 29.21
CA VAL C 292 8.93 -17.34 29.30
C VAL C 292 9.74 -16.43 30.22
N ARG C 293 10.56 -17.05 31.06
CA ARG C 293 11.40 -16.28 31.99
C ARG C 293 12.37 -15.41 31.22
N MET C 294 12.65 -14.22 31.78
CA MET C 294 13.50 -13.26 31.09
C MET C 294 14.96 -13.69 31.03
N VAL C 295 15.39 -14.61 31.90
CA VAL C 295 16.78 -15.04 31.90
C VAL C 295 17.12 -15.73 30.57
N ASP C 296 16.22 -16.59 30.10
CA ASP C 296 16.46 -17.27 28.83
C ASP C 296 16.59 -16.27 27.69
N ILE C 297 15.71 -15.25 27.66
CA ILE C 297 15.76 -14.26 26.60
C ILE C 297 17.04 -13.45 26.68
N LEU C 298 17.45 -13.07 27.89
CA LEU C 298 18.70 -12.32 28.05
C LEU C 298 19.89 -13.14 27.55
N ARG C 299 19.92 -14.43 27.88
CA ARG C 299 21.01 -15.28 27.42
C ARG C 299 20.95 -15.54 25.92
N GLN C 300 19.75 -15.47 25.32
CA GLN C 300 19.55 -15.82 23.92
C GLN C 300 19.61 -14.60 23.00
N ASN C 301 18.78 -13.60 23.28
CA ASN C 301 18.65 -12.48 22.36
C ASN C 301 19.97 -11.69 22.28
N PRO C 302 20.42 -11.31 21.06
CA PRO C 302 21.63 -10.48 20.93
C PRO C 302 21.34 -8.99 20.93
N THR C 303 20.65 -8.51 21.95
CA THR C 303 20.31 -7.10 22.05
C THR C 303 21.51 -6.30 22.54
N GLU C 304 21.58 -5.04 22.09
CA GLU C 304 22.67 -4.13 22.47
C GLU C 304 22.05 -2.80 22.91
N GLU C 305 22.01 -2.58 24.22
CA GLU C 305 21.53 -1.32 24.76
C GLU C 305 22.11 -1.13 26.16
N GLN C 306 22.10 0.12 26.62
CA GLN C 306 22.74 0.44 27.89
C GLN C 306 22.12 -0.34 29.04
N ALA C 307 20.79 -0.39 29.09
CA ALA C 307 20.13 -1.07 30.19
C ALA C 307 20.46 -2.56 30.21
N VAL C 308 20.32 -3.22 29.06
CA VAL C 308 20.60 -4.65 28.99
C VAL C 308 22.07 -4.93 29.21
N ASP C 309 22.95 -4.04 28.71
CA ASP C 309 24.38 -4.23 28.92
C ASP C 309 24.74 -4.13 30.40
N ILE C 310 24.17 -3.16 31.11
CA ILE C 310 24.43 -3.04 32.54
C ILE C 310 23.85 -4.23 33.28
N CYS C 311 22.69 -4.73 32.82
CA CYS C 311 22.11 -5.92 33.42
C CYS C 311 23.05 -7.12 33.27
N LYS C 312 23.63 -7.28 32.07
CA LYS C 312 24.60 -8.36 31.87
C LYS C 312 25.83 -8.18 32.77
N ALA C 313 26.33 -6.94 32.85
CA ALA C 313 27.50 -6.69 33.69
C ALA C 313 27.22 -7.05 35.14
N ALA C 314 26.04 -6.69 35.64
CA ALA C 314 25.67 -7.06 37.01
C ALA C 314 25.57 -8.58 37.14
N MET C 315 24.83 -9.23 36.24
CA MET C 315 24.69 -10.67 36.29
C MET C 315 26.03 -11.36 36.02
N GLY C 316 26.86 -10.77 35.16
CA GLY C 316 28.16 -11.33 34.85
C GLY C 316 28.18 -12.04 33.52
N LEU C 317 28.67 -11.35 32.50
CA LEU C 317 28.74 -11.88 31.13
C LEU C 317 29.65 -10.94 30.34
N ARG C 318 29.72 -11.14 29.03
CA ARG C 318 30.53 -10.33 28.15
C ARG C 318 29.64 -9.38 27.36
N ILE C 319 30.05 -8.12 27.25
CA ILE C 319 29.35 -7.11 26.49
C ILE C 319 30.36 -6.36 25.63
N SER C 320 29.86 -5.72 24.58
CA SER C 320 30.71 -4.95 23.70
C SER C 320 31.39 -3.83 24.47
N SER C 321 32.68 -3.61 24.19
CA SER C 321 33.44 -2.53 24.82
C SER C 321 33.18 -1.22 24.07
N SER C 322 31.93 -0.79 24.09
CA SER C 322 31.52 0.42 23.39
C SER C 322 30.20 0.89 23.99
N PHE C 323 29.83 2.13 23.65
CA PHE C 323 28.63 2.76 24.17
C PHE C 323 27.84 3.39 23.03
N SER C 324 26.52 3.25 23.08
CA SER C 324 25.62 3.84 22.09
C SER C 324 25.26 5.25 22.56
N PHE C 325 25.98 6.25 22.05
CA PHE C 325 25.82 7.63 22.48
C PHE C 325 25.05 8.41 21.42
N GLY C 326 24.01 9.11 21.85
CA GLY C 326 23.24 9.94 20.95
C GLY C 326 22.59 9.16 19.81
N GLY C 327 22.13 7.95 20.08
CA GLY C 327 21.51 7.14 19.06
C GLY C 327 22.47 6.49 18.09
N PHE C 328 23.77 6.57 18.35
CA PHE C 328 24.79 6.01 17.47
C PHE C 328 25.66 5.04 18.26
N THR C 329 25.85 3.84 17.71
CA THR C 329 26.77 2.88 18.30
C THR C 329 28.20 3.30 18.00
N PHE C 330 28.97 3.57 19.05
CA PHE C 330 30.35 3.98 18.90
C PHE C 330 31.27 2.77 18.96
N LYS C 331 32.52 2.97 18.56
CA LYS C 331 33.53 1.91 18.68
C LYS C 331 34.91 2.55 18.55
N ARG C 332 35.75 2.37 19.56
CA ARG C 332 37.13 2.79 19.46
C ARG C 332 37.87 1.91 18.45
N THR C 333 38.79 2.51 17.71
CA THR C 333 39.55 1.74 16.71
C THR C 333 41.06 1.86 16.88
N SER C 334 41.56 3.04 17.22
CA SER C 334 43.01 3.25 17.30
C SER C 334 43.31 4.29 18.37
N GLY C 335 44.56 4.26 18.85
CA GLY C 335 44.99 5.21 19.85
C GLY C 335 44.54 4.83 21.25
N SER C 336 44.96 5.64 22.21
CA SER C 336 44.61 5.45 23.60
C SER C 336 44.38 6.82 24.25
N SER C 337 43.62 6.81 25.34
CA SER C 337 43.29 8.05 26.04
C SER C 337 43.21 7.78 27.54
N VAL C 338 43.38 8.85 28.31
CA VAL C 338 43.31 8.82 29.77
C VAL C 338 42.19 9.75 30.20
N LYS C 339 41.38 9.29 31.16
CA LYS C 339 40.24 10.06 31.65
C LYS C 339 40.69 10.95 32.80
N ARG C 340 40.43 12.25 32.69
CA ARG C 340 40.76 13.21 33.73
C ARG C 340 39.54 14.04 34.10
N GLU C 341 39.34 14.23 35.40
CA GLU C 341 38.23 15.01 35.92
C GLU C 341 38.60 16.49 35.92
N GLU C 342 37.62 17.33 35.60
CA GLU C 342 37.86 18.77 35.55
C GLU C 342 36.53 19.49 35.75
N GLU C 343 36.64 20.80 36.03
CA GLU C 343 35.50 21.69 36.15
C GLU C 343 35.55 22.69 35.01
N VAL C 344 34.42 22.86 34.32
CA VAL C 344 34.35 23.69 33.12
C VAL C 344 33.24 24.72 33.29
N LEU C 345 33.56 25.97 32.98
CA LEU C 345 32.59 27.06 33.00
C LEU C 345 32.11 27.32 31.58
N THR C 346 30.80 27.24 31.38
CA THR C 346 30.23 27.38 30.05
C THR C 346 30.02 28.87 29.72
N GLY C 347 29.40 29.12 28.56
CA GLY C 347 29.09 30.47 28.16
C GLY C 347 27.90 31.09 28.85
N ASN C 348 27.20 30.31 29.67
CA ASN C 348 26.06 30.79 30.46
C ASN C 348 26.41 30.95 31.94
N LEU C 349 27.71 31.06 32.25
CA LEU C 349 28.16 31.16 33.64
C LEU C 349 27.68 29.96 34.46
N GLN C 350 27.75 28.78 33.85
CA GLN C 350 27.36 27.53 34.50
C GLN C 350 28.60 26.67 34.69
N THR C 351 28.81 26.19 35.90
CA THR C 351 29.95 25.34 36.22
C THR C 351 29.51 23.88 36.20
N LEU C 352 30.26 23.05 35.46
CA LEU C 352 29.93 21.66 35.29
C LEU C 352 31.15 20.81 35.62
N LYS C 353 30.91 19.70 36.33
CA LYS C 353 31.95 18.73 36.65
C LYS C 353 31.93 17.64 35.59
N ILE C 354 33.01 17.55 34.82
CA ILE C 354 33.07 16.67 33.66
C ILE C 354 34.33 15.81 33.76
N ARG C 355 34.36 14.76 32.95
CA ARG C 355 35.53 13.90 32.82
C ARG C 355 35.85 13.80 31.33
N VAL C 356 37.02 14.29 30.94
CA VAL C 356 37.40 14.38 29.54
C VAL C 356 38.51 13.39 29.24
N HIS C 357 38.52 12.89 28.01
CA HIS C 357 39.55 11.98 27.54
C HIS C 357 40.68 12.78 26.90
N GLU C 358 41.90 12.56 27.36
CA GLU C 358 43.08 13.16 26.78
C GLU C 358 43.87 12.09 26.04
N GLY C 359 44.11 12.31 24.76
CA GLY C 359 44.81 11.34 23.94
C GLY C 359 44.42 11.47 22.48
N TYR C 360 45.21 10.81 21.64
CA TYR C 360 45.01 10.84 20.19
C TYR C 360 44.20 9.61 19.77
N GLU C 361 42.93 9.62 20.15
CA GLU C 361 42.03 8.49 19.96
C GLU C 361 41.27 8.63 18.64
N GLU C 362 40.75 7.48 18.17
CA GLU C 362 39.95 7.42 16.95
C GLU C 362 38.75 6.53 17.18
N PHE C 363 37.58 6.98 16.73
CA PHE C 363 36.33 6.27 16.92
C PHE C 363 35.56 6.21 15.61
N THR C 364 34.76 5.16 15.48
CA THR C 364 33.81 4.99 14.38
C THR C 364 32.41 4.88 14.98
N MET C 365 31.47 5.64 14.43
CA MET C 365 30.10 5.69 14.90
C MET C 365 29.16 5.25 13.78
N VAL C 366 28.23 4.36 14.11
CA VAL C 366 27.23 3.86 13.18
C VAL C 366 25.87 4.17 13.79
N GLY C 367 25.09 5.02 13.13
CA GLY C 367 23.76 5.36 13.59
C GLY C 367 22.68 4.71 12.75
N ARG C 368 21.45 5.09 13.05
CA ARG C 368 20.30 4.59 12.30
C ARG C 368 20.29 5.15 10.88
N ARG C 369 20.85 6.35 10.68
CA ARG C 369 20.78 7.00 9.39
C ARG C 369 22.11 7.63 8.97
N ALA C 370 23.24 7.20 9.52
CA ALA C 370 24.52 7.79 9.16
C ALA C 370 25.66 6.90 9.65
N THR C 371 26.86 7.21 9.16
CA THR C 371 28.08 6.53 9.56
C THR C 371 29.22 7.54 9.52
N ALA C 372 30.06 7.54 10.56
CA ALA C 372 31.01 8.62 10.75
C ALA C 372 32.27 8.09 11.43
N ILE C 373 33.34 8.87 11.31
CA ILE C 373 34.61 8.61 11.96
C ILE C 373 35.12 9.90 12.58
N LEU C 374 35.87 9.78 13.67
CA LEU C 374 36.34 10.95 14.42
C LEU C 374 37.70 10.66 15.03
N ARG C 375 38.68 11.46 14.67
CA ARG C 375 40.00 11.45 15.28
C ARG C 375 40.11 12.67 16.18
N LYS C 376 40.35 12.44 17.48
CA LYS C 376 40.36 13.48 18.49
C LYS C 376 41.67 13.44 19.25
N ALA C 377 42.24 14.63 19.49
CA ALA C 377 43.45 14.77 20.27
C ALA C 377 43.08 15.10 21.72
N THR C 378 44.07 15.52 22.51
CA THR C 378 43.83 15.88 23.90
C THR C 378 43.02 17.17 23.93
N ARG C 379 41.73 17.05 24.21
CA ARG C 379 40.83 18.21 24.25
C ARG C 379 40.92 19.02 22.96
N ARG C 380 41.01 18.31 21.84
CA ARG C 380 41.17 18.96 20.53
C ARG C 380 40.55 18.09 19.47
N LEU C 381 39.58 18.63 18.73
CA LEU C 381 38.98 17.91 17.61
C LEU C 381 39.89 18.03 16.40
N ILE C 382 40.37 16.90 15.90
CA ILE C 382 41.35 16.86 14.83
C ILE C 382 40.69 16.62 13.48
N GLN C 383 39.95 15.52 13.34
CA GLN C 383 39.30 15.21 12.07
C GLN C 383 37.93 14.60 12.33
N LEU C 384 36.94 14.99 11.51
CA LEU C 384 35.60 14.44 11.60
C LEU C 384 35.08 14.19 10.19
N ILE C 385 34.57 12.99 9.95
CA ILE C 385 34.01 12.59 8.67
C ILE C 385 32.64 11.98 8.92
N VAL C 386 31.65 12.36 8.11
CA VAL C 386 30.30 11.84 8.29
C VAL C 386 29.73 11.53 6.90
N SER C 387 28.81 10.56 6.85
CA SER C 387 28.05 10.26 5.64
C SER C 387 26.65 9.85 6.03
N GLY C 388 25.64 10.46 5.42
CA GLY C 388 24.26 10.19 5.79
C GLY C 388 23.31 10.43 4.63
N LYS C 389 22.15 9.77 4.71
CA LYS C 389 21.15 9.87 3.66
C LYS C 389 20.56 11.28 3.57
N ASP C 390 20.24 11.88 4.72
CA ASP C 390 19.59 13.17 4.77
C ASP C 390 20.47 14.17 5.51
N GLU C 391 20.18 15.46 5.31
CA GLU C 391 20.95 16.50 5.97
C GLU C 391 20.74 16.49 7.48
N GLN C 392 19.52 16.17 7.92
CA GLN C 392 19.23 16.16 9.35
C GLN C 392 20.03 15.07 10.06
N SER C 393 20.15 13.89 9.43
CA SER C 393 21.00 12.85 9.99
C SER C 393 22.45 13.32 10.08
N ILE C 394 22.93 14.01 9.04
CA ILE C 394 24.28 14.55 9.05
C ILE C 394 24.45 15.47 10.25
N ALA C 395 23.49 16.38 10.45
CA ALA C 395 23.59 17.40 11.48
C ALA C 395 23.57 16.77 12.87
N GLU C 396 22.63 15.86 13.11
CA GLU C 396 22.57 15.22 14.43
C GLU C 396 23.83 14.42 14.71
N ALA C 397 24.35 13.71 13.70
CA ALA C 397 25.58 12.95 13.90
C ALA C 397 26.75 13.88 14.22
N ILE C 398 26.87 15.00 13.51
CA ILE C 398 27.97 15.91 13.76
C ILE C 398 27.84 16.55 15.14
N ILE C 399 26.61 16.86 15.55
CA ILE C 399 26.39 17.41 16.88
C ILE C 399 26.81 16.41 17.95
N VAL C 400 26.43 15.14 17.76
CA VAL C 400 26.83 14.10 18.71
C VAL C 400 28.34 14.01 18.77
N ALA C 401 29.00 14.01 17.62
CA ALA C 401 30.45 13.88 17.60
C ALA C 401 31.13 15.05 18.31
N MET C 402 30.68 16.27 18.02
CA MET C 402 31.32 17.44 18.64
C MET C 402 31.09 17.47 20.14
N VAL C 403 29.89 17.12 20.60
CA VAL C 403 29.69 17.08 22.05
C VAL C 403 30.55 15.99 22.67
N PHE C 404 30.74 14.87 21.97
CA PHE C 404 31.62 13.83 22.50
C PHE C 404 33.05 14.33 22.61
N SER C 405 33.49 15.12 21.63
CA SER C 405 34.87 15.63 21.65
C SER C 405 35.15 16.41 22.93
N GLN C 406 34.16 17.14 23.43
CA GLN C 406 34.27 17.86 24.70
C GLN C 406 35.38 18.91 24.66
N GLU C 407 35.61 19.48 23.49
CA GLU C 407 36.68 20.48 23.34
C GLU C 407 36.30 21.77 24.08
N ASP C 408 37.33 22.57 24.36
CA ASP C 408 37.15 23.85 25.03
C ASP C 408 36.53 24.92 24.15
N CYS C 409 36.66 24.79 22.82
CA CYS C 409 36.13 25.82 21.93
C CYS C 409 34.61 25.94 22.07
N MET C 410 33.90 24.81 22.11
CA MET C 410 32.45 24.85 22.24
C MET C 410 31.98 25.28 23.62
N ILE C 411 32.85 25.16 24.63
CA ILE C 411 32.46 25.52 25.99
C ILE C 411 32.05 26.99 26.04
N LYS C 412 32.85 27.86 25.44
CA LYS C 412 32.51 29.27 25.35
C LYS C 412 31.38 29.54 24.37
N ALA C 413 30.99 28.54 23.58
CA ALA C 413 29.92 28.68 22.59
C ALA C 413 28.56 28.23 23.12
N VAL C 414 28.45 27.95 24.41
CA VAL C 414 27.18 27.56 25.00
C VAL C 414 26.36 28.81 25.27
N ARG C 415 25.10 28.80 24.80
CA ARG C 415 24.17 29.89 25.03
C ARG C 415 22.92 29.32 25.69
N GLY C 416 22.49 29.94 26.78
CA GLY C 416 21.36 29.43 27.55
C GLY C 416 21.80 28.46 28.62
N ASP C 417 20.97 28.33 29.65
CA ASP C 417 21.27 27.44 30.75
C ASP C 417 21.17 25.98 30.31
N LEU C 418 21.91 25.12 31.01
CA LEU C 418 21.87 23.68 30.79
C LEU C 418 21.38 23.05 32.10
N ASN C 419 20.06 23.00 32.26
CA ASN C 419 19.42 22.44 33.45
C ASN C 419 18.43 21.35 33.07
N PHE C 420 18.69 20.64 31.98
CA PHE C 420 17.79 19.58 31.55
C PHE C 420 17.73 18.48 32.60
N VAL C 421 16.52 17.99 32.87
CA VAL C 421 16.30 16.93 33.84
C VAL C 421 15.38 15.90 33.21
N ASN C 422 15.73 14.62 33.34
CA ASN C 422 14.97 13.56 32.71
C ASN C 422 13.57 13.48 33.33
N ARG C 423 12.73 12.64 32.74
CA ARG C 423 11.34 12.52 33.19
C ARG C 423 11.25 12.07 34.65
N ALA C 424 12.28 11.41 35.17
CA ALA C 424 12.32 11.00 36.56
C ALA C 424 12.79 12.12 37.49
N ASN C 425 13.04 13.31 36.96
CA ASN C 425 13.51 14.44 37.75
C ASN C 425 14.86 14.16 38.40
N GLN C 426 15.69 13.37 37.74
CA GLN C 426 17.05 13.08 38.19
C GLN C 426 18.02 13.90 37.34
N ARG C 427 18.91 14.63 38.00
CA ARG C 427 19.82 15.52 37.29
C ARG C 427 20.60 14.75 36.23
N LEU C 428 20.63 15.31 35.02
CA LEU C 428 21.36 14.72 33.92
C LEU C 428 22.82 15.17 33.95
N ASN C 429 23.71 14.27 33.55
CA ASN C 429 25.13 14.58 33.55
C ASN C 429 25.43 15.66 32.51
N PRO C 430 26.51 16.41 32.71
CA PRO C 430 26.74 17.59 31.84
C PRO C 430 26.79 17.29 30.36
N MET C 431 27.40 16.18 29.95
CA MET C 431 27.55 15.94 28.51
C MET C 431 26.19 15.70 27.85
N HIS C 432 25.30 14.96 28.51
CA HIS C 432 23.97 14.76 27.93
C HIS C 432 23.20 16.07 27.86
N GLN C 433 23.30 16.91 28.89
CA GLN C 433 22.63 18.20 28.87
C GLN C 433 23.16 19.06 27.72
N LEU C 434 24.48 19.07 27.52
CA LEU C 434 25.06 19.80 26.40
C LEU C 434 24.56 19.24 25.07
N LEU C 435 24.45 17.91 24.97
CA LEU C 435 23.96 17.29 23.75
C LEU C 435 22.55 17.77 23.43
N ARG C 436 21.67 17.75 24.43
CA ARG C 436 20.30 18.22 24.20
C ARG C 436 20.27 19.70 23.86
N HIS C 437 21.08 20.51 24.55
CA HIS C 437 21.09 21.94 24.28
C HIS C 437 21.53 22.22 22.84
N PHE C 438 22.57 21.54 22.37
CA PHE C 438 23.05 21.76 21.01
C PHE C 438 22.08 21.16 19.99
N GLN C 439 21.36 20.10 20.36
CA GLN C 439 20.27 19.64 19.51
C GLN C 439 19.22 20.72 19.33
N LYS C 440 18.88 21.43 20.41
CA LYS C 440 17.87 22.48 20.31
C LYS C 440 18.30 23.58 19.35
N ASP C 441 19.57 24.00 19.43
CA ASP C 441 20.07 25.06 18.58
C ASP C 441 21.59 25.06 18.62
N ALA C 442 22.21 25.11 17.43
CA ALA C 442 23.66 25.12 17.33
C ALA C 442 24.17 26.14 16.32
N LYS C 443 23.32 27.04 15.82
CA LYS C 443 23.77 28.02 14.84
C LYS C 443 24.86 28.92 15.42
N VAL C 444 24.68 29.37 16.66
CA VAL C 444 25.68 30.24 17.27
C VAL C 444 27.03 29.53 17.37
N LEU C 445 27.00 28.26 17.79
CA LEU C 445 28.25 27.49 17.85
C LEU C 445 28.85 27.33 16.46
N PHE C 446 28.03 27.05 15.45
CA PHE C 446 28.53 26.91 14.09
C PHE C 446 29.25 28.18 13.65
N GLN C 447 28.67 29.34 13.95
CA GLN C 447 29.28 30.59 13.53
C GLN C 447 30.64 30.80 14.21
N ASN C 448 30.78 30.32 15.44
CA ASN C 448 31.98 30.55 16.25
C ASN C 448 32.75 29.27 16.50
N TRP C 449 32.59 28.25 15.66
CA TRP C 449 33.31 26.99 15.85
C TRP C 449 34.68 27.02 15.17
N GLY C 450 34.70 27.21 13.86
CA GLY C 450 35.94 27.24 13.12
C GLY C 450 35.71 27.07 11.63
N ILE C 451 36.42 27.84 10.82
CA ILE C 451 36.24 27.84 9.37
C ILE C 451 37.61 27.92 8.71
N GLU C 452 37.84 27.05 7.72
CA GLU C 452 39.13 27.00 7.03
C GLU C 452 38.93 26.39 5.66
N PRO C 453 39.80 26.68 4.69
CA PRO C 453 39.63 26.11 3.35
C PRO C 453 40.11 24.67 3.29
N ILE C 454 39.66 23.97 2.26
CA ILE C 454 39.98 22.56 2.05
C ILE C 454 40.28 22.34 0.57
N ASP C 455 41.31 21.55 0.29
CA ASP C 455 41.62 21.16 -1.08
C ASP C 455 40.49 20.31 -1.64
N ASN C 456 40.22 20.47 -2.93
CA ASN C 456 39.15 19.74 -3.61
C ASN C 456 39.69 18.44 -4.16
N VAL C 457 39.05 17.33 -3.81
CA VAL C 457 39.39 16.01 -4.32
C VAL C 457 38.10 15.23 -4.53
N MET C 458 38.19 14.21 -5.38
CA MET C 458 37.02 13.40 -5.70
C MET C 458 36.63 12.52 -4.52
N GLY C 459 35.32 12.30 -4.39
CA GLY C 459 34.79 11.42 -3.37
C GLY C 459 34.44 12.09 -2.05
N MET C 460 34.79 13.36 -1.86
CA MET C 460 34.54 14.03 -0.60
C MET C 460 34.27 15.51 -0.85
N ILE C 461 33.34 16.06 -0.07
CA ILE C 461 32.89 17.45 -0.21
C ILE C 461 32.85 18.09 1.17
N GLY C 462 32.97 19.42 1.20
CA GLY C 462 32.91 20.15 2.45
C GLY C 462 31.50 20.50 2.86
N ILE C 463 31.39 21.21 4.00
CA ILE C 463 30.11 21.65 4.53
C ILE C 463 30.28 23.04 5.12
N LEU C 464 29.39 23.95 4.73
CA LEU C 464 29.32 25.28 5.32
C LEU C 464 28.54 25.22 6.63
N PRO C 465 28.62 26.26 7.46
CA PRO C 465 27.98 26.17 8.77
C PRO C 465 26.47 26.02 8.70
N ASP C 466 25.82 26.48 7.63
CA ASP C 466 24.39 26.28 7.46
C ASP C 466 24.04 24.89 6.94
N MET C 467 25.01 23.96 6.97
CA MET C 467 24.78 22.57 6.60
C MET C 467 24.37 22.46 5.13
N THR C 468 25.25 22.94 4.26
CA THR C 468 25.09 22.87 2.81
C THR C 468 26.40 22.38 2.21
N PRO C 469 26.34 21.60 1.13
CA PRO C 469 27.58 21.11 0.52
C PRO C 469 28.46 22.25 0.03
N SER C 470 29.77 22.03 0.13
CA SER C 470 30.75 23.01 -0.34
C SER C 470 32.03 22.28 -0.73
N THR C 471 32.71 22.83 -1.74
CA THR C 471 33.96 22.26 -2.22
C THR C 471 35.18 23.12 -1.91
N GLU C 472 35.00 24.41 -1.64
CA GLU C 472 36.11 25.32 -1.44
C GLU C 472 36.37 25.68 0.02
N MET C 473 35.43 25.40 0.93
CA MET C 473 35.62 25.77 2.33
C MET C 473 34.67 24.96 3.18
N SER C 474 35.11 24.64 4.40
CA SER C 474 34.34 23.82 5.33
C SER C 474 34.72 24.21 6.75
N LEU C 475 34.25 23.43 7.72
CA LEU C 475 34.57 23.66 9.12
C LEU C 475 35.82 22.88 9.50
N ARG C 476 36.40 23.24 10.65
CA ARG C 476 37.65 22.63 11.09
C ARG C 476 37.46 21.13 11.26
N GLY C 477 38.16 20.34 10.43
CA GLY C 477 38.12 18.90 10.55
C GLY C 477 36.76 18.28 10.30
N VAL C 478 35.87 18.99 9.65
CA VAL C 478 34.52 18.50 9.35
C VAL C 478 34.43 18.24 7.86
N ARG C 479 34.04 17.03 7.48
CA ARG C 479 33.90 16.69 6.07
C ARG C 479 32.86 15.61 5.90
N VAL C 480 32.33 15.52 4.68
CA VAL C 480 31.27 14.59 4.33
C VAL C 480 31.68 13.81 3.10
N SER C 481 31.44 12.50 3.13
CA SER C 481 31.80 11.61 2.03
C SER C 481 30.59 11.39 1.13
N LYS C 482 30.77 11.55 -0.17
CA LYS C 482 29.68 11.35 -1.12
C LYS C 482 29.34 9.87 -1.30
N MET C 483 30.15 8.96 -0.79
CA MET C 483 29.88 7.53 -0.84
C MET C 483 29.72 6.99 0.58
N GLY C 484 28.79 6.04 0.73
CA GLY C 484 28.53 5.50 2.05
C GLY C 484 29.75 4.81 2.63
N VAL C 485 29.89 4.93 3.95
CA VAL C 485 31.00 4.35 4.69
C VAL C 485 30.54 3.04 5.31
N ASP C 486 31.30 1.97 5.08
CA ASP C 486 30.94 0.67 5.62
C ASP C 486 31.07 0.68 7.14
N GLU C 487 30.11 0.04 7.80
CA GLU C 487 30.07 0.04 9.26
C GLU C 487 31.26 -0.71 9.82
N TYR C 488 31.35 -0.73 11.15
CA TYR C 488 32.41 -1.48 11.82
C TYR C 488 32.29 -2.97 11.47
N SER C 489 33.44 -3.62 11.31
CA SER C 489 33.46 -5.01 10.87
C SER C 489 33.41 -5.99 12.03
N SER C 490 33.86 -5.58 13.22
CA SER C 490 33.92 -6.47 14.36
C SER C 490 33.81 -5.66 15.65
N THR C 491 33.47 -6.36 16.73
CA THR C 491 33.34 -5.76 18.05
C THR C 491 34.12 -6.58 19.06
N GLU C 492 34.73 -5.89 20.02
CA GLU C 492 35.56 -6.50 21.04
C GLU C 492 34.79 -6.57 22.36
N ARG C 493 34.64 -7.77 22.90
CA ARG C 493 33.98 -8.00 24.18
C ARG C 493 35.05 -8.34 25.21
N VAL C 494 35.12 -7.56 26.28
CA VAL C 494 36.18 -7.67 27.26
C VAL C 494 35.57 -7.70 28.65
N VAL C 495 36.35 -8.21 29.61
CA VAL C 495 35.92 -8.24 31.00
C VAL C 495 35.80 -6.83 31.52
N VAL C 496 34.68 -6.53 32.19
CA VAL C 496 34.39 -5.20 32.69
C VAL C 496 33.98 -5.29 34.15
N SER C 497 34.08 -4.17 34.84
CA SER C 497 33.73 -4.06 36.26
C SER C 497 32.47 -3.23 36.42
N ILE C 498 31.60 -3.65 37.33
CA ILE C 498 30.35 -2.98 37.63
C ILE C 498 30.32 -2.59 39.10
N ASP C 499 29.98 -1.34 39.37
CA ASP C 499 29.81 -0.87 40.74
C ASP C 499 28.33 -0.90 41.13
N ARG C 500 28.08 -0.76 42.43
CA ARG C 500 26.70 -0.77 42.92
C ARG C 500 25.84 0.30 42.26
N PHE C 501 26.44 1.40 41.80
CA PHE C 501 25.72 2.45 41.11
C PHE C 501 25.35 2.09 39.68
N LEU C 502 25.52 0.83 39.28
CA LEU C 502 25.21 0.39 37.92
C LEU C 502 26.07 1.10 36.88
N ARG C 503 27.26 1.55 37.29
CA ARG C 503 28.25 2.12 36.38
C ARG C 503 29.25 1.01 36.03
N VAL C 504 29.44 0.78 34.74
CA VAL C 504 30.35 -0.27 34.27
C VAL C 504 31.70 0.37 34.00
N ARG C 505 32.73 -0.10 34.71
CA ARG C 505 34.07 0.44 34.60
C ARG C 505 35.00 -0.57 33.95
N ASP C 506 35.81 -0.10 33.00
CA ASP C 506 36.76 -0.97 32.33
C ASP C 506 37.90 -1.33 33.27
N GLN C 507 38.69 -2.33 32.86
CA GLN C 507 39.79 -2.80 33.69
C GLN C 507 40.85 -1.72 33.90
N ARG C 508 40.86 -0.67 33.07
CA ARG C 508 41.84 0.40 33.21
C ARG C 508 41.39 1.49 34.17
N GLY C 509 40.24 1.34 34.81
CA GLY C 509 39.73 2.32 35.75
C GLY C 509 38.74 3.30 35.15
N ASN C 510 38.60 3.34 33.83
CA ASN C 510 37.62 4.21 33.18
C ASN C 510 36.22 3.61 33.30
N VAL C 511 35.23 4.46 33.09
CA VAL C 511 33.82 4.05 33.12
C VAL C 511 33.35 3.83 31.69
N LEU C 512 32.50 2.82 31.50
CA LEU C 512 31.99 2.42 30.20
C LEU C 512 30.51 2.76 30.04
N LEU C 513 29.67 2.32 30.97
CA LEU C 513 28.23 2.50 30.88
C LEU C 513 27.70 3.12 32.17
N SER C 514 26.59 3.86 32.04
CA SER C 514 25.92 4.47 33.17
C SER C 514 24.42 4.43 32.95
N PRO C 515 23.63 4.32 34.01
CA PRO C 515 22.17 4.40 33.84
C PRO C 515 21.70 5.73 33.31
N GLU C 516 22.40 6.82 33.62
CA GLU C 516 22.00 8.13 33.12
C GLU C 516 22.00 8.19 31.60
N GLU C 517 22.81 7.36 30.95
CA GLU C 517 22.83 7.30 29.49
C GLU C 517 21.62 6.57 28.92
N VAL C 518 20.82 5.92 29.75
CA VAL C 518 19.67 5.17 29.27
C VAL C 518 18.56 6.14 28.92
N SER C 519 17.98 5.97 27.73
CA SER C 519 16.85 6.79 27.32
C SER C 519 15.67 6.55 28.25
N GLU C 520 14.91 7.61 28.52
CA GLU C 520 13.77 7.55 29.42
C GLU C 520 12.44 7.44 28.68
N THR C 521 12.48 7.16 27.38
CA THR C 521 11.25 7.04 26.61
C THR C 521 10.41 5.87 27.11
N GLN C 522 9.09 6.01 26.97
CA GLN C 522 8.15 4.98 27.39
C GLN C 522 7.47 4.38 26.16
N GLY C 523 7.33 3.05 26.16
CA GLY C 523 6.65 2.36 25.09
C GLY C 523 5.45 1.59 25.58
N THR C 524 4.93 0.69 24.75
CA THR C 524 3.83 -0.19 25.12
C THR C 524 4.25 -1.64 24.97
N GLU C 525 3.81 -2.46 25.91
CA GLU C 525 4.15 -3.88 25.93
C GLU C 525 3.22 -4.61 24.97
N LYS C 526 3.75 -5.02 23.81
CA LYS C 526 2.96 -5.82 22.89
C LYS C 526 2.56 -7.14 23.54
N LEU C 527 3.50 -7.78 24.23
CA LEU C 527 3.25 -9.02 24.95
C LEU C 527 3.22 -8.75 26.44
N THR C 528 2.34 -9.46 27.14
CA THR C 528 2.17 -9.22 28.57
C THR C 528 3.45 -9.52 29.32
N ILE C 529 3.70 -8.74 30.37
CA ILE C 529 4.88 -8.87 31.21
C ILE C 529 4.42 -9.11 32.65
N THR C 530 4.92 -10.18 33.26
CA THR C 530 4.53 -10.58 34.60
C THR C 530 5.72 -10.46 35.55
N TYR C 531 5.46 -9.93 36.74
CA TYR C 531 6.49 -9.81 37.77
C TYR C 531 5.99 -10.47 39.06
N SER C 532 6.94 -11.05 39.80
CA SER C 532 6.69 -11.56 41.14
C SER C 532 7.56 -10.87 42.17
N SER C 533 8.03 -9.66 41.87
CA SER C 533 8.98 -8.94 42.71
C SER C 533 8.23 -8.09 43.73
N SER C 534 8.95 -7.14 44.33
CA SER C 534 8.40 -6.29 45.39
C SER C 534 7.53 -5.19 44.79
N MET C 535 7.19 -4.17 45.60
CA MET C 535 6.24 -3.16 45.16
C MET C 535 6.86 -2.33 44.05
N MET C 536 7.08 -2.96 42.90
CA MET C 536 7.80 -2.35 41.80
C MET C 536 6.87 -1.92 40.67
N TRP C 537 5.56 -1.95 40.90
CA TRP C 537 4.58 -1.57 39.89
C TRP C 537 4.43 -0.04 39.82
N GLU C 538 5.57 0.62 39.57
CA GLU C 538 5.61 2.08 39.59
C GLU C 538 5.28 2.67 38.22
N ILE C 539 5.85 2.11 37.15
CA ILE C 539 5.53 2.54 35.80
C ILE C 539 4.50 1.63 35.14
N ASN C 540 4.05 0.59 35.85
CA ASN C 540 3.16 -0.39 35.23
C ASN C 540 1.83 0.24 34.81
N GLY C 541 1.26 1.07 35.67
CA GLY C 541 -0.02 1.69 35.39
C GLY C 541 -1.16 0.71 35.61
N PRO C 542 -2.42 1.20 35.66
CA PRO C 542 -3.59 0.32 35.88
C PRO C 542 -3.79 -0.75 34.80
N GLU C 543 -3.66 -0.38 33.52
CA GLU C 543 -3.84 -1.27 32.34
C GLU C 543 -3.11 -2.60 32.58
N SER C 544 -1.80 -2.54 32.79
CA SER C 544 -0.94 -3.69 33.03
C SER C 544 -1.07 -4.21 34.46
N VAL C 545 -1.48 -3.36 35.40
CA VAL C 545 -1.65 -3.81 36.77
C VAL C 545 -2.78 -4.82 36.86
N LEU C 546 -3.87 -4.58 36.13
CA LEU C 546 -4.98 -5.54 36.12
C LEU C 546 -4.51 -6.91 35.62
N VAL C 547 -3.77 -6.91 34.51
CA VAL C 547 -3.30 -8.16 33.93
C VAL C 547 -2.33 -8.85 34.88
N ASN C 548 -1.45 -8.08 35.52
CA ASN C 548 -0.51 -8.65 36.47
C ASN C 548 -1.24 -9.28 37.65
N THR C 549 -2.27 -8.62 38.15
CA THR C 549 -3.03 -9.17 39.27
C THR C 549 -3.72 -10.47 38.87
N TYR C 550 -4.34 -10.50 37.70
CA TYR C 550 -5.00 -11.72 37.26
C TYR C 550 -4.00 -12.83 37.03
N GLN C 551 -2.83 -12.51 36.48
CA GLN C 551 -1.77 -13.49 36.29
C GLN C 551 -1.31 -14.06 37.63
N TRP C 552 -1.10 -13.19 38.62
CA TRP C 552 -0.68 -13.64 39.93
C TRP C 552 -1.73 -14.54 40.55
N ILE C 553 -3.01 -14.19 40.39
CA ILE C 553 -4.07 -15.02 40.93
C ILE C 553 -4.07 -16.40 40.27
N ILE C 554 -3.91 -16.44 38.94
CA ILE C 554 -4.04 -17.72 38.24
C ILE C 554 -2.79 -18.59 38.41
N ARG C 555 -1.62 -17.98 38.68
CA ARG C 555 -0.43 -18.80 38.92
C ARG C 555 -0.61 -19.66 40.16
N ASN C 556 -1.16 -19.08 41.22
CA ASN C 556 -1.37 -19.77 42.49
C ASN C 556 -2.79 -20.27 42.63
N TRP C 557 -3.39 -20.74 41.53
CA TRP C 557 -4.80 -21.09 41.55
C TRP C 557 -5.11 -22.18 42.57
N GLU C 558 -4.22 -23.19 42.69
CA GLU C 558 -4.47 -24.27 43.63
C GLU C 558 -4.51 -23.75 45.06
N ASN C 559 -3.48 -23.00 45.46
CA ASN C 559 -3.45 -22.46 46.82
C ASN C 559 -4.60 -21.50 47.06
N VAL C 560 -4.90 -20.66 46.07
CA VAL C 560 -6.01 -19.72 46.21
C VAL C 560 -7.32 -20.46 46.42
N LYS C 561 -7.55 -21.51 45.63
CA LYS C 561 -8.79 -22.27 45.75
C LYS C 561 -8.88 -22.96 47.10
N ILE C 562 -7.77 -23.54 47.57
CA ILE C 562 -7.79 -24.20 48.87
C ILE C 562 -8.10 -23.19 49.97
N GLN C 563 -7.44 -22.03 49.93
CA GLN C 563 -7.69 -21.01 50.94
C GLN C 563 -9.15 -20.55 50.91
N TRP C 564 -9.69 -20.33 49.70
CA TRP C 564 -11.08 -19.90 49.59
C TRP C 564 -12.03 -20.96 50.13
N SER C 565 -11.73 -22.24 49.88
CA SER C 565 -12.59 -23.30 50.36
C SER C 565 -12.48 -23.49 51.87
N GLN C 566 -11.34 -23.11 52.46
CA GLN C 566 -11.11 -23.33 53.89
C GLN C 566 -10.98 -22.05 54.69
N ASP C 567 -10.10 -21.13 54.27
CA ASP C 567 -9.80 -19.91 55.04
C ASP C 567 -9.97 -18.69 54.15
N PRO C 568 -11.21 -18.31 53.85
CA PRO C 568 -11.42 -17.15 52.97
C PRO C 568 -10.84 -15.86 53.52
N THR C 569 -10.87 -15.67 54.84
CA THR C 569 -10.51 -14.37 55.39
C THR C 569 -9.05 -14.03 55.11
N MET C 570 -8.13 -14.93 55.46
CA MET C 570 -6.71 -14.66 55.24
C MET C 570 -6.42 -14.42 53.78
N LEU C 571 -7.07 -15.20 52.90
CA LEU C 571 -6.94 -14.95 51.46
C LEU C 571 -7.38 -13.53 51.13
N TYR C 572 -8.48 -13.08 51.71
CA TYR C 572 -8.96 -11.73 51.44
C TYR C 572 -7.96 -10.68 51.89
N ASN C 573 -7.34 -10.87 53.06
CA ASN C 573 -6.39 -9.89 53.57
C ASN C 573 -5.00 -10.02 52.95
N LYS C 574 -4.87 -10.70 51.81
CA LYS C 574 -3.57 -10.86 51.18
C LYS C 574 -3.02 -9.50 50.75
N MET C 575 -1.71 -9.33 50.91
CA MET C 575 -1.07 -8.05 50.60
C MET C 575 -1.11 -7.78 49.10
N GLU C 576 -0.94 -8.80 48.27
CA GLU C 576 -0.77 -8.60 46.83
C GLU C 576 -1.97 -7.89 46.20
N PHE C 577 -3.14 -7.92 46.85
CA PHE C 577 -4.33 -7.28 46.31
C PHE C 577 -4.37 -5.78 46.53
N GLU C 578 -3.34 -5.21 47.18
CA GLU C 578 -3.37 -3.79 47.51
C GLU C 578 -3.55 -2.89 46.29
N PRO C 579 -2.81 -3.06 45.18
CA PRO C 579 -2.95 -2.09 44.09
C PRO C 579 -4.30 -2.13 43.40
N PHE C 580 -4.94 -3.30 43.28
CA PHE C 580 -6.26 -3.36 42.65
C PHE C 580 -7.23 -2.43 43.35
N GLN C 581 -7.33 -2.55 44.68
CA GLN C 581 -8.23 -1.69 45.43
C GLN C 581 -7.89 -0.21 45.28
N SER C 582 -6.63 0.11 44.93
CA SER C 582 -6.28 1.50 44.67
C SER C 582 -7.06 2.04 43.48
N LEU C 583 -7.21 1.23 42.43
CA LEU C 583 -7.99 1.66 41.28
C LEU C 583 -9.46 1.80 41.62
N VAL C 584 -10.01 0.85 42.38
CA VAL C 584 -11.43 0.92 42.72
C VAL C 584 -11.68 2.17 43.55
N PRO C 585 -12.74 2.93 43.30
CA PRO C 585 -12.94 4.17 44.06
C PRO C 585 -13.06 3.90 45.55
N LYS C 586 -12.53 4.83 46.34
CA LYS C 586 -12.52 4.69 47.80
C LYS C 586 -13.90 4.89 48.41
N ALA C 587 -14.88 5.35 47.64
CA ALA C 587 -16.23 5.56 48.13
C ALA C 587 -17.14 4.36 47.89
N ALA C 588 -16.65 3.31 47.23
CA ALA C 588 -17.47 2.16 46.93
C ALA C 588 -16.78 0.82 47.14
N ARG C 589 -15.51 0.80 47.53
CA ARG C 589 -14.81 -0.47 47.67
C ARG C 589 -15.48 -1.35 48.73
N GLY C 590 -15.95 -0.75 49.82
CA GLY C 590 -16.62 -1.54 50.84
C GLY C 590 -17.84 -2.27 50.30
N GLN C 591 -18.65 -1.57 49.49
CA GLN C 591 -19.85 -2.20 48.94
C GLN C 591 -19.48 -3.36 48.02
N TYR C 592 -18.47 -3.17 47.15
CA TYR C 592 -18.05 -4.24 46.28
C TYR C 592 -17.55 -5.44 47.09
N SER C 593 -16.73 -5.18 48.11
CA SER C 593 -16.19 -6.26 48.92
C SER C 593 -17.31 -7.02 49.62
N GLY C 594 -18.26 -6.30 50.19
CA GLY C 594 -19.38 -6.98 50.84
C GLY C 594 -20.20 -7.80 49.88
N PHE C 595 -20.48 -7.25 48.69
CA PHE C 595 -21.28 -7.98 47.71
C PHE C 595 -20.57 -9.25 47.28
N VAL C 596 -19.28 -9.16 46.97
CA VAL C 596 -18.56 -10.35 46.52
C VAL C 596 -18.44 -11.36 47.66
N ARG C 597 -18.27 -10.88 48.89
CA ARG C 597 -18.16 -11.79 50.02
C ARG C 597 -19.47 -12.55 50.24
N VAL C 598 -20.61 -11.86 50.19
CA VAL C 598 -21.88 -12.55 50.35
C VAL C 598 -22.13 -13.49 49.18
N LEU C 599 -21.72 -13.09 47.97
CA LEU C 599 -21.83 -13.99 46.83
C LEU C 599 -21.03 -15.26 47.04
N PHE C 600 -19.82 -15.13 47.59
CA PHE C 600 -19.01 -16.31 47.88
C PHE C 600 -19.64 -17.15 48.99
N GLN C 601 -20.26 -16.50 49.98
CA GLN C 601 -20.98 -17.25 51.01
C GLN C 601 -22.08 -18.11 50.39
N GLN C 602 -22.88 -17.50 49.51
CA GLN C 602 -23.91 -18.27 48.82
C GLN C 602 -23.30 -19.37 47.97
N MET C 603 -22.19 -19.07 47.30
CA MET C 603 -21.52 -20.05 46.46
C MET C 603 -21.13 -21.29 47.26
N ARG C 604 -20.47 -21.07 48.40
CA ARG C 604 -20.05 -22.19 49.24
C ARG C 604 -21.24 -22.91 49.85
N ASP C 605 -22.29 -22.18 50.21
CA ASP C 605 -23.47 -22.82 50.75
C ASP C 605 -24.06 -23.81 49.76
N VAL C 606 -24.15 -23.41 48.49
CA VAL C 606 -24.65 -24.32 47.46
C VAL C 606 -23.51 -25.18 46.95
N LEU C 607 -23.87 -26.32 46.33
CA LEU C 607 -22.90 -27.24 45.77
C LEU C 607 -23.37 -27.67 44.38
N GLY C 608 -22.41 -28.11 43.57
CA GLY C 608 -22.68 -28.55 42.22
C GLY C 608 -22.73 -27.43 41.20
N THR C 609 -22.57 -26.18 41.61
CA THR C 609 -22.61 -25.03 40.70
C THR C 609 -21.26 -24.33 40.65
N PHE C 610 -20.17 -25.05 40.91
CA PHE C 610 -18.86 -24.43 40.93
C PHE C 610 -18.55 -23.76 39.60
N ASP C 611 -17.99 -22.55 39.68
CA ASP C 611 -17.68 -21.75 38.49
C ASP C 611 -16.35 -21.03 38.75
N THR C 612 -15.27 -21.57 38.18
CA THR C 612 -13.94 -21.01 38.42
C THR C 612 -13.82 -19.60 37.86
N VAL C 613 -14.41 -19.34 36.69
CA VAL C 613 -14.23 -18.05 36.04
C VAL C 613 -14.77 -16.93 36.91
N GLN C 614 -15.97 -17.12 37.49
CA GLN C 614 -16.54 -16.08 38.34
C GLN C 614 -15.66 -15.81 39.55
N ILE C 615 -15.16 -16.88 40.18
CA ILE C 615 -14.31 -16.71 41.37
C ILE C 615 -13.04 -15.94 41.00
N ILE C 616 -12.41 -16.31 39.90
CA ILE C 616 -11.19 -15.61 39.47
C ILE C 616 -11.52 -14.15 39.19
N LYS C 617 -12.64 -13.89 38.53
CA LYS C 617 -13.00 -12.53 38.18
C LYS C 617 -13.22 -11.67 39.42
N LEU C 618 -13.91 -12.21 40.42
CA LEU C 618 -14.40 -11.42 41.54
C LEU C 618 -13.52 -11.51 42.79
N LEU C 619 -12.48 -12.33 42.79
CA LEU C 619 -11.64 -12.43 43.98
C LEU C 619 -11.01 -11.11 44.39
N PRO C 620 -10.35 -10.36 43.50
CA PRO C 620 -9.63 -9.17 43.96
C PRO C 620 -10.50 -8.11 44.61
N PHE C 621 -11.82 -8.13 44.35
CA PHE C 621 -12.71 -7.14 44.91
C PHE C 621 -13.04 -7.39 46.37
N ALA C 622 -12.69 -8.55 46.92
CA ALA C 622 -13.03 -8.93 48.28
C ALA C 622 -11.92 -8.62 49.27
N ALA C 623 -11.13 -7.57 49.02
CA ALA C 623 -9.98 -7.26 49.86
C ALA C 623 -10.10 -5.88 50.49
N ALA C 624 -11.27 -5.55 51.02
CA ALA C 624 -11.50 -4.26 51.66
C ALA C 624 -12.52 -4.47 52.78
N PRO C 625 -12.62 -3.52 53.71
CA PRO C 625 -13.61 -3.65 54.78
C PRO C 625 -15.01 -3.84 54.21
N PRO C 626 -15.63 -5.02 54.42
CA PRO C 626 -16.92 -5.31 53.75
C PRO C 626 -18.14 -4.72 54.45
N GLU C 627 -18.40 -3.44 54.17
CA GLU C 627 -19.60 -2.80 54.68
C GLU C 627 -20.84 -3.46 54.10
N GLN C 628 -21.83 -3.70 54.95
CA GLN C 628 -23.04 -4.38 54.52
C GLN C 628 -23.83 -3.53 53.53
N SER C 629 -24.43 -4.20 52.54
CA SER C 629 -25.28 -3.53 51.56
C SER C 629 -26.27 -4.55 51.02
N ARG C 630 -27.33 -4.03 50.39
CA ARG C 630 -28.39 -4.87 49.87
C ARG C 630 -28.60 -4.75 48.37
N MET C 631 -28.16 -3.66 47.74
CA MET C 631 -28.35 -3.50 46.30
C MET C 631 -27.58 -4.58 45.55
N GLN C 632 -28.25 -5.20 44.58
CA GLN C 632 -27.66 -6.29 43.80
C GLN C 632 -26.83 -5.68 42.68
N PHE C 633 -25.53 -5.63 42.86
CA PHE C 633 -24.65 -5.05 41.86
C PHE C 633 -24.65 -5.87 40.58
N SER C 634 -24.39 -5.20 39.46
CA SER C 634 -24.24 -5.87 38.17
C SER C 634 -23.03 -5.39 37.38
N SER C 635 -22.41 -4.26 37.76
CA SER C 635 -21.24 -3.75 37.07
C SER C 635 -20.36 -3.06 38.10
N LEU C 636 -19.27 -3.71 38.48
CA LEU C 636 -18.35 -3.18 39.48
C LEU C 636 -17.34 -2.27 38.79
N THR C 637 -17.34 -0.99 39.15
CA THR C 637 -16.49 -0.02 38.49
C THR C 637 -15.03 -0.37 38.69
N VAL C 638 -14.22 -0.10 37.67
CA VAL C 638 -12.78 -0.31 37.73
C VAL C 638 -12.08 0.87 37.07
N ASN C 639 -11.56 1.79 37.88
CA ASN C 639 -10.88 2.95 37.33
C ASN C 639 -9.68 2.53 36.52
N VAL C 640 -9.56 3.06 35.30
CA VAL C 640 -8.40 2.81 34.45
C VAL C 640 -7.97 4.12 33.80
N ARG C 641 -6.98 4.77 34.41
CA ARG C 641 -6.46 6.05 33.90
C ARG C 641 -7.60 7.02 33.61
N GLY C 642 -8.35 7.35 34.66
CA GLY C 642 -9.45 8.29 34.51
C GLY C 642 -10.51 7.82 33.52
N SER C 643 -10.89 6.56 33.58
CA SER C 643 -11.90 6.02 32.67
C SER C 643 -12.60 4.86 33.37
N GLY C 644 -13.83 5.10 33.82
CA GLY C 644 -14.56 4.08 34.54
C GLY C 644 -14.86 2.86 33.70
N MET C 645 -14.19 1.75 34.00
CA MET C 645 -14.41 0.49 33.32
C MET C 645 -15.15 -0.46 34.26
N ARG C 646 -16.26 -1.00 33.79
CA ARG C 646 -17.12 -1.86 34.59
C ARG C 646 -16.87 -3.32 34.26
N ILE C 647 -17.22 -4.19 35.20
CA ILE C 647 -17.08 -5.63 35.06
C ILE C 647 -18.44 -6.27 35.30
N VAL C 648 -18.95 -6.97 34.29
CA VAL C 648 -20.23 -7.66 34.43
C VAL C 648 -20.01 -8.96 35.19
N VAL C 649 -20.76 -9.15 36.28
CA VAL C 649 -20.58 -10.33 37.10
C VAL C 649 -20.90 -11.60 36.30
N ARG C 650 -21.98 -11.56 35.53
CA ARG C 650 -22.40 -12.69 34.70
C ARG C 650 -22.06 -12.38 33.24
N GLY C 651 -21.38 -13.31 32.58
CA GLY C 651 -20.97 -13.13 31.21
C GLY C 651 -19.64 -12.40 31.09
N ASN C 652 -19.15 -12.35 29.85
CA ASN C 652 -17.87 -11.73 29.57
C ASN C 652 -17.99 -10.21 29.57
N SER C 653 -16.85 -9.56 29.76
CA SER C 653 -16.77 -8.11 29.77
C SER C 653 -15.49 -7.68 29.06
N PRO C 654 -15.44 -6.45 28.55
CA PRO C 654 -14.19 -5.98 27.92
C PRO C 654 -12.99 -6.02 28.85
N VAL C 655 -13.18 -5.74 30.15
CA VAL C 655 -12.07 -5.77 31.09
C VAL C 655 -11.72 -7.19 31.54
N PHE C 656 -12.55 -8.17 31.20
CA PHE C 656 -12.31 -9.56 31.59
C PHE C 656 -12.99 -10.44 30.55
N ASN C 657 -12.21 -10.92 29.58
CA ASN C 657 -12.74 -11.70 28.46
C ASN C 657 -12.18 -13.11 28.53
N TYR C 658 -13.04 -14.08 28.77
CA TYR C 658 -12.67 -15.49 28.80
C TYR C 658 -13.43 -16.22 27.70
N ASN C 659 -12.69 -16.85 26.79
CA ASN C 659 -13.28 -17.62 25.70
C ASN C 659 -13.28 -19.09 26.09
N LYS C 660 -14.48 -19.69 26.13
CA LYS C 660 -14.63 -21.08 26.53
C LYS C 660 -14.19 -22.03 25.42
N ALA C 661 -14.43 -21.67 24.17
CA ALA C 661 -14.04 -22.54 23.06
C ALA C 661 -12.55 -22.81 23.07
N THR C 662 -11.75 -21.75 23.26
CA THR C 662 -10.31 -21.88 23.41
C THR C 662 -9.85 -21.90 24.86
N LYS C 663 -10.75 -21.70 25.81
CA LYS C 663 -10.42 -21.69 27.23
C LYS C 663 -9.23 -20.76 27.50
N ARG C 664 -9.33 -19.53 27.00
CA ARG C 664 -8.25 -18.56 27.13
C ARG C 664 -8.79 -17.26 27.73
N LEU C 665 -8.01 -16.66 28.61
CA LEU C 665 -8.40 -15.47 29.34
C LEU C 665 -7.50 -14.31 28.96
N THR C 666 -8.11 -13.17 28.66
CA THR C 666 -7.39 -11.94 28.34
C THR C 666 -8.10 -10.77 29.00
N VAL C 667 -7.32 -9.76 29.37
CA VAL C 667 -7.82 -8.60 30.10
C VAL C 667 -7.47 -7.35 29.31
N LEU C 668 -8.49 -6.56 28.97
CA LEU C 668 -8.30 -5.34 28.19
C LEU C 668 -7.53 -5.63 26.90
N GLY C 669 -7.86 -6.75 26.27
CA GLY C 669 -7.20 -7.14 25.04
C GLY C 669 -5.89 -7.85 25.26
N LYS C 670 -5.11 -7.38 26.24
CA LYS C 670 -3.80 -7.96 26.49
C LYS C 670 -3.93 -9.41 26.94
N ASP C 671 -2.96 -10.22 26.56
CA ASP C 671 -2.97 -11.63 26.94
C ASP C 671 -2.78 -11.78 28.44
N ALA C 672 -3.56 -12.69 29.03
CA ALA C 672 -3.48 -12.98 30.46
C ALA C 672 -3.09 -14.42 30.73
N GLY C 673 -3.72 -15.38 30.08
CA GLY C 673 -3.32 -16.76 30.25
C GLY C 673 -4.44 -17.73 29.88
N ALA C 674 -4.45 -18.87 30.56
CA ALA C 674 -5.45 -19.90 30.31
C ALA C 674 -5.62 -20.73 31.58
N LEU C 675 -6.71 -21.49 31.61
CA LEU C 675 -7.04 -22.34 32.74
C LEU C 675 -6.54 -23.76 32.48
N MET C 676 -6.39 -24.51 33.57
CA MET C 676 -5.91 -25.89 33.53
C MET C 676 -7.11 -26.82 33.72
N GLU C 677 -7.80 -27.12 32.62
CA GLU C 677 -8.97 -27.99 32.65
C GLU C 677 -9.27 -28.40 31.22
N ASP C 678 -10.21 -29.34 31.09
CA ASP C 678 -10.66 -29.80 29.77
C ASP C 678 -12.03 -30.46 29.89
N PRO C 679 -12.20 -31.47 30.75
CA PRO C 679 -13.55 -32.02 30.97
C PRO C 679 -14.29 -31.25 32.04
N ASP C 680 -15.62 -31.34 31.97
CA ASP C 680 -16.51 -30.64 32.89
C ASP C 680 -16.80 -31.46 34.15
N GLU C 681 -15.72 -32.01 34.72
CA GLU C 681 -15.74 -32.89 35.92
C GLU C 681 -14.46 -32.73 36.76
N GLY C 682 -13.99 -31.50 36.92
CA GLY C 682 -12.81 -31.12 37.73
C GLY C 682 -11.65 -32.11 37.72
N THR C 683 -11.09 -32.43 36.54
CA THR C 683 -9.90 -33.25 36.41
C THR C 683 -9.07 -32.76 35.24
N ALA C 684 -7.79 -33.11 35.24
CA ALA C 684 -6.85 -32.73 34.20
C ALA C 684 -6.11 -33.96 33.68
N GLY C 685 -6.79 -35.10 33.65
CA GLY C 685 -6.18 -36.33 33.20
C GLY C 685 -6.32 -36.57 31.71
N VAL C 686 -7.15 -35.78 31.04
CA VAL C 686 -7.37 -35.92 29.61
C VAL C 686 -6.36 -35.06 28.86
N GLU C 687 -5.27 -35.70 28.41
CA GLU C 687 -4.22 -35.00 27.67
C GLU C 687 -3.80 -35.91 26.52
N SER C 688 -2.71 -35.51 25.84
CA SER C 688 -2.15 -36.30 24.74
C SER C 688 -1.04 -37.23 25.22
N ALA C 689 -1.10 -37.69 26.47
CA ALA C 689 -0.08 -38.56 27.04
C ALA C 689 1.28 -37.85 27.09
N VAL C 690 1.29 -36.68 27.72
CA VAL C 690 2.53 -35.94 27.89
C VAL C 690 3.49 -36.79 28.69
N LEU C 691 4.61 -37.16 28.07
CA LEU C 691 5.60 -38.04 28.71
C LEU C 691 6.69 -37.21 29.39
N ARG C 692 6.28 -36.53 30.45
CA ARG C 692 7.16 -35.66 31.21
C ARG C 692 6.84 -35.78 32.69
N GLY C 693 7.80 -35.38 33.52
CA GLY C 693 7.63 -35.47 34.95
C GLY C 693 8.00 -36.82 35.50
N PHE C 694 9.25 -37.24 35.26
CA PHE C 694 9.78 -38.49 35.78
C PHE C 694 11.10 -38.20 36.50
N LEU C 695 11.34 -38.94 37.57
CA LEU C 695 12.56 -38.78 38.37
C LEU C 695 13.29 -40.12 38.45
N ILE C 696 14.59 -40.09 38.16
CA ILE C 696 15.38 -41.33 38.17
C ILE C 696 15.66 -41.75 39.61
N LEU C 697 16.04 -43.01 39.76
CA LEU C 697 16.34 -43.58 41.08
C LEU C 697 17.61 -44.43 41.01
N GLY C 698 18.65 -43.90 40.37
CA GLY C 698 19.92 -44.60 40.28
C GLY C 698 19.91 -45.65 39.18
N LYS C 699 20.93 -46.50 39.22
CA LYS C 699 21.12 -47.47 38.15
C LYS C 699 19.98 -48.48 38.13
N GLU C 700 20.04 -49.37 37.14
CA GLU C 700 18.99 -50.35 36.94
C GLU C 700 18.83 -51.24 38.17
N ASN C 701 17.59 -51.57 38.49
CA ASN C 701 17.26 -52.46 39.60
C ASN C 701 16.44 -53.62 39.06
N LYS C 702 16.87 -54.84 39.39
CA LYS C 702 16.27 -56.03 38.80
C LYS C 702 14.92 -56.37 39.41
N ARG C 703 14.71 -56.02 40.68
CA ARG C 703 13.48 -56.41 41.36
C ARG C 703 12.25 -55.81 40.70
N TYR C 704 12.35 -54.58 40.20
CA TYR C 704 11.18 -53.87 39.69
C TYR C 704 10.62 -54.50 38.42
N GLY C 705 11.39 -55.34 37.74
CA GLY C 705 10.91 -56.03 36.56
C GLY C 705 11.71 -55.69 35.32
N PRO C 706 11.39 -56.34 34.21
CA PRO C 706 12.15 -56.10 32.97
C PRO C 706 12.02 -54.66 32.51
N ALA C 707 13.10 -54.17 31.90
CA ALA C 707 13.14 -52.78 31.46
C ALA C 707 12.03 -52.51 30.44
N LEU C 708 11.50 -51.30 30.48
CA LEU C 708 10.43 -50.86 29.60
C LEU C 708 10.95 -49.81 28.63
N SER C 709 10.30 -49.73 27.47
CA SER C 709 10.58 -48.66 26.53
C SER C 709 9.83 -47.40 26.94
N ILE C 710 10.45 -46.26 26.65
CA ILE C 710 9.87 -44.99 27.11
C ILE C 710 8.45 -44.83 26.58
N ASN C 711 8.21 -45.22 25.33
CA ASN C 711 6.89 -45.05 24.73
C ASN C 711 5.80 -45.74 25.54
N GLU C 712 6.15 -46.79 26.28
CA GLU C 712 5.18 -47.55 27.06
C GLU C 712 5.20 -47.19 28.54
N LEU C 713 5.91 -46.13 28.92
CA LEU C 713 5.86 -45.68 30.31
C LEU C 713 4.47 -45.21 30.71
N SER C 714 3.65 -44.80 29.75
CA SER C 714 2.37 -44.18 30.07
C SER C 714 1.50 -45.09 30.91
N ASN C 715 1.65 -46.41 30.78
CA ASN C 715 0.84 -47.34 31.55
C ASN C 715 1.16 -47.35 33.03
N LEU C 716 2.25 -46.71 33.45
CA LEU C 716 2.64 -46.75 34.85
C LEU C 716 1.57 -46.10 35.73
N ALA C 717 1.33 -46.73 36.88
CA ALA C 717 0.39 -46.19 37.85
C ALA C 717 1.01 -44.99 38.56
N LYS C 718 0.17 -44.24 39.27
CA LYS C 718 0.62 -43.05 39.98
C LYS C 718 1.64 -43.44 41.03
N GLY C 719 2.86 -42.95 40.89
CA GLY C 719 3.92 -43.21 41.84
C GLY C 719 4.62 -44.55 41.67
N GLU C 720 4.19 -45.36 40.69
CA GLU C 720 4.87 -46.62 40.44
C GLU C 720 6.24 -46.37 39.84
N LYS C 721 7.22 -47.18 40.23
CA LYS C 721 8.60 -47.04 39.79
C LYS C 721 8.99 -48.25 38.97
N ALA C 722 9.64 -48.02 37.83
CA ALA C 722 10.03 -49.09 36.93
C ALA C 722 11.41 -48.80 36.38
N ASN C 723 11.86 -49.64 35.45
CA ASN C 723 13.14 -49.46 34.78
C ASN C 723 12.89 -49.13 33.32
N VAL C 724 13.51 -48.04 32.84
CA VAL C 724 13.31 -47.57 31.47
C VAL C 724 14.66 -47.22 30.87
N LEU C 725 14.73 -47.30 29.54
CA LEU C 725 15.96 -47.02 28.80
C LEU C 725 15.88 -45.58 28.31
N ILE C 726 16.68 -44.71 28.90
CA ILE C 726 16.77 -43.32 28.51
C ILE C 726 18.06 -43.12 27.73
N GLY C 727 18.18 -41.96 27.08
CA GLY C 727 19.38 -41.68 26.34
C GLY C 727 19.58 -42.70 25.24
N GLN C 728 20.84 -42.82 24.80
CA GLN C 728 21.22 -43.81 23.80
C GLN C 728 21.68 -45.09 24.53
N GLY C 729 20.70 -45.76 25.11
CA GLY C 729 20.95 -47.02 25.79
C GLY C 729 21.52 -46.88 27.18
N ASP C 730 20.77 -46.24 28.09
CA ASP C 730 21.11 -46.17 29.50
C ASP C 730 19.88 -46.55 30.30
N VAL C 731 19.89 -47.74 30.90
CA VAL C 731 18.75 -48.20 31.68
C VAL C 731 18.84 -47.61 33.08
N VAL C 732 17.77 -46.94 33.51
CA VAL C 732 17.71 -46.33 34.83
C VAL C 732 16.35 -46.60 35.44
N LEU C 733 16.29 -46.52 36.77
CA LEU C 733 15.05 -46.69 37.50
C LEU C 733 14.39 -45.32 37.69
N VAL C 734 13.15 -45.19 37.23
CA VAL C 734 12.43 -43.94 37.28
C VAL C 734 11.10 -44.16 38.00
N MET C 735 10.52 -43.06 38.46
CA MET C 735 9.23 -43.06 39.14
C MET C 735 8.40 -41.89 38.63
N LYS C 736 7.11 -41.95 38.89
CA LYS C 736 6.23 -40.81 38.67
C LYS C 736 6.30 -39.88 39.87
N ARG C 737 5.97 -38.62 39.64
CA ARG C 737 6.05 -37.63 40.71
C ARG C 737 4.81 -37.71 41.61
N LYS C 738 5.00 -37.29 42.86
CA LYS C 738 3.93 -37.29 43.84
C LYS C 738 3.74 -35.89 44.42
N ARG C 739 4.82 -35.13 44.51
CA ARG C 739 4.80 -33.76 45.03
C ARG C 739 4.85 -32.81 43.84
N ASP C 740 3.85 -31.93 43.74
CA ASP C 740 3.70 -31.04 42.60
C ASP C 740 4.63 -29.85 42.75
N SER C 741 5.93 -30.11 42.59
CA SER C 741 6.94 -29.05 42.56
C SER C 741 7.79 -29.18 41.31
N SER C 742 8.88 -28.42 41.23
CA SER C 742 9.78 -28.45 40.09
C SER C 742 11.19 -28.15 40.58
N ILE C 743 12.16 -28.26 39.66
CA ILE C 743 13.56 -28.03 40.00
C ILE C 743 13.90 -26.55 40.06
N LEU C 744 12.99 -25.67 39.63
CA LEU C 744 13.32 -24.25 39.59
C LEU C 744 13.40 -23.65 40.99
N THR C 745 12.45 -23.98 41.86
CA THR C 745 12.37 -23.37 43.18
C THR C 745 13.43 -23.87 44.14
N ASP C 746 14.16 -24.93 43.80
CA ASP C 746 15.21 -25.42 44.67
C ASP C 746 16.32 -24.37 44.81
N SER C 747 16.92 -24.33 46.00
CA SER C 747 18.04 -23.49 46.37
C SER C 747 17.63 -22.03 46.60
N GLN C 748 16.38 -21.66 46.33
CA GLN C 748 15.98 -20.26 46.49
C GLN C 748 15.98 -19.86 47.96
N THR C 749 15.39 -20.70 48.83
CA THR C 749 15.39 -20.39 50.25
C THR C 749 16.80 -20.34 50.81
N ALA C 750 17.60 -21.37 50.53
CA ALA C 750 18.99 -21.36 50.97
C ALA C 750 19.77 -20.25 50.28
N THR C 751 19.41 -19.92 49.04
CA THR C 751 20.03 -18.79 48.35
C THR C 751 19.86 -17.51 49.17
N LYS C 752 18.62 -17.19 49.53
CA LYS C 752 18.37 -15.97 50.29
C LYS C 752 19.02 -16.05 51.68
N ARG C 753 19.00 -17.23 52.30
CA ARG C 753 19.60 -17.39 53.62
C ARG C 753 21.09 -17.08 53.58
N ILE C 754 21.82 -17.70 52.65
CA ILE C 754 23.26 -17.46 52.56
C ILE C 754 23.54 -16.04 52.08
N ARG C 755 22.67 -15.46 51.26
CA ARG C 755 22.84 -14.06 50.88
C ARG C 755 22.76 -13.14 52.08
N MET C 756 21.79 -13.39 52.97
CA MET C 756 21.73 -12.63 54.22
C MET C 756 22.97 -12.88 55.06
N ALA C 757 23.43 -14.13 55.12
CA ALA C 757 24.60 -14.43 55.95
C ALA C 757 25.85 -13.70 55.46
N ILE C 758 26.09 -13.70 54.16
CA ILE C 758 27.30 -13.07 53.63
C ILE C 758 27.27 -11.57 53.88
N ASN C 759 26.14 -10.91 53.62
CA ASN C 759 26.03 -9.48 53.80
C ASN C 759 25.85 -9.13 55.27
N MET D 1 -21.36 60.47 -16.98
CA MET D 1 -22.52 60.94 -17.79
C MET D 1 -23.70 59.99 -17.62
N GLU D 2 -23.41 58.69 -17.56
CA GLU D 2 -24.46 57.69 -17.39
C GLU D 2 -25.18 57.85 -16.05
N ASP D 3 -24.52 58.46 -15.06
CA ASP D 3 -25.18 58.68 -13.78
C ASP D 3 -26.38 59.60 -13.93
N PHE D 4 -26.25 60.65 -14.74
CA PHE D 4 -27.37 61.55 -14.96
C PHE D 4 -28.54 60.81 -15.62
N VAL D 5 -28.25 59.97 -16.61
CA VAL D 5 -29.31 59.22 -17.27
C VAL D 5 -29.98 58.27 -16.28
N ARG D 6 -29.18 57.60 -15.45
CA ARG D 6 -29.74 56.66 -14.49
C ARG D 6 -30.63 57.39 -13.47
N GLN D 7 -30.19 58.55 -12.97
CA GLN D 7 -30.93 59.24 -11.94
C GLN D 7 -32.16 59.95 -12.47
N CYS D 8 -32.10 60.47 -13.70
CA CYS D 8 -33.23 61.21 -14.25
C CYS D 8 -34.26 60.26 -14.84
N PHE D 9 -33.85 59.42 -15.78
CA PHE D 9 -34.79 58.48 -16.39
C PHE D 9 -35.29 57.49 -15.35
N ASN D 10 -36.57 57.11 -15.48
CA ASN D 10 -37.17 56.19 -14.52
C ASN D 10 -36.54 54.82 -14.64
N PRO D 11 -36.58 54.02 -13.56
CA PRO D 11 -35.90 52.73 -13.58
C PRO D 11 -36.37 51.81 -14.69
N MET D 12 -37.67 51.82 -15.01
CA MET D 12 -38.19 50.89 -16.00
C MET D 12 -37.60 51.16 -17.39
N ILE D 13 -37.51 52.43 -17.78
CA ILE D 13 -37.01 52.74 -19.12
C ILE D 13 -35.53 52.39 -19.24
N VAL D 14 -34.75 52.68 -18.19
CA VAL D 14 -33.32 52.35 -18.24
C VAL D 14 -33.13 50.84 -18.23
N GLU D 15 -33.97 50.11 -17.50
CA GLU D 15 -33.90 48.65 -17.52
C GLU D 15 -34.21 48.11 -18.91
N LEU D 16 -35.24 48.66 -19.56
CA LEU D 16 -35.57 48.24 -20.92
C LEU D 16 -34.43 48.53 -21.88
N ALA D 17 -33.81 49.71 -21.75
CA ALA D 17 -32.67 50.04 -22.60
C ALA D 17 -31.51 49.09 -22.36
N GLU D 18 -31.26 48.74 -21.09
CA GLU D 18 -30.19 47.80 -20.77
C GLU D 18 -30.45 46.45 -21.40
N LYS D 19 -31.69 45.95 -21.30
CA LYS D 19 -32.02 44.68 -21.93
C LYS D 19 -31.84 44.75 -23.44
N ALA D 20 -32.30 45.85 -24.05
CA ALA D 20 -32.21 45.98 -25.50
C ALA D 20 -30.76 45.99 -25.97
N MET D 21 -29.89 46.74 -25.29
CA MET D 21 -28.50 46.77 -25.69
C MET D 21 -27.77 45.49 -25.33
N LYS D 22 -28.24 44.75 -24.32
CA LYS D 22 -27.68 43.45 -24.02
C LYS D 22 -28.03 42.44 -25.11
N GLU D 23 -29.22 42.57 -25.72
CA GLU D 23 -29.56 41.70 -26.83
C GLU D 23 -28.57 41.86 -27.97
N TYR D 24 -28.18 43.10 -28.28
CA TYR D 24 -27.22 43.36 -29.34
C TYR D 24 -25.78 43.23 -28.87
N GLY D 25 -25.55 42.95 -27.60
CA GLY D 25 -24.19 42.76 -27.11
C GLY D 25 -23.32 43.99 -27.15
N GLU D 26 -23.85 45.14 -26.73
CA GLU D 26 -23.11 46.38 -26.68
C GLU D 26 -22.96 46.82 -25.22
N ASP D 27 -21.73 47.07 -24.81
CA ASP D 27 -21.46 47.47 -23.43
C ASP D 27 -21.75 48.95 -23.26
N PRO D 28 -22.57 49.35 -22.27
CA PRO D 28 -22.86 50.79 -22.11
C PRO D 28 -21.64 51.61 -21.76
N LYS D 29 -20.66 51.02 -21.08
CA LYS D 29 -19.52 51.81 -20.60
C LYS D 29 -18.74 52.39 -21.77
N ILE D 30 -18.48 51.60 -22.81
CA ILE D 30 -17.70 52.07 -23.93
C ILE D 30 -18.49 53.11 -24.73
N GLU D 31 -19.75 52.84 -25.00
CA GLU D 31 -20.60 53.72 -25.80
C GLU D 31 -21.49 54.53 -24.85
N THR D 32 -21.16 55.81 -24.67
CA THR D 32 -21.89 56.67 -23.75
C THR D 32 -23.01 57.43 -24.44
N ASN D 33 -22.71 58.08 -25.57
CA ASN D 33 -23.72 58.88 -26.24
C ASN D 33 -24.88 58.03 -26.73
N LYS D 34 -24.60 56.84 -27.26
CA LYS D 34 -25.67 55.96 -27.72
C LYS D 34 -26.58 55.54 -26.57
N PHE D 35 -26.03 55.41 -25.36
CA PHE D 35 -26.87 55.12 -24.20
C PHE D 35 -27.94 56.19 -24.03
N ALA D 36 -27.53 57.45 -24.00
CA ALA D 36 -28.49 58.54 -23.85
C ALA D 36 -29.45 58.59 -25.02
N SER D 37 -28.94 58.37 -26.24
CA SER D 37 -29.80 58.41 -27.42
C SER D 37 -30.90 57.35 -27.34
N ILE D 38 -30.52 56.12 -26.98
CA ILE D 38 -31.50 55.04 -26.88
C ILE D 38 -32.48 55.29 -25.75
N CYS D 39 -31.98 55.80 -24.62
CA CYS D 39 -32.88 56.10 -23.51
C CYS D 39 -33.90 57.15 -23.91
N THR D 40 -33.45 58.22 -24.59
CA THR D 40 -34.38 59.25 -25.05
C THR D 40 -35.37 58.69 -26.06
N HIS D 41 -34.90 57.82 -26.96
CA HIS D 41 -35.78 57.24 -27.97
C HIS D 41 -36.88 56.42 -27.30
N LEU D 42 -36.50 55.57 -26.35
CA LEU D 42 -37.49 54.77 -25.64
C LEU D 42 -38.45 55.65 -24.85
N GLU D 43 -37.93 56.68 -24.18
CA GLU D 43 -38.78 57.57 -23.40
C GLU D 43 -39.81 58.27 -24.30
N VAL D 44 -39.36 58.80 -25.44
CA VAL D 44 -40.28 59.52 -26.32
C VAL D 44 -41.30 58.55 -26.92
N CYS D 45 -40.88 57.34 -27.26
CA CYS D 45 -41.83 56.35 -27.76
C CYS D 45 -42.90 56.06 -26.71
N PHE D 46 -42.48 55.80 -25.47
CA PHE D 46 -43.45 55.47 -24.42
C PHE D 46 -44.39 56.64 -24.16
N MET D 47 -43.86 57.86 -24.07
CA MET D 47 -44.73 59.02 -23.91
C MET D 47 -45.72 59.12 -25.07
N TYR D 48 -45.26 58.91 -26.30
CA TYR D 48 -46.17 58.89 -27.44
C TYR D 48 -47.24 57.82 -27.26
N SER D 49 -46.93 56.74 -26.56
CA SER D 49 -47.88 55.65 -26.31
C SER D 49 -48.27 55.58 -24.84
N ASP D 50 -48.47 56.72 -24.19
CA ASP D 50 -48.82 56.79 -22.78
C ASP D 50 -50.13 57.54 -22.59
N PHE D 51 -50.93 57.06 -21.63
CA PHE D 51 -52.17 57.74 -21.24
C PHE D 51 -53.09 57.95 -22.44
N HIS D 52 -53.12 56.97 -23.34
CA HIS D 52 -53.97 57.01 -24.53
C HIS D 52 -54.72 55.70 -24.64
N PHE D 53 -56.05 55.78 -24.75
CA PHE D 53 -56.90 54.61 -24.81
C PHE D 53 -58.00 54.83 -25.85
N ILE D 54 -58.62 53.73 -26.26
CA ILE D 54 -59.71 53.74 -27.23
C ILE D 54 -60.98 53.30 -26.51
N ASP D 55 -62.03 54.11 -26.62
CA ASP D 55 -63.31 53.76 -26.03
C ASP D 55 -63.95 52.62 -26.82
N GLU D 56 -65.03 52.08 -26.25
CA GLU D 56 -65.71 50.95 -26.85
C GLU D 56 -66.47 51.31 -28.13
N ARG D 57 -66.80 52.58 -28.33
CA ARG D 57 -67.46 53.01 -29.55
C ARG D 57 -66.48 53.26 -30.70
N GLY D 58 -65.24 53.61 -30.38
CA GLY D 58 -64.23 53.85 -31.41
C GLY D 58 -63.56 55.19 -31.30
N GLU D 59 -64.21 56.15 -30.65
CA GLU D 59 -63.66 57.49 -30.55
C GLU D 59 -62.44 57.51 -29.65
N SER D 60 -61.58 58.51 -29.87
CA SER D 60 -60.36 58.67 -29.09
C SER D 60 -60.69 59.24 -27.72
N THR D 61 -60.30 58.53 -26.66
CA THR D 61 -60.54 58.95 -25.29
C THR D 61 -59.22 58.94 -24.52
N ILE D 62 -59.02 59.95 -23.69
CA ILE D 62 -57.81 60.11 -22.90
C ILE D 62 -58.18 60.03 -21.43
N ILE D 63 -57.52 59.12 -20.70
CA ILE D 63 -57.78 58.93 -19.29
C ILE D 63 -56.57 59.38 -18.48
N LYS D 73 -58.04 49.32 -23.38
CA LYS D 73 -57.47 49.16 -24.71
C LYS D 73 -56.65 50.39 -25.11
N HIS D 74 -55.34 50.29 -24.93
CA HIS D 74 -54.46 51.41 -25.26
C HIS D 74 -54.56 51.74 -26.74
N ARG D 75 -54.70 53.04 -27.04
CA ARG D 75 -54.73 53.48 -28.43
C ARG D 75 -53.42 53.17 -29.14
N PHE D 76 -52.30 53.37 -28.46
CA PHE D 76 -50.98 53.13 -29.01
C PHE D 76 -50.36 51.91 -28.32
N GLU D 77 -49.92 50.94 -29.12
CA GLU D 77 -49.26 49.74 -28.63
C GLU D 77 -47.78 49.82 -28.94
N ILE D 78 -46.95 49.63 -27.92
CA ILE D 78 -45.50 49.69 -28.09
C ILE D 78 -45.02 48.40 -28.74
N ILE D 79 -44.17 48.53 -29.76
CA ILE D 79 -43.61 47.38 -30.45
C ILE D 79 -42.09 47.37 -30.26
N GLU D 80 -41.50 48.55 -30.07
CA GLU D 80 -40.08 48.67 -29.85
C GLU D 80 -39.70 48.62 -28.37
N GLY D 81 -40.68 48.54 -27.48
CA GLY D 81 -40.42 48.40 -26.06
C GLY D 81 -40.19 46.98 -25.60
N ARG D 82 -40.36 46.00 -26.49
CA ARG D 82 -40.17 44.59 -26.19
C ARG D 82 -38.97 44.06 -26.95
N ASP D 83 -38.73 42.76 -26.82
CA ASP D 83 -37.65 42.11 -27.56
C ASP D 83 -38.10 41.80 -28.99
N ARG D 84 -37.15 41.33 -29.79
CA ARG D 84 -37.43 41.10 -31.21
C ARG D 84 -38.51 40.05 -31.40
N THR D 85 -38.45 38.95 -30.65
CA THR D 85 -39.37 37.85 -30.87
C THR D 85 -40.81 38.27 -30.53
N MET D 86 -41.00 38.90 -29.38
CA MET D 86 -42.35 39.33 -28.98
C MET D 86 -42.90 40.36 -29.95
N ALA D 87 -42.06 41.33 -30.35
CA ALA D 87 -42.51 42.34 -31.30
C ALA D 87 -42.91 41.71 -32.63
N TRP D 88 -42.10 40.77 -33.12
CA TRP D 88 -42.42 40.11 -34.38
C TRP D 88 -43.72 39.33 -34.28
N THR D 89 -43.91 38.60 -33.18
CA THR D 89 -45.16 37.86 -33.00
C THR D 89 -46.36 38.80 -32.98
N VAL D 90 -46.25 39.91 -32.24
CA VAL D 90 -47.36 40.84 -32.13
C VAL D 90 -47.69 41.47 -33.48
N VAL D 91 -46.66 41.89 -34.22
CA VAL D 91 -46.91 42.53 -35.51
C VAL D 91 -47.47 41.53 -36.51
N ASN D 92 -46.98 40.29 -36.47
CA ASN D 92 -47.53 39.26 -37.35
C ASN D 92 -49.00 39.02 -37.05
N SER D 93 -49.35 38.92 -35.77
CA SER D 93 -50.74 38.71 -35.41
C SER D 93 -51.61 39.89 -35.84
N ILE D 94 -51.12 41.11 -35.64
CA ILE D 94 -51.89 42.29 -36.02
C ILE D 94 -52.13 42.29 -37.52
N CYS D 95 -51.07 42.05 -38.30
CA CYS D 95 -51.21 42.05 -39.75
C CYS D 95 -52.16 40.96 -40.23
N ASN D 96 -52.04 39.76 -39.66
CA ASN D 96 -52.90 38.66 -40.08
C ASN D 96 -54.36 38.96 -39.75
N THR D 97 -54.62 39.52 -38.58
CA THR D 97 -56.00 39.81 -38.20
C THR D 97 -56.59 40.94 -39.03
N THR D 98 -55.85 42.03 -39.18
CA THR D 98 -56.33 43.20 -39.91
C THR D 98 -56.02 43.16 -41.40
N GLY D 99 -55.23 42.20 -41.86
CA GLY D 99 -54.88 42.13 -43.27
C GLY D 99 -54.13 43.34 -43.77
N VAL D 100 -53.28 43.91 -42.91
CA VAL D 100 -52.48 45.07 -43.27
C VAL D 100 -51.17 44.60 -43.90
N GLU D 101 -50.63 45.41 -44.81
CA GLU D 101 -49.37 45.06 -45.45
C GLU D 101 -48.29 44.85 -44.41
N LYS D 102 -47.54 43.77 -44.54
CA LYS D 102 -46.52 43.44 -43.54
C LYS D 102 -45.42 44.49 -43.54
N PRO D 103 -45.10 45.09 -42.40
CA PRO D 103 -44.01 46.07 -42.38
C PRO D 103 -42.67 45.42 -42.66
N LYS D 104 -41.79 46.18 -43.31
CA LYS D 104 -40.45 45.68 -43.60
C LYS D 104 -39.61 45.59 -42.33
N PHE D 105 -39.68 46.62 -41.48
CA PHE D 105 -38.90 46.72 -40.26
C PHE D 105 -39.81 46.54 -39.06
N LEU D 106 -39.25 46.73 -37.86
CA LEU D 106 -40.03 46.64 -36.63
C LEU D 106 -40.52 48.04 -36.27
N PRO D 107 -41.81 48.32 -36.32
CA PRO D 107 -42.29 49.68 -36.04
C PRO D 107 -42.13 50.04 -34.56
N ASP D 108 -42.03 51.35 -34.31
CA ASP D 108 -41.94 51.83 -32.94
C ASP D 108 -43.26 51.65 -32.20
N LEU D 109 -44.37 52.06 -32.82
CA LEU D 109 -45.68 52.00 -32.20
C LEU D 109 -46.71 51.61 -33.24
N TYR D 110 -47.87 51.17 -32.74
CA TYR D 110 -49.01 50.83 -33.60
C TYR D 110 -50.25 51.54 -33.07
N ASP D 111 -50.92 52.28 -33.95
CA ASP D 111 -52.15 52.98 -33.61
C ASP D 111 -53.34 52.09 -33.94
N TYR D 112 -54.12 51.75 -32.90
CA TYR D 112 -55.29 50.89 -33.07
C TYR D 112 -56.44 51.65 -33.73
N LYS D 113 -56.65 52.90 -33.32
CA LYS D 113 -57.73 53.69 -33.92
C LYS D 113 -57.49 53.86 -35.42
N GLU D 114 -56.27 54.25 -35.80
CA GLU D 114 -55.90 54.33 -37.20
C GLU D 114 -55.44 53.00 -37.76
N ASN D 115 -55.15 52.02 -36.91
CA ASN D 115 -54.74 50.68 -37.35
C ASN D 115 -53.55 50.77 -38.30
N ARG D 116 -52.51 51.48 -37.88
CA ARG D 116 -51.34 51.67 -38.73
C ARG D 116 -50.08 51.77 -37.87
N PHE D 117 -48.95 51.47 -38.50
CA PHE D 117 -47.67 51.44 -37.80
C PHE D 117 -46.96 52.78 -37.94
N ILE D 118 -46.50 53.32 -36.82
CA ILE D 118 -45.85 54.63 -36.75
C ILE D 118 -44.46 54.48 -36.19
N GLU D 119 -43.52 55.23 -36.75
CA GLU D 119 -42.12 55.24 -36.30
C GLU D 119 -41.81 56.58 -35.62
N ILE D 120 -41.00 56.52 -34.57
CA ILE D 120 -40.63 57.70 -33.80
C ILE D 120 -39.16 58.00 -34.05
N GLY D 121 -38.86 59.28 -34.29
CA GLY D 121 -37.50 59.70 -34.55
C GLY D 121 -37.12 60.99 -33.83
N VAL D 122 -35.97 60.98 -33.17
CA VAL D 122 -35.44 62.15 -32.48
C VAL D 122 -34.00 62.36 -32.94
N THR D 123 -33.66 63.59 -33.32
CA THR D 123 -32.34 63.89 -33.85
C THR D 123 -31.83 65.20 -33.24
N ARG D 124 -30.50 65.29 -33.13
CA ARG D 124 -29.87 66.51 -32.65
C ARG D 124 -29.87 67.60 -33.71
N ARG D 125 -29.64 67.23 -34.97
CA ARG D 125 -29.53 68.19 -36.06
C ARG D 125 -30.94 68.60 -36.52
N GLU D 126 -31.01 69.28 -37.66
CA GLU D 126 -32.29 69.72 -38.18
C GLU D 126 -33.20 68.54 -38.47
N VAL D 127 -34.50 68.73 -38.25
CA VAL D 127 -35.46 67.65 -38.42
C VAL D 127 -35.60 67.27 -39.89
N HIS D 128 -35.48 68.23 -40.80
CA HIS D 128 -35.79 67.94 -42.21
C HIS D 128 -34.82 66.92 -42.80
N ILE D 129 -33.53 67.03 -42.50
CA ILE D 129 -32.57 66.08 -43.03
C ILE D 129 -32.85 64.68 -42.50
N TYR D 130 -33.15 64.58 -41.19
CA TYR D 130 -33.44 63.28 -40.60
C TYR D 130 -34.68 62.66 -41.23
N TYR D 131 -35.74 63.46 -41.41
CA TYR D 131 -36.94 62.94 -42.04
C TYR D 131 -36.66 62.50 -43.47
N LEU D 132 -35.90 63.29 -44.23
CA LEU D 132 -35.59 62.93 -45.60
C LEU D 132 -34.84 61.61 -45.68
N GLU D 133 -33.78 61.47 -44.86
CA GLU D 133 -32.99 60.24 -44.91
C GLU D 133 -33.80 59.05 -44.45
N LYS D 134 -34.63 59.21 -43.41
CA LYS D 134 -35.45 58.09 -42.95
C LYS D 134 -36.46 57.68 -44.01
N ALA D 135 -37.12 58.65 -44.64
CA ALA D 135 -38.09 58.32 -45.68
C ALA D 135 -37.43 57.63 -46.87
N ASN D 136 -36.26 58.13 -47.28
CA ASN D 136 -35.55 57.50 -48.38
C ASN D 136 -35.13 56.08 -48.02
N LYS D 137 -34.69 55.87 -46.78
CA LYS D 137 -34.21 54.56 -46.37
C LYS D 137 -35.34 53.56 -46.21
N ILE D 138 -36.46 53.99 -45.62
CA ILE D 138 -37.54 53.09 -45.22
C ILE D 138 -38.81 53.33 -46.03
N LYS D 139 -39.32 54.56 -46.02
CA LYS D 139 -40.64 54.83 -46.59
C LYS D 139 -40.72 54.40 -48.04
N SER D 140 -41.59 53.43 -48.30
CA SER D 140 -41.88 52.97 -49.66
C SER D 140 -43.36 52.98 -49.99
N GLU D 141 -44.22 52.67 -49.02
CA GLU D 141 -45.66 52.68 -49.25
C GLU D 141 -46.42 52.62 -47.94
N LYS D 142 -47.35 53.56 -47.73
CA LYS D 142 -48.23 53.59 -46.56
C LYS D 142 -47.43 53.43 -45.27
N THR D 143 -46.57 54.41 -45.02
CA THR D 143 -45.75 54.43 -43.81
C THR D 143 -45.72 55.85 -43.26
N HIS D 144 -45.77 55.96 -41.94
CA HIS D 144 -45.77 57.25 -41.26
C HIS D 144 -44.64 57.28 -40.24
N ILE D 145 -43.96 58.42 -40.16
CA ILE D 145 -42.85 58.63 -39.23
C ILE D 145 -43.13 59.89 -38.43
N HIS D 146 -42.91 59.81 -37.12
CA HIS D 146 -42.99 60.97 -36.23
C HIS D 146 -41.58 61.42 -35.91
N ILE D 147 -41.27 62.67 -36.26
CA ILE D 147 -39.92 63.22 -36.14
C ILE D 147 -39.96 64.40 -35.17
N PHE D 148 -39.10 64.36 -34.16
CA PHE D 148 -38.96 65.43 -33.20
C PHE D 148 -37.49 65.78 -33.03
N SER D 149 -37.23 66.86 -32.31
CA SER D 149 -35.86 67.30 -32.07
C SER D 149 -35.83 68.19 -30.84
N PHE D 150 -34.62 68.38 -30.31
CA PHE D 150 -34.43 69.22 -29.14
C PHE D 150 -34.46 70.71 -29.47
N THR D 151 -34.36 71.07 -30.76
CA THR D 151 -34.41 72.48 -31.14
C THR D 151 -35.81 73.07 -31.03
N GLY D 152 -36.82 72.27 -30.77
CA GLY D 152 -38.18 72.75 -30.66
C GLY D 152 -38.98 72.76 -31.94
N GLU D 153 -38.40 72.30 -33.05
CA GLU D 153 -39.10 72.21 -34.32
C GLU D 153 -39.59 70.79 -34.53
N GLU D 154 -40.86 70.64 -34.90
CA GLU D 154 -41.50 69.34 -35.04
C GLU D 154 -42.22 69.27 -36.38
N MET D 155 -42.19 68.08 -36.97
CA MET D 155 -42.90 67.82 -38.22
C MET D 155 -43.07 66.32 -38.38
N ALA D 156 -44.01 65.94 -39.24
CA ALA D 156 -44.34 64.53 -39.45
C ALA D 156 -44.76 64.35 -40.90
N THR D 157 -45.36 63.20 -41.20
CA THR D 157 -45.79 62.87 -42.56
C THR D 157 -47.20 63.40 -42.80
N LYS D 158 -47.39 64.03 -43.96
CA LYS D 158 -48.68 64.58 -44.36
C LYS D 158 -49.22 65.59 -43.35
N ALA D 159 -48.35 66.14 -42.51
CA ALA D 159 -48.76 67.09 -41.47
C ALA D 159 -49.86 66.49 -40.58
N ASP D 160 -49.74 65.20 -40.32
CA ASP D 160 -50.70 64.46 -39.51
C ASP D 160 -50.02 64.04 -38.20
N TYR D 161 -50.61 64.44 -37.08
CA TYR D 161 -50.12 64.06 -35.75
C TYR D 161 -51.23 63.33 -35.02
N THR D 162 -51.00 62.05 -34.73
CA THR D 162 -51.98 61.29 -33.96
C THR D 162 -52.14 61.88 -32.56
N LEU D 163 -51.04 62.32 -31.95
CA LEU D 163 -51.10 63.01 -30.68
C LEU D 163 -51.79 64.36 -30.84
N ASP D 164 -52.50 64.78 -29.79
CA ASP D 164 -53.17 66.07 -29.80
C ASP D 164 -52.16 67.18 -29.50
N GLU D 165 -52.66 68.42 -29.46
CA GLU D 165 -51.78 69.55 -29.20
C GLU D 165 -51.14 69.46 -27.82
N GLU D 166 -51.92 69.04 -26.81
CA GLU D 166 -51.39 68.96 -25.45
C GLU D 166 -50.24 67.96 -25.36
N SER D 167 -50.40 66.78 -25.97
CA SER D 167 -49.35 65.77 -25.90
C SER D 167 -48.11 66.22 -26.66
N ARG D 168 -48.28 66.84 -27.83
CA ARG D 168 -47.14 67.36 -28.58
C ARG D 168 -46.41 68.43 -27.77
N ALA D 169 -47.15 69.33 -27.13
CA ALA D 169 -46.53 70.35 -26.31
C ALA D 169 -45.79 69.73 -25.13
N ARG D 170 -46.37 68.69 -24.52
CA ARG D 170 -45.70 68.03 -23.41
C ARG D 170 -44.39 67.38 -23.85
N ILE D 171 -44.40 66.70 -25.00
CA ILE D 171 -43.18 66.09 -25.50
C ILE D 171 -42.14 67.15 -25.84
N LYS D 172 -42.58 68.26 -26.44
CA LYS D 172 -41.66 69.35 -26.73
C LYS D 172 -41.06 69.91 -25.45
N THR D 173 -41.87 70.07 -24.41
CA THR D 173 -41.37 70.56 -23.13
C THR D 173 -40.37 69.59 -22.52
N ARG D 174 -40.65 68.29 -22.60
CA ARG D 174 -39.71 67.29 -22.11
C ARG D 174 -38.38 67.41 -22.83
N LEU D 175 -38.42 67.50 -24.17
CA LEU D 175 -37.18 67.64 -24.93
C LEU D 175 -36.45 68.92 -24.56
N PHE D 176 -37.19 70.02 -24.38
CA PHE D 176 -36.56 71.29 -24.05
C PHE D 176 -35.89 71.26 -22.69
N THR D 177 -36.56 70.70 -21.69
CA THR D 177 -35.95 70.63 -20.36
C THR D 177 -34.75 69.69 -20.35
N ILE D 178 -34.83 68.59 -21.12
CA ILE D 178 -33.67 67.71 -21.23
C ILE D 178 -32.50 68.44 -21.89
N ARG D 179 -32.77 69.19 -22.96
CA ARG D 179 -31.71 69.94 -23.63
C ARG D 179 -31.10 70.97 -22.68
N GLN D 180 -31.94 71.64 -21.88
CA GLN D 180 -31.42 72.58 -20.89
C GLN D 180 -30.54 71.86 -19.89
N GLU D 181 -30.91 70.62 -19.51
CA GLU D 181 -30.07 69.85 -18.60
C GLU D 181 -28.70 69.56 -19.20
N MET D 182 -28.65 69.10 -20.46
CA MET D 182 -27.35 68.87 -21.08
C MET D 182 -26.55 70.17 -21.18
N ALA D 183 -27.21 71.27 -21.53
CA ALA D 183 -26.49 72.54 -21.65
C ALA D 183 -25.91 72.96 -20.31
N SER D 184 -26.69 72.81 -19.23
CA SER D 184 -26.19 73.15 -17.90
C SER D 184 -25.02 72.26 -17.51
N ARG D 185 -25.11 70.96 -17.81
CA ARG D 185 -24.02 70.05 -17.50
C ARG D 185 -22.78 70.30 -18.35
N GLY D 186 -22.88 71.13 -19.39
CA GLY D 186 -21.74 71.43 -20.23
C GLY D 186 -21.27 70.27 -21.08
N LEU D 187 -22.21 69.50 -21.65
CA LEU D 187 -21.85 68.41 -22.54
C LEU D 187 -22.78 68.31 -23.75
N TRP D 188 -23.59 69.34 -24.02
CA TRP D 188 -24.46 69.31 -25.20
C TRP D 188 -23.66 69.39 -26.49
N ASP D 189 -22.49 70.03 -26.47
CA ASP D 189 -21.67 70.11 -27.68
C ASP D 189 -21.24 68.73 -28.14
N SER D 190 -20.80 67.89 -27.21
CA SER D 190 -20.45 66.51 -27.55
C SER D 190 -21.66 65.74 -28.07
N PHE D 191 -22.82 65.96 -27.43
CA PHE D 191 -24.04 65.28 -27.87
C PHE D 191 -24.38 65.63 -29.31
N ARG D 192 -24.25 66.91 -29.66
CA ARG D 192 -24.55 67.34 -31.03
C ARG D 192 -23.50 66.84 -32.02
N GLN D 193 -22.22 66.92 -31.64
CA GLN D 193 -21.16 66.53 -32.56
C GLN D 193 -21.16 65.03 -32.82
N SER D 194 -21.54 64.23 -31.82
CA SER D 194 -21.57 62.78 -32.02
C SER D 194 -22.51 62.39 -33.14
N GLU D 195 -23.56 63.18 -33.37
CA GLU D 195 -24.48 62.91 -34.47
C GLU D 195 -23.84 63.30 -35.79
N ARG D 196 -23.89 62.39 -36.76
CA ARG D 196 -23.34 62.65 -38.08
C ARG D 196 -24.21 62.12 -39.21
N GLY D 197 -25.38 61.56 -38.91
CA GLY D 197 -26.25 60.99 -39.92
C GLY D 197 -25.90 59.59 -40.34
N GLU D 198 -24.86 58.99 -39.76
CA GLU D 198 -24.45 57.63 -40.10
C GLU D 198 -24.22 57.49 -41.61
N GLU D 199 -23.23 58.23 -42.10
CA GLU D 199 -22.90 58.21 -43.51
C GLU D 199 -22.79 56.79 -44.03
N THR D 200 -23.68 56.43 -44.94
CA THR D 200 -23.73 55.07 -45.48
C THR D 200 -22.97 55.00 -46.80
N ILE D 201 -21.64 55.15 -46.69
CA ILE D 201 -20.80 54.98 -47.86
C ILE D 201 -20.89 53.53 -48.33
N GLU D 202 -20.76 53.34 -49.65
CA GLU D 202 -20.93 52.01 -50.20
C GLU D 202 -19.95 51.04 -49.56
N GLU D 203 -20.47 49.89 -49.14
CA GLU D 203 -19.66 48.86 -48.49
C GLU D 203 -19.29 47.80 -49.51
N ARG D 204 -18.00 47.46 -49.56
CA ARG D 204 -17.48 46.50 -50.51
C ARG D 204 -16.88 45.32 -49.77
N PHE D 205 -17.29 44.11 -50.14
CA PHE D 205 -16.75 42.88 -49.58
C PHE D 205 -16.52 41.92 -50.74
N GLU D 206 -15.28 41.80 -51.18
CA GLU D 206 -14.92 41.01 -52.36
C GLU D 206 -14.16 39.77 -51.94
N ILE D 207 -14.55 38.63 -52.49
CA ILE D 207 -13.82 37.38 -52.30
C ILE D 207 -12.84 37.23 -53.46
N THR D 208 -11.56 37.06 -53.12
CA THR D 208 -10.52 37.04 -54.15
C THR D 208 -9.38 36.16 -53.68
N GLY D 209 -8.56 35.73 -54.64
CA GLY D 209 -7.39 34.92 -54.34
C GLY D 209 -7.75 33.56 -53.80
N THR D 210 -7.25 33.24 -52.60
CA THR D 210 -7.49 31.93 -52.02
C THR D 210 -8.97 31.67 -51.79
N MET D 211 -9.69 32.68 -51.28
CA MET D 211 -11.09 32.49 -50.94
C MET D 211 -11.93 32.20 -52.18
N ARG D 212 -11.60 32.85 -53.31
CA ARG D 212 -12.33 32.57 -54.54
C ARG D 212 -12.15 31.11 -54.96
N ARG D 213 -10.92 30.60 -54.88
CA ARG D 213 -10.68 29.21 -55.20
C ARG D 213 -11.46 28.29 -54.26
N LEU D 214 -11.42 28.59 -52.97
CA LEU D 214 -12.12 27.75 -52.00
C LEU D 214 -13.62 27.74 -52.28
N ALA D 215 -14.19 28.91 -52.59
CA ALA D 215 -15.61 28.99 -52.91
C ALA D 215 -15.93 28.19 -54.16
N ASP D 216 -15.09 28.30 -55.19
CA ASP D 216 -15.30 27.52 -56.40
C ASP D 216 -15.20 26.03 -56.14
N GLN D 217 -14.47 25.63 -55.09
CA GLN D 217 -14.33 24.22 -54.73
C GLN D 217 -15.33 23.80 -53.65
N SER D 218 -16.46 24.50 -53.55
CA SER D 218 -17.45 24.22 -52.51
C SER D 218 -18.86 24.29 -53.07
N LEU D 219 -19.07 23.73 -54.25
CA LEU D 219 -20.36 23.71 -54.92
C LEU D 219 -20.81 22.27 -55.17
N PRO D 220 -22.10 22.05 -55.37
CA PRO D 220 -22.58 20.69 -55.65
C PRO D 220 -22.02 20.17 -56.96
N PRO D 221 -22.30 18.91 -57.31
CA PRO D 221 -21.83 18.40 -58.59
C PRO D 221 -22.52 19.10 -59.76
N ASN D 222 -21.82 19.12 -60.89
CA ASN D 222 -22.32 19.77 -62.11
C ASN D 222 -22.34 21.29 -61.98
N PHE D 223 -21.34 21.83 -61.28
CA PHE D 223 -21.22 23.28 -61.14
C PHE D 223 -19.75 23.64 -61.12
N SER D 224 -19.35 24.60 -61.97
CA SER D 224 -17.95 24.95 -62.15
C SER D 224 -17.52 26.11 -61.25
N SER D 225 -18.42 27.05 -60.97
CA SER D 225 -18.06 28.22 -60.19
C SER D 225 -19.24 28.65 -59.34
N LEU D 226 -18.94 29.44 -58.31
CA LEU D 226 -19.99 29.94 -57.43
C LEU D 226 -20.96 30.84 -58.18
N GLU D 227 -20.46 31.61 -59.14
CA GLU D 227 -21.32 32.54 -59.88
C GLU D 227 -22.39 31.77 -60.65
N ASN D 228 -22.03 30.65 -61.25
CA ASN D 228 -23.01 29.85 -61.97
C ASN D 228 -24.10 29.36 -61.02
N PHE D 229 -23.72 28.91 -59.83
CA PHE D 229 -24.72 28.46 -58.87
C PHE D 229 -25.61 29.60 -58.42
N ARG D 230 -25.03 30.78 -58.17
CA ARG D 230 -25.83 31.93 -57.77
C ARG D 230 -26.84 32.28 -58.85
N ALA D 231 -26.40 32.28 -60.11
CA ALA D 231 -27.33 32.56 -61.20
C ALA D 231 -28.42 31.50 -61.29
N TYR D 232 -28.04 30.23 -61.14
CA TYR D 232 -29.03 29.16 -61.24
C TYR D 232 -30.08 29.27 -60.14
N VAL D 233 -29.64 29.48 -58.90
CA VAL D 233 -30.59 29.56 -57.79
C VAL D 233 -31.44 30.81 -57.90
N ASP D 234 -30.84 31.92 -58.35
CA ASP D 234 -31.61 33.16 -58.47
C ASP D 234 -32.77 33.00 -59.44
N GLY D 235 -32.58 32.24 -60.51
CA GLY D 235 -33.62 31.94 -61.46
C GLY D 235 -34.42 30.70 -61.17
N PHE D 236 -34.20 30.07 -60.03
CA PHE D 236 -34.87 28.82 -59.71
C PHE D 236 -36.32 29.07 -59.29
N GLU D 237 -37.20 28.15 -59.71
CA GLU D 237 -38.61 28.16 -59.30
C GLU D 237 -39.03 26.70 -59.24
N PRO D 238 -39.57 26.24 -58.10
CA PRO D 238 -39.86 24.81 -57.96
C PRO D 238 -40.95 24.34 -58.92
N ASN D 239 -40.82 23.09 -59.35
CA ASN D 239 -41.83 22.47 -60.20
C ASN D 239 -41.78 20.95 -59.97
N GLY D 240 -42.66 20.46 -59.11
CA GLY D 240 -42.85 19.03 -58.92
C GLY D 240 -41.60 18.20 -58.77
N CYS D 241 -40.49 18.83 -58.36
CA CYS D 241 -39.26 18.06 -58.17
C CYS D 241 -39.39 17.05 -57.04
N ILE D 242 -40.01 17.46 -55.93
CA ILE D 242 -40.18 16.55 -54.79
C ILE D 242 -41.03 15.35 -55.19
N GLU D 243 -42.14 15.61 -55.89
CA GLU D 243 -43.01 14.51 -56.31
C GLU D 243 -42.27 13.56 -57.24
N GLY D 244 -41.51 14.10 -58.19
CA GLY D 244 -40.75 13.24 -59.09
C GLY D 244 -39.72 12.40 -58.36
N LYS D 245 -38.98 13.01 -57.44
CA LYS D 245 -37.98 12.25 -56.68
C LYS D 245 -38.64 11.16 -55.85
N LEU D 246 -39.77 11.47 -55.21
CA LEU D 246 -40.47 10.46 -54.42
C LEU D 246 -40.99 9.33 -55.30
N SER D 247 -41.50 9.67 -56.49
CA SER D 247 -41.95 8.63 -57.40
C SER D 247 -40.80 7.73 -57.83
N GLN D 248 -39.63 8.33 -58.10
CA GLN D 248 -38.45 7.58 -58.49
C GLN D 248 -37.65 7.06 -57.30
N MET D 249 -38.06 7.40 -56.08
CA MET D 249 -37.39 6.87 -54.89
C MET D 249 -37.73 5.39 -54.71
N SER D 250 -36.84 4.68 -54.02
CA SER D 250 -37.02 3.26 -53.82
C SER D 250 -38.21 2.99 -52.91
N LYS D 251 -39.09 2.08 -53.33
CA LYS D 251 -40.27 1.76 -52.53
C LYS D 251 -39.89 1.12 -51.20
N GLU D 252 -38.80 0.34 -51.17
CA GLU D 252 -38.43 -0.36 -49.95
C GLU D 252 -38.20 0.60 -48.79
N VAL D 253 -37.78 1.83 -49.08
CA VAL D 253 -37.57 2.81 -48.01
C VAL D 253 -38.93 3.24 -47.47
N ASN D 254 -39.14 3.03 -46.17
CA ASN D 254 -40.40 3.38 -45.54
C ASN D 254 -40.25 3.19 -44.03
N ALA D 255 -40.97 4.01 -43.27
CA ALA D 255 -40.99 3.92 -41.81
C ALA D 255 -42.28 3.19 -41.40
N ARG D 256 -42.24 1.87 -41.51
CA ARG D 256 -43.39 1.06 -41.14
C ARG D 256 -43.60 1.08 -39.64
N ILE D 257 -44.85 0.91 -39.23
CA ILE D 257 -45.23 0.89 -37.83
C ILE D 257 -45.57 -0.54 -37.44
N GLU D 258 -44.86 -1.07 -36.46
CA GLU D 258 -45.12 -2.42 -35.98
C GLU D 258 -46.25 -2.38 -34.97
N PRO D 259 -47.35 -3.13 -35.17
CA PRO D 259 -48.42 -3.14 -34.17
C PRO D 259 -47.91 -3.56 -32.80
N PHE D 260 -47.95 -2.64 -31.84
CA PHE D 260 -47.44 -2.90 -30.49
C PHE D 260 -48.62 -3.35 -29.63
N LEU D 261 -48.67 -4.65 -29.36
CA LEU D 261 -49.66 -5.23 -28.48
C LEU D 261 -49.04 -5.49 -27.11
N ARG D 262 -49.81 -6.16 -26.23
CA ARG D 262 -49.30 -6.44 -24.89
C ARG D 262 -48.30 -7.58 -24.87
N THR D 263 -48.39 -8.53 -25.80
CA THR D 263 -47.55 -9.71 -25.77
C THR D 263 -46.17 -9.48 -26.38
N THR D 264 -45.98 -8.39 -27.12
CA THR D 264 -44.72 -8.21 -27.85
C THR D 264 -43.52 -8.05 -26.92
N PRO D 265 -43.55 -7.24 -25.86
CA PRO D 265 -42.33 -6.98 -25.11
C PRO D 265 -41.78 -8.24 -24.45
N ARG D 266 -40.46 -8.27 -24.32
CA ARG D 266 -39.76 -9.34 -23.62
C ARG D 266 -38.77 -8.73 -22.65
N PRO D 267 -38.46 -9.44 -21.56
CA PRO D 267 -37.52 -8.87 -20.57
C PRO D 267 -36.13 -8.69 -21.15
N LEU D 268 -35.43 -7.68 -20.65
CA LEU D 268 -34.06 -7.43 -21.08
C LEU D 268 -33.20 -8.65 -20.79
N ARG D 269 -32.37 -9.03 -21.76
CA ARG D 269 -31.46 -10.15 -21.59
C ARG D 269 -30.27 -9.70 -20.75
N LEU D 270 -30.14 -10.27 -19.55
CA LEU D 270 -29.05 -9.88 -18.67
C LEU D 270 -27.77 -10.63 -19.03
N PRO D 271 -26.61 -10.05 -18.74
CA PRO D 271 -25.35 -10.72 -19.05
C PRO D 271 -25.09 -11.88 -18.11
N ASP D 272 -24.20 -12.77 -18.54
CA ASP D 272 -23.78 -13.92 -17.76
C ASP D 272 -22.28 -13.82 -17.49
N GLY D 273 -21.88 -14.36 -16.34
CA GLY D 273 -20.48 -14.34 -15.94
C GLY D 273 -20.33 -14.35 -14.44
N PRO D 274 -19.11 -14.07 -13.96
CA PRO D 274 -18.89 -14.04 -12.52
C PRO D 274 -19.65 -12.90 -11.88
N PRO D 275 -20.12 -13.06 -10.64
CA PRO D 275 -20.85 -11.97 -9.98
C PRO D 275 -20.04 -10.69 -9.92
N CYS D 276 -20.74 -9.61 -9.58
CA CYS D 276 -20.15 -8.27 -9.58
C CYS D 276 -19.31 -8.08 -8.31
N SER D 277 -18.90 -6.85 -8.05
CA SER D 277 -18.08 -6.55 -6.89
C SER D 277 -18.29 -5.10 -6.49
N GLN D 278 -18.09 -4.83 -5.20
CA GLN D 278 -18.20 -3.46 -4.71
C GLN D 278 -17.08 -2.60 -5.27
N ARG D 279 -17.42 -1.37 -5.64
CA ARG D 279 -16.44 -0.44 -6.18
C ARG D 279 -16.59 0.96 -5.59
N SER D 280 -17.39 1.13 -4.55
CA SER D 280 -17.61 2.45 -3.97
C SER D 280 -16.36 2.93 -3.24
N LYS D 281 -16.31 4.24 -2.99
CA LYS D 281 -15.20 4.81 -2.24
C LYS D 281 -15.23 4.42 -0.77
N PHE D 282 -16.35 3.91 -0.28
CA PHE D 282 -16.44 3.48 1.10
C PHE D 282 -17.57 2.46 1.22
N LEU D 283 -17.54 1.68 2.30
CA LEU D 283 -18.57 0.69 2.54
C LEU D 283 -19.89 1.38 2.90
N LEU D 284 -20.99 0.76 2.48
CA LEU D 284 -22.32 1.31 2.70
C LEU D 284 -23.15 0.46 3.66
N MET D 285 -23.37 -0.80 3.35
CA MET D 285 -24.12 -1.68 4.25
C MET D 285 -23.26 -2.16 5.41
N ASP D 286 -21.96 -2.27 5.20
CA ASP D 286 -21.06 -2.95 6.12
C ASP D 286 -20.16 -2.01 6.90
N ALA D 287 -20.41 -0.70 6.85
CA ALA D 287 -19.58 0.24 7.58
C ALA D 287 -19.73 0.04 9.08
N LEU D 288 -18.66 0.30 9.81
CA LEU D 288 -18.66 0.24 11.26
C LEU D 288 -18.17 1.56 11.82
N LYS D 289 -18.64 1.90 13.01
CA LYS D 289 -18.39 3.20 13.61
C LYS D 289 -17.82 3.03 15.01
N LEU D 290 -16.71 3.73 15.27
CA LEU D 290 -16.23 3.95 16.63
C LEU D 290 -16.66 5.36 17.01
N SER D 291 -17.62 5.46 17.92
CA SER D 291 -18.32 6.70 18.16
C SER D 291 -18.14 7.17 19.60
N ILE D 292 -18.10 8.49 19.76
CA ILE D 292 -18.18 9.13 21.07
C ILE D 292 -19.51 9.88 21.14
N GLU D 293 -20.26 9.62 22.21
CA GLU D 293 -21.63 10.12 22.30
C GLU D 293 -21.68 11.64 22.31
N ASP D 294 -20.79 12.28 23.07
CA ASP D 294 -20.80 13.73 23.24
C ASP D 294 -19.37 14.20 23.38
N PRO D 295 -18.76 14.75 22.33
CA PRO D 295 -17.39 15.25 22.45
C PRO D 295 -17.33 16.54 23.25
N SER D 296 -16.82 16.46 24.47
CA SER D 296 -16.62 17.62 25.32
C SER D 296 -15.17 17.69 25.81
N HIS D 297 -14.29 16.94 25.15
CA HIS D 297 -12.89 16.89 25.53
C HIS D 297 -12.17 18.18 25.12
N GLU D 298 -11.00 18.38 25.68
CA GLU D 298 -10.20 19.56 25.36
C GLU D 298 -9.74 19.48 23.91
N GLY D 299 -9.74 20.63 23.23
CA GLY D 299 -9.32 20.69 21.85
C GLY D 299 -10.29 20.02 20.90
N GLU D 300 -11.48 20.61 20.76
CA GLU D 300 -12.52 20.07 19.90
C GLU D 300 -12.48 20.75 18.53
N GLY D 301 -13.01 20.07 17.52
CA GLY D 301 -13.04 20.60 16.18
C GLY D 301 -11.98 20.00 15.30
N ILE D 302 -10.81 19.72 15.87
CA ILE D 302 -9.69 19.15 15.14
C ILE D 302 -10.01 17.69 14.84
N PRO D 303 -9.99 17.26 13.58
CA PRO D 303 -10.32 15.86 13.27
C PRO D 303 -9.36 14.86 13.89
N LEU D 304 -8.08 15.20 14.04
CA LEU D 304 -7.11 14.24 14.56
C LEU D 304 -7.42 13.89 16.02
N TYR D 305 -7.69 14.89 16.86
CA TYR D 305 -8.00 14.61 18.25
C TYR D 305 -9.30 13.83 18.37
N ASP D 306 -10.30 14.16 17.56
CA ASP D 306 -11.54 13.41 17.57
C ASP D 306 -11.29 11.95 17.20
N ALA D 307 -10.45 11.71 16.19
CA ALA D 307 -10.12 10.35 15.80
C ALA D 307 -9.40 9.61 16.92
N ILE D 308 -8.47 10.28 17.59
CA ILE D 308 -7.75 9.65 18.69
C ILE D 308 -8.71 9.26 19.80
N LYS D 309 -9.62 10.17 20.16
CA LYS D 309 -10.57 9.89 21.22
C LYS D 309 -11.50 8.74 20.83
N CYS D 310 -11.95 8.71 19.58
CA CYS D 310 -12.80 7.61 19.13
C CYS D 310 -12.05 6.29 19.19
N MET D 311 -10.77 6.30 18.82
CA MET D 311 -9.97 5.07 18.88
C MET D 311 -9.81 4.60 20.33
N LYS D 312 -9.60 5.53 21.26
CA LYS D 312 -9.37 5.14 22.64
C LYS D 312 -10.57 4.44 23.26
N THR D 313 -11.74 4.54 22.65
CA THR D 313 -12.93 3.91 23.19
C THR D 313 -12.96 2.40 22.96
N PHE D 314 -12.03 1.86 22.18
CA PHE D 314 -11.99 0.43 21.88
C PHE D 314 -10.75 -0.20 22.51
N PHE D 315 -10.93 -1.44 23.00
CA PHE D 315 -9.83 -2.18 23.63
C PHE D 315 -9.74 -3.61 23.12
N GLY D 316 -10.41 -3.95 22.03
CA GLY D 316 -10.42 -5.31 21.53
C GLY D 316 -9.38 -5.58 20.47
N TRP D 317 -8.36 -4.74 20.40
CA TRP D 317 -7.32 -4.91 19.39
C TRP D 317 -6.67 -6.28 19.52
N LYS D 318 -6.50 -6.95 18.38
CA LYS D 318 -5.76 -8.20 18.30
C LYS D 318 -4.52 -7.98 17.43
N GLU D 319 -3.78 -9.05 17.19
CA GLU D 319 -2.70 -8.98 16.21
C GLU D 319 -3.30 -9.12 14.82
N PRO D 320 -3.11 -8.15 13.93
CA PRO D 320 -3.77 -8.23 12.62
C PRO D 320 -3.32 -9.46 11.84
N ASN D 321 -4.27 -10.08 11.14
CA ASN D 321 -3.98 -11.19 10.25
C ASN D 321 -4.99 -11.16 9.12
N ILE D 322 -4.60 -11.72 7.98
CA ILE D 322 -5.37 -11.62 6.74
C ILE D 322 -6.28 -12.82 6.63
N ILE D 323 -7.59 -12.58 6.54
CA ILE D 323 -8.58 -13.62 6.35
C ILE D 323 -8.93 -13.80 4.88
N LYS D 324 -9.28 -12.70 4.21
CA LYS D 324 -9.59 -12.70 2.78
C LYS D 324 -8.54 -11.84 2.09
N PRO D 325 -7.53 -12.43 1.46
CA PRO D 325 -6.44 -11.63 0.89
C PRO D 325 -6.79 -11.04 -0.47
N HIS D 326 -6.09 -9.96 -0.81
CA HIS D 326 -6.20 -9.34 -2.13
C HIS D 326 -5.50 -10.24 -3.14
N GLU D 327 -6.30 -10.96 -3.94
CA GLU D 327 -5.72 -11.93 -4.87
C GLU D 327 -4.73 -11.28 -5.81
N LYS D 328 -5.15 -10.22 -6.51
CA LYS D 328 -4.30 -9.53 -7.47
C LYS D 328 -3.76 -8.24 -6.84
N GLY D 329 -2.92 -8.41 -5.82
CA GLY D 329 -2.37 -7.25 -5.14
C GLY D 329 -1.39 -7.64 -4.07
N ILE D 330 -1.06 -6.64 -3.25
CA ILE D 330 -0.04 -6.76 -2.21
C ILE D 330 -0.76 -6.92 -0.87
N ASN D 331 -0.78 -8.14 -0.34
CA ASN D 331 -1.47 -8.41 0.91
C ASN D 331 -0.62 -8.02 2.13
N PRO D 332 0.63 -8.45 2.22
CA PRO D 332 1.41 -8.18 3.45
C PRO D 332 1.59 -6.70 3.74
N ASN D 333 1.75 -5.87 2.71
CA ASN D 333 2.05 -4.46 2.96
C ASN D 333 0.85 -3.73 3.53
N TYR D 334 -0.37 -4.19 3.23
CA TYR D 334 -1.54 -3.63 3.89
C TYR D 334 -1.45 -3.83 5.40
N LEU D 335 -1.10 -5.04 5.81
CA LEU D 335 -0.92 -5.33 7.24
C LEU D 335 0.18 -4.45 7.82
N LEU D 336 1.30 -4.33 7.11
CA LEU D 336 2.40 -3.54 7.64
C LEU D 336 2.02 -2.07 7.79
N THR D 337 1.29 -1.51 6.82
CA THR D 337 0.89 -0.12 6.93
C THR D 337 -0.17 0.09 8.01
N TRP D 338 -1.06 -0.89 8.22
CA TRP D 338 -1.99 -0.77 9.34
C TRP D 338 -1.24 -0.75 10.67
N LYS D 339 -0.26 -1.64 10.83
CA LYS D 339 0.57 -1.62 12.03
C LYS D 339 1.28 -0.28 12.18
N GLN D 340 1.79 0.26 11.07
CA GLN D 340 2.43 1.56 11.11
C GLN D 340 1.46 2.64 11.56
N VAL D 341 0.21 2.58 11.10
CA VAL D 341 -0.78 3.56 11.51
C VAL D 341 -0.99 3.50 13.02
N LEU D 342 -1.15 2.29 13.55
CA LEU D 342 -1.38 2.15 14.99
C LEU D 342 -0.18 2.66 15.79
N ALA D 343 1.02 2.28 15.36
CA ALA D 343 2.22 2.73 16.07
C ALA D 343 2.37 4.24 16.01
N GLU D 344 2.07 4.84 14.86
CA GLU D 344 2.15 6.29 14.73
C GLU D 344 1.13 6.97 15.63
N LEU D 345 -0.07 6.41 15.74
CA LEU D 345 -1.06 6.99 16.65
C LEU D 345 -0.58 6.92 18.10
N GLN D 346 0.03 5.80 18.49
CA GLN D 346 0.59 5.72 19.84
C GLN D 346 1.69 6.74 20.04
N ASP D 347 2.57 6.90 19.05
CA ASP D 347 3.63 7.89 19.15
C ASP D 347 3.05 9.30 19.31
N ILE D 348 2.00 9.61 18.57
CA ILE D 348 1.32 10.89 18.73
C ILE D 348 0.81 11.02 20.17
N LYS D 349 0.20 9.96 20.68
CA LYS D 349 -0.27 9.97 22.06
C LYS D 349 0.87 10.31 23.01
N ASN D 350 2.07 9.82 22.72
CA ASN D 350 3.22 10.12 23.57
C ASN D 350 3.69 11.56 23.46
N GLU D 351 3.18 12.34 22.50
CA GLU D 351 3.61 13.71 22.33
C GLU D 351 2.87 14.64 23.29
N GLU D 352 3.35 15.89 23.35
CA GLU D 352 2.76 16.92 24.21
C GLU D 352 2.14 18.05 23.38
N LYS D 353 2.93 18.69 22.52
CA LYS D 353 2.45 19.79 21.69
C LYS D 353 2.12 19.22 20.31
N ILE D 354 0.97 18.55 20.24
CA ILE D 354 0.54 17.91 19.00
C ILE D 354 0.10 18.98 18.01
N PRO D 355 0.68 19.04 16.80
CA PRO D 355 0.22 20.02 15.81
C PRO D 355 -1.14 19.65 15.24
N ARG D 356 -1.64 20.46 14.30
CA ARG D 356 -2.98 20.23 13.78
C ARG D 356 -3.10 18.87 13.12
N THR D 357 -2.13 18.51 12.27
CA THR D 357 -2.13 17.24 11.58
C THR D 357 -0.71 16.69 11.56
N LYS D 358 -0.60 15.37 11.45
CA LYS D 358 0.68 14.67 11.47
C LYS D 358 0.84 13.90 10.16
N ASN D 359 1.99 14.07 9.51
CA ASN D 359 2.28 13.43 8.24
C ASN D 359 3.09 12.17 8.49
N MET D 360 2.64 11.05 7.95
CA MET D 360 3.34 9.79 8.12
C MET D 360 4.69 9.83 7.41
N LYS D 361 5.71 9.28 8.06
CA LYS D 361 7.02 9.21 7.45
C LYS D 361 7.00 8.23 6.28
N LYS D 362 7.84 8.51 5.27
CA LYS D 362 7.90 7.65 4.10
C LYS D 362 8.49 6.30 4.47
N THR D 363 7.74 5.24 4.19
CA THR D 363 8.16 3.88 4.48
C THR D 363 7.89 3.00 3.28
N SER D 364 8.63 1.89 3.19
CA SER D 364 8.47 0.98 2.07
C SER D 364 7.04 0.49 1.96
N GLN D 365 6.47 0.01 3.06
CA GLN D 365 5.11 -0.51 3.01
C GLN D 365 4.11 0.59 2.64
N LEU D 366 4.34 1.81 3.13
CA LEU D 366 3.45 2.91 2.78
C LEU D 366 3.47 3.17 1.28
N LYS D 367 4.66 3.26 0.69
CA LYS D 367 4.75 3.47 -0.74
C LYS D 367 4.11 2.33 -1.51
N TRP D 368 4.36 1.08 -1.10
CA TRP D 368 3.83 -0.06 -1.82
C TRP D 368 2.31 -0.09 -1.77
N ALA D 369 1.73 0.17 -0.60
CA ALA D 369 0.26 0.20 -0.49
C ALA D 369 -0.31 1.36 -1.30
N LEU D 370 0.32 2.53 -1.23
CA LEU D 370 -0.14 3.67 -2.02
C LEU D 370 -0.02 3.37 -3.52
N GLY D 371 1.08 2.76 -3.93
CA GLY D 371 1.36 2.51 -5.33
C GLY D 371 2.48 3.36 -5.90
N GLU D 372 3.19 4.13 -5.08
CA GLU D 372 4.26 4.97 -5.60
C GLU D 372 5.35 4.12 -6.25
N ASN D 373 5.72 3.01 -5.63
CA ASN D 373 6.76 2.14 -6.17
C ASN D 373 6.25 1.22 -7.27
N MET D 374 4.95 1.21 -7.53
CA MET D 374 4.36 0.44 -8.62
C MET D 374 3.93 1.32 -9.79
N ALA D 375 4.29 2.61 -9.76
CA ALA D 375 3.87 3.53 -10.80
C ALA D 375 4.85 3.48 -11.96
N PRO D 376 4.40 3.19 -13.19
CA PRO D 376 5.33 3.21 -14.33
C PRO D 376 5.95 4.59 -14.50
N GLU D 377 7.22 4.59 -14.90
CA GLU D 377 7.95 5.84 -15.07
C GLU D 377 7.61 6.49 -16.40
N LYS D 378 8.25 7.61 -16.70
CA LYS D 378 7.99 8.40 -17.90
C LYS D 378 9.20 8.38 -18.81
N VAL D 379 8.98 8.09 -20.08
CA VAL D 379 10.04 8.08 -21.08
C VAL D 379 9.41 8.30 -22.45
N ASP D 380 10.13 9.01 -23.32
CA ASP D 380 9.62 9.29 -24.65
C ASP D 380 9.47 8.01 -25.45
N PHE D 381 8.52 8.02 -26.39
CA PHE D 381 8.24 6.85 -27.21
C PHE D 381 9.46 6.42 -28.03
N GLU D 382 10.40 7.34 -28.28
CA GLU D 382 11.58 7.00 -29.07
C GLU D 382 12.41 5.93 -28.37
N ASP D 383 12.53 6.01 -27.04
CA ASP D 383 13.41 5.15 -26.27
C ASP D 383 12.75 3.88 -25.78
N CYS D 384 11.46 3.65 -26.10
CA CYS D 384 10.77 2.45 -25.67
C CYS D 384 9.99 1.80 -26.81
N LYS D 385 10.16 2.25 -28.05
CA LYS D 385 9.41 1.68 -29.15
C LYS D 385 9.71 0.19 -29.31
N ASP D 386 10.98 -0.20 -29.14
CA ASP D 386 11.40 -1.58 -29.32
C ASP D 386 11.20 -2.40 -28.03
N VAL D 387 9.93 -2.55 -27.66
CA VAL D 387 9.53 -3.34 -26.51
C VAL D 387 8.56 -4.42 -27.00
N ASN D 388 8.78 -5.66 -26.56
CA ASN D 388 8.00 -6.77 -27.07
C ASN D 388 6.52 -6.63 -26.73
N ASP D 389 6.22 -6.20 -25.51
CA ASP D 389 4.86 -6.10 -25.01
C ASP D 389 4.47 -4.64 -24.75
N LEU D 390 4.82 -3.75 -25.67
CA LEU D 390 4.44 -2.35 -25.59
C LEU D 390 3.17 -2.16 -26.40
N LYS D 391 2.05 -1.96 -25.70
CA LYS D 391 0.74 -1.92 -26.33
C LYS D 391 -0.02 -0.68 -25.89
N GLN D 392 -1.03 -0.34 -26.67
CA GLN D 392 -1.94 0.74 -26.30
C GLN D 392 -2.65 0.38 -25.00
N TYR D 393 -2.95 1.42 -24.21
CA TYR D 393 -3.65 1.21 -22.94
C TYR D 393 -4.82 0.26 -23.14
N ASP D 394 -5.11 -0.51 -22.10
CA ASP D 394 -6.10 -1.59 -22.23
C ASP D 394 -7.51 -1.01 -22.34
N SER D 395 -7.81 -0.39 -23.48
CA SER D 395 -9.15 0.12 -23.73
C SER D 395 -10.04 -1.00 -24.25
N ASP D 396 -10.09 -2.11 -23.52
CA ASP D 396 -10.91 -3.25 -23.88
C ASP D 396 -12.17 -3.27 -23.02
N GLU D 397 -13.28 -3.67 -23.62
CA GLU D 397 -14.53 -3.71 -22.89
C GLU D 397 -14.40 -4.66 -21.70
N PRO D 398 -14.71 -4.21 -20.49
CA PRO D 398 -14.62 -5.10 -19.33
C PRO D 398 -15.51 -6.33 -19.51
N GLU D 399 -15.09 -7.43 -18.88
CA GLU D 399 -15.79 -8.69 -19.08
C GLU D 399 -17.18 -8.60 -18.45
N PRO D 400 -18.16 -9.31 -19.01
CA PRO D 400 -19.51 -9.27 -18.43
C PRO D 400 -19.54 -9.92 -17.05
N ARG D 401 -20.41 -9.38 -16.20
CA ARG D 401 -20.58 -9.88 -14.83
C ARG D 401 -22.07 -10.12 -14.59
N SER D 402 -22.38 -11.28 -14.00
CA SER D 402 -23.76 -11.63 -13.73
C SER D 402 -24.31 -10.80 -12.57
N LEU D 403 -25.63 -10.67 -12.54
CA LEU D 403 -26.29 -9.95 -11.46
C LEU D 403 -26.12 -10.69 -10.14
N ALA D 404 -25.78 -9.94 -9.10
CA ALA D 404 -25.57 -10.48 -7.76
C ALA D 404 -26.57 -9.84 -6.79
N CYS D 405 -27.06 -10.64 -5.84
CA CYS D 405 -28.12 -10.19 -4.95
C CYS D 405 -27.65 -9.18 -3.91
N TRP D 406 -26.34 -8.94 -3.78
CA TRP D 406 -25.87 -8.09 -2.71
C TRP D 406 -26.18 -6.62 -2.95
N ILE D 407 -26.31 -6.20 -4.21
CA ILE D 407 -26.68 -4.81 -4.49
C ILE D 407 -28.12 -4.55 -4.10
N GLN D 408 -28.99 -5.53 -4.29
CA GLN D 408 -30.37 -5.41 -3.84
C GLN D 408 -30.43 -5.16 -2.34
N SER D 409 -29.67 -5.94 -1.57
CA SER D 409 -29.61 -5.73 -0.12
C SER D 409 -28.99 -4.39 0.21
N GLU D 410 -27.98 -3.97 -0.56
CA GLU D 410 -27.38 -2.66 -0.35
C GLU D 410 -28.43 -1.57 -0.43
N PHE D 411 -29.24 -1.58 -1.49
CA PHE D 411 -30.27 -0.57 -1.64
C PHE D 411 -31.33 -0.70 -0.54
N ASN D 412 -31.73 -1.94 -0.24
CA ASN D 412 -32.73 -2.15 0.82
C ASN D 412 -32.29 -1.50 2.11
N LYS D 413 -31.05 -1.73 2.52
CA LYS D 413 -30.56 -1.15 3.77
C LYS D 413 -30.32 0.35 3.63
N ALA D 414 -30.02 0.83 2.43
CA ALA D 414 -29.90 2.26 2.22
C ALA D 414 -31.25 2.97 2.35
N CYS D 415 -32.34 2.25 2.19
CA CYS D 415 -33.68 2.84 2.28
C CYS D 415 -34.29 2.72 3.67
N GLU D 416 -33.58 2.15 4.64
CA GLU D 416 -34.15 2.00 5.98
C GLU D 416 -34.03 3.29 6.76
N LEU D 417 -34.68 3.32 7.92
CA LEU D 417 -34.79 4.51 8.75
C LEU D 417 -33.72 4.45 9.85
N THR D 418 -32.87 5.47 9.90
CA THR D 418 -31.82 5.56 10.91
C THR D 418 -32.35 6.29 12.15
N ASP D 419 -31.51 6.43 13.15
CA ASP D 419 -31.88 7.01 14.44
C ASP D 419 -30.93 8.15 14.82
N SER D 420 -30.71 9.06 13.88
CA SER D 420 -29.91 10.25 14.18
C SER D 420 -30.25 11.35 13.17
N SER D 421 -29.97 12.58 13.55
CA SER D 421 -30.20 13.74 12.70
C SER D 421 -28.94 14.01 11.89
N TRP D 422 -28.91 13.47 10.67
CA TRP D 422 -27.69 13.52 9.87
C TRP D 422 -27.44 14.89 9.26
N VAL D 423 -28.50 15.63 8.90
CA VAL D 423 -28.37 16.90 8.21
C VAL D 423 -28.94 18.00 9.09
N GLU D 424 -28.20 19.09 9.21
CA GLU D 424 -28.63 20.29 9.92
C GLU D 424 -28.68 21.44 8.93
N LEU D 425 -29.83 22.12 8.85
CA LEU D 425 -30.06 23.18 7.88
C LEU D 425 -30.38 24.48 8.60
N ASP D 426 -29.92 25.59 8.03
CA ASP D 426 -30.10 26.90 8.64
C ASP D 426 -31.53 27.39 8.42
N GLU D 427 -31.81 28.60 8.88
CA GLU D 427 -33.16 29.16 8.88
C GLU D 427 -33.36 30.09 7.69
N ILE D 428 -34.63 30.43 7.46
CA ILE D 428 -35.04 31.34 6.39
C ILE D 428 -36.08 32.30 6.97
N GLY D 429 -36.62 33.14 6.10
CA GLY D 429 -37.64 34.09 6.49
C GLY D 429 -39.00 33.43 6.71
N GLU D 430 -39.95 34.24 7.18
CA GLU D 430 -41.30 33.76 7.42
C GLU D 430 -42.05 33.61 6.11
N ASP D 431 -43.15 32.87 6.17
CA ASP D 431 -44.01 32.63 5.01
C ASP D 431 -45.32 33.38 5.20
N VAL D 432 -45.65 34.24 4.24
CA VAL D 432 -46.86 35.04 4.29
C VAL D 432 -47.84 34.65 3.20
N ALA D 433 -47.36 34.34 1.99
CA ALA D 433 -48.24 33.94 0.93
C ALA D 433 -48.73 32.51 1.15
N PRO D 434 -49.96 32.19 0.74
CA PRO D 434 -50.43 30.79 0.88
C PRO D 434 -49.57 29.81 0.12
N ILE D 435 -49.02 30.21 -1.04
CA ILE D 435 -48.10 29.33 -1.75
C ILE D 435 -46.84 29.10 -0.93
N GLU D 436 -46.40 30.12 -0.20
CA GLU D 436 -45.27 29.93 0.71
C GLU D 436 -45.63 28.92 1.79
N HIS D 437 -46.87 28.98 2.29
CA HIS D 437 -47.30 28.00 3.28
C HIS D 437 -47.27 26.59 2.69
N ILE D 438 -47.74 26.43 1.47
CA ILE D 438 -47.73 25.11 0.83
C ILE D 438 -46.29 24.63 0.65
N ALA D 439 -45.40 25.51 0.21
CA ALA D 439 -44.01 25.14 -0.01
C ALA D 439 -43.34 24.73 1.30
N SER D 440 -43.55 25.51 2.37
CA SER D 440 -42.98 25.17 3.66
C SER D 440 -43.53 23.85 4.17
N MET D 441 -44.84 23.62 4.00
CA MET D 441 -45.43 22.36 4.43
C MET D 441 -44.79 21.18 3.70
N ARG D 442 -44.69 21.28 2.37
CA ARG D 442 -44.09 20.20 1.59
C ARG D 442 -42.65 19.95 2.02
N ARG D 443 -41.86 21.02 2.13
CA ARG D 443 -40.46 20.89 2.47
C ARG D 443 -40.30 20.26 3.86
N ASN D 444 -41.07 20.73 4.83
CA ASN D 444 -40.96 20.21 6.19
C ASN D 444 -41.36 18.75 6.26
N TYR D 445 -42.45 18.39 5.57
CA TYR D 445 -42.87 16.99 5.56
C TYR D 445 -41.76 16.11 4.99
N PHE D 446 -41.22 16.51 3.82
CA PHE D 446 -40.19 15.70 3.18
C PHE D 446 -38.94 15.61 4.06
N THR D 447 -38.54 16.74 4.66
CA THR D 447 -37.34 16.75 5.48
C THR D 447 -37.50 15.85 6.71
N ALA D 448 -38.63 15.99 7.41
CA ALA D 448 -38.90 15.13 8.55
C ALA D 448 -38.88 13.67 8.11
N GLU D 449 -39.36 13.41 6.90
CA GLU D 449 -39.34 12.03 6.40
C GLU D 449 -37.92 11.51 6.20
N VAL D 450 -37.06 12.27 5.53
CA VAL D 450 -35.80 11.74 5.04
C VAL D 450 -34.60 12.07 5.94
N SER D 451 -34.76 12.99 6.90
CA SER D 451 -33.62 13.39 7.72
C SER D 451 -33.06 12.25 8.55
N HIS D 452 -33.80 11.15 8.71
CA HIS D 452 -33.34 10.00 9.48
C HIS D 452 -33.03 8.80 8.60
N CYS D 453 -32.84 9.01 7.30
CA CYS D 453 -32.54 7.93 6.38
C CYS D 453 -31.03 7.75 6.24
N ARG D 454 -30.61 6.53 5.94
CA ARG D 454 -29.19 6.24 5.79
C ARG D 454 -28.57 7.03 4.66
N ALA D 455 -29.37 7.39 3.64
CA ALA D 455 -28.84 8.15 2.52
C ALA D 455 -28.17 9.43 2.98
N THR D 456 -28.77 10.12 3.95
CA THR D 456 -28.14 11.32 4.49
C THR D 456 -26.84 11.00 5.20
N GLU D 457 -26.78 9.86 5.87
CA GLU D 457 -25.53 9.44 6.51
C GLU D 457 -24.44 9.27 5.47
N TYR D 458 -24.76 8.59 4.36
CA TYR D 458 -23.79 8.43 3.28
C TYR D 458 -23.37 9.79 2.72
N ILE D 459 -24.34 10.68 2.54
CA ILE D 459 -24.06 12.00 1.98
C ILE D 459 -23.05 12.74 2.86
N MET D 460 -23.32 12.79 4.16
CA MET D 460 -22.43 13.51 5.06
C MET D 460 -21.06 12.84 5.15
N LYS D 461 -21.02 11.51 5.19
CA LYS D 461 -19.75 10.82 5.23
C LYS D 461 -18.91 11.15 4.01
N GLY D 462 -19.52 11.06 2.82
CA GLY D 462 -18.78 11.38 1.61
C GLY D 462 -18.32 12.81 1.56
N VAL D 463 -19.19 13.74 1.97
CA VAL D 463 -18.83 15.16 1.96
C VAL D 463 -17.62 15.40 2.86
N TYR D 464 -17.66 14.86 4.08
CA TYR D 464 -16.55 15.07 5.01
C TYR D 464 -15.28 14.45 4.48
N ILE D 465 -15.36 13.20 4.00
CA ILE D 465 -14.16 12.52 3.50
C ILE D 465 -13.54 13.32 2.36
N ASN D 466 -14.37 13.73 1.40
CA ASN D 466 -13.84 14.39 0.21
C ASN D 466 -13.29 15.77 0.54
N THR D 467 -13.98 16.55 1.38
CA THR D 467 -13.47 17.87 1.71
C THR D 467 -12.15 17.77 2.46
N ALA D 468 -12.05 16.84 3.42
CA ALA D 468 -10.80 16.66 4.14
C ALA D 468 -9.69 16.21 3.19
N LEU D 469 -10.00 15.30 2.28
CA LEU D 469 -8.99 14.80 1.36
C LEU D 469 -8.50 15.91 0.44
N LEU D 470 -9.41 16.72 -0.10
CA LEU D 470 -9.00 17.81 -0.98
C LEU D 470 -8.17 18.84 -0.24
N ASN D 471 -8.58 19.19 0.99
CA ASN D 471 -7.79 20.15 1.76
C ASN D 471 -6.40 19.61 2.03
N ALA D 472 -6.29 18.34 2.41
CA ALA D 472 -4.98 17.75 2.64
C ALA D 472 -4.14 17.73 1.37
N SER D 473 -4.76 17.37 0.24
CA SER D 473 -4.01 17.27 -1.01
C SER D 473 -3.46 18.63 -1.43
N CYS D 474 -4.27 19.67 -1.32
CA CYS D 474 -3.84 21.00 -1.72
C CYS D 474 -3.08 21.75 -0.63
N ALA D 475 -2.97 21.19 0.57
CA ALA D 475 -2.22 21.82 1.65
C ALA D 475 -0.74 21.43 1.61
N ALA D 476 -0.47 20.13 1.71
CA ALA D 476 0.89 19.60 1.63
C ALA D 476 0.98 18.71 0.40
N MET D 477 1.91 19.03 -0.49
CA MET D 477 2.01 18.34 -1.77
C MET D 477 2.84 17.07 -1.71
N ASP D 478 3.87 17.04 -0.88
CA ASP D 478 4.84 15.94 -0.84
C ASP D 478 4.86 15.27 0.54
N ASP D 479 3.70 15.17 1.17
CA ASP D 479 3.57 14.52 2.48
C ASP D 479 2.46 13.48 2.42
N PHE D 480 2.72 12.32 3.02
CA PHE D 480 1.74 11.24 3.07
C PHE D 480 0.92 11.40 4.36
N GLN D 481 -0.02 12.35 4.31
CA GLN D 481 -0.79 12.69 5.50
C GLN D 481 -1.77 11.57 5.84
N LEU D 482 -2.22 11.59 7.10
CA LEU D 482 -3.25 10.70 7.59
C LEU D 482 -4.54 11.50 7.78
N ILE D 483 -5.66 10.89 7.42
CA ILE D 483 -6.95 11.56 7.39
C ILE D 483 -8.00 10.64 8.00
N PRO D 484 -8.51 10.92 9.19
CA PRO D 484 -9.60 10.11 9.72
C PRO D 484 -10.89 10.33 8.95
N MET D 485 -11.74 9.30 8.95
CA MET D 485 -13.04 9.36 8.27
C MET D 485 -14.09 9.62 9.34
N ILE D 486 -14.40 10.89 9.55
CA ILE D 486 -15.24 11.33 10.66
C ILE D 486 -16.61 11.75 10.13
N SER D 487 -17.62 11.57 10.95
CA SER D 487 -18.97 12.05 10.64
C SER D 487 -19.66 12.45 11.95
N LYS D 488 -20.15 13.67 11.99
CA LYS D 488 -20.83 14.19 13.17
C LYS D 488 -22.33 14.20 12.94
N CYS D 489 -23.08 13.65 13.90
CA CYS D 489 -24.52 13.55 13.81
C CYS D 489 -25.13 13.88 15.17
N ILE D 490 -26.46 13.85 15.23
CA ILE D 490 -27.19 14.11 16.46
C ILE D 490 -28.17 12.96 16.66
N THR D 491 -28.08 12.29 17.82
CA THR D 491 -28.94 11.17 18.10
C THR D 491 -30.38 11.63 18.27
N LYS D 492 -31.29 10.66 18.41
CA LYS D 492 -32.68 11.00 18.73
C LYS D 492 -32.76 11.73 20.06
N GLU D 493 -31.99 11.28 21.06
CA GLU D 493 -32.02 11.90 22.37
C GLU D 493 -31.55 13.35 22.30
N GLY D 494 -30.54 13.64 21.48
CA GLY D 494 -30.10 15.00 21.27
C GLY D 494 -28.67 15.25 21.70
N ARG D 495 -27.83 14.22 21.62
CA ARG D 495 -26.41 14.34 21.97
C ARG D 495 -25.57 14.29 20.71
N ARG D 496 -24.59 15.19 20.62
CA ARG D 496 -23.75 15.32 19.44
C ARG D 496 -22.83 14.11 19.35
N LYS D 497 -23.20 13.13 18.53
CA LYS D 497 -22.38 11.95 18.33
C LYS D 497 -21.32 12.21 17.27
N THR D 498 -20.11 11.69 17.50
CA THR D 498 -19.03 11.78 16.53
C THR D 498 -18.54 10.38 16.22
N ASN D 499 -18.70 9.94 14.98
CA ASN D 499 -18.33 8.61 14.55
C ASN D 499 -17.06 8.65 13.71
N LEU D 500 -16.20 7.64 13.91
CA LEU D 500 -15.02 7.43 13.08
C LEU D 500 -15.15 6.07 12.43
N TYR D 501 -15.15 6.05 11.09
CA TYR D 501 -15.32 4.80 10.35
C TYR D 501 -14.01 4.12 10.01
N GLY D 502 -12.93 4.89 9.86
CA GLY D 502 -11.64 4.32 9.53
C GLY D 502 -10.57 5.37 9.33
N PHE D 503 -9.71 5.15 8.33
CA PHE D 503 -8.58 6.04 8.07
C PHE D 503 -8.28 6.04 6.58
N ILE D 504 -7.59 7.10 6.14
CA ILE D 504 -7.12 7.22 4.77
C ILE D 504 -5.72 7.83 4.81
N ILE D 505 -4.87 7.39 3.88
CA ILE D 505 -3.55 7.97 3.72
C ILE D 505 -3.37 8.31 2.25
N LYS D 506 -3.14 9.59 1.96
CA LYS D 506 -2.95 10.03 0.58
C LYS D 506 -1.48 9.97 0.19
N GLY D 507 -1.24 9.84 -1.10
CA GLY D 507 0.09 9.84 -1.64
C GLY D 507 0.58 11.24 -1.95
N ARG D 508 1.58 11.33 -2.83
CA ARG D 508 2.06 12.63 -3.26
C ARG D 508 0.95 13.40 -3.94
N SER D 509 0.85 14.69 -3.61
CA SER D 509 -0.24 15.54 -4.05
C SER D 509 0.29 16.80 -4.73
N HIS D 510 1.23 16.61 -5.66
CA HIS D 510 1.68 17.69 -6.55
C HIS D 510 0.74 17.71 -7.74
N LEU D 511 -0.33 18.49 -7.63
CA LEU D 511 -1.40 18.50 -8.61
C LEU D 511 -1.35 19.79 -9.43
N ARG D 512 -1.35 19.63 -10.76
CA ARG D 512 -1.38 20.76 -11.67
C ARG D 512 -2.62 20.78 -12.55
N ASN D 513 -3.26 19.65 -12.78
CA ASN D 513 -4.45 19.56 -13.62
C ASN D 513 -5.60 19.01 -12.79
N ASP D 514 -6.82 19.47 -13.11
CA ASP D 514 -7.99 19.06 -12.34
C ASP D 514 -8.22 17.56 -12.41
N THR D 515 -7.81 16.91 -13.50
CA THR D 515 -7.99 15.48 -13.67
C THR D 515 -6.81 14.67 -13.12
N ASP D 516 -5.80 15.33 -12.56
CA ASP D 516 -4.70 14.61 -11.94
C ASP D 516 -5.23 13.69 -10.85
N VAL D 517 -4.76 12.45 -10.85
CA VAL D 517 -5.25 11.42 -9.95
C VAL D 517 -4.32 11.33 -8.74
N VAL D 518 -4.89 11.44 -7.55
CA VAL D 518 -4.17 11.23 -6.30
C VAL D 518 -4.51 9.85 -5.80
N ASN D 519 -3.49 9.08 -5.44
CA ASN D 519 -3.66 7.72 -4.94
C ASN D 519 -3.67 7.75 -3.42
N PHE D 520 -4.66 7.08 -2.83
CA PHE D 520 -4.74 6.94 -1.39
C PHE D 520 -5.03 5.49 -1.03
N VAL D 521 -4.78 5.16 0.23
CA VAL D 521 -5.09 3.85 0.79
C VAL D 521 -6.08 4.05 1.92
N SER D 522 -7.20 3.33 1.86
CA SER D 522 -8.30 3.49 2.80
C SER D 522 -8.48 2.23 3.60
N MET D 523 -8.58 2.38 4.92
CA MET D 523 -8.83 1.27 5.84
C MET D 523 -10.15 1.54 6.55
N GLU D 524 -11.09 0.60 6.44
CA GLU D 524 -12.45 0.79 6.92
C GLU D 524 -12.82 -0.34 7.86
N PHE D 525 -13.33 0.00 9.04
CA PHE D 525 -13.78 -1.01 9.99
C PHE D 525 -15.06 -1.68 9.49
N SER D 526 -15.34 -2.86 10.03
CA SER D 526 -16.53 -3.60 9.62
C SER D 526 -16.72 -4.79 10.53
N LEU D 527 -17.93 -5.38 10.49
CA LEU D 527 -18.26 -6.57 11.25
C LEU D 527 -18.94 -7.63 10.40
N THR D 528 -18.74 -7.62 9.09
CA THR D 528 -19.34 -8.60 8.19
C THR D 528 -18.27 -9.60 7.79
N ASP D 529 -18.59 -10.88 7.91
CA ASP D 529 -17.66 -11.93 7.51
C ASP D 529 -17.51 -11.91 5.99
N PRO D 530 -16.32 -11.67 5.46
CA PRO D 530 -16.15 -11.65 4.00
C PRO D 530 -16.01 -13.03 3.38
N ARG D 531 -16.24 -14.11 4.13
CA ARG D 531 -16.31 -15.44 3.59
C ARG D 531 -17.74 -15.89 3.31
N LEU D 532 -18.72 -15.00 3.50
CA LEU D 532 -20.10 -15.30 3.15
C LEU D 532 -20.36 -15.07 1.67
N GLU D 533 -19.98 -13.90 1.17
CA GLU D 533 -20.08 -13.57 -0.25
C GLU D 533 -18.74 -12.98 -0.68
N PRO D 534 -17.71 -13.81 -0.80
CA PRO D 534 -16.39 -13.29 -1.15
C PRO D 534 -16.36 -12.58 -2.50
N HIS D 535 -17.17 -13.02 -3.46
CA HIS D 535 -17.15 -12.39 -4.77
C HIS D 535 -17.47 -10.90 -4.68
N LYS D 536 -18.30 -10.49 -3.72
CA LYS D 536 -18.56 -9.08 -3.53
C LYS D 536 -17.28 -8.33 -3.17
N TRP D 537 -16.32 -9.02 -2.55
CA TRP D 537 -15.06 -8.41 -2.11
C TRP D 537 -13.95 -8.98 -2.99
N GLU D 538 -13.54 -8.19 -3.97
CA GLU D 538 -12.43 -8.56 -4.85
C GLU D 538 -11.31 -7.54 -4.87
N LYS D 539 -11.60 -6.26 -4.65
CA LYS D 539 -10.59 -5.22 -4.63
C LYS D 539 -10.08 -4.93 -3.23
N TYR D 540 -10.58 -5.62 -2.21
CA TYR D 540 -10.28 -5.33 -0.82
C TYR D 540 -9.40 -6.41 -0.23
N CYS D 541 -8.58 -6.02 0.75
CA CYS D 541 -7.82 -6.93 1.59
C CYS D 541 -8.42 -6.89 2.98
N VAL D 542 -8.80 -8.06 3.50
CA VAL D 542 -9.51 -8.16 4.78
C VAL D 542 -8.52 -8.63 5.84
N LEU D 543 -8.37 -7.83 6.89
CA LEU D 543 -7.66 -8.20 8.10
C LEU D 543 -8.64 -8.39 9.24
N GLU D 544 -8.22 -9.11 10.27
CA GLU D 544 -9.00 -9.30 11.49
C GLU D 544 -8.21 -8.67 12.62
N ILE D 545 -8.52 -7.42 12.93
CA ILE D 545 -7.68 -6.58 13.78
C ILE D 545 -8.26 -6.44 15.19
N GLY D 546 -9.21 -7.27 15.57
CA GLY D 546 -9.75 -7.20 16.90
C GLY D 546 -11.05 -7.99 17.03
N ASP D 547 -11.57 -7.97 18.25
CA ASP D 547 -12.83 -8.64 18.58
C ASP D 547 -13.71 -7.68 19.36
N MET D 548 -15.00 -7.73 19.10
CA MET D 548 -15.98 -6.83 19.71
C MET D 548 -17.00 -7.64 20.49
N LEU D 549 -17.38 -7.14 21.66
CA LEU D 549 -18.38 -7.75 22.50
C LEU D 549 -19.73 -7.09 22.23
N LEU D 550 -20.68 -7.88 21.73
CA LEU D 550 -22.00 -7.39 21.36
C LEU D 550 -23.05 -8.06 22.23
N ARG D 551 -24.02 -7.26 22.69
CA ARG D 551 -25.08 -7.78 23.54
C ARG D 551 -26.15 -8.47 22.70
N THR D 552 -26.53 -9.67 23.13
CA THR D 552 -27.60 -10.42 22.49
C THR D 552 -28.40 -11.13 23.58
N ALA D 553 -29.42 -11.87 23.15
CA ALA D 553 -30.32 -12.52 24.10
C ALA D 553 -29.61 -13.52 25.01
N VAL D 554 -28.34 -13.83 24.76
CA VAL D 554 -27.60 -14.79 25.56
C VAL D 554 -26.33 -14.14 26.11
N GLY D 555 -26.37 -12.83 26.31
CA GLY D 555 -25.27 -12.13 26.94
C GLY D 555 -24.37 -11.42 25.95
N GLN D 556 -23.17 -11.11 26.41
CA GLN D 556 -22.18 -10.39 25.60
C GLN D 556 -21.33 -11.42 24.86
N VAL D 557 -21.62 -11.58 23.56
CA VAL D 557 -20.94 -12.54 22.71
C VAL D 557 -19.82 -11.83 21.96
N SER D 558 -18.71 -12.52 21.75
CA SER D 558 -17.55 -11.96 21.07
C SER D 558 -17.59 -12.32 19.59
N ARG D 559 -17.42 -11.31 18.73
CA ARG D 559 -17.39 -11.52 17.29
C ARG D 559 -16.20 -10.78 16.69
N PRO D 560 -15.63 -11.31 15.61
CA PRO D 560 -14.45 -10.67 15.02
C PRO D 560 -14.76 -9.28 14.47
N MET D 561 -13.74 -8.43 14.50
CA MET D 561 -13.84 -7.07 13.96
C MET D 561 -12.89 -6.98 12.77
N PHE D 562 -13.46 -6.87 11.57
CA PHE D 562 -12.69 -6.91 10.35
C PHE D 562 -12.32 -5.50 9.89
N LEU D 563 -11.25 -5.43 9.09
CA LEU D 563 -10.76 -4.20 8.51
C LEU D 563 -10.55 -4.42 7.02
N TYR D 564 -11.13 -3.55 6.20
CA TYR D 564 -11.00 -3.61 4.75
C TYR D 564 -10.02 -2.54 4.31
N VAL D 565 -8.86 -2.96 3.79
CA VAL D 565 -7.84 -2.06 3.29
C VAL D 565 -7.83 -2.15 1.78
N ARG D 566 -7.83 -0.99 1.12
CA ARG D 566 -7.89 -0.96 -0.33
C ARG D 566 -7.22 0.31 -0.85
N THR D 567 -6.51 0.18 -1.96
CA THR D 567 -5.87 1.31 -2.60
C THR D 567 -6.80 1.85 -3.69
N ASN D 568 -7.14 3.12 -3.61
CA ASN D 568 -8.02 3.78 -4.56
C ASN D 568 -7.34 5.04 -5.07
N GLY D 569 -7.95 5.64 -6.09
CA GLY D 569 -7.47 6.90 -6.62
C GLY D 569 -8.64 7.80 -6.93
N THR D 570 -8.43 9.10 -6.75
CA THR D 570 -9.48 10.08 -6.98
C THR D 570 -8.91 11.30 -7.69
N SER D 571 -9.74 11.92 -8.51
CA SER D 571 -9.40 13.14 -9.23
C SER D 571 -10.09 14.33 -8.58
N LYS D 572 -9.47 15.50 -8.73
CA LYS D 572 -9.98 16.70 -8.07
C LYS D 572 -11.44 16.96 -8.45
N ILE D 573 -11.79 16.69 -9.71
CA ILE D 573 -13.18 16.89 -10.12
C ILE D 573 -14.08 15.83 -9.47
N LYS D 574 -13.59 14.60 -9.34
CA LYS D 574 -14.33 13.60 -8.59
C LYS D 574 -14.43 13.98 -7.13
N MET D 575 -13.37 14.60 -6.59
CA MET D 575 -13.42 15.07 -5.20
C MET D 575 -14.51 16.11 -5.02
N LYS D 576 -14.62 17.06 -5.95
CA LYS D 576 -15.69 18.06 -5.85
C LYS D 576 -17.06 17.43 -6.03
N TRP D 577 -17.17 16.47 -6.96
CA TRP D 577 -18.44 15.78 -7.15
C TRP D 577 -18.89 15.10 -5.87
N GLY D 578 -17.97 14.43 -5.17
CA GLY D 578 -18.30 13.83 -3.89
C GLY D 578 -18.44 14.81 -2.75
N MET D 579 -17.88 16.02 -2.89
CA MET D 579 -18.06 17.05 -1.89
C MET D 579 -19.39 17.78 -2.06
N GLU D 580 -20.04 17.64 -3.20
CA GLU D 580 -21.31 18.30 -3.49
C GLU D 580 -22.46 17.31 -3.59
N MET D 581 -22.53 16.35 -2.67
CA MET D 581 -23.62 15.38 -2.67
C MET D 581 -24.90 15.91 -2.04
N ARG D 582 -24.86 17.10 -1.42
CA ARG D 582 -26.05 17.64 -0.77
C ARG D 582 -27.19 17.83 -1.75
N ARG D 583 -26.90 17.91 -3.05
CA ARG D 583 -27.93 18.14 -4.06
C ARG D 583 -28.83 16.93 -4.26
N CYS D 584 -28.49 15.78 -3.67
CA CYS D 584 -29.37 14.62 -3.76
C CYS D 584 -30.70 14.89 -3.06
N LEU D 585 -30.66 15.60 -1.93
CA LEU D 585 -31.91 15.99 -1.27
C LEU D 585 -32.76 16.89 -2.16
N LEU D 586 -32.12 17.87 -2.81
CA LEU D 586 -32.85 18.74 -3.71
C LEU D 586 -33.47 17.96 -4.86
N GLN D 587 -32.71 17.03 -5.44
CA GLN D 587 -33.24 16.24 -6.54
C GLN D 587 -34.42 15.40 -6.10
N SER D 588 -34.29 14.73 -4.95
CA SER D 588 -35.38 13.88 -4.47
C SER D 588 -36.63 14.71 -4.20
N LEU D 589 -36.46 15.88 -3.57
CA LEU D 589 -37.61 16.77 -3.42
C LEU D 589 -38.20 17.07 -4.79
N GLN D 590 -37.42 17.69 -5.68
CA GLN D 590 -37.91 17.99 -7.02
C GLN D 590 -38.75 16.86 -7.58
N GLN D 591 -38.29 15.61 -7.39
CA GLN D 591 -39.08 14.47 -7.89
C GLN D 591 -40.44 14.40 -7.22
N ILE D 592 -40.46 14.41 -5.89
CA ILE D 592 -41.74 14.22 -5.19
C ILE D 592 -42.65 15.43 -5.42
N GLU D 593 -42.09 16.63 -5.47
CA GLU D 593 -42.85 17.82 -5.76
C GLU D 593 -43.45 17.78 -7.16
N SER D 594 -42.68 17.31 -8.15
CA SER D 594 -43.22 17.19 -9.50
C SER D 594 -44.36 16.18 -9.53
N MET D 595 -44.23 15.07 -8.82
CA MET D 595 -45.33 14.13 -8.75
C MET D 595 -46.56 14.76 -8.09
N ILE D 596 -46.32 15.55 -7.03
CA ILE D 596 -47.42 16.26 -6.37
C ILE D 596 -48.14 17.16 -7.35
N GLU D 597 -47.39 17.96 -8.10
CA GLU D 597 -48.01 18.88 -9.06
C GLU D 597 -48.75 18.13 -10.15
N ALA D 598 -48.16 17.03 -10.64
CA ALA D 598 -48.80 16.25 -11.69
C ALA D 598 -50.13 15.70 -11.22
N GLU D 599 -50.18 15.18 -9.98
CA GLU D 599 -51.45 14.65 -9.49
C GLU D 599 -52.42 15.77 -9.12
N SER D 600 -51.92 16.95 -8.75
CA SER D 600 -52.78 18.05 -8.35
C SER D 600 -53.47 18.69 -9.57
N SER D 601 -52.73 18.85 -10.66
CA SER D 601 -53.29 19.56 -11.81
C SER D 601 -54.54 18.86 -12.34
N VAL D 602 -54.53 17.52 -12.39
CA VAL D 602 -55.69 16.79 -12.87
C VAL D 602 -56.90 17.06 -11.98
N LYS D 603 -56.67 17.17 -10.67
CA LYS D 603 -57.74 17.45 -9.73
C LYS D 603 -57.96 18.93 -9.48
N GLU D 604 -56.98 19.77 -9.83
CA GLU D 604 -57.13 21.23 -9.74
C GLU D 604 -57.29 21.69 -8.29
N LYS D 605 -56.37 21.28 -7.44
CA LYS D 605 -56.37 21.71 -6.05
C LYS D 605 -55.07 21.29 -5.40
N ASP D 606 -54.55 22.15 -4.51
CA ASP D 606 -53.36 21.80 -3.75
C ASP D 606 -53.62 20.53 -2.96
N LEU D 607 -52.94 19.45 -3.32
CA LEU D 607 -53.25 18.12 -2.81
C LEU D 607 -52.22 17.61 -1.81
N THR D 608 -51.25 18.44 -1.41
CA THR D 608 -50.22 17.97 -0.49
C THR D 608 -50.81 17.54 0.84
N LYS D 609 -51.86 18.22 1.30
CA LYS D 609 -52.45 17.91 2.60
C LYS D 609 -52.91 16.46 2.66
N GLU D 610 -53.66 16.02 1.65
CA GLU D 610 -54.10 14.63 1.59
C GLU D 610 -53.05 13.71 1.00
N PHE D 611 -51.99 14.25 0.40
CA PHE D 611 -50.91 13.41 -0.10
C PHE D 611 -50.04 12.91 1.04
N PHE D 612 -49.75 13.77 2.01
CA PHE D 612 -48.87 13.44 3.13
C PHE D 612 -49.64 12.95 4.35
N GLU D 613 -50.56 13.76 4.86
CA GLU D 613 -51.18 13.47 6.16
C GLU D 613 -52.21 12.35 6.06
N ASN D 614 -52.78 12.12 4.88
CA ASN D 614 -53.93 11.23 4.77
C ASN D 614 -53.59 9.84 5.30
N LYS D 615 -52.44 9.30 4.92
CA LYS D 615 -52.04 7.95 5.29
C LYS D 615 -53.15 6.95 4.92
N SER D 616 -53.57 7.05 3.66
CA SER D 616 -54.47 6.06 3.08
C SER D 616 -54.06 5.71 1.65
N GLU D 617 -52.93 6.21 1.17
CA GLU D 617 -52.45 5.94 -0.18
C GLU D 617 -51.39 4.85 -0.14
N THR D 618 -51.34 4.07 -1.22
CA THR D 618 -50.44 2.92 -1.31
C THR D 618 -49.75 2.96 -2.67
N TRP D 619 -48.45 3.26 -2.67
CA TRP D 619 -47.68 3.34 -3.89
C TRP D 619 -46.80 2.09 -4.01
N PRO D 620 -47.05 1.19 -4.97
CA PRO D 620 -46.19 0.01 -5.10
C PRO D 620 -44.70 0.36 -5.13
N ILE D 621 -43.94 -0.14 -4.15
CA ILE D 621 -42.54 0.21 -4.02
C ILE D 621 -41.68 -1.04 -3.81
N GLY D 622 -42.29 -2.21 -3.91
CA GLY D 622 -41.54 -3.43 -3.68
C GLY D 622 -42.37 -4.65 -3.99
N GLU D 623 -41.72 -5.81 -3.86
CA GLU D 623 -42.34 -7.10 -4.16
C GLU D 623 -42.07 -8.07 -3.03
N SER D 624 -42.97 -9.03 -2.87
CA SER D 624 -42.84 -10.06 -1.84
C SER D 624 -43.27 -11.41 -2.41
N PRO D 625 -43.05 -12.50 -1.68
CA PRO D 625 -43.47 -13.81 -2.20
C PRO D 625 -44.95 -13.90 -2.49
N LYS D 626 -45.78 -13.17 -1.74
CA LYS D 626 -47.22 -13.19 -1.97
C LYS D 626 -47.67 -12.27 -3.09
N GLY D 627 -46.79 -11.39 -3.58
CA GLY D 627 -47.11 -10.49 -4.65
C GLY D 627 -46.41 -9.16 -4.46
N VAL D 628 -46.91 -8.14 -5.16
CA VAL D 628 -46.31 -6.81 -5.06
C VAL D 628 -46.60 -6.22 -3.68
N GLU D 629 -45.79 -5.23 -3.31
CA GLU D 629 -45.91 -4.58 -2.01
C GLU D 629 -45.94 -3.06 -2.20
N GLU D 630 -46.79 -2.40 -1.44
CA GLU D 630 -46.90 -0.95 -1.44
C GLU D 630 -46.17 -0.38 -0.22
N GLY D 631 -46.32 0.91 -0.01
CA GLY D 631 -45.69 1.57 1.12
C GLY D 631 -46.41 2.85 1.45
N SER D 632 -45.65 3.83 1.95
CA SER D 632 -46.17 5.13 2.31
C SER D 632 -45.44 6.20 1.50
N ILE D 633 -45.97 7.43 1.54
CA ILE D 633 -45.25 8.54 0.94
C ILE D 633 -43.90 8.70 1.60
N GLY D 634 -43.79 8.32 2.88
CA GLY D 634 -42.48 8.31 3.52
C GLY D 634 -41.55 7.32 2.88
N LYS D 635 -42.04 6.10 2.62
CA LYS D 635 -41.24 5.10 1.94
C LYS D 635 -40.86 5.59 0.55
N VAL D 636 -41.79 6.25 -0.14
CA VAL D 636 -41.50 6.76 -1.48
C VAL D 636 -40.37 7.80 -1.42
N CYS D 637 -40.47 8.74 -0.48
CA CYS D 637 -39.45 9.77 -0.38
C CYS D 637 -38.09 9.17 -0.05
N ARG D 638 -38.05 8.24 0.90
CA ARG D 638 -36.78 7.62 1.26
C ARG D 638 -36.21 6.82 0.10
N THR D 639 -37.07 6.11 -0.63
CA THR D 639 -36.61 5.35 -1.79
C THR D 639 -36.02 6.27 -2.85
N LEU D 640 -36.68 7.39 -3.11
CA LEU D 640 -36.18 8.31 -4.13
C LEU D 640 -34.85 8.92 -3.70
N LEU D 641 -34.71 9.29 -2.42
CA LEU D 641 -33.44 9.84 -1.96
C LEU D 641 -32.33 8.79 -2.04
N ALA D 642 -32.65 7.54 -1.67
CA ALA D 642 -31.65 6.49 -1.76
C ALA D 642 -31.23 6.25 -3.20
N LYS D 643 -32.19 6.26 -4.12
CA LYS D 643 -31.86 6.10 -5.54
C LYS D 643 -30.97 7.24 -6.01
N SER D 644 -31.28 8.47 -5.62
CA SER D 644 -30.46 9.61 -6.02
C SER D 644 -29.03 9.48 -5.48
N VAL D 645 -28.89 9.08 -4.21
CA VAL D 645 -27.56 8.94 -3.63
C VAL D 645 -26.79 7.82 -4.32
N PHE D 646 -27.46 6.70 -4.62
CA PHE D 646 -26.81 5.61 -5.33
C PHE D 646 -26.33 6.07 -6.70
N ASN D 647 -27.16 6.84 -7.41
CA ASN D 647 -26.75 7.36 -8.71
C ASN D 647 -25.55 8.28 -8.57
N SER D 648 -25.55 9.13 -7.55
CA SER D 648 -24.42 10.04 -7.35
C SER D 648 -23.13 9.28 -7.04
N LEU D 649 -23.20 8.26 -6.18
CA LEU D 649 -22.00 7.53 -5.80
C LEU D 649 -21.46 6.71 -6.97
N TYR D 650 -22.35 6.12 -7.76
CA TYR D 650 -21.99 5.24 -8.86
C TYR D 650 -22.04 5.95 -10.20
N ALA D 651 -21.62 7.21 -10.24
CA ALA D 651 -21.64 8.00 -11.46
C ALA D 651 -20.81 7.32 -12.55
N SER D 652 -21.48 6.87 -13.61
CA SER D 652 -20.81 6.25 -14.74
C SER D 652 -21.61 6.54 -16.00
N PRO D 653 -20.96 6.59 -17.17
CA PRO D 653 -21.73 6.76 -18.41
C PRO D 653 -22.73 5.64 -18.65
N GLN D 654 -22.46 4.46 -18.11
CA GLN D 654 -23.37 3.34 -18.30
C GLN D 654 -24.74 3.64 -17.70
N LEU D 655 -24.77 4.23 -16.51
CA LEU D 655 -26.04 4.51 -15.85
C LEU D 655 -26.86 5.49 -16.66
N GLU D 656 -26.26 6.60 -17.09
CA GLU D 656 -27.00 7.60 -17.86
C GLU D 656 -27.46 7.01 -19.19
N GLY D 657 -26.61 6.22 -19.83
CA GLY D 657 -27.02 5.60 -21.08
C GLY D 657 -28.24 4.71 -20.89
N PHE D 658 -28.20 3.84 -19.88
CA PHE D 658 -29.32 2.94 -19.66
C PHE D 658 -30.59 3.72 -19.31
N SER D 659 -30.47 4.73 -18.46
CA SER D 659 -31.66 5.50 -18.08
C SER D 659 -32.26 6.17 -19.30
N ALA D 660 -31.43 6.81 -20.12
CA ALA D 660 -31.93 7.50 -21.30
C ALA D 660 -32.60 6.53 -22.26
N GLU D 661 -31.98 5.38 -22.50
CA GLU D 661 -32.52 4.43 -23.47
C GLU D 661 -33.73 3.67 -22.94
N SER D 662 -33.91 3.57 -21.62
CA SER D 662 -35.04 2.86 -21.05
C SER D 662 -36.22 3.78 -20.76
N ARG D 663 -35.99 5.08 -20.63
CA ARG D 663 -37.09 6.02 -20.48
C ARG D 663 -38.05 5.92 -21.65
N LYS D 664 -37.52 5.74 -22.86
CA LYS D 664 -38.37 5.63 -24.04
C LYS D 664 -39.23 4.36 -23.97
N LEU D 665 -38.65 3.24 -23.53
CA LEU D 665 -39.42 2.01 -23.39
C LEU D 665 -40.52 2.19 -22.34
N LEU D 666 -40.19 2.85 -21.23
CA LEU D 666 -41.20 3.12 -20.21
C LEU D 666 -42.33 3.96 -20.80
N LEU D 667 -41.99 4.99 -21.57
CA LEU D 667 -43.01 5.85 -22.16
C LEU D 667 -43.89 5.08 -23.12
N ILE D 668 -43.29 4.21 -23.94
CA ILE D 668 -44.08 3.43 -24.88
C ILE D 668 -45.02 2.49 -24.14
N VAL D 669 -44.53 1.84 -23.08
CA VAL D 669 -45.40 0.97 -22.29
C VAL D 669 -46.54 1.78 -21.66
N GLN D 670 -46.23 2.98 -21.16
CA GLN D 670 -47.26 3.85 -20.62
C GLN D 670 -48.33 4.14 -21.66
N ALA D 671 -47.90 4.56 -22.86
CA ALA D 671 -48.85 4.82 -23.93
C ALA D 671 -49.69 3.59 -24.23
N LEU D 672 -49.08 2.40 -24.13
CA LEU D 672 -49.83 1.17 -24.32
C LEU D 672 -50.91 1.03 -23.24
N ARG D 673 -50.58 1.39 -22.00
CA ARG D 673 -51.53 1.21 -20.91
C ARG D 673 -52.80 2.01 -21.13
N ASP D 674 -52.67 3.24 -21.61
CA ASP D 674 -53.81 4.13 -21.80
C ASP D 674 -54.59 3.86 -23.08
N ASN D 675 -54.39 2.71 -23.71
CA ASN D 675 -55.10 2.35 -24.93
C ASN D 675 -54.93 3.43 -26.01
N LEU D 676 -53.69 3.89 -26.17
CA LEU D 676 -53.35 4.88 -27.19
C LEU D 676 -52.92 4.24 -28.50
N GLU D 677 -52.99 2.91 -28.61
CA GLU D 677 -52.61 2.22 -29.83
C GLU D 677 -51.22 2.66 -30.27
N PRO D 678 -50.17 2.26 -29.56
CA PRO D 678 -48.82 2.70 -29.91
C PRO D 678 -48.23 1.83 -31.00
N GLY D 679 -47.03 2.20 -31.43
CA GLY D 679 -46.32 1.46 -32.45
C GLY D 679 -44.84 1.78 -32.40
N THR D 680 -44.04 0.83 -32.86
CA THR D 680 -42.58 0.97 -32.84
C THR D 680 -42.03 0.76 -34.24
N PHE D 681 -41.17 1.68 -34.68
CA PHE D 681 -40.51 1.53 -35.96
C PHE D 681 -39.41 0.47 -35.90
N ASP D 682 -38.66 0.44 -34.81
CA ASP D 682 -37.59 -0.56 -34.62
C ASP D 682 -37.52 -0.87 -33.13
N LEU D 683 -38.25 -1.91 -32.72
CA LEU D 683 -38.24 -2.32 -31.32
C LEU D 683 -36.95 -3.07 -30.97
N GLU D 684 -36.49 -3.95 -31.87
CA GLU D 684 -35.27 -4.70 -31.59
C GLU D 684 -34.08 -3.77 -31.47
N GLY D 685 -34.02 -2.73 -32.30
CA GLY D 685 -32.93 -1.76 -32.18
C GLY D 685 -32.92 -1.08 -30.82
N LEU D 686 -34.09 -0.68 -30.33
CA LEU D 686 -34.16 -0.08 -29.00
C LEU D 686 -33.73 -1.08 -27.93
N TYR D 687 -34.16 -2.34 -28.06
CA TYR D 687 -33.74 -3.35 -27.10
C TYR D 687 -32.22 -3.50 -27.08
N GLU D 688 -31.60 -3.55 -28.26
CA GLU D 688 -30.14 -3.66 -28.32
C GLU D 688 -29.48 -2.43 -27.73
N ALA D 689 -30.02 -1.24 -28.01
CA ALA D 689 -29.43 -0.02 -27.46
C ALA D 689 -29.49 -0.03 -25.94
N ILE D 690 -30.60 -0.52 -25.37
CA ILE D 690 -30.71 -0.60 -23.92
C ILE D 690 -29.74 -1.63 -23.37
N GLU D 691 -29.72 -2.82 -23.97
CA GLU D 691 -28.86 -3.90 -23.47
C GLU D 691 -27.39 -3.61 -23.65
N GLU D 692 -27.03 -2.67 -24.52
CA GLU D 692 -25.63 -2.32 -24.69
C GLU D 692 -25.01 -1.79 -23.40
N CYS D 693 -25.82 -1.33 -22.46
CA CYS D 693 -25.34 -0.75 -21.22
C CYS D 693 -25.37 -1.71 -20.05
N LEU D 694 -25.74 -2.98 -20.28
CA LEU D 694 -25.77 -3.99 -19.23
C LEU D 694 -24.65 -5.00 -19.52
N ILE D 695 -23.47 -4.73 -18.97
CA ILE D 695 -22.34 -5.64 -19.16
C ILE D 695 -21.81 -6.09 -17.79
N ASN D 696 -21.34 -5.16 -16.97
CA ASN D 696 -20.66 -5.50 -15.73
C ASN D 696 -21.10 -4.71 -14.50
N ASP D 697 -21.65 -3.51 -14.66
CA ASP D 697 -21.97 -2.71 -13.50
C ASP D 697 -23.11 -3.35 -12.71
N PRO D 698 -23.06 -3.33 -11.37
CA PRO D 698 -24.13 -3.95 -10.59
C PRO D 698 -25.35 -3.06 -10.46
N TRP D 699 -25.12 -1.76 -10.37
CA TRP D 699 -26.23 -0.80 -10.22
C TRP D 699 -27.13 -0.83 -11.44
N VAL D 700 -26.53 -0.78 -12.64
CA VAL D 700 -27.32 -0.81 -13.86
C VAL D 700 -28.00 -2.16 -14.02
N LEU D 701 -27.34 -3.24 -13.60
CA LEU D 701 -27.96 -4.56 -13.68
C LEU D 701 -29.18 -4.64 -12.77
N LEU D 702 -29.08 -4.08 -11.56
CA LEU D 702 -30.24 -4.07 -10.67
C LEU D 702 -31.35 -3.21 -11.25
N ASN D 703 -31.00 -2.08 -11.86
CA ASN D 703 -32.02 -1.27 -12.52
C ASN D 703 -32.71 -2.03 -13.63
N ALA D 704 -31.95 -2.80 -14.41
CA ALA D 704 -32.55 -3.62 -15.46
C ALA D 704 -33.46 -4.68 -14.87
N SER D 705 -33.06 -5.27 -13.74
CA SER D 705 -33.92 -6.25 -13.08
C SER D 705 -35.22 -5.61 -12.62
N TRP D 706 -35.14 -4.41 -12.04
CA TRP D 706 -36.35 -3.68 -11.68
C TRP D 706 -37.22 -3.46 -12.90
N PHE D 707 -36.61 -3.07 -14.02
CA PHE D 707 -37.37 -2.81 -15.24
C PHE D 707 -38.07 -4.07 -15.71
N ASN D 708 -37.39 -5.21 -15.66
CA ASN D 708 -38.01 -6.47 -16.09
C ASN D 708 -39.17 -6.83 -15.18
N SER D 709 -39.02 -6.63 -13.87
CA SER D 709 -40.12 -6.89 -12.95
C SER D 709 -41.32 -6.00 -13.27
N PHE D 710 -41.07 -4.71 -13.52
CA PHE D 710 -42.15 -3.81 -13.86
C PHE D 710 -42.82 -4.24 -15.17
N LEU D 711 -42.04 -4.66 -16.15
CA LEU D 711 -42.60 -5.12 -17.41
C LEU D 711 -43.50 -6.32 -17.21
N THR D 712 -43.03 -7.32 -16.46
CA THR D 712 -43.83 -8.52 -16.26
C THR D 712 -45.04 -8.25 -15.37
N HIS D 713 -45.04 -7.18 -14.59
CA HIS D 713 -46.19 -6.88 -13.74
C HIS D 713 -47.24 -6.03 -14.44
N ALA D 714 -46.81 -4.97 -15.13
CA ALA D 714 -47.75 -4.01 -15.70
C ALA D 714 -48.63 -4.65 -16.76
N LEU D 715 -48.03 -5.44 -17.66
CA LEU D 715 -48.76 -5.97 -18.80
C LEU D 715 -49.79 -7.02 -18.40
N ARG D 716 -49.76 -7.52 -17.17
CA ARG D 716 -50.70 -8.54 -16.74
C ARG D 716 -52.12 -8.00 -16.71
N MET E 1 -41.49 -6.21 -0.67
CA MET E 1 -40.60 -6.61 0.46
C MET E 1 -39.18 -6.12 0.20
N ASP E 2 -38.77 -6.16 -1.06
CA ASP E 2 -37.50 -5.62 -1.51
C ASP E 2 -37.76 -4.40 -2.37
N VAL E 3 -37.09 -3.30 -2.06
CA VAL E 3 -37.34 -2.02 -2.71
C VAL E 3 -37.30 -2.18 -4.23
N ASN E 4 -38.12 -1.41 -4.93
CA ASN E 4 -38.21 -1.45 -6.39
C ASN E 4 -38.86 -0.17 -6.88
N PRO E 5 -38.10 0.94 -6.97
CA PRO E 5 -38.74 2.23 -7.29
C PRO E 5 -39.47 2.24 -8.62
N THR E 6 -39.02 1.47 -9.61
CA THR E 6 -39.68 1.47 -10.91
C THR E 6 -41.15 1.09 -10.76
N LEU E 7 -41.46 0.18 -9.83
CA LEU E 7 -42.85 -0.24 -9.64
C LEU E 7 -43.78 0.92 -9.33
N LEU E 8 -43.24 2.10 -8.99
CA LEU E 8 -44.08 3.27 -8.81
C LEU E 8 -44.97 3.51 -10.02
N PHE E 9 -44.45 3.24 -11.22
CA PHE E 9 -45.20 3.49 -12.44
C PHE E 9 -46.40 2.56 -12.60
N LEU E 10 -46.49 1.51 -11.78
CA LEU E 10 -47.61 0.58 -11.91
C LEU E 10 -48.95 1.24 -11.63
N LYS E 11 -48.95 2.38 -10.95
CA LYS E 11 -50.17 3.15 -10.72
C LYS E 11 -50.03 4.61 -11.16
N VAL E 12 -48.87 5.20 -11.00
CA VAL E 12 -48.62 6.58 -11.43
C VAL E 12 -48.23 6.57 -12.91
N PRO E 13 -48.93 7.29 -13.78
CA PRO E 13 -48.47 7.38 -15.17
C PRO E 13 -47.05 7.91 -15.24
N VAL E 14 -46.28 7.37 -16.19
CA VAL E 14 -44.85 7.63 -16.24
C VAL E 14 -44.57 9.12 -16.35
N GLN E 15 -45.34 9.84 -17.16
CA GLN E 15 -45.06 11.24 -17.41
C GLN E 15 -44.99 12.04 -16.11
N ASN E 16 -45.73 11.61 -15.08
CA ASN E 16 -45.71 12.33 -13.81
C ASN E 16 -44.36 12.17 -13.11
N ALA E 17 -43.81 10.96 -13.11
CA ALA E 17 -42.58 10.65 -12.40
C ALA E 17 -41.36 10.62 -13.31
N ILE E 18 -41.34 11.45 -14.35
CA ILE E 18 -40.24 11.42 -15.30
C ILE E 18 -38.93 11.81 -14.63
N SER E 19 -38.98 12.69 -13.64
CA SER E 19 -37.76 13.06 -12.93
C SER E 19 -37.09 11.85 -12.29
N THR E 20 -37.85 10.78 -12.06
CA THR E 20 -37.26 9.55 -11.52
C THR E 20 -36.16 9.02 -12.42
N THR E 21 -36.24 9.28 -13.72
CA THR E 21 -35.33 8.69 -14.70
C THR E 21 -34.18 9.60 -15.09
N PHE E 22 -33.97 10.69 -14.37
CA PHE E 22 -32.84 11.58 -14.65
C PHE E 22 -31.77 11.37 -13.59
N PRO E 23 -30.87 10.39 -13.79
CA PRO E 23 -30.00 9.98 -12.68
C PRO E 23 -29.14 11.08 -12.10
N TYR E 24 -28.59 11.96 -12.93
CA TYR E 24 -27.56 12.90 -12.47
C TYR E 24 -28.12 14.24 -12.04
N THR E 25 -28.80 14.95 -12.93
CA THR E 25 -29.20 16.33 -12.67
C THR E 25 -27.97 17.14 -12.27
N GLY E 26 -26.91 16.99 -13.06
CA GLY E 26 -25.66 17.67 -12.77
C GLY E 26 -24.62 17.32 -13.81
N ASP E 27 -23.38 17.70 -13.52
CA ASP E 27 -22.27 17.44 -14.43
C ASP E 27 -21.48 16.25 -13.92
N PRO E 28 -21.53 15.09 -14.57
CA PRO E 28 -20.82 13.91 -14.04
C PRO E 28 -19.34 14.17 -13.92
N PRO E 29 -18.60 13.34 -13.18
CA PRO E 29 -17.18 13.60 -12.92
C PRO E 29 -16.21 12.87 -13.85
N TYR E 30 -16.67 12.21 -14.90
CA TYR E 30 -15.78 11.41 -15.74
C TYR E 30 -15.46 12.04 -17.09
N SER E 31 -16.38 12.79 -17.68
CA SER E 31 -16.14 13.44 -18.97
C SER E 31 -15.82 12.41 -20.05
N HIS E 32 -16.80 11.56 -20.34
CA HIS E 32 -16.68 10.50 -21.33
C HIS E 32 -17.23 11.00 -22.67
N GLY E 33 -16.38 10.97 -23.70
CA GLY E 33 -16.79 11.37 -25.02
C GLY E 33 -15.80 12.24 -25.76
N THR E 34 -14.63 12.48 -25.16
CA THR E 34 -13.60 13.31 -25.75
C THR E 34 -12.28 12.55 -25.78
N GLY E 35 -11.54 12.71 -26.87
CA GLY E 35 -10.26 12.04 -27.03
C GLY E 35 -9.77 12.05 -28.47
N THR E 36 -9.30 10.91 -28.95
CA THR E 36 -8.86 10.76 -30.34
C THR E 36 -9.67 9.71 -31.08
N GLY E 37 -9.90 8.55 -30.47
CA GLY E 37 -10.67 7.51 -31.15
C GLY E 37 -12.08 7.96 -31.50
N TYR E 38 -12.66 8.82 -30.65
CA TYR E 38 -13.98 9.37 -30.98
C TYR E 38 -13.92 10.22 -32.24
N THR E 39 -12.87 11.03 -32.39
CA THR E 39 -12.71 11.80 -33.63
C THR E 39 -12.50 10.87 -34.82
N MET E 40 -11.71 9.82 -34.65
CA MET E 40 -11.52 8.85 -35.71
C MET E 40 -12.85 8.29 -36.16
N ASP E 41 -13.67 7.83 -35.22
CA ASP E 41 -14.95 7.23 -35.56
C ASP E 41 -15.89 8.24 -36.19
N THR E 42 -15.86 9.49 -35.70
CA THR E 42 -16.71 10.53 -36.27
C THR E 42 -16.37 10.76 -37.74
N VAL E 43 -15.08 10.94 -38.04
CA VAL E 43 -14.67 11.16 -39.42
C VAL E 43 -15.02 9.95 -40.27
N ASN E 44 -14.77 8.75 -39.75
CA ASN E 44 -15.03 7.54 -40.53
C ASN E 44 -16.51 7.41 -40.86
N ARG E 45 -17.39 7.68 -39.88
CA ARG E 45 -18.82 7.57 -40.14
C ARG E 45 -19.29 8.67 -41.09
N THR E 46 -18.75 9.88 -40.93
CA THR E 46 -19.13 10.97 -41.84
C THR E 46 -18.80 10.62 -43.28
N HIS E 47 -17.60 10.08 -43.52
CA HIS E 47 -17.23 9.71 -44.88
C HIS E 47 -17.88 8.40 -45.33
N LYS E 48 -18.32 7.56 -44.39
CA LYS E 48 -18.99 6.32 -44.76
C LYS E 48 -20.42 6.59 -45.24
N TYR E 49 -21.15 7.48 -44.56
CA TYR E 49 -22.50 7.78 -44.98
C TYR E 49 -22.53 8.44 -46.35
N SER E 50 -21.42 9.02 -46.78
CA SER E 50 -21.28 9.59 -48.11
C SER E 50 -20.52 8.65 -49.04
N GLU E 51 -20.73 7.34 -48.87
CA GLU E 51 -19.91 6.34 -49.56
C GLU E 51 -19.90 6.57 -51.07
N LYS E 52 -21.06 6.83 -51.65
CA LYS E 52 -21.20 6.96 -53.10
C LYS E 52 -21.02 8.39 -53.59
N GLY E 53 -20.71 9.34 -52.69
CA GLY E 53 -20.47 10.69 -53.14
C GLY E 53 -19.20 10.81 -53.95
N LYS E 54 -19.17 11.80 -54.84
CA LYS E 54 -18.03 11.96 -55.73
C LYS E 54 -16.80 12.38 -54.95
N TRP E 55 -15.65 11.85 -55.35
CA TRP E 55 -14.38 12.16 -54.72
C TRP E 55 -13.61 13.15 -55.59
N THR E 56 -12.88 14.05 -54.93
CA THR E 56 -12.11 15.06 -55.64
C THR E 56 -10.89 15.40 -54.80
N THR E 57 -9.95 16.10 -55.41
CA THR E 57 -8.75 16.57 -54.71
C THR E 57 -8.78 18.08 -54.61
N ASN E 58 -8.57 18.60 -53.41
CA ASN E 58 -8.59 20.04 -53.19
C ASN E 58 -7.34 20.67 -53.81
N THR E 59 -7.46 21.96 -54.12
CA THR E 59 -6.38 22.70 -54.77
C THR E 59 -5.62 23.60 -53.82
N GLU E 60 -6.24 24.05 -52.73
CA GLU E 60 -5.61 24.95 -51.77
C GLU E 60 -5.02 24.20 -50.58
N THR E 61 -5.83 23.42 -49.88
CA THR E 61 -5.35 22.63 -48.76
C THR E 61 -4.65 21.35 -49.21
N GLY E 62 -4.79 20.97 -50.48
CA GLY E 62 -4.15 19.75 -50.97
C GLY E 62 -4.63 18.50 -50.26
N ALA E 63 -5.93 18.42 -50.00
CA ALA E 63 -6.53 17.28 -49.32
C ALA E 63 -7.77 16.81 -50.07
N PRO E 64 -8.11 15.54 -49.96
CA PRO E 64 -9.29 15.03 -50.68
C PRO E 64 -10.59 15.61 -50.10
N GLN E 65 -11.61 15.63 -50.96
CA GLN E 65 -12.93 16.12 -50.60
C GLN E 65 -13.98 15.16 -51.13
N LEU E 66 -15.07 15.04 -50.39
CA LEU E 66 -16.18 14.16 -50.73
C LEU E 66 -17.45 15.00 -50.88
N ASN E 67 -18.13 14.85 -52.01
CA ASN E 67 -19.35 15.60 -52.31
C ASN E 67 -20.49 14.62 -52.54
N PRO E 68 -21.34 14.37 -51.54
CA PRO E 68 -22.46 13.44 -51.73
C PRO E 68 -23.73 14.06 -52.28
N ILE E 69 -23.79 15.38 -52.42
CA ILE E 69 -25.02 16.03 -52.88
C ILE E 69 -25.40 15.51 -54.25
N ASP E 70 -26.70 15.39 -54.48
CA ASP E 70 -27.26 14.92 -55.73
C ASP E 70 -26.83 13.50 -56.08
N GLY E 71 -26.21 12.79 -55.15
CA GLY E 71 -25.81 11.43 -55.38
C GLY E 71 -27.00 10.51 -55.58
N PRO E 72 -26.76 9.22 -55.71
CA PRO E 72 -27.88 8.28 -55.89
C PRO E 72 -28.81 8.31 -54.69
N LEU E 73 -30.10 8.21 -54.96
CA LEU E 73 -31.08 8.22 -53.88
C LEU E 73 -30.92 6.94 -53.05
N PRO E 74 -31.05 7.04 -51.72
CA PRO E 74 -30.90 5.84 -50.89
C PRO E 74 -31.93 4.78 -51.23
N GLU E 75 -31.52 3.52 -51.14
CA GLU E 75 -32.41 2.39 -51.39
C GLU E 75 -32.78 1.63 -50.13
N ASP E 76 -32.10 1.86 -49.01
CA ASP E 76 -32.35 1.18 -47.76
C ASP E 76 -32.56 2.20 -46.66
N ASN E 77 -33.11 1.72 -45.53
CA ASN E 77 -33.45 2.61 -44.42
C ASN E 77 -32.23 3.16 -43.70
N GLU E 78 -31.02 2.67 -44.02
CA GLU E 78 -29.84 3.14 -43.34
C GLU E 78 -29.62 4.62 -43.62
N PRO E 79 -28.89 5.33 -42.74
CA PRO E 79 -28.70 6.77 -42.94
C PRO E 79 -28.06 7.06 -44.28
N SER E 80 -28.52 8.15 -44.91
CA SER E 80 -28.03 8.57 -46.21
C SER E 80 -27.71 10.06 -46.17
N GLY E 81 -26.56 10.43 -46.72
CA GLY E 81 -26.16 11.82 -46.78
C GLY E 81 -26.35 12.43 -48.16
N TYR E 82 -27.20 11.79 -48.97
CA TYR E 82 -27.41 12.22 -50.35
C TYR E 82 -28.57 13.22 -50.38
N ALA E 83 -28.24 14.48 -50.06
CA ALA E 83 -29.21 15.55 -50.03
C ALA E 83 -29.23 16.25 -51.38
N GLN E 84 -30.41 16.34 -51.99
CA GLN E 84 -30.57 16.90 -53.32
C GLN E 84 -30.71 18.41 -53.23
N THR E 85 -29.89 19.13 -54.02
CA THR E 85 -29.94 20.58 -54.00
C THR E 85 -31.30 21.10 -54.47
N ASP E 86 -31.85 20.51 -55.53
CA ASP E 86 -33.12 20.99 -56.06
C ASP E 86 -34.24 20.82 -55.03
N CYS E 87 -34.26 19.69 -54.32
CA CYS E 87 -35.29 19.48 -53.31
C CYS E 87 -35.15 20.48 -52.16
N VAL E 88 -33.92 20.75 -51.72
CA VAL E 88 -33.72 21.72 -50.65
C VAL E 88 -34.19 23.10 -51.09
N LEU E 89 -33.84 23.50 -52.32
CA LEU E 89 -34.25 24.81 -52.81
C LEU E 89 -35.76 24.88 -52.95
N GLU E 90 -36.40 23.80 -53.40
CA GLU E 90 -37.86 23.79 -53.49
C GLU E 90 -38.50 23.92 -52.11
N ALA E 91 -37.94 23.23 -51.13
CA ALA E 91 -38.47 23.33 -49.77
C ALA E 91 -38.35 24.75 -49.24
N MET E 92 -37.20 25.38 -49.47
CA MET E 92 -37.02 26.77 -49.03
C MET E 92 -37.98 27.70 -49.76
N ALA E 93 -38.21 27.46 -51.05
CA ALA E 93 -39.16 28.28 -51.80
C ALA E 93 -40.57 28.12 -51.27
N PHE E 94 -40.96 26.89 -50.93
CA PHE E 94 -42.28 26.68 -50.35
C PHE E 94 -42.40 27.36 -48.99
N LEU E 95 -41.35 27.29 -48.18
CA LEU E 95 -41.37 27.98 -46.90
C LEU E 95 -41.55 29.48 -47.11
N GLU E 96 -40.83 30.05 -48.09
CA GLU E 96 -41.01 31.47 -48.38
C GLU E 96 -42.43 31.76 -48.85
N GLU E 97 -43.00 30.87 -49.67
CA GLU E 97 -44.35 31.09 -50.17
C GLU E 97 -45.36 31.11 -49.03
N SER E 98 -45.23 30.20 -48.08
CA SER E 98 -46.16 30.17 -46.95
C SER E 98 -45.94 31.34 -46.01
N HIS E 99 -44.72 31.87 -45.95
CA HIS E 99 -44.37 33.00 -45.08
C HIS E 99 -43.71 34.06 -45.94
N PRO E 100 -44.49 34.82 -46.70
CA PRO E 100 -43.89 35.76 -47.66
C PRO E 100 -43.01 36.79 -46.97
N GLY E 101 -41.90 37.11 -47.62
CA GLY E 101 -41.02 38.18 -47.19
C GLY E 101 -40.06 37.83 -46.08
N ILE E 102 -40.20 36.67 -45.46
CA ILE E 102 -39.47 36.37 -44.23
C ILE E 102 -37.97 36.58 -44.42
N PHE E 103 -37.42 36.04 -45.50
CA PHE E 103 -36.00 36.20 -45.75
C PHE E 103 -35.64 37.66 -45.99
N GLU E 104 -36.52 38.39 -46.68
CA GLU E 104 -36.25 39.80 -46.94
C GLU E 104 -36.14 40.59 -45.64
N ASN E 105 -37.12 40.44 -44.74
CA ASN E 105 -37.06 41.16 -43.47
C ASN E 105 -35.85 40.73 -42.66
N SER E 106 -35.57 39.44 -42.61
CA SER E 106 -34.40 38.98 -41.88
C SER E 106 -33.14 39.68 -42.39
N CYS E 107 -32.96 39.68 -43.71
CA CYS E 107 -31.76 40.28 -44.28
C CYS E 107 -31.67 41.76 -43.95
N LEU E 108 -32.78 42.50 -44.13
CA LEU E 108 -32.69 43.95 -44.00
C LEU E 108 -32.57 44.37 -42.54
N GLU E 109 -33.12 43.58 -41.61
CA GLU E 109 -32.96 43.88 -40.20
C GLU E 109 -31.64 43.38 -39.64
N THR E 110 -30.93 42.50 -40.36
CA THR E 110 -29.62 42.05 -39.92
C THR E 110 -28.46 42.81 -40.54
N MET E 111 -28.67 43.48 -41.68
CA MET E 111 -27.57 44.22 -42.29
C MET E 111 -26.97 45.22 -41.32
N GLU E 112 -27.81 45.87 -40.50
CA GLU E 112 -27.30 46.87 -39.58
C GLU E 112 -26.36 46.26 -38.56
N ILE E 113 -26.78 45.18 -37.90
CA ILE E 113 -25.90 44.52 -36.93
C ILE E 113 -24.65 43.99 -37.62
N VAL E 114 -24.77 43.61 -38.90
CA VAL E 114 -23.59 43.21 -39.65
C VAL E 114 -22.64 44.39 -39.78
N GLN E 115 -23.19 45.59 -39.92
CA GLN E 115 -22.40 46.80 -40.06
C GLN E 115 -22.13 47.49 -38.73
N GLN E 116 -22.66 46.97 -37.63
CA GLN E 116 -22.55 47.64 -36.34
C GLN E 116 -21.65 46.94 -35.33
N THR E 117 -21.59 45.61 -35.35
CA THR E 117 -20.86 44.89 -34.31
C THR E 117 -19.40 45.33 -34.27
N ARG E 118 -18.87 45.43 -33.05
CA ARG E 118 -17.49 45.81 -32.83
C ARG E 118 -16.61 44.56 -32.73
N VAL E 119 -15.29 44.79 -32.76
CA VAL E 119 -14.34 43.69 -32.65
C VAL E 119 -14.49 42.97 -31.33
N ASP E 120 -14.71 43.71 -30.23
CA ASP E 120 -14.77 43.10 -28.92
C ASP E 120 -15.88 42.07 -28.80
N LYS E 121 -16.87 42.10 -29.70
CA LYS E 121 -17.92 41.09 -29.67
C LYS E 121 -17.34 39.69 -29.81
N LEU E 122 -16.19 39.53 -30.46
CA LEU E 122 -15.59 38.22 -30.59
C LEU E 122 -14.95 37.73 -29.30
N THR E 123 -14.69 38.63 -28.35
CA THR E 123 -14.08 38.21 -27.09
C THR E 123 -14.99 37.25 -26.34
N GLN E 124 -16.30 37.55 -26.30
CA GLN E 124 -17.24 36.65 -25.66
C GLN E 124 -17.34 35.36 -26.46
N GLY E 125 -17.36 34.24 -25.76
CA GLY E 125 -17.49 32.95 -26.41
C GLY E 125 -16.80 31.87 -25.60
N ARG E 126 -16.66 30.71 -26.23
CA ARG E 126 -16.07 29.54 -25.59
C ARG E 126 -14.56 29.52 -25.88
N GLN E 127 -13.91 28.39 -25.60
CA GLN E 127 -12.50 28.25 -25.90
C GLN E 127 -12.27 28.35 -27.41
N THR E 128 -11.12 28.91 -27.78
CA THR E 128 -10.78 29.16 -29.17
C THR E 128 -9.42 28.56 -29.48
N TYR E 129 -9.26 28.14 -30.73
CA TYR E 129 -7.98 27.63 -31.21
C TYR E 129 -7.08 28.80 -31.57
N ASP E 130 -5.91 28.87 -30.94
CA ASP E 130 -4.96 29.95 -31.17
C ASP E 130 -3.93 29.45 -32.18
N TRP E 131 -4.09 29.89 -33.44
CA TRP E 131 -3.13 29.50 -34.47
C TRP E 131 -1.71 29.92 -34.11
N THR E 132 -1.56 31.01 -33.34
CA THR E 132 -0.24 31.44 -32.94
C THR E 132 0.43 30.40 -32.05
N LEU E 133 -0.31 29.82 -31.12
CA LEU E 133 0.24 28.88 -30.16
C LEU E 133 -0.18 27.43 -30.41
N ASN E 134 -1.15 27.20 -31.31
CA ASN E 134 -1.58 25.85 -31.66
C ASN E 134 -2.09 25.09 -30.44
N ARG E 135 -3.08 25.68 -29.78
CA ARG E 135 -3.73 25.04 -28.64
C ARG E 135 -4.92 25.89 -28.24
N ASN E 136 -5.94 25.23 -27.68
CA ASN E 136 -7.13 25.93 -27.22
C ASN E 136 -6.75 27.00 -26.20
N GLN E 137 -7.28 28.20 -26.38
CA GLN E 137 -6.95 29.34 -25.53
C GLN E 137 -8.21 30.16 -25.29
N PRO E 138 -8.21 30.99 -24.24
CA PRO E 138 -9.33 31.90 -24.04
C PRO E 138 -9.47 32.86 -25.22
N ALA E 139 -10.71 33.27 -25.47
CA ALA E 139 -11.00 34.10 -26.64
C ALA E 139 -10.28 35.45 -26.56
N ALA E 140 -10.24 36.05 -25.37
CA ALA E 140 -9.67 37.40 -25.25
C ALA E 140 -8.18 37.38 -25.57
N THR E 141 -7.43 36.45 -24.97
CA THR E 141 -5.99 36.40 -25.24
C THR E 141 -5.72 36.01 -26.69
N ALA E 142 -6.56 35.14 -27.25
CA ALA E 142 -6.41 34.79 -28.67
C ALA E 142 -6.60 36.02 -29.54
N LEU E 143 -7.60 36.86 -29.23
CA LEU E 143 -7.80 38.07 -29.99
C LEU E 143 -6.62 39.03 -29.84
N ALA E 144 -6.10 39.16 -28.62
CA ALA E 144 -4.95 40.04 -28.41
C ALA E 144 -3.77 39.57 -29.24
N ASN E 145 -3.50 38.26 -29.21
CA ASN E 145 -2.39 37.71 -29.98
C ASN E 145 -2.60 37.89 -31.48
N THR E 146 -3.83 37.68 -31.95
CA THR E 146 -4.11 37.84 -33.37
C THR E 146 -3.88 39.27 -33.83
N ILE E 147 -4.38 40.25 -33.07
CA ILE E 147 -4.17 41.64 -33.44
C ILE E 147 -2.69 41.99 -33.38
N GLU E 148 -1.96 41.47 -32.38
CA GLU E 148 -0.54 41.74 -32.30
C GLU E 148 0.20 41.20 -33.51
N VAL E 149 -0.10 39.96 -33.91
CA VAL E 149 0.59 39.35 -35.03
C VAL E 149 0.25 40.10 -36.32
N PHE E 150 -1.02 40.42 -36.54
CA PHE E 150 -1.40 41.12 -37.74
C PHE E 150 -0.78 42.51 -37.80
N ARG E 151 -0.68 43.19 -36.65
CA ARG E 151 0.01 44.47 -36.60
C ARG E 151 1.47 44.31 -36.96
N SER E 152 2.11 43.24 -36.47
CA SER E 152 3.49 42.99 -36.84
C SER E 152 3.63 42.75 -38.34
N ASN E 153 2.67 42.05 -38.93
CA ASN E 153 2.67 41.74 -40.35
C ASN E 153 2.07 42.85 -41.21
N GLY E 154 1.86 44.03 -40.65
CA GLY E 154 1.33 45.15 -41.41
C GLY E 154 -0.10 44.99 -41.88
N LEU E 155 -0.98 44.49 -41.02
CA LEU E 155 -2.42 44.42 -41.29
C LEU E 155 -3.11 45.05 -40.09
N THR E 156 -3.28 46.37 -40.13
CA THR E 156 -3.77 47.14 -38.98
C THR E 156 -5.13 47.78 -39.24
N ALA E 157 -5.82 47.40 -40.31
CA ALA E 157 -7.14 47.98 -40.55
C ALA E 157 -8.10 47.66 -39.41
N ASN E 158 -7.97 46.47 -38.82
CA ASN E 158 -8.82 46.10 -37.69
C ASN E 158 -8.73 47.12 -36.55
N GLU E 159 -7.73 48.00 -36.57
CA GLU E 159 -7.65 49.04 -35.54
C GLU E 159 -8.89 49.93 -35.53
N SER E 160 -9.64 49.98 -36.64
CA SER E 160 -10.85 50.78 -36.66
C SER E 160 -11.83 50.34 -35.57
N GLY E 161 -11.74 49.09 -35.14
CA GLY E 161 -12.63 48.57 -34.11
C GLY E 161 -13.91 47.97 -34.62
N ARG E 162 -14.06 47.78 -35.93
CA ARG E 162 -15.27 47.22 -36.52
C ARG E 162 -15.03 45.76 -36.84
N LEU E 163 -16.05 44.93 -36.56
CA LEU E 163 -15.92 43.50 -36.81
C LEU E 163 -15.68 43.21 -38.29
N ILE E 164 -16.41 43.90 -39.16
CA ILE E 164 -16.23 43.69 -40.60
C ILE E 164 -14.82 44.08 -41.03
N ASP E 165 -14.27 45.13 -40.41
CA ASP E 165 -12.89 45.50 -40.70
C ASP E 165 -11.93 44.38 -40.33
N PHE E 166 -12.13 43.75 -39.17
CA PHE E 166 -11.28 42.64 -38.79
C PHE E 166 -11.47 41.45 -39.72
N LEU E 167 -12.70 41.21 -40.20
CA LEU E 167 -12.91 40.13 -41.15
C LEU E 167 -12.16 40.40 -42.46
N LYS E 168 -12.17 41.65 -42.91
CA LYS E 168 -11.38 42.00 -44.10
C LYS E 168 -9.89 41.82 -43.82
N ASP E 169 -9.44 42.17 -42.61
CA ASP E 169 -8.05 41.93 -42.25
C ASP E 169 -7.71 40.45 -42.30
N VAL E 170 -8.63 39.61 -41.83
CA VAL E 170 -8.42 38.16 -41.87
C VAL E 170 -8.36 37.69 -43.31
N MET E 171 -9.23 38.23 -44.17
CA MET E 171 -9.18 37.87 -45.58
C MET E 171 -7.83 38.22 -46.19
N ASP E 172 -7.34 39.44 -45.92
CA ASP E 172 -6.06 39.85 -46.46
C ASP E 172 -4.93 38.98 -45.94
N SER E 173 -4.94 38.67 -44.64
CA SER E 173 -3.90 37.83 -44.07
C SER E 173 -3.92 36.44 -44.69
N MET E 174 -5.11 35.88 -44.90
CA MET E 174 -5.22 34.58 -45.53
C MET E 174 -4.74 34.62 -46.98
N ASP E 175 -4.91 35.77 -47.65
CA ASP E 175 -4.41 35.90 -49.01
C ASP E 175 -2.89 36.00 -49.08
N LYS E 176 -2.24 36.38 -47.99
CA LYS E 176 -0.79 36.53 -47.99
C LYS E 176 -0.10 35.18 -48.17
N GLU E 177 1.05 35.21 -48.84
CA GLU E 177 1.77 33.97 -49.13
C GLU E 177 2.25 33.29 -47.86
N GLU E 178 2.79 34.04 -46.91
CA GLU E 178 3.28 33.47 -45.67
C GLU E 178 3.31 34.57 -44.61
N MET E 179 3.32 34.13 -43.35
CA MET E 179 3.33 35.06 -42.21
C MET E 179 4.34 34.61 -41.18
N GLU E 180 4.59 35.49 -40.21
CA GLU E 180 5.56 35.27 -39.14
C GLU E 180 4.84 35.26 -37.80
N ILE E 181 5.26 34.36 -36.92
CA ILE E 181 4.78 34.29 -35.55
C ILE E 181 5.98 34.43 -34.63
N THR E 182 5.92 35.40 -33.72
CA THR E 182 7.00 35.68 -32.78
C THR E 182 6.53 35.33 -31.38
N THR E 183 7.11 34.29 -30.80
CA THR E 183 6.77 33.85 -29.45
C THR E 183 7.93 34.15 -28.50
N HIS E 184 7.58 34.43 -27.25
CA HIS E 184 8.56 34.78 -26.24
C HIS E 184 8.39 33.93 -24.98
N LYS E 207 13.20 35.00 -28.03
CA LYS E 207 12.44 35.31 -29.24
C LYS E 207 12.55 34.18 -30.25
N LYS E 208 11.44 33.47 -30.46
CA LYS E 208 11.36 32.39 -31.42
C LYS E 208 10.45 32.81 -32.57
N LYS E 209 10.98 32.75 -33.79
CA LYS E 209 10.27 33.17 -35.00
C LYS E 209 9.91 31.94 -35.82
N GLN E 210 8.65 31.83 -36.22
CA GLN E 210 8.17 30.74 -37.04
C GLN E 210 7.51 31.31 -38.30
N ARG E 211 7.92 30.80 -39.45
CA ARG E 211 7.36 31.25 -40.74
C ARG E 211 6.35 30.21 -41.20
N LEU E 212 5.08 30.60 -41.27
CA LEU E 212 4.02 29.73 -41.76
C LEU E 212 3.73 30.09 -43.20
N ASN E 213 3.88 29.11 -44.10
CA ASN E 213 3.65 29.35 -45.51
C ASN E 213 2.16 29.48 -45.79
N LYS E 214 1.81 29.67 -47.06
CA LYS E 214 0.41 29.81 -47.42
C LYS E 214 -0.38 28.56 -47.07
N ARG E 215 0.13 27.39 -47.45
CA ARG E 215 -0.58 26.14 -47.14
C ARG E 215 -0.63 25.90 -45.64
N SER E 216 0.47 26.16 -44.94
CA SER E 216 0.48 25.94 -43.49
C SER E 216 -0.51 26.85 -42.79
N TYR E 217 -0.49 28.15 -43.11
CA TYR E 217 -1.43 29.06 -42.48
C TYR E 217 -2.86 28.70 -42.84
N LEU E 218 -3.11 28.33 -44.09
CA LEU E 218 -4.45 27.99 -44.51
C LEU E 218 -4.97 26.77 -43.74
N ILE E 219 -4.12 25.74 -43.60
CA ILE E 219 -4.55 24.54 -42.87
C ILE E 219 -4.76 24.86 -41.40
N ARG E 220 -3.94 25.76 -40.84
CA ARG E 220 -4.13 26.15 -39.45
C ARG E 220 -5.44 26.89 -39.25
N ALA E 221 -5.75 27.81 -40.16
CA ALA E 221 -6.94 28.65 -39.99
C ALA E 221 -8.22 27.86 -40.12
N LEU E 222 -8.21 26.78 -40.91
CA LEU E 222 -9.36 25.92 -41.09
C LEU E 222 -9.35 24.74 -40.13
N THR E 223 -8.76 24.93 -38.95
CA THR E 223 -8.67 23.87 -37.95
C THR E 223 -9.91 23.85 -37.08
N LEU E 224 -10.23 22.66 -36.55
CA LEU E 224 -11.34 22.47 -35.62
C LEU E 224 -10.79 21.69 -34.43
N ASN E 225 -10.36 22.40 -33.40
CA ASN E 225 -9.79 21.74 -32.23
C ASN E 225 -10.86 20.96 -31.48
N THR E 226 -10.43 19.91 -30.80
CA THR E 226 -11.32 19.07 -29.99
C THR E 226 -10.62 18.80 -28.66
N MET E 227 -11.14 19.39 -27.59
CA MET E 227 -10.56 19.22 -26.26
C MET E 227 -10.50 17.75 -25.88
N ALA E 240 -20.91 22.08 -27.69
CA ALA E 240 -19.97 22.33 -28.76
C ALA E 240 -18.67 21.56 -28.54
N ILE E 241 -18.63 20.32 -29.04
CA ILE E 241 -17.43 19.51 -28.88
C ILE E 241 -16.26 20.14 -29.63
N ALA E 242 -16.50 20.60 -30.85
CA ALA E 242 -15.45 21.16 -31.69
C ALA E 242 -15.42 22.67 -31.57
N THR E 243 -14.21 23.23 -31.49
CA THR E 243 -14.01 24.67 -31.43
C THR E 243 -13.24 25.12 -32.67
N PRO E 244 -13.82 25.94 -33.54
CA PRO E 244 -13.06 26.44 -34.70
C PRO E 244 -11.99 27.43 -34.30
N GLY E 245 -11.25 27.93 -35.28
CA GLY E 245 -10.24 28.95 -35.06
C GLY E 245 -10.87 30.31 -34.91
N MET E 246 -10.05 31.35 -35.08
CA MET E 246 -10.52 32.71 -34.94
C MET E 246 -10.91 33.35 -36.27
N GLN E 247 -10.31 32.94 -37.37
CA GLN E 247 -10.65 33.50 -38.67
C GLN E 247 -12.07 33.20 -39.10
N ILE E 248 -12.75 32.26 -38.44
CA ILE E 248 -14.08 31.82 -38.85
C ILE E 248 -15.13 32.19 -37.82
N ARG E 249 -14.77 32.94 -36.77
CA ARG E 249 -15.73 33.27 -35.74
C ARG E 249 -16.78 34.27 -36.24
N GLY E 250 -16.34 35.35 -36.87
CA GLY E 250 -17.28 36.40 -37.25
C GLY E 250 -18.29 35.94 -38.28
N PHE E 251 -17.84 35.18 -39.27
CA PHE E 251 -18.75 34.70 -40.30
C PHE E 251 -19.77 33.73 -39.71
N VAL E 252 -19.33 32.85 -38.82
CA VAL E 252 -20.25 31.96 -38.13
C VAL E 252 -21.27 32.77 -37.33
N TYR E 253 -20.80 33.81 -36.65
CA TYR E 253 -21.71 34.65 -35.87
C TYR E 253 -22.76 35.31 -36.76
N PHE E 254 -22.34 35.83 -37.92
CA PHE E 254 -23.29 36.48 -38.82
C PHE E 254 -24.32 35.50 -39.35
N VAL E 255 -23.87 34.33 -39.79
CA VAL E 255 -24.81 33.35 -40.34
C VAL E 255 -25.77 32.88 -39.26
N GLU E 256 -25.27 32.68 -38.04
CA GLU E 256 -26.16 32.28 -36.95
C GLU E 256 -27.14 33.39 -36.60
N ALA E 257 -26.72 34.65 -36.70
CA ALA E 257 -27.64 35.76 -36.47
C ALA E 257 -28.77 35.77 -37.49
N LEU E 258 -28.42 35.57 -38.77
CA LEU E 258 -29.47 35.47 -39.78
C LEU E 258 -30.39 34.29 -39.51
N ALA E 259 -29.82 33.15 -39.15
CA ALA E 259 -30.66 31.98 -38.89
C ALA E 259 -31.60 32.24 -37.73
N ARG E 260 -31.10 32.88 -36.67
CA ARG E 260 -31.96 33.22 -35.53
C ARG E 260 -33.07 34.19 -35.96
N SER E 261 -32.72 35.19 -36.78
CA SER E 261 -33.73 36.13 -37.23
C SER E 261 -34.80 35.45 -38.06
N ILE E 262 -34.40 34.50 -38.91
CA ILE E 262 -35.37 33.75 -39.69
C ILE E 262 -36.24 32.89 -38.78
N CYS E 263 -35.63 32.25 -37.78
CA CYS E 263 -36.38 31.39 -36.87
C CYS E 263 -37.41 32.17 -36.08
N GLU E 264 -37.05 33.39 -35.65
CA GLU E 264 -37.97 34.20 -34.86
C GLU E 264 -39.33 34.31 -35.53
N LYS E 265 -39.34 34.59 -36.82
CA LYS E 265 -40.60 34.68 -37.55
C LYS E 265 -41.26 33.32 -37.73
N LEU E 266 -40.50 32.24 -37.57
CA LEU E 266 -41.03 30.89 -37.75
C LEU E 266 -41.68 30.41 -36.46
N GLU E 267 -42.86 29.78 -36.60
CA GLU E 267 -43.59 29.31 -35.43
C GLU E 267 -43.11 27.94 -34.97
N GLN E 268 -42.89 27.01 -35.91
CA GLN E 268 -42.48 25.67 -35.54
C GLN E 268 -41.09 25.63 -34.93
N SER E 269 -40.27 26.65 -35.16
CA SER E 269 -38.91 26.66 -34.64
C SER E 269 -38.93 26.64 -33.11
N GLY E 270 -38.11 25.77 -32.53
CA GLY E 270 -38.00 25.63 -31.10
C GLY E 270 -36.95 26.52 -30.46
N LEU E 271 -36.35 27.42 -31.21
CA LEU E 271 -35.34 28.34 -30.72
C LEU E 271 -35.67 29.75 -31.16
N PRO E 272 -35.18 30.77 -30.44
CA PRO E 272 -34.42 30.73 -29.18
C PRO E 272 -35.32 30.98 -27.97
N VAL E 273 -36.57 30.51 -28.02
CA VAL E 273 -37.52 30.80 -26.95
C VAL E 273 -37.05 30.14 -25.65
N GLY E 274 -37.64 30.60 -24.55
CA GLY E 274 -37.27 30.12 -23.23
C GLY E 274 -38.13 28.97 -22.76
N GLY E 275 -38.65 29.05 -21.53
CA GLY E 275 -39.41 27.97 -20.95
C GLY E 275 -40.90 28.07 -21.17
N ASN E 276 -41.50 29.20 -20.78
CA ASN E 276 -42.95 29.34 -20.85
C ASN E 276 -43.43 29.27 -22.29
N GLU E 277 -42.75 29.96 -23.20
CA GLU E 277 -43.16 29.93 -24.60
C GLU E 277 -42.98 28.53 -25.18
N LYS E 278 -41.88 27.85 -24.83
CA LYS E 278 -41.69 26.48 -25.29
C LYS E 278 -42.79 25.57 -24.76
N LYS E 279 -43.20 25.77 -23.51
CA LYS E 279 -44.30 24.99 -22.97
C LYS E 279 -45.59 25.26 -23.73
N ALA E 280 -45.83 26.53 -24.07
CA ALA E 280 -47.06 26.86 -24.79
C ALA E 280 -47.05 26.35 -26.22
N LYS E 281 -45.87 26.19 -26.81
CA LYS E 281 -45.79 25.73 -28.20
C LYS E 281 -46.42 24.35 -28.35
N LEU E 282 -46.10 23.43 -27.45
CA LEU E 282 -46.64 22.07 -27.54
C LEU E 282 -48.16 22.09 -27.44
N ALA E 283 -48.69 22.82 -26.47
CA ALA E 283 -50.13 22.87 -26.28
C ALA E 283 -50.81 23.48 -27.51
N ASN E 284 -50.23 24.57 -28.04
CA ASN E 284 -50.82 25.20 -29.22
C ASN E 284 -50.83 24.26 -30.41
N VAL E 285 -49.72 23.54 -30.63
CA VAL E 285 -49.66 22.61 -31.75
C VAL E 285 -50.69 21.51 -31.59
N VAL E 286 -50.80 20.95 -30.39
CA VAL E 286 -51.76 19.87 -30.18
C VAL E 286 -53.18 20.37 -30.38
N ARG E 287 -53.49 21.56 -29.86
CA ARG E 287 -54.83 22.12 -30.04
C ARG E 287 -55.12 22.33 -31.51
N LYS E 288 -54.16 22.87 -32.27
CA LYS E 288 -54.36 23.09 -33.69
C LYS E 288 -54.62 21.77 -34.42
N MET E 289 -53.85 20.73 -34.08
CA MET E 289 -53.93 19.49 -34.85
C MET E 289 -55.17 18.67 -34.49
N MET E 290 -55.59 18.69 -33.23
CA MET E 290 -56.62 17.78 -32.76
C MET E 290 -58.02 18.40 -32.80
N THR E 291 -58.21 19.53 -32.11
CA THR E 291 -59.55 20.07 -31.94
C THR E 291 -60.20 20.40 -33.28
N ASN E 292 -59.45 21.02 -34.18
CA ASN E 292 -60.02 21.36 -35.49
C ASN E 292 -60.40 20.12 -36.28
N SER E 293 -59.68 19.02 -36.08
CA SER E 293 -59.95 17.81 -36.84
C SER E 293 -61.33 17.25 -36.50
N GLN E 294 -61.94 16.58 -37.48
CA GLN E 294 -63.23 15.96 -37.29
C GLN E 294 -63.11 14.77 -36.35
N ASP E 295 -64.26 14.40 -35.77
CA ASP E 295 -64.30 13.22 -34.90
C ASP E 295 -63.95 11.95 -35.68
N THR E 296 -64.39 11.86 -36.94
CA THR E 296 -64.09 10.69 -37.75
C THR E 296 -62.60 10.55 -37.98
N GLU E 297 -61.92 11.65 -38.26
CA GLU E 297 -60.49 11.60 -38.54
C GLU E 297 -59.71 11.08 -37.34
N LEU E 298 -58.68 10.30 -37.62
CA LEU E 298 -57.80 9.76 -36.59
C LEU E 298 -56.46 10.50 -36.61
N SER E 299 -55.98 10.86 -35.43
CA SER E 299 -54.72 11.58 -35.27
C SER E 299 -53.74 10.73 -34.48
N PHE E 300 -52.47 10.79 -34.86
CA PHE E 300 -51.40 10.11 -34.16
C PHE E 300 -50.22 11.07 -34.06
N THR E 301 -49.33 10.80 -33.11
CA THR E 301 -48.15 11.61 -32.90
C THR E 301 -46.94 10.70 -32.76
N ILE E 302 -45.87 11.07 -33.45
CA ILE E 302 -44.59 10.36 -33.37
C ILE E 302 -43.56 11.29 -32.75
N THR E 303 -42.85 10.78 -31.75
CA THR E 303 -41.71 11.47 -31.15
C THR E 303 -40.46 10.79 -31.67
N GLY E 304 -39.51 11.58 -32.17
CA GLY E 304 -38.28 11.04 -32.73
C GLY E 304 -37.09 11.90 -32.34
N ASP E 305 -35.94 11.23 -32.20
CA ASP E 305 -34.68 11.87 -31.84
C ASP E 305 -33.73 11.77 -33.02
N ASN E 306 -33.21 12.91 -33.46
CA ASN E 306 -32.24 12.94 -34.55
C ASN E 306 -30.83 12.91 -33.98
N THR E 307 -30.48 11.74 -33.44
CA THR E 307 -29.15 11.54 -32.89
C THR E 307 -28.11 11.53 -34.01
N LYS E 308 -26.92 12.03 -33.69
CA LYS E 308 -25.86 12.21 -34.68
C LYS E 308 -26.40 12.96 -35.89
N TRP E 309 -26.79 14.21 -35.63
CA TRP E 309 -27.51 15.04 -36.58
C TRP E 309 -26.60 15.75 -37.56
N ASN E 310 -25.29 15.75 -37.34
CA ASN E 310 -24.36 16.49 -38.17
C ASN E 310 -23.74 15.66 -39.29
N GLU E 311 -23.99 14.36 -39.32
CA GLU E 311 -23.32 13.51 -40.31
C GLU E 311 -23.83 13.79 -41.72
N ASN E 312 -25.15 13.93 -41.89
CA ASN E 312 -25.76 13.97 -43.20
C ASN E 312 -26.03 15.37 -43.71
N GLN E 313 -25.65 16.41 -42.97
CA GLN E 313 -25.81 17.78 -43.41
C GLN E 313 -24.45 18.33 -43.83
N ASN E 314 -24.38 18.88 -45.05
CA ASN E 314 -23.12 19.32 -45.63
C ASN E 314 -23.05 20.84 -45.66
N PRO E 315 -21.86 21.43 -45.52
CA PRO E 315 -21.74 22.89 -45.63
C PRO E 315 -22.18 23.41 -46.99
N ARG E 316 -22.11 22.59 -48.03
CA ARG E 316 -22.50 23.05 -49.37
C ARG E 316 -24.00 23.28 -49.46
N MET E 317 -24.80 22.40 -48.85
CA MET E 317 -26.24 22.62 -48.82
C MET E 317 -26.58 23.88 -48.02
N PHE E 318 -25.85 24.12 -46.92
CA PHE E 318 -26.04 25.35 -46.18
C PHE E 318 -25.70 26.56 -47.03
N LEU E 319 -24.62 26.48 -47.81
CA LEU E 319 -24.29 27.58 -48.71
C LEU E 319 -25.39 27.81 -49.74
N ALA E 320 -25.97 26.73 -50.25
CA ALA E 320 -27.07 26.85 -51.21
C ALA E 320 -28.25 27.57 -50.57
N MET E 321 -28.64 27.16 -49.36
CA MET E 321 -29.77 27.80 -48.71
C MET E 321 -29.48 29.25 -48.38
N ILE E 322 -28.22 29.55 -48.01
CA ILE E 322 -27.82 30.92 -47.73
C ILE E 322 -27.94 31.78 -48.98
N THR E 323 -27.44 31.27 -50.11
CA THR E 323 -27.54 32.02 -51.36
C THR E 323 -28.99 32.25 -51.74
N TYR E 324 -29.84 31.23 -51.54
CA TYR E 324 -31.26 31.41 -51.80
C TYR E 324 -31.87 32.48 -50.90
N ILE E 325 -31.48 32.49 -49.62
CA ILE E 325 -32.09 33.41 -48.67
C ILE E 325 -31.83 34.85 -49.09
N THR E 326 -30.59 35.16 -49.46
CA THR E 326 -30.21 36.53 -49.80
C THR E 326 -30.34 36.79 -51.30
N ARG E 327 -31.51 36.47 -51.86
CA ARG E 327 -31.77 36.75 -53.26
C ARG E 327 -32.13 38.22 -53.44
N ASN E 328 -31.52 38.86 -54.43
CA ASN E 328 -31.75 40.28 -54.72
C ASN E 328 -31.35 41.14 -53.52
N GLN E 329 -30.10 40.98 -53.10
CA GLN E 329 -29.55 41.69 -51.96
C GLN E 329 -28.17 42.21 -52.31
N PRO E 330 -27.65 43.18 -51.56
CA PRO E 330 -26.32 43.71 -51.86
C PRO E 330 -25.28 42.60 -51.85
N GLU E 331 -24.33 42.69 -52.78
CA GLU E 331 -23.37 41.60 -52.97
C GLU E 331 -22.39 41.49 -51.82
N TRP E 332 -22.02 42.61 -51.20
CA TRP E 332 -21.09 42.54 -50.06
C TRP E 332 -21.71 41.75 -48.92
N PHE E 333 -22.99 41.97 -48.64
CA PHE E 333 -23.66 41.22 -47.59
C PHE E 333 -23.72 39.73 -47.94
N ARG E 334 -24.01 39.42 -49.21
CA ARG E 334 -24.04 38.03 -49.63
C ARG E 334 -22.69 37.36 -49.44
N ASN E 335 -21.61 38.05 -49.79
CA ASN E 335 -20.28 37.49 -49.62
C ASN E 335 -19.96 37.27 -48.14
N VAL E 336 -20.25 38.27 -47.30
CA VAL E 336 -19.98 38.14 -45.88
C VAL E 336 -20.74 36.95 -45.31
N LEU E 337 -21.99 36.78 -45.73
CA LEU E 337 -22.82 35.72 -45.17
C LEU E 337 -22.48 34.34 -45.73
N SER E 338 -21.97 34.28 -46.97
CA SER E 338 -21.64 33.00 -47.59
C SER E 338 -20.21 32.56 -47.32
N ILE E 339 -19.37 33.43 -46.76
CA ILE E 339 -18.00 33.01 -46.44
C ILE E 339 -18.01 31.83 -45.48
N ALA E 340 -18.92 31.85 -44.50
CA ALA E 340 -18.89 30.83 -43.44
C ALA E 340 -19.03 29.42 -43.98
N PRO E 341 -20.13 29.05 -44.64
CA PRO E 341 -20.22 27.68 -45.17
C PRO E 341 -19.14 27.35 -46.18
N ILE E 342 -18.70 28.34 -46.96
CA ILE E 342 -17.63 28.11 -47.91
C ILE E 342 -16.36 27.68 -47.19
N MET E 343 -16.01 28.41 -46.13
CA MET E 343 -14.82 28.05 -45.35
C MET E 343 -15.01 26.70 -44.65
N PHE E 344 -16.20 26.45 -44.14
CA PHE E 344 -16.42 25.21 -43.39
C PHE E 344 -16.37 23.98 -44.29
N SER E 345 -16.77 24.13 -45.57
CA SER E 345 -16.71 22.99 -46.48
C SER E 345 -15.30 22.48 -46.67
N ASN E 346 -14.29 23.30 -46.37
CA ASN E 346 -12.90 22.87 -46.42
C ASN E 346 -12.31 22.77 -45.02
N LYS E 347 -13.14 22.46 -44.03
CA LYS E 347 -12.70 22.42 -42.65
C LYS E 347 -11.71 21.28 -42.42
N MET E 348 -10.70 21.55 -41.61
CA MET E 348 -9.71 20.57 -41.19
C MET E 348 -9.93 20.22 -39.73
N ALA E 349 -10.00 18.94 -39.42
CA ALA E 349 -10.28 18.47 -38.07
C ALA E 349 -8.99 17.98 -37.42
N ARG E 350 -8.67 18.55 -36.27
CA ARG E 350 -7.55 18.07 -35.48
C ARG E 350 -7.89 16.72 -34.85
N LEU E 351 -6.87 16.01 -34.40
CA LEU E 351 -7.02 14.64 -33.91
C LEU E 351 -6.53 14.58 -32.47
N GLY E 352 -7.40 14.94 -31.53
CA GLY E 352 -7.15 14.75 -30.12
C GLY E 352 -5.78 15.22 -29.66
N LYS E 353 -5.34 14.73 -28.52
CA LYS E 353 -3.97 14.96 -28.05
C LYS E 353 -3.02 13.87 -28.50
N GLY E 354 -3.51 12.65 -28.70
CA GLY E 354 -2.68 11.56 -29.17
C GLY E 354 -3.12 10.21 -28.65
N TYR E 355 -2.17 9.45 -28.11
CA TYR E 355 -2.44 8.13 -27.58
C TYR E 355 -1.47 7.82 -26.45
N MET E 356 -1.83 6.85 -25.63
CA MET E 356 -1.01 6.43 -24.49
C MET E 356 -0.76 4.93 -24.61
N PHE E 357 0.51 4.55 -24.62
CA PHE E 357 0.92 3.15 -24.64
C PHE E 357 1.56 2.78 -23.31
N GLU E 358 1.39 1.52 -22.92
CA GLU E 358 1.95 1.02 -21.67
C GLU E 358 2.44 -0.40 -21.86
N SER E 359 3.60 -0.70 -21.28
CA SER E 359 4.19 -2.04 -21.29
C SER E 359 4.17 -2.58 -19.88
N LYS E 360 3.32 -3.58 -19.64
CA LYS E 360 3.25 -4.19 -18.32
C LYS E 360 4.51 -4.99 -17.99
N SER E 361 5.12 -5.62 -19.00
CA SER E 361 6.30 -6.43 -18.77
C SER E 361 7.41 -5.61 -18.11
N MET E 362 7.73 -4.46 -18.69
CA MET E 362 8.76 -3.58 -18.15
C MET E 362 8.18 -2.49 -17.25
N LYS E 363 6.86 -2.45 -17.07
CA LYS E 363 6.21 -1.44 -16.24
C LYS E 363 6.60 -0.03 -16.68
N LEU E 364 6.26 0.28 -17.93
CA LEU E 364 6.62 1.54 -18.54
C LEU E 364 5.38 2.17 -19.18
N ARG E 365 5.38 3.50 -19.23
CA ARG E 365 4.29 4.25 -19.85
C ARG E 365 4.85 5.34 -20.74
N THR E 366 4.22 5.55 -21.89
CA THR E 366 4.66 6.57 -22.83
C THR E 366 3.44 7.13 -23.55
N GLN E 367 3.60 8.33 -24.10
CA GLN E 367 2.54 8.99 -24.84
C GLN E 367 3.06 9.43 -26.20
N VAL E 368 2.23 9.27 -27.22
CA VAL E 368 2.59 9.64 -28.59
C VAL E 368 1.62 10.72 -29.07
N PRO E 369 2.09 11.74 -29.77
CA PRO E 369 1.18 12.79 -30.25
C PRO E 369 0.47 12.36 -31.54
N ALA E 370 -0.52 13.16 -31.92
CA ALA E 370 -1.23 12.91 -33.17
C ALA E 370 -0.43 13.30 -34.40
N GLU E 371 0.58 14.16 -34.25
CA GLU E 371 1.39 14.55 -35.39
C GLU E 371 2.18 13.39 -35.98
N MET E 372 2.41 12.33 -35.19
CA MET E 372 3.15 11.16 -35.64
C MET E 372 2.22 9.97 -35.92
N LEU E 373 0.91 10.19 -35.96
CA LEU E 373 -0.02 9.09 -36.21
C LEU E 373 -0.14 8.74 -37.67
N ALA E 374 0.31 9.61 -38.58
CA ALA E 374 0.21 9.34 -40.01
C ALA E 374 1.09 8.16 -40.41
N ASN E 375 2.32 8.11 -39.92
CA ASN E 375 3.29 7.07 -40.26
C ASN E 375 3.75 6.41 -38.97
N ILE E 376 3.12 5.30 -38.62
CA ILE E 376 3.46 4.58 -37.40
C ILE E 376 2.88 3.18 -37.51
N ASP E 377 3.50 2.22 -36.82
CA ASP E 377 3.07 0.84 -36.89
C ASP E 377 1.67 0.67 -36.31
N LEU E 378 0.93 -0.30 -36.85
CA LEU E 378 -0.41 -0.61 -36.38
C LEU E 378 -0.45 -1.87 -35.51
N LYS E 379 0.71 -2.40 -35.12
CA LYS E 379 0.72 -3.58 -34.26
C LYS E 379 0.41 -3.22 -32.81
N TYR E 380 0.71 -1.98 -32.39
CA TYR E 380 0.44 -1.58 -31.01
C TYR E 380 -1.06 -1.62 -30.71
N PHE E 381 -1.88 -1.17 -31.66
CA PHE E 381 -3.29 -0.98 -31.40
C PHE E 381 -4.06 -2.29 -31.54
N ASN E 382 -5.32 -2.27 -31.10
CA ASN E 382 -6.18 -3.44 -31.16
C ASN E 382 -6.85 -3.52 -32.52
N LYS E 383 -7.76 -4.50 -32.68
CA LYS E 383 -8.37 -4.72 -33.98
C LYS E 383 -9.19 -3.52 -34.43
N SER E 384 -10.10 -3.05 -33.58
CA SER E 384 -10.96 -1.93 -33.97
C SER E 384 -10.17 -0.65 -34.19
N THR E 385 -9.23 -0.36 -33.28
CA THR E 385 -8.44 0.86 -33.41
C THR E 385 -7.57 0.82 -34.66
N ARG E 386 -6.96 -0.33 -34.95
CA ARG E 386 -6.15 -0.44 -36.15
C ARG E 386 -7.00 -0.34 -37.40
N GLU E 387 -8.22 -0.89 -37.37
CA GLU E 387 -9.12 -0.74 -38.51
C GLU E 387 -9.49 0.72 -38.74
N LYS E 388 -9.78 1.45 -37.66
CA LYS E 388 -10.10 2.87 -37.80
C LYS E 388 -8.91 3.64 -38.34
N ILE E 389 -7.70 3.33 -37.86
CA ILE E 389 -6.50 3.97 -38.38
C ILE E 389 -6.35 3.68 -39.86
N GLU E 390 -6.60 2.43 -40.27
CA GLU E 390 -6.51 2.08 -41.68
C GLU E 390 -7.51 2.89 -42.49
N LYS E 391 -8.74 3.03 -41.99
CA LYS E 391 -9.75 3.79 -42.73
C LYS E 391 -9.34 5.25 -42.87
N ILE E 392 -8.81 5.87 -41.82
CA ILE E 392 -8.58 7.31 -41.83
C ILE E 392 -7.16 7.68 -42.23
N ARG E 393 -6.30 6.71 -42.54
CA ARG E 393 -4.93 7.03 -42.94
C ARG E 393 -4.84 8.00 -44.10
N PRO E 394 -5.57 7.83 -45.21
CA PRO E 394 -5.34 8.64 -46.40
C PRO E 394 -5.83 10.08 -46.30
N LEU E 395 -6.21 10.56 -45.12
CA LEU E 395 -6.72 11.91 -44.96
C LEU E 395 -5.83 12.82 -44.14
N LEU E 396 -4.97 12.26 -43.28
CA LEU E 396 -4.21 13.07 -42.33
C LEU E 396 -3.22 13.94 -43.08
N ILE E 397 -3.50 15.24 -43.15
CA ILE E 397 -2.60 16.23 -43.75
C ILE E 397 -1.98 17.05 -42.62
N ASP E 398 -0.66 16.96 -42.48
CA ASP E 398 0.07 17.72 -41.47
C ASP E 398 -0.54 17.48 -40.08
N GLY E 399 -0.85 16.23 -39.78
CA GLY E 399 -1.47 15.88 -38.51
C GLY E 399 -2.85 16.47 -38.31
N THR E 400 -3.64 16.54 -39.38
CA THR E 400 -4.99 17.11 -39.32
C THR E 400 -5.81 16.51 -40.44
N ALA E 401 -6.84 15.75 -40.08
CA ALA E 401 -7.66 15.11 -41.10
C ALA E 401 -8.47 16.16 -41.85
N SER E 402 -8.91 15.79 -43.05
CA SER E 402 -9.75 16.65 -43.88
C SER E 402 -11.16 16.08 -43.92
N LEU E 403 -12.15 16.92 -43.56
CA LEU E 403 -13.54 16.50 -43.44
C LEU E 403 -14.41 17.57 -44.11
N SER E 404 -14.69 17.37 -45.40
CA SER E 404 -15.57 18.29 -46.12
C SER E 404 -17.03 18.01 -45.76
N PRO E 405 -17.50 16.78 -45.90
CA PRO E 405 -18.93 16.52 -45.62
C PRO E 405 -19.21 16.55 -44.12
N GLY E 406 -20.50 16.55 -43.81
CA GLY E 406 -20.93 16.55 -42.42
C GLY E 406 -20.59 17.84 -41.70
N MET E 407 -21.19 18.05 -40.53
CA MET E 407 -21.00 19.25 -39.74
C MET E 407 -20.41 18.87 -38.38
N MET E 408 -20.18 19.86 -37.54
CA MET E 408 -19.76 19.65 -36.17
C MET E 408 -20.76 20.31 -35.23
N MET E 409 -20.85 19.78 -34.01
CA MET E 409 -21.92 20.15 -33.11
C MET E 409 -21.88 21.63 -32.75
N GLY E 410 -23.06 22.24 -32.68
CA GLY E 410 -23.22 23.54 -32.04
C GLY E 410 -22.56 24.73 -32.72
N MET E 411 -22.62 24.82 -34.04
CA MET E 411 -22.23 26.06 -34.70
C MET E 411 -23.30 26.59 -35.65
N PHE E 412 -23.97 25.72 -36.40
CA PHE E 412 -25.01 26.11 -37.34
C PHE E 412 -26.34 25.47 -36.96
N ASN E 413 -26.65 25.47 -35.67
CA ASN E 413 -27.86 24.81 -35.19
C ASN E 413 -29.12 25.48 -35.73
N MET E 414 -29.13 26.81 -35.75
CA MET E 414 -30.33 27.53 -36.18
C MET E 414 -30.65 27.25 -37.64
N LEU E 415 -29.63 27.13 -38.49
CA LEU E 415 -29.88 26.79 -39.89
C LEU E 415 -30.50 25.40 -40.01
N SER E 416 -30.03 24.46 -39.19
CA SER E 416 -30.64 23.13 -39.18
C SER E 416 -32.10 23.21 -38.75
N THR E 417 -32.40 24.04 -37.75
CA THR E 417 -33.78 24.23 -37.35
C THR E 417 -34.60 24.82 -38.48
N VAL E 418 -34.01 25.75 -39.23
CA VAL E 418 -34.71 26.34 -40.38
C VAL E 418 -35.06 25.27 -41.40
N LEU E 419 -34.10 24.39 -41.69
CA LEU E 419 -34.35 23.30 -42.63
C LEU E 419 -35.47 22.40 -42.11
N GLY E 420 -35.43 22.07 -40.82
CA GLY E 420 -36.48 21.24 -40.26
C GLY E 420 -37.86 21.87 -40.36
N VAL E 421 -37.95 23.17 -40.05
CA VAL E 421 -39.25 23.83 -40.13
C VAL E 421 -39.71 23.91 -41.58
N SER E 422 -38.79 24.04 -42.52
CA SER E 422 -39.18 23.98 -43.94
C SER E 422 -39.78 22.62 -44.27
N ILE E 423 -39.14 21.55 -43.81
CA ILE E 423 -39.68 20.22 -44.07
C ILE E 423 -41.06 20.10 -43.45
N LEU E 424 -41.25 20.63 -42.24
CA LEU E 424 -42.55 20.58 -41.61
C LEU E 424 -43.59 21.37 -42.39
N ASN E 425 -43.22 22.57 -42.84
CA ASN E 425 -44.15 23.42 -43.59
C ASN E 425 -44.55 22.75 -44.89
N LEU E 426 -43.67 21.91 -45.45
CA LEU E 426 -44.05 21.16 -46.64
C LEU E 426 -45.17 20.15 -46.38
N GLY E 427 -45.72 20.09 -45.17
CA GLY E 427 -46.75 19.14 -44.82
C GLY E 427 -48.17 19.66 -44.80
N GLN E 428 -48.38 20.94 -45.14
CA GLN E 428 -49.73 21.48 -45.11
C GLN E 428 -50.64 20.69 -46.05
N LYS E 429 -51.94 20.91 -45.90
CA LYS E 429 -52.91 20.21 -46.75
C LYS E 429 -52.77 20.62 -48.21
N LYS E 430 -52.29 21.83 -48.48
CA LYS E 430 -52.15 22.27 -49.86
C LYS E 430 -50.95 21.60 -50.53
N TYR E 431 -49.83 21.48 -49.82
CA TYR E 431 -48.65 20.87 -50.40
C TYR E 431 -48.79 19.36 -50.50
N THR E 432 -49.32 18.73 -49.46
CA THR E 432 -49.43 17.27 -49.46
C THR E 432 -50.35 16.79 -50.58
N LYS E 433 -51.41 17.54 -50.87
CA LYS E 433 -52.35 17.16 -51.92
C LYS E 433 -52.93 15.77 -51.67
N THR E 434 -53.23 15.49 -50.40
CA THR E 434 -53.70 14.17 -50.00
C THR E 434 -54.66 14.33 -48.83
N THR E 435 -55.43 13.27 -48.57
CA THR E 435 -56.44 13.34 -47.52
C THR E 435 -55.80 13.61 -46.16
N TYR E 436 -54.69 12.94 -45.87
CA TYR E 436 -54.00 13.12 -44.60
C TYR E 436 -53.34 14.50 -44.56
N TRP E 437 -52.73 14.81 -43.42
CA TRP E 437 -51.80 15.93 -43.33
C TRP E 437 -51.07 15.83 -42.01
N TRP E 438 -50.12 16.74 -41.79
CA TRP E 438 -49.25 16.66 -40.63
C TRP E 438 -48.73 18.04 -40.26
N ASP E 439 -48.18 18.12 -39.06
CA ASP E 439 -47.45 19.29 -38.57
C ASP E 439 -46.55 18.81 -37.44
N GLY E 440 -45.95 19.74 -36.72
CA GLY E 440 -45.15 19.35 -35.56
C GLY E 440 -44.15 20.44 -35.20
N LEU E 441 -43.09 20.00 -34.51
CA LEU E 441 -42.04 20.89 -34.06
C LEU E 441 -40.68 20.22 -34.25
N GLN E 442 -39.67 21.05 -34.55
CA GLN E 442 -38.30 20.60 -34.68
C GLN E 442 -37.38 21.65 -34.08
N SER E 443 -36.38 21.20 -33.33
CA SER E 443 -35.42 22.09 -32.67
C SER E 443 -33.98 21.68 -32.94
N SER E 444 -33.75 20.78 -33.90
CA SER E 444 -32.44 20.32 -34.34
C SER E 444 -31.82 19.28 -33.42
N ASP E 445 -32.46 18.92 -32.31
CA ASP E 445 -31.96 17.87 -31.45
C ASP E 445 -33.06 16.85 -31.16
N ASP E 446 -34.31 17.29 -31.21
CA ASP E 446 -35.46 16.42 -31.08
C ASP E 446 -36.54 16.92 -32.03
N PHE E 447 -37.47 16.03 -32.39
CA PHE E 447 -38.57 16.42 -33.24
C PHE E 447 -39.82 15.65 -32.88
N ALA E 448 -40.98 16.29 -33.07
CA ALA E 448 -42.27 15.68 -32.85
C ALA E 448 -43.16 15.99 -34.04
N LEU E 449 -43.97 15.02 -34.46
CA LEU E 449 -44.77 15.16 -35.66
C LEU E 449 -46.15 14.56 -35.42
N ILE E 450 -47.18 15.38 -35.60
CA ILE E 450 -48.56 14.94 -35.49
C ILE E 450 -49.09 14.75 -36.91
N VAL E 451 -49.56 13.54 -37.20
CA VAL E 451 -50.09 13.17 -38.51
C VAL E 451 -51.52 12.67 -38.31
N ASN E 452 -52.45 13.20 -39.10
CA ASN E 452 -53.83 12.75 -39.00
C ASN E 452 -54.41 12.49 -40.39
N ALA E 453 -55.31 11.51 -40.43
CA ALA E 453 -55.85 10.99 -41.68
C ALA E 453 -57.17 10.28 -41.38
N PRO E 454 -58.02 10.08 -42.39
CA PRO E 454 -59.33 9.47 -42.13
C PRO E 454 -59.26 8.03 -41.66
N ASN E 455 -58.17 7.30 -41.92
CA ASN E 455 -58.09 5.89 -41.55
C ASN E 455 -56.67 5.58 -41.09
N HIS E 456 -56.49 4.35 -40.59
CA HIS E 456 -55.17 3.90 -40.19
C HIS E 456 -54.22 3.86 -41.38
N GLU E 457 -54.69 3.37 -42.53
CA GLU E 457 -53.87 3.36 -43.73
C GLU E 457 -53.47 4.78 -44.10
N GLY E 458 -54.36 5.75 -43.89
CA GLY E 458 -53.99 7.13 -44.12
C GLY E 458 -52.85 7.58 -43.22
N ILE E 459 -52.89 7.17 -41.95
CA ILE E 459 -51.81 7.51 -41.03
C ILE E 459 -50.50 6.89 -41.50
N GLN E 460 -50.56 5.61 -41.91
CA GLN E 460 -49.35 4.95 -42.39
C GLN E 460 -48.79 5.66 -43.61
N ALA E 461 -49.65 6.03 -44.55
CA ALA E 461 -49.20 6.74 -45.74
C ALA E 461 -48.59 8.08 -45.38
N GLY E 462 -49.20 8.81 -44.45
CA GLY E 462 -48.66 10.10 -44.06
C GLY E 462 -47.30 9.98 -43.42
N VAL E 463 -47.14 9.04 -42.50
CA VAL E 463 -45.85 8.89 -41.83
C VAL E 463 -44.79 8.43 -42.83
N ASP E 464 -45.15 7.52 -43.74
CA ASP E 464 -44.19 7.06 -44.74
C ASP E 464 -43.76 8.21 -45.66
N ARG E 465 -44.73 9.02 -46.11
CA ARG E 465 -44.39 10.13 -46.99
C ARG E 465 -43.52 11.16 -46.28
N PHE E 466 -43.82 11.46 -45.02
CA PHE E 466 -42.95 12.35 -44.26
C PHE E 466 -41.54 11.78 -44.14
N TYR E 467 -41.45 10.48 -43.84
CA TYR E 467 -40.14 9.84 -43.72
C TYR E 467 -39.34 9.99 -45.01
N ARG E 468 -39.95 9.65 -46.15
CA ARG E 468 -39.24 9.74 -47.41
C ARG E 468 -38.85 11.18 -47.74
N THR E 469 -39.78 12.12 -47.55
CA THR E 469 -39.50 13.51 -47.88
C THR E 469 -38.36 14.05 -47.03
N CYS E 470 -38.35 13.74 -45.73
CA CYS E 470 -37.27 14.21 -44.88
C CYS E 470 -35.96 13.49 -45.20
N LYS E 471 -36.05 12.26 -45.72
CA LYS E 471 -34.83 11.57 -46.17
C LYS E 471 -34.23 12.26 -47.38
N LEU E 472 -35.08 12.72 -48.32
CA LEU E 472 -34.56 13.34 -49.53
C LEU E 472 -33.68 14.53 -49.22
N VAL E 473 -34.11 15.39 -48.29
CA VAL E 473 -33.34 16.58 -47.95
C VAL E 473 -32.09 16.26 -47.14
N GLY E 474 -31.98 15.03 -46.62
CA GLY E 474 -30.88 14.67 -45.76
C GLY E 474 -31.23 14.65 -44.28
N ILE E 475 -32.49 14.88 -43.93
CA ILE E 475 -32.93 14.79 -42.54
C ILE E 475 -33.12 13.33 -42.19
N ASN E 476 -32.47 12.88 -41.12
CA ASN E 476 -32.46 11.47 -40.74
C ASN E 476 -33.26 11.28 -39.46
N MET E 477 -34.25 10.40 -39.53
CA MET E 477 -35.08 10.04 -38.38
C MET E 477 -34.64 8.66 -37.92
N SER E 478 -34.23 8.56 -36.66
CA SER E 478 -33.78 7.29 -36.10
C SER E 478 -34.98 6.43 -35.73
N LYS E 479 -35.15 5.31 -36.44
CA LYS E 479 -36.28 4.43 -36.19
C LYS E 479 -36.14 3.62 -34.92
N LYS E 480 -34.94 3.57 -34.32
CA LYS E 480 -34.72 2.83 -33.09
C LYS E 480 -34.91 3.69 -31.84
N LYS E 481 -35.13 4.99 -31.99
CA LYS E 481 -35.36 5.89 -30.87
C LYS E 481 -36.54 6.80 -31.15
N SER E 482 -37.60 6.25 -31.75
CA SER E 482 -38.80 7.00 -32.07
C SER E 482 -40.00 6.10 -31.87
N TYR E 483 -41.11 6.70 -31.45
CA TYR E 483 -42.32 5.92 -31.22
C TYR E 483 -43.55 6.73 -31.60
N ILE E 484 -44.62 6.00 -31.93
CA ILE E 484 -45.89 6.56 -32.38
C ILE E 484 -46.99 6.14 -31.42
N ASN E 485 -47.87 7.08 -31.09
CA ASN E 485 -49.00 6.80 -30.22
C ASN E 485 -50.11 7.81 -30.51
N ARG E 486 -51.33 7.46 -30.10
CA ARG E 486 -52.45 8.38 -30.28
C ARG E 486 -52.09 9.75 -29.72
N THR E 487 -52.69 10.78 -30.32
CA THR E 487 -52.32 12.15 -29.98
C THR E 487 -52.70 12.46 -28.53
N GLY E 488 -51.91 13.34 -27.91
CA GLY E 488 -52.15 13.77 -26.56
C GLY E 488 -50.94 13.65 -25.67
N THR E 489 -50.14 12.60 -25.88
CA THR E 489 -48.97 12.32 -25.05
C THR E 489 -47.75 12.22 -25.95
N PHE E 490 -46.73 13.00 -25.64
CA PHE E 490 -45.46 12.97 -26.37
C PHE E 490 -44.48 13.86 -25.61
N GLU E 491 -43.29 14.04 -26.17
CA GLU E 491 -42.29 14.90 -25.56
C GLU E 491 -41.44 15.53 -26.65
N PHE E 492 -40.75 16.61 -26.28
CA PHE E 492 -39.95 17.36 -27.24
C PHE E 492 -38.92 18.17 -26.48
N THR E 493 -37.64 17.89 -26.72
CA THR E 493 -36.55 18.57 -26.01
C THR E 493 -36.70 18.40 -24.49
N SER E 494 -37.17 17.23 -24.07
CA SER E 494 -37.38 16.87 -22.67
C SER E 494 -38.61 17.54 -22.07
N PHE E 495 -39.40 18.26 -22.87
CA PHE E 495 -40.63 18.87 -22.38
C PHE E 495 -41.75 17.85 -22.52
N PHE E 496 -41.82 16.93 -21.57
CA PHE E 496 -42.79 15.85 -21.62
C PHE E 496 -44.20 16.41 -21.49
N TYR E 497 -45.09 16.01 -22.40
CA TYR E 497 -46.43 16.56 -22.51
C TYR E 497 -47.44 15.45 -22.33
N ARG E 498 -48.41 15.66 -21.45
CA ARG E 498 -49.47 14.69 -21.20
C ARG E 498 -50.77 15.45 -20.94
N TYR E 499 -51.72 15.32 -21.86
CA TYR E 499 -53.06 15.87 -21.70
C TYR E 499 -53.00 17.33 -21.22
N GLY E 500 -52.23 18.13 -21.95
CA GLY E 500 -52.16 19.56 -21.67
C GLY E 500 -51.20 19.95 -20.57
N PHE E 501 -50.47 19.01 -19.99
CA PHE E 501 -49.53 19.29 -18.91
C PHE E 501 -48.10 19.09 -19.40
N VAL E 502 -47.26 20.10 -19.21
CA VAL E 502 -45.86 20.06 -19.61
C VAL E 502 -45.01 19.82 -18.37
N ALA E 503 -43.89 19.11 -18.57
CA ALA E 503 -43.02 18.66 -17.48
C ALA E 503 -41.57 19.00 -17.79
N ASN E 504 -41.31 20.24 -18.16
CA ASN E 504 -39.98 20.71 -18.53
C ASN E 504 -38.91 20.14 -17.62
N PHE E 505 -37.93 19.46 -18.22
CA PHE E 505 -36.76 18.94 -17.51
C PHE E 505 -35.50 19.17 -18.34
N SER E 506 -35.40 20.34 -18.96
CA SER E 506 -34.32 20.62 -19.91
C SER E 506 -33.14 21.34 -19.28
N MET E 507 -33.13 21.53 -17.97
CA MET E 507 -32.08 22.27 -17.31
C MET E 507 -31.63 21.54 -16.05
N GLU E 508 -30.40 21.83 -15.63
CA GLU E 508 -29.81 21.26 -14.44
C GLU E 508 -29.75 22.31 -13.34
N LEU E 509 -29.61 21.85 -12.10
CA LEU E 509 -29.55 22.75 -10.96
C LEU E 509 -28.16 23.40 -10.89
N PRO E 510 -28.07 24.73 -10.79
CA PRO E 510 -26.76 25.38 -10.73
C PRO E 510 -26.12 25.28 -9.35
N SER E 511 -24.99 25.94 -9.18
CA SER E 511 -24.27 25.90 -7.91
C SER E 511 -24.79 26.99 -6.99
N PHE E 512 -25.30 26.59 -5.83
CA PHE E 512 -25.74 27.52 -4.79
C PHE E 512 -24.62 27.65 -3.77
N GLY E 513 -23.59 28.40 -4.15
CA GLY E 513 -22.43 28.56 -3.30
C GLY E 513 -21.88 29.97 -3.32
N VAL E 514 -20.70 30.16 -2.73
CA VAL E 514 -20.09 31.47 -2.62
C VAL E 514 -19.29 31.74 -3.90
N SER E 515 -19.70 32.77 -4.65
CA SER E 515 -19.00 33.12 -5.87
C SER E 515 -17.61 33.69 -5.60
N GLY E 516 -17.32 34.07 -4.36
CA GLY E 516 -15.96 34.44 -4.00
C GLY E 516 -15.53 35.84 -4.39
N ILE E 517 -16.43 36.81 -4.29
CA ILE E 517 -16.09 38.22 -4.51
C ILE E 517 -16.08 39.00 -3.19
N ASN E 518 -17.23 39.05 -2.50
CA ASN E 518 -17.32 39.67 -1.19
C ASN E 518 -18.69 39.33 -0.61
N GLU E 519 -18.88 39.67 0.66
CA GLU E 519 -20.11 39.31 1.36
C GLU E 519 -21.35 39.76 0.58
N SER E 520 -21.49 41.08 0.40
CA SER E 520 -22.67 41.60 -0.27
C SER E 520 -22.74 41.13 -1.71
N ALA E 521 -21.61 41.12 -2.42
CA ALA E 521 -21.60 40.69 -3.80
C ALA E 521 -22.06 39.25 -3.93
N ASP E 522 -21.49 38.35 -3.12
CA ASP E 522 -21.87 36.94 -3.19
C ASP E 522 -23.33 36.76 -2.84
N MET E 523 -23.79 37.41 -1.77
CA MET E 523 -25.19 37.28 -1.39
C MET E 523 -26.11 37.72 -2.52
N SER E 524 -25.83 38.90 -3.09
CA SER E 524 -26.71 39.44 -4.13
C SER E 524 -26.71 38.53 -5.36
N VAL E 525 -25.52 38.14 -5.83
CA VAL E 525 -25.46 37.34 -7.05
C VAL E 525 -26.18 36.02 -6.84
N GLY E 526 -25.96 35.38 -5.69
CA GLY E 526 -26.58 34.09 -5.45
C GLY E 526 -28.09 34.16 -5.28
N VAL E 527 -28.57 35.17 -4.56
CA VAL E 527 -30.02 35.30 -4.41
C VAL E 527 -30.66 35.59 -5.76
N THR E 528 -30.01 36.43 -6.58
CA THR E 528 -30.51 36.67 -7.92
C THR E 528 -30.49 35.39 -8.75
N VAL E 529 -29.47 34.56 -8.56
CA VAL E 529 -29.39 33.29 -9.29
C VAL E 529 -30.58 32.41 -8.95
N ILE E 530 -30.87 32.25 -7.66
CA ILE E 530 -31.98 31.39 -7.27
C ILE E 530 -33.30 31.98 -7.76
N LYS E 531 -33.46 33.31 -7.68
CA LYS E 531 -34.66 33.94 -8.18
C LYS E 531 -34.85 33.66 -9.67
N ASN E 532 -33.80 33.88 -10.45
CA ASN E 532 -33.90 33.68 -11.89
C ASN E 532 -34.20 32.23 -12.23
N ASN E 533 -33.57 31.29 -11.52
CA ASN E 533 -33.87 29.88 -11.76
C ASN E 533 -35.33 29.58 -11.43
N MET E 534 -35.86 30.20 -10.38
CA MET E 534 -37.27 30.04 -10.06
C MET E 534 -38.15 30.58 -11.18
N ILE E 535 -37.78 31.72 -11.75
CA ILE E 535 -38.66 32.41 -12.69
C ILE E 535 -38.89 31.57 -13.94
N ASN E 536 -37.82 31.05 -14.53
CA ASN E 536 -37.89 30.44 -15.86
C ASN E 536 -37.59 28.95 -15.86
N ASN E 537 -36.51 28.52 -15.20
CA ASN E 537 -36.06 27.13 -15.28
C ASN E 537 -37.03 26.15 -14.63
N ASP E 538 -38.18 26.61 -14.12
CA ASP E 538 -39.18 25.72 -13.53
C ASP E 538 -38.60 24.98 -12.32
N LEU E 539 -38.20 25.76 -11.33
CA LEU E 539 -37.73 25.24 -10.04
C LEU E 539 -38.84 25.36 -9.02
N GLY E 540 -39.16 24.24 -8.36
CA GLY E 540 -40.23 24.22 -7.39
C GLY E 540 -39.96 25.17 -6.23
N PRO E 541 -41.02 25.63 -5.58
CA PRO E 541 -40.83 26.57 -4.46
C PRO E 541 -40.10 25.94 -3.29
N ALA E 542 -40.51 24.74 -2.90
CA ALA E 542 -39.86 24.06 -1.78
C ALA E 542 -38.40 23.77 -2.08
N THR E 543 -38.10 23.35 -3.31
CA THR E 543 -36.72 23.14 -3.70
C THR E 543 -35.93 24.44 -3.62
N ALA E 544 -36.56 25.56 -4.00
CA ALA E 544 -35.91 26.85 -3.86
C ALA E 544 -35.62 27.16 -2.39
N GLN E 545 -36.55 26.79 -1.51
CA GLN E 545 -36.34 27.03 -0.08
C GLN E 545 -35.15 26.22 0.44
N MET E 546 -35.05 24.95 0.06
CA MET E 546 -33.88 24.18 0.49
C MET E 546 -32.61 24.71 -0.15
N ALA E 547 -32.68 25.19 -1.39
CA ALA E 547 -31.51 25.80 -2.01
C ALA E 547 -31.05 27.01 -1.22
N LEU E 548 -32.00 27.84 -0.78
CA LEU E 548 -31.64 28.98 0.06
C LEU E 548 -31.06 28.54 1.40
N GLN E 549 -31.60 27.45 1.97
CA GLN E 549 -31.06 26.94 3.22
C GLN E 549 -29.61 26.52 3.08
N LEU E 550 -29.33 25.68 2.07
CA LEU E 550 -27.95 25.26 1.82
C LEU E 550 -27.08 26.45 1.49
N PHE E 551 -27.64 27.45 0.80
CA PHE E 551 -26.92 28.68 0.53
C PHE E 551 -26.48 29.35 1.81
N ILE E 552 -27.40 29.53 2.75
CA ILE E 552 -27.07 30.19 4.00
C ILE E 552 -26.00 29.39 4.74
N LYS E 553 -26.16 28.07 4.77
CA LYS E 553 -25.17 27.22 5.42
C LYS E 553 -23.79 27.44 4.83
N ASP E 554 -23.68 27.32 3.51
CA ASP E 554 -22.38 27.42 2.85
C ASP E 554 -21.79 28.82 3.01
N TYR E 555 -22.62 29.85 2.91
CA TYR E 555 -22.15 31.22 3.04
C TYR E 555 -21.58 31.46 4.43
N ARG E 556 -22.32 31.06 5.47
CA ARG E 556 -21.83 31.23 6.83
C ARG E 556 -20.55 30.43 7.06
N TYR E 557 -20.50 29.20 6.54
CA TYR E 557 -19.31 28.38 6.73
C TYR E 557 -18.10 29.01 6.05
N THR E 558 -18.28 29.53 4.83
CA THR E 558 -17.17 30.08 4.08
C THR E 558 -16.67 31.38 4.70
N TYR E 559 -17.58 32.29 5.01
CA TYR E 559 -17.19 33.61 5.52
C TYR E 559 -17.10 33.64 7.04
N ARG E 560 -17.43 32.55 7.72
CA ARG E 560 -17.33 32.48 9.18
C ARG E 560 -18.12 33.62 9.84
N CYS E 561 -19.33 33.84 9.34
CA CYS E 561 -20.25 34.83 9.90
C CYS E 561 -21.50 34.06 10.35
N HIS E 562 -21.45 33.55 11.57
CA HIS E 562 -22.53 32.73 12.12
C HIS E 562 -23.43 33.57 13.02
N ARG E 563 -24.67 33.10 13.17
CA ARG E 563 -25.62 33.81 14.02
C ARG E 563 -25.13 33.88 15.46
N GLY E 564 -25.42 34.99 16.12
CA GLY E 564 -24.94 35.17 17.49
C GLY E 564 -25.49 34.12 18.43
N ASP E 565 -26.74 33.69 18.22
CA ASP E 565 -27.34 32.69 19.11
C ASP E 565 -26.68 31.33 18.95
N THR E 566 -26.19 30.99 17.77
CA THR E 566 -25.58 29.68 17.55
C THR E 566 -24.32 29.54 18.39
N GLN E 567 -24.02 28.29 18.76
CA GLN E 567 -22.91 27.98 19.65
C GLN E 567 -21.60 27.69 18.91
N ILE E 568 -21.60 27.76 17.58
CA ILE E 568 -20.37 27.51 16.83
C ILE E 568 -19.30 28.51 17.27
N GLN E 569 -18.04 28.10 17.14
CA GLN E 569 -16.92 28.86 17.66
C GLN E 569 -15.89 29.10 16.55
N THR E 570 -15.37 30.32 16.51
CA THR E 570 -14.28 30.68 15.61
C THR E 570 -13.75 32.04 16.08
N ARG E 571 -12.62 32.44 15.49
CA ARG E 571 -12.03 33.73 15.86
C ARG E 571 -12.99 34.87 15.53
N ARG E 572 -13.50 34.89 14.30
CA ARG E 572 -14.43 35.95 13.90
C ARG E 572 -15.67 35.98 14.77
N ALA E 573 -16.01 34.88 15.43
CA ALA E 573 -17.17 34.86 16.31
C ALA E 573 -17.01 35.78 17.51
N PHE E 574 -15.77 36.11 17.89
CA PHE E 574 -15.57 36.98 19.04
C PHE E 574 -16.17 38.36 18.76
N GLU E 575 -15.59 39.09 17.81
CA GLU E 575 -16.09 40.43 17.50
C GLU E 575 -17.54 40.37 17.05
N LEU E 576 -17.86 39.39 16.19
CA LEU E 576 -19.24 39.18 15.78
C LEU E 576 -20.14 39.11 17.00
N GLY E 577 -19.74 38.33 18.01
CA GLY E 577 -20.55 38.22 19.21
C GLY E 577 -20.80 39.58 19.83
N LYS E 578 -19.75 40.40 19.93
CA LYS E 578 -19.92 41.75 20.45
C LYS E 578 -21.02 42.48 19.70
N LEU E 579 -20.99 42.41 18.38
CA LEU E 579 -22.04 43.07 17.59
C LEU E 579 -23.41 42.58 18.00
N TRP E 580 -23.57 41.26 18.15
CA TRP E 580 -24.86 40.72 18.52
C TRP E 580 -25.34 41.30 19.83
N GLU E 581 -24.43 41.60 20.75
CA GLU E 581 -24.82 42.22 22.02
C GLU E 581 -25.13 43.69 21.85
N GLN E 582 -24.38 44.39 20.98
CA GLN E 582 -24.54 45.83 20.87
C GLN E 582 -25.85 46.20 20.18
N THR E 583 -26.22 45.46 19.14
CA THR E 583 -27.40 45.82 18.35
C THR E 583 -28.67 45.70 19.18
N ARG E 584 -29.57 46.66 18.99
CA ARG E 584 -30.88 46.64 19.62
C ARG E 584 -31.93 45.92 18.77
N SER E 585 -31.63 45.62 17.52
CA SER E 585 -32.53 44.92 16.61
C SER E 585 -31.76 43.81 15.93
N LYS E 586 -32.02 42.56 16.33
CA LYS E 586 -31.30 41.43 15.76
C LYS E 586 -31.57 41.31 14.27
N ALA E 587 -32.84 41.46 13.87
CA ALA E 587 -33.18 41.29 12.46
C ALA E 587 -32.55 42.36 11.57
N GLY E 588 -32.16 43.50 12.13
CA GLY E 588 -31.55 44.53 11.32
C GLY E 588 -30.19 44.13 10.78
N LEU E 589 -29.42 43.37 11.56
CA LEU E 589 -28.08 43.00 11.17
C LEU E 589 -28.10 42.18 9.88
N LEU E 590 -27.09 42.41 9.03
CA LEU E 590 -26.92 41.62 7.82
C LEU E 590 -26.52 40.20 8.18
N VAL E 591 -26.92 39.25 7.33
CA VAL E 591 -26.55 37.85 7.54
C VAL E 591 -25.04 37.73 7.63
N SER E 592 -24.32 38.44 6.76
CA SER E 592 -22.86 38.46 6.83
C SER E 592 -22.36 39.02 8.14
N ASP E 593 -23.17 39.83 8.83
CA ASP E 593 -22.80 40.39 10.12
C ASP E 593 -23.30 39.54 11.28
N GLY E 594 -23.92 38.39 11.01
CA GLY E 594 -24.42 37.51 12.04
C GLY E 594 -25.91 37.60 12.29
N GLY E 595 -26.63 38.40 11.52
CA GLY E 595 -28.06 38.54 11.69
C GLY E 595 -28.81 37.40 11.05
N PRO E 596 -30.10 37.31 11.37
CA PRO E 596 -30.93 36.24 10.80
C PRO E 596 -31.15 36.45 9.32
N ASN E 597 -31.42 35.33 8.62
CA ASN E 597 -31.71 35.35 7.20
C ASN E 597 -33.23 35.43 7.03
N LEU E 598 -33.70 36.60 6.58
CA LEU E 598 -35.13 36.85 6.39
C LEU E 598 -35.59 36.60 4.97
N TYR E 599 -34.73 36.11 4.09
CA TYR E 599 -35.12 35.85 2.72
C TYR E 599 -36.13 34.71 2.66
N ASN E 600 -36.97 34.74 1.61
CA ASN E 600 -37.93 33.69 1.37
C ASN E 600 -38.43 33.87 -0.07
N ILE E 601 -39.33 32.98 -0.48
CA ILE E 601 -39.84 33.02 -1.85
C ILE E 601 -40.43 34.39 -2.17
N ARG E 602 -41.23 34.92 -1.24
CA ARG E 602 -41.89 36.20 -1.49
C ARG E 602 -40.87 37.31 -1.72
N ASN E 603 -39.82 37.33 -0.91
CA ASN E 603 -38.86 38.43 -0.87
C ASN E 603 -37.48 37.87 -1.22
N LEU E 604 -37.14 37.89 -2.50
CA LEU E 604 -35.85 37.39 -2.96
C LEU E 604 -35.14 38.42 -3.82
N HIS E 605 -35.91 39.22 -4.57
CA HIS E 605 -35.30 40.19 -5.49
C HIS E 605 -34.72 41.38 -4.76
N ILE E 606 -35.23 41.70 -3.57
CA ILE E 606 -34.79 42.91 -2.87
C ILE E 606 -33.34 42.74 -2.46
N PRO E 607 -32.52 43.80 -2.50
CA PRO E 607 -31.14 43.68 -1.98
C PRO E 607 -31.15 43.41 -0.48
N GLU E 608 -30.13 42.68 -0.03
CA GLU E 608 -30.01 42.37 1.39
C GLU E 608 -29.85 43.64 2.22
N VAL E 609 -29.02 44.57 1.77
CA VAL E 609 -28.82 45.81 2.51
C VAL E 609 -30.13 46.61 2.55
N CYS E 610 -30.84 46.67 1.42
CA CYS E 610 -32.09 47.39 1.38
C CYS E 610 -33.21 46.66 2.13
N LEU E 611 -33.11 45.33 2.21
CA LEU E 611 -34.13 44.56 2.92
C LEU E 611 -34.12 44.85 4.42
N LYS E 612 -32.97 45.28 4.96
CA LYS E 612 -32.82 45.55 6.38
C LYS E 612 -32.54 47.02 6.66
N TRP E 613 -32.94 47.92 5.75
CA TRP E 613 -32.58 49.32 5.90
C TRP E 613 -33.20 49.93 7.15
N GLU E 614 -34.51 49.78 7.32
CA GLU E 614 -35.18 50.41 8.44
C GLU E 614 -34.90 49.70 9.76
N LEU E 615 -34.87 48.35 9.73
CA LEU E 615 -34.62 47.61 10.96
C LEU E 615 -33.23 47.88 11.52
N MET E 616 -32.28 48.23 10.65
CA MET E 616 -30.93 48.52 11.11
C MET E 616 -30.93 49.71 12.05
N ASP E 617 -30.24 49.57 13.17
CA ASP E 617 -30.16 50.65 14.14
C ASP E 617 -29.43 51.85 13.54
N GLU E 618 -29.82 53.05 13.97
CA GLU E 618 -29.28 54.27 13.38
C GLU E 618 -27.76 54.30 13.51
N ASP E 619 -27.24 53.98 14.69
CA ASP E 619 -25.79 53.96 14.87
C ASP E 619 -25.15 52.90 13.98
N TYR E 620 -25.76 51.72 13.89
CA TYR E 620 -25.25 50.68 12.99
C TYR E 620 -25.29 51.15 11.55
N GLN E 621 -26.38 51.80 11.15
CA GLN E 621 -26.47 52.32 9.78
C GLN E 621 -25.35 53.31 9.50
N GLY E 622 -25.10 54.21 10.43
CA GLY E 622 -24.04 55.20 10.23
C GLY E 622 -22.67 54.56 10.15
N ARG E 623 -22.39 53.62 11.06
CA ARG E 623 -21.07 52.97 11.05
C ARG E 623 -20.86 52.16 9.78
N LEU E 624 -21.87 51.41 9.35
CA LEU E 624 -21.70 50.49 8.24
C LEU E 624 -21.39 51.22 6.94
N CYS E 625 -22.17 52.25 6.63
CA CYS E 625 -22.08 52.95 5.35
C CYS E 625 -21.30 54.25 5.45
N ASN E 626 -20.27 54.30 6.26
CA ASN E 626 -19.45 55.50 6.37
C ASN E 626 -18.61 55.65 5.11
N PRO E 627 -18.76 56.74 4.34
CA PRO E 627 -17.94 56.88 3.13
C PRO E 627 -16.45 57.00 3.40
N MET E 628 -16.06 57.52 4.57
CA MET E 628 -14.67 57.75 4.88
C MET E 628 -13.97 56.49 5.42
N ASN E 629 -14.54 55.31 5.19
CA ASN E 629 -13.92 54.10 5.69
C ASN E 629 -12.59 53.85 4.97
N PRO E 630 -11.62 53.21 5.65
CA PRO E 630 -10.31 52.98 5.03
C PRO E 630 -10.28 51.80 4.08
N PHE E 631 -11.34 50.99 4.03
CA PHE E 631 -11.32 49.77 3.23
C PHE E 631 -11.48 50.07 1.74
N VAL E 632 -12.26 51.09 1.41
CA VAL E 632 -12.53 51.46 0.02
C VAL E 632 -11.87 52.80 -0.25
N SER E 633 -11.07 52.85 -1.31
CA SER E 633 -10.36 54.07 -1.68
C SER E 633 -11.35 55.13 -2.17
N GLU E 656 -24.11 41.97 -14.08
CA GLU E 656 -23.77 42.61 -12.81
C GLU E 656 -24.77 42.21 -11.73
N TYR E 657 -24.61 42.78 -10.54
CA TYR E 657 -25.46 42.48 -9.39
C TYR E 657 -25.99 43.77 -8.79
N ASP E 658 -27.12 43.66 -8.09
CA ASP E 658 -27.76 44.80 -7.44
C ASP E 658 -27.43 44.75 -5.95
N ALA E 659 -26.63 45.71 -5.49
CA ALA E 659 -26.20 45.74 -4.10
C ALA E 659 -25.86 47.17 -3.73
N VAL E 660 -25.76 47.42 -2.42
CA VAL E 660 -25.46 48.73 -1.88
C VAL E 660 -23.98 48.81 -1.58
N ALA E 661 -23.44 50.04 -1.59
CA ALA E 661 -22.01 50.27 -1.40
C ALA E 661 -21.69 50.39 0.09
N THR E 662 -21.83 49.26 0.78
CA THR E 662 -21.54 49.18 2.20
C THR E 662 -20.05 48.91 2.41
N THR E 663 -19.63 48.90 3.67
CA THR E 663 -18.25 48.58 4.03
C THR E 663 -17.95 47.09 3.89
N HIS E 664 -18.97 46.23 3.80
CA HIS E 664 -18.75 44.80 3.61
C HIS E 664 -18.27 44.47 2.20
N SER E 665 -18.28 45.43 1.29
CA SER E 665 -17.81 45.22 -0.09
C SER E 665 -16.36 45.68 -0.17
N TRP E 666 -15.44 44.72 -0.16
CA TRP E 666 -14.01 44.99 -0.31
C TRP E 666 -13.44 44.05 -1.36
N ILE E 667 -12.26 44.41 -1.86
CA ILE E 667 -11.55 43.62 -2.86
C ILE E 667 -10.59 42.69 -2.13
N PRO E 668 -10.70 41.36 -2.30
CA PRO E 668 -9.77 40.47 -1.60
C PRO E 668 -8.34 40.69 -2.08
N LYS E 669 -7.41 40.51 -1.14
CA LYS E 669 -5.99 40.66 -1.45
C LYS E 669 -5.54 39.59 -2.43
N LYS F 41 -16.97 27.04 -9.13
CA LYS F 41 -16.16 26.03 -8.47
C LYS F 41 -14.88 26.64 -7.92
N ASN F 42 -13.99 27.05 -8.83
CA ASN F 42 -12.70 27.59 -8.42
C ASN F 42 -12.85 28.79 -7.49
N PRO F 43 -13.68 29.79 -7.79
CA PRO F 43 -13.77 30.96 -6.90
C PRO F 43 -14.20 30.60 -5.48
N ALA F 44 -15.14 29.66 -5.33
CA ALA F 44 -15.62 29.31 -4.00
C ALA F 44 -14.50 28.73 -3.15
N LEU F 45 -13.77 27.75 -3.69
CA LEU F 45 -12.65 27.17 -2.94
C LEU F 45 -11.57 28.21 -2.69
N ARG F 46 -11.28 29.05 -3.68
CA ARG F 46 -10.25 30.07 -3.50
C ARG F 46 -10.61 31.00 -2.35
N MET F 47 -11.86 31.45 -2.29
CA MET F 47 -12.26 32.35 -1.22
C MET F 47 -12.27 31.64 0.12
N LYS F 48 -12.77 30.39 0.15
CA LYS F 48 -12.76 29.63 1.40
C LYS F 48 -11.36 29.52 1.97
N TRP F 49 -10.38 29.24 1.11
CA TRP F 49 -9.01 29.08 1.58
C TRP F 49 -8.38 30.43 1.90
N MET F 50 -8.69 31.46 1.11
CA MET F 50 -8.10 32.78 1.32
C MET F 50 -8.53 33.37 2.65
N MET F 51 -9.81 33.20 3.01
CA MET F 51 -10.29 33.74 4.28
C MET F 51 -9.63 33.06 5.48
N ALA F 52 -8.99 31.91 5.28
CA ALA F 52 -8.40 31.18 6.39
C ALA F 52 -7.26 31.96 7.04
N MET F 53 -6.39 32.57 6.23
CA MET F 53 -5.21 33.22 6.77
C MET F 53 -5.60 34.38 7.69
N LYS F 54 -4.61 34.90 8.41
CA LYS F 54 -4.87 35.86 9.47
C LYS F 54 -5.25 37.23 8.91
N TYR F 55 -4.60 37.66 7.82
CA TYR F 55 -4.80 38.99 7.25
C TYR F 55 -5.10 38.86 5.77
N PRO F 56 -6.28 38.37 5.42
CA PRO F 56 -6.65 38.21 4.00
C PRO F 56 -7.17 39.47 3.35
N ILE F 57 -7.33 40.57 4.09
CA ILE F 57 -7.94 41.78 3.57
C ILE F 57 -6.84 42.78 3.23
N THR F 58 -7.12 43.64 2.25
CA THR F 58 -6.21 44.72 1.87
C THR F 58 -6.92 46.05 2.04
N ALA F 59 -6.25 46.99 2.71
CA ALA F 59 -6.85 48.28 3.01
C ALA F 59 -5.79 49.38 2.86
N ASP F 60 -6.25 50.61 2.76
CA ASP F 60 -5.33 51.73 2.60
C ASP F 60 -4.52 51.95 3.88
N LYS F 61 -3.41 52.68 3.72
CA LYS F 61 -2.49 52.88 4.83
C LYS F 61 -3.09 53.77 5.94
N ARG F 62 -4.06 54.62 5.61
CA ARG F 62 -4.58 55.55 6.61
C ARG F 62 -5.08 54.82 7.86
N ILE F 63 -5.61 53.61 7.68
CA ILE F 63 -6.14 52.86 8.81
C ILE F 63 -5.12 52.68 9.92
N MET F 64 -3.82 52.74 9.59
CA MET F 64 -2.80 52.60 10.61
C MET F 64 -2.98 53.66 11.70
N GLU F 65 -3.26 54.89 11.31
CA GLU F 65 -3.36 56.02 12.23
C GLU F 65 -4.81 56.38 12.53
N MET F 66 -5.71 55.40 12.50
CA MET F 66 -7.12 55.65 12.79
C MET F 66 -7.76 54.63 13.73
N ILE F 67 -7.22 53.43 13.85
CA ILE F 67 -7.83 52.38 14.68
C ILE F 67 -6.75 51.80 15.59
N PRO F 68 -7.15 51.18 16.70
CA PRO F 68 -6.16 50.68 17.64
C PRO F 68 -5.27 49.60 17.02
N GLU F 69 -4.03 49.53 17.52
CA GLU F 69 -3.07 48.58 16.98
C GLU F 69 -3.50 47.14 17.18
N ARG F 70 -4.42 46.88 18.10
CA ARG F 70 -4.91 45.53 18.35
C ARG F 70 -6.31 45.63 18.94
N ASN F 71 -6.83 44.51 19.43
CA ASN F 71 -8.15 44.43 20.01
C ASN F 71 -8.07 44.35 21.53
N GLU F 72 -9.23 44.40 22.17
CA GLU F 72 -9.28 44.26 23.63
C GLU F 72 -8.70 42.93 24.09
N GLN F 73 -8.72 41.92 23.23
CA GLN F 73 -8.11 40.62 23.52
C GLN F 73 -6.66 40.54 23.06
N ARG F 74 -6.09 41.65 22.62
CA ARG F 74 -4.72 41.79 22.11
C ARG F 74 -4.61 41.31 20.67
N GLN F 75 -5.71 40.90 20.03
CA GLN F 75 -5.66 40.47 18.64
C GLN F 75 -5.29 41.65 17.75
N THR F 76 -4.36 41.43 16.82
CA THR F 76 -3.91 42.48 15.93
C THR F 76 -4.90 42.66 14.78
N LEU F 77 -5.26 43.91 14.51
CA LEU F 77 -6.24 44.23 13.47
C LEU F 77 -5.59 44.61 12.14
N TRP F 78 -4.27 44.59 12.04
CA TRP F 78 -3.60 44.87 10.78
C TRP F 78 -2.26 44.17 10.76
N SER F 79 -1.61 44.22 9.59
CA SER F 79 -0.26 43.70 9.42
C SER F 79 0.57 44.72 8.67
N LYS F 80 1.86 44.81 9.02
CA LYS F 80 2.73 45.80 8.41
C LYS F 80 3.01 45.52 6.94
N THR F 81 2.70 44.32 6.46
CA THR F 81 2.97 43.98 5.07
C THR F 81 2.12 44.84 4.13
N ASN F 82 2.73 45.27 3.03
CA ASN F 82 2.07 46.10 2.04
C ASN F 82 1.72 45.26 0.81
N ASP F 83 0.54 45.51 0.26
CA ASP F 83 0.06 44.72 -0.87
C ASP F 83 1.03 44.81 -2.04
N ALA F 84 1.28 43.66 -2.67
CA ALA F 84 2.19 43.62 -3.81
C ALA F 84 1.68 44.51 -4.94
N GLY F 85 2.56 45.31 -5.50
CA GLY F 85 2.20 46.21 -6.57
C GLY F 85 1.50 47.48 -6.14
N SER F 86 1.40 47.73 -4.83
CA SER F 86 0.73 48.91 -4.32
C SER F 86 1.23 49.17 -2.90
N ASP F 87 0.71 50.23 -2.28
CA ASP F 87 1.08 50.61 -0.93
C ASP F 87 0.05 50.23 0.12
N ARG F 88 -1.06 49.61 -0.28
CA ARG F 88 -2.07 49.21 0.68
C ARG F 88 -1.51 48.15 1.63
N VAL F 89 -1.83 48.30 2.91
CA VAL F 89 -1.41 47.33 3.91
C VAL F 89 -2.40 46.16 3.95
N MET F 90 -1.96 45.06 4.56
CA MET F 90 -2.81 43.89 4.77
C MET F 90 -3.38 43.91 6.17
N VAL F 91 -4.70 43.77 6.28
CA VAL F 91 -5.42 43.71 7.53
C VAL F 91 -6.32 42.48 7.53
N SER F 92 -7.08 42.31 8.59
CA SER F 92 -7.93 41.15 8.80
C SER F 92 -9.40 41.54 8.84
N PRO F 93 -10.30 40.62 8.52
CA PRO F 93 -11.74 40.92 8.64
C PRO F 93 -12.18 41.22 10.06
N LEU F 94 -11.39 40.83 11.06
CA LEU F 94 -11.66 41.27 12.42
C LEU F 94 -11.69 42.78 12.49
N ALA F 95 -10.86 43.45 11.70
CA ALA F 95 -10.93 44.91 11.61
C ALA F 95 -12.26 45.35 11.00
N VAL F 96 -12.76 44.60 10.03
CA VAL F 96 -14.07 44.92 9.45
C VAL F 96 -15.14 44.86 10.53
N THR F 97 -15.13 43.80 11.33
CA THR F 97 -16.13 43.67 12.40
C THR F 97 -15.95 44.76 13.45
N TRP F 98 -14.70 45.11 13.77
CA TRP F 98 -14.45 46.17 14.74
C TRP F 98 -15.02 47.51 14.25
N TRP F 99 -14.77 47.83 12.98
CA TRP F 99 -15.33 49.06 12.42
C TRP F 99 -16.84 49.01 12.40
N ASN F 100 -17.41 47.83 12.09
CA ASN F 100 -18.86 47.70 12.06
C ASN F 100 -19.47 47.91 13.43
N ARG F 101 -18.82 47.41 14.49
CA ARG F 101 -19.44 47.41 15.80
C ARG F 101 -19.18 48.71 16.56
N ASN F 102 -17.96 49.27 16.47
CA ASN F 102 -17.63 50.45 17.24
C ASN F 102 -16.79 51.45 16.45
N GLY F 103 -16.91 51.43 15.13
CA GLY F 103 -16.23 52.40 14.30
C GLY F 103 -16.89 53.76 14.39
N PRO F 104 -16.17 54.81 14.02
CA PRO F 104 -16.78 56.16 14.04
C PRO F 104 -18.01 56.21 13.15
N THR F 105 -19.01 56.96 13.60
CA THR F 105 -20.30 57.04 12.93
C THR F 105 -20.43 58.37 12.20
N THR F 106 -21.24 58.37 11.14
CA THR F 106 -21.47 59.54 10.31
C THR F 106 -22.96 59.69 10.04
N SER F 107 -23.35 60.88 9.60
CA SER F 107 -24.74 61.13 9.24
C SER F 107 -25.09 60.42 7.94
N THR F 108 -26.25 59.77 7.94
CA THR F 108 -26.73 59.03 6.76
C THR F 108 -27.52 59.99 5.88
N VAL F 109 -26.85 60.58 4.88
CA VAL F 109 -27.47 61.50 3.96
C VAL F 109 -27.12 61.08 2.54
N HIS F 110 -27.99 61.47 1.60
CA HIS F 110 -27.82 61.18 0.18
C HIS F 110 -28.06 59.71 -0.13
N TYR F 111 -28.25 58.88 0.89
CA TYR F 111 -28.50 57.46 0.69
C TYR F 111 -29.97 57.21 0.33
N PRO F 112 -30.92 57.67 1.15
CA PRO F 112 -32.33 57.48 0.77
C PRO F 112 -32.69 58.13 -0.55
N LYS F 113 -32.09 59.28 -0.87
CA LYS F 113 -32.44 59.96 -2.11
C LYS F 113 -31.79 59.31 -3.33
N VAL F 114 -30.56 58.81 -3.19
CA VAL F 114 -29.88 58.23 -4.34
C VAL F 114 -30.52 56.90 -4.74
N TYR F 115 -30.82 56.05 -3.75
CA TYR F 115 -31.39 54.73 -4.02
C TYR F 115 -32.91 54.86 -4.12
N LYS F 116 -33.36 55.30 -5.29
CA LYS F 116 -34.78 55.47 -5.57
C LYS F 116 -35.42 54.26 -6.21
N THR F 117 -34.66 53.19 -6.46
CA THR F 117 -35.17 52.03 -7.19
C THR F 117 -35.60 50.90 -6.26
N TYR F 118 -34.67 50.41 -5.43
CA TYR F 118 -34.99 49.26 -4.59
C TYR F 118 -35.90 49.65 -3.43
N PHE F 119 -35.87 50.92 -3.01
CA PHE F 119 -36.77 51.37 -1.95
C PHE F 119 -38.22 51.24 -2.39
N GLU F 120 -38.52 51.60 -3.64
CA GLU F 120 -39.89 51.40 -4.14
C GLU F 120 -40.24 49.92 -4.16
N LYS F 121 -39.28 49.05 -4.48
CA LYS F 121 -39.54 47.62 -4.44
C LYS F 121 -39.92 47.19 -3.03
N VAL F 122 -39.19 47.66 -2.03
CA VAL F 122 -39.50 47.32 -0.64
C VAL F 122 -40.89 47.82 -0.28
N GLU F 123 -41.20 49.07 -0.65
CA GLU F 123 -42.50 49.63 -0.32
C GLU F 123 -43.62 48.82 -0.97
N ARG F 124 -43.47 48.49 -2.25
CA ARG F 124 -44.50 47.73 -2.95
C ARG F 124 -44.69 46.36 -2.32
N LEU F 125 -43.59 45.69 -1.98
CA LEU F 125 -43.70 44.35 -1.42
C LEU F 125 -44.37 44.39 -0.04
N LYS F 126 -43.87 45.25 0.85
CA LYS F 126 -44.38 45.26 2.22
C LYS F 126 -45.82 45.76 2.26
N HIS F 127 -46.13 46.82 1.51
CA HIS F 127 -47.48 47.38 1.51
C HIS F 127 -48.44 46.61 0.62
N GLY F 128 -47.96 45.61 -0.13
CA GLY F 128 -48.81 44.82 -0.98
C GLY F 128 -49.61 43.79 -0.18
N THR F 129 -50.50 43.10 -0.90
CA THR F 129 -51.35 42.09 -0.29
C THR F 129 -51.22 40.77 -1.02
N PHE F 130 -52.06 39.80 -0.69
CA PHE F 130 -52.03 38.48 -1.30
C PHE F 130 -53.46 37.98 -1.45
N GLY F 131 -53.61 36.73 -1.87
CA GLY F 131 -54.92 36.14 -2.08
C GLY F 131 -54.86 34.64 -2.26
N PRO F 132 -56.00 34.02 -2.53
CA PRO F 132 -56.03 32.56 -2.69
C PRO F 132 -55.20 32.12 -3.87
N VAL F 133 -54.66 30.91 -3.78
CA VAL F 133 -53.82 30.33 -4.81
C VAL F 133 -54.60 29.23 -5.52
N HIS F 134 -54.67 29.31 -6.84
CA HIS F 134 -55.41 28.36 -7.66
C HIS F 134 -54.42 27.51 -8.44
N PHE F 135 -54.62 26.20 -8.41
CA PHE F 135 -53.70 25.26 -9.04
C PHE F 135 -54.13 24.99 -10.48
N ARG F 136 -53.88 26.00 -11.33
CA ARG F 136 -54.18 25.90 -12.75
C ARG F 136 -53.26 26.84 -13.52
N ASN F 137 -52.67 26.33 -14.59
CA ASN F 137 -51.81 27.14 -15.44
C ASN F 137 -51.44 26.37 -16.71
N VAL F 227 -44.93 46.60 -11.89
CA VAL F 227 -45.55 46.07 -10.69
C VAL F 227 -45.52 44.55 -10.71
N TYR F 228 -45.83 43.97 -11.87
CA TYR F 228 -45.82 42.53 -12.05
C TYR F 228 -44.57 42.05 -12.78
N ILE F 229 -43.54 42.89 -12.90
CA ILE F 229 -42.31 42.52 -13.59
C ILE F 229 -41.21 42.08 -12.63
N GLU F 230 -41.46 42.13 -11.31
CA GLU F 230 -40.47 41.75 -10.32
C GLU F 230 -41.02 40.75 -9.31
N VAL F 231 -42.16 40.12 -9.60
CA VAL F 231 -42.82 39.21 -8.67
C VAL F 231 -43.17 37.94 -9.45
N LEU F 232 -42.52 37.76 -10.59
CA LEU F 232 -42.90 36.68 -11.52
C LEU F 232 -42.98 35.33 -10.80
N HIS F 233 -42.02 35.04 -9.93
CA HIS F 233 -42.00 33.73 -9.28
C HIS F 233 -43.27 33.51 -8.47
N LEU F 234 -43.70 34.52 -7.71
CA LEU F 234 -44.89 34.35 -6.87
C LEU F 234 -46.15 34.18 -7.72
N THR F 235 -46.35 35.08 -8.68
CA THR F 235 -47.60 35.07 -9.43
C THR F 235 -47.77 33.78 -10.22
N GLN F 236 -46.71 33.30 -10.86
CA GLN F 236 -46.78 32.17 -11.76
C GLN F 236 -45.79 31.10 -11.34
N GLY F 237 -46.22 29.84 -11.41
CA GLY F 237 -45.37 28.72 -11.10
C GLY F 237 -45.56 27.56 -12.06
N THR F 238 -45.28 26.35 -11.61
CA THR F 238 -45.41 25.18 -12.47
C THR F 238 -46.84 25.07 -13.01
N CYS F 239 -47.80 24.87 -12.11
CA CYS F 239 -49.19 24.67 -12.51
C CYS F 239 -50.16 25.38 -11.58
N TRP F 240 -49.76 26.51 -11.00
CA TRP F 240 -50.60 27.23 -10.05
C TRP F 240 -50.44 28.73 -10.23
N GLU F 241 -51.46 29.45 -9.78
CA GLU F 241 -51.49 30.92 -9.85
C GLU F 241 -51.74 31.48 -8.46
N GLN F 242 -51.03 32.56 -8.14
CA GLN F 242 -51.12 33.20 -6.82
C GLN F 242 -51.27 34.70 -7.02
N MET F 243 -52.45 35.23 -6.70
CA MET F 243 -52.70 36.66 -6.88
C MET F 243 -51.83 37.48 -5.95
N TYR F 244 -51.53 38.70 -6.39
CA TYR F 244 -50.73 39.64 -5.61
C TYR F 244 -50.93 41.04 -6.16
N THR F 245 -51.26 41.97 -5.29
CA THR F 245 -51.44 43.38 -5.66
C THR F 245 -50.44 44.23 -4.88
N PRO F 246 -49.36 44.70 -5.49
CA PRO F 246 -48.37 45.49 -4.75
C PRO F 246 -48.98 46.77 -4.23
N GLY F 247 -48.19 47.48 -3.41
CA GLY F 247 -48.69 48.65 -2.72
C GLY F 247 -48.13 49.96 -3.23
N GLY F 248 -47.17 50.52 -2.50
CA GLY F 248 -46.68 51.86 -2.76
C GLY F 248 -47.07 52.80 -1.64
N GLU F 249 -47.53 54.01 -1.98
CA GLU F 249 -48.08 54.95 -0.99
C GLU F 249 -49.43 55.43 -1.53
N VAL F 250 -50.46 54.61 -1.30
CA VAL F 250 -51.82 54.92 -1.75
C VAL F 250 -52.82 54.27 -0.80
N ARG F 251 -54.11 54.47 -1.07
CA ARG F 251 -55.19 53.73 -0.43
C ARG F 251 -55.60 54.34 0.90
N ASN F 252 -56.25 53.55 1.75
CA ASN F 252 -56.93 54.07 2.94
C ASN F 252 -55.92 54.36 4.05
N ASP F 253 -56.44 54.64 5.24
CA ASP F 253 -55.61 55.04 6.38
C ASP F 253 -55.23 53.82 7.22
N ASP F 254 -54.40 54.06 8.23
CA ASP F 254 -53.86 52.96 9.04
C ASP F 254 -54.94 52.29 9.87
N VAL F 255 -55.77 53.09 10.55
CA VAL F 255 -56.71 52.53 11.52
C VAL F 255 -57.73 51.63 10.83
N ASP F 256 -58.28 52.09 9.70
CA ASP F 256 -59.29 51.31 9.00
C ASP F 256 -58.72 50.00 8.48
N GLN F 257 -57.54 50.05 7.87
CA GLN F 257 -56.93 48.83 7.36
C GLN F 257 -56.60 47.86 8.48
N SER F 258 -56.06 48.38 9.59
CA SER F 258 -55.74 47.52 10.73
C SER F 258 -56.99 46.86 11.28
N LEU F 259 -58.07 47.62 11.44
CA LEU F 259 -59.31 47.04 11.93
C LEU F 259 -59.83 45.98 10.97
N ILE F 260 -59.78 46.26 9.67
CA ILE F 260 -60.30 45.31 8.68
C ILE F 260 -59.50 44.01 8.73
N ILE F 261 -58.17 44.11 8.76
CA ILE F 261 -57.35 42.90 8.77
C ILE F 261 -57.55 42.11 10.06
N ALA F 262 -57.61 42.82 11.20
CA ALA F 262 -57.82 42.13 12.47
C ALA F 262 -59.16 41.40 12.48
N ALA F 263 -60.22 42.07 12.05
CA ALA F 263 -61.53 41.42 12.00
C ALA F 263 -61.51 40.23 11.06
N ARG F 264 -60.84 40.37 9.91
CA ARG F 264 -60.74 39.26 8.97
C ARG F 264 -60.10 38.05 9.62
N ASN F 265 -58.97 38.26 10.31
CA ASN F 265 -58.29 37.14 10.96
C ASN F 265 -59.17 36.52 12.04
N ILE F 266 -59.80 37.34 12.87
CA ILE F 266 -60.62 36.82 13.96
C ILE F 266 -61.76 35.98 13.40
N VAL F 267 -62.47 36.51 12.40
CA VAL F 267 -63.59 35.77 11.83
C VAL F 267 -63.13 34.48 11.18
N ARG F 268 -62.03 34.55 10.42
CA ARG F 268 -61.55 33.37 9.71
C ARG F 268 -61.17 32.26 10.69
N ARG F 269 -60.51 32.62 11.81
CA ARG F 269 -60.17 31.59 12.78
C ARG F 269 -61.41 31.08 13.51
N ALA F 270 -62.32 31.99 13.89
CA ALA F 270 -63.52 31.57 14.59
C ALA F 270 -64.41 30.67 13.75
N THR F 271 -64.27 30.73 12.43
CA THR F 271 -65.06 29.84 11.57
C THR F 271 -64.91 28.39 11.99
N VAL F 272 -63.72 27.99 12.44
CA VAL F 272 -63.42 26.59 12.72
C VAL F 272 -63.44 26.28 14.21
N SER F 273 -63.79 27.23 15.06
CA SER F 273 -63.79 26.98 16.49
C SER F 273 -64.95 26.05 16.87
N ALA F 274 -64.94 25.61 18.13
CA ALA F 274 -66.00 24.74 18.62
C ALA F 274 -67.36 25.42 18.50
N ASP F 275 -67.43 26.69 18.91
CA ASP F 275 -68.62 27.51 18.72
C ASP F 275 -68.17 28.89 18.27
N PRO F 276 -68.43 29.30 17.03
CA PRO F 276 -67.85 30.55 16.53
C PRO F 276 -68.28 31.78 17.31
N LEU F 277 -69.49 31.80 17.87
CA LEU F 277 -70.01 33.02 18.48
C LEU F 277 -69.23 33.37 19.75
N ALA F 278 -69.24 32.46 20.73
CA ALA F 278 -68.54 32.73 21.99
C ALA F 278 -67.04 32.89 21.75
N SER F 279 -66.47 32.06 20.87
CA SER F 279 -65.05 32.17 20.58
C SER F 279 -64.73 33.55 20.01
N LEU F 280 -65.53 34.02 19.05
CA LEU F 280 -65.31 35.32 18.44
C LEU F 280 -65.43 36.43 19.47
N LEU F 281 -66.42 36.32 20.36
CA LEU F 281 -66.54 37.32 21.41
C LEU F 281 -65.30 37.34 22.29
N GLU F 282 -64.78 36.16 22.63
CA GLU F 282 -63.58 36.09 23.45
C GLU F 282 -62.39 36.74 22.74
N MET F 283 -62.20 36.44 21.46
CA MET F 283 -61.08 37.04 20.73
C MET F 283 -61.24 38.55 20.65
N CYS F 284 -62.45 39.04 20.38
CA CYS F 284 -62.66 40.48 20.28
C CYS F 284 -62.38 41.16 21.61
N HIS F 285 -62.82 40.56 22.71
CA HIS F 285 -62.59 41.15 24.03
C HIS F 285 -61.18 40.91 24.56
N SER F 286 -60.38 40.08 23.89
CA SER F 286 -59.04 39.75 24.33
C SER F 286 -58.00 40.17 23.30
N THR F 287 -58.22 41.32 22.65
CA THR F 287 -57.27 41.83 21.67
C THR F 287 -57.44 43.33 21.58
N GLN F 288 -56.39 44.00 21.07
CA GLN F 288 -56.38 45.44 20.91
C GLN F 288 -55.69 45.80 19.61
N ILE F 289 -55.93 47.02 19.14
CA ILE F 289 -55.39 47.53 17.89
C ILE F 289 -54.50 48.71 18.19
N GLY F 290 -53.21 48.58 17.89
CA GLY F 290 -52.28 49.70 18.06
C GLY F 290 -52.23 50.23 19.48
N GLY F 291 -52.27 49.34 20.47
CA GLY F 291 -52.25 49.75 21.85
C GLY F 291 -53.56 50.26 22.39
N VAL F 292 -54.63 50.23 21.59
CA VAL F 292 -55.95 50.70 22.00
C VAL F 292 -56.94 49.55 21.80
N ARG F 293 -57.76 49.29 22.82
CA ARG F 293 -58.71 48.20 22.75
C ARG F 293 -59.62 48.37 21.54
N MET F 294 -59.80 47.29 20.78
CA MET F 294 -60.53 47.36 19.52
C MET F 294 -62.01 47.70 19.72
N VAL F 295 -62.56 47.46 20.91
CA VAL F 295 -63.97 47.77 21.14
C VAL F 295 -64.21 49.28 21.05
N ASP F 296 -63.30 50.08 21.60
CA ASP F 296 -63.46 51.52 21.52
C ASP F 296 -63.45 52.00 20.08
N ILE F 297 -62.53 51.48 19.27
CA ILE F 297 -62.48 51.84 17.86
C ILE F 297 -63.77 51.41 17.17
N LEU F 298 -64.22 50.18 17.43
CA LEU F 298 -65.45 49.69 16.83
C LEU F 298 -66.61 50.61 17.13
N ARG F 299 -66.72 51.06 18.37
CA ARG F 299 -67.85 51.91 18.77
C ARG F 299 -67.69 53.33 18.23
N GLN F 300 -66.46 53.81 18.05
CA GLN F 300 -66.21 55.19 17.63
C GLN F 300 -65.71 55.29 16.19
N ASN F 301 -65.74 54.21 15.43
CA ASN F 301 -65.29 54.21 14.04
C ASN F 301 -66.44 53.83 13.13
N PRO F 302 -66.77 54.64 12.12
CA PRO F 302 -67.82 54.26 11.17
C PRO F 302 -67.35 53.44 9.97
N THR F 303 -66.13 52.90 10.00
CA THR F 303 -65.64 52.11 8.88
C THR F 303 -66.52 50.89 8.67
N GLU F 304 -66.77 50.56 7.39
CA GLU F 304 -67.62 49.43 7.02
C GLU F 304 -66.78 48.37 6.33
N GLU F 305 -66.96 47.13 6.75
CA GLU F 305 -66.33 45.99 6.08
C GLU F 305 -67.08 44.73 6.49
N GLN F 306 -66.96 43.70 5.65
CA GLN F 306 -67.67 42.44 5.92
C GLN F 306 -67.27 41.86 7.27
N ALA F 307 -65.96 41.72 7.50
CA ALA F 307 -65.51 41.19 8.79
C ALA F 307 -65.86 42.13 9.93
N VAL F 308 -65.67 43.43 9.74
CA VAL F 308 -66.01 44.40 10.78
C VAL F 308 -67.51 44.38 11.05
N ASP F 309 -68.31 44.31 9.99
CA ASP F 309 -69.76 44.25 10.18
C ASP F 309 -70.18 42.99 10.92
N ILE F 310 -69.57 41.85 10.58
CA ILE F 310 -69.90 40.61 11.29
C ILE F 310 -69.52 40.71 12.75
N CYS F 311 -68.35 41.27 13.05
CA CYS F 311 -67.94 41.43 14.43
C CYS F 311 -68.88 42.35 15.19
N LYS F 312 -69.31 43.45 14.56
CA LYS F 312 -70.27 44.34 15.20
C LYS F 312 -71.59 43.63 15.46
N ALA F 313 -72.07 42.86 14.49
CA ALA F 313 -73.33 42.14 14.67
C ALA F 313 -73.23 41.14 15.81
N ALA F 314 -72.13 40.39 15.87
CA ALA F 314 -71.93 39.46 16.97
C ALA F 314 -71.87 40.21 18.30
N MET F 315 -71.25 41.38 18.31
CA MET F 315 -71.22 42.20 19.52
C MET F 315 -72.59 42.77 19.88
N GLY F 316 -73.57 42.67 18.98
CA GLY F 316 -74.91 43.14 19.24
C GLY F 316 -75.16 44.59 18.89
N LEU F 317 -74.18 45.29 18.34
CA LEU F 317 -74.36 46.69 17.96
C LEU F 317 -75.12 46.75 16.63
N ARG F 318 -75.23 47.95 16.07
CA ARG F 318 -75.96 48.15 14.82
C ARG F 318 -75.03 48.05 13.63
N ILE F 319 -75.53 47.46 12.55
CA ILE F 319 -74.75 47.25 11.33
C ILE F 319 -75.50 47.88 10.16
N SER F 320 -74.78 48.04 9.05
CA SER F 320 -75.35 48.68 7.87
C SER F 320 -76.52 47.86 7.33
N SER F 321 -77.52 48.57 6.80
CA SER F 321 -78.69 47.89 6.23
C SER F 321 -78.29 47.02 5.05
N SER F 322 -77.42 47.52 4.18
CA SER F 322 -76.98 46.76 3.02
C SER F 322 -76.29 45.47 3.47
N PHE F 323 -76.49 44.40 2.71
CA PHE F 323 -76.00 43.08 3.09
C PHE F 323 -74.86 42.68 2.15
N SER F 324 -73.75 42.23 2.73
CA SER F 324 -72.56 41.89 1.94
C SER F 324 -72.73 40.47 1.40
N PHE F 325 -72.90 40.35 0.09
CA PHE F 325 -73.05 39.06 -0.58
C PHE F 325 -72.14 39.02 -1.79
N GLY F 326 -71.59 37.84 -2.07
CA GLY F 326 -70.75 37.69 -3.24
C GLY F 326 -69.56 38.61 -3.28
N GLY F 327 -69.10 39.10 -2.12
CA GLY F 327 -67.97 40.00 -2.07
C GLY F 327 -68.32 41.45 -2.30
N PHE F 328 -69.58 41.78 -2.60
CA PHE F 328 -70.01 43.16 -2.81
C PHE F 328 -71.20 43.46 -1.92
N THR F 329 -71.36 44.74 -1.60
CA THR F 329 -72.45 45.17 -0.73
C THR F 329 -73.72 45.39 -1.54
N PHE F 330 -74.81 44.74 -1.13
CA PHE F 330 -76.09 44.84 -1.81
C PHE F 330 -76.95 45.84 -1.05
N LYS F 331 -77.37 46.91 -1.74
CA LYS F 331 -78.21 47.95 -1.14
C LYS F 331 -79.50 48.05 -1.96
N ARG F 332 -80.62 47.72 -1.34
CA ARG F 332 -81.91 47.86 -2.00
C ARG F 332 -82.34 49.33 -1.99
N THR F 333 -82.81 49.81 -3.15
CA THR F 333 -83.26 51.20 -3.23
C THR F 333 -84.56 51.36 -4.00
N SER F 334 -85.20 50.27 -4.41
CA SER F 334 -86.53 50.35 -5.01
C SER F 334 -87.05 48.94 -5.24
N GLY F 335 -88.37 48.80 -5.18
CA GLY F 335 -89.00 47.51 -5.33
C GLY F 335 -88.98 46.70 -4.04
N SER F 336 -89.66 45.55 -4.10
CA SER F 336 -89.76 44.67 -2.95
C SER F 336 -90.10 43.27 -3.43
N SER F 337 -89.92 42.30 -2.55
CA SER F 337 -90.20 40.91 -2.88
C SER F 337 -90.52 40.13 -1.62
N VAL F 338 -91.10 38.95 -1.81
CA VAL F 338 -91.46 38.06 -0.72
C VAL F 338 -90.80 36.71 -0.95
N LYS F 339 -90.52 36.01 0.14
CA LYS F 339 -89.75 34.78 0.11
C LYS F 339 -90.67 33.57 -0.04
N ARG F 340 -90.32 32.67 -0.96
CA ARG F 340 -91.06 31.44 -1.17
C ARG F 340 -90.07 30.28 -1.24
N GLU F 341 -90.46 29.14 -0.69
CA GLU F 341 -89.61 27.95 -0.69
C GLU F 341 -89.85 27.16 -1.97
N GLU F 342 -88.81 27.03 -2.79
CA GLU F 342 -88.91 26.35 -4.07
C GLU F 342 -87.87 25.25 -4.16
N GLU F 343 -88.29 24.06 -4.58
CA GLU F 343 -87.39 22.96 -4.88
C GLU F 343 -87.09 22.97 -6.37
N VAL F 344 -85.80 22.95 -6.71
CA VAL F 344 -85.36 23.07 -8.10
C VAL F 344 -84.39 21.93 -8.38
N LEU F 345 -84.59 21.26 -9.53
CA LEU F 345 -83.70 20.20 -9.97
C LEU F 345 -82.54 20.82 -10.75
N THR F 346 -81.32 20.60 -10.27
CA THR F 346 -80.15 21.19 -10.90
C THR F 346 -79.83 20.48 -12.21
N GLY F 347 -78.96 21.13 -13.00
CA GLY F 347 -78.52 20.53 -14.25
C GLY F 347 -77.77 19.22 -14.06
N ASN F 348 -77.28 18.96 -12.85
CA ASN F 348 -76.62 17.70 -12.53
C ASN F 348 -77.57 16.69 -11.90
N LEU F 349 -78.88 16.94 -11.96
CA LEU F 349 -79.89 16.03 -11.41
C LEU F 349 -79.84 16.01 -9.88
N GLN F 350 -79.62 17.18 -9.28
CA GLN F 350 -79.62 17.34 -7.84
C GLN F 350 -80.70 18.33 -7.44
N THR F 351 -81.52 17.95 -6.47
CA THR F 351 -82.63 18.78 -6.02
C THR F 351 -82.17 19.66 -4.86
N LEU F 352 -82.37 20.97 -5.00
CA LEU F 352 -81.97 21.93 -3.98
C LEU F 352 -83.16 22.81 -3.62
N LYS F 353 -83.28 23.14 -2.33
CA LYS F 353 -84.32 24.02 -1.83
C LYS F 353 -83.75 25.43 -1.70
N ILE F 354 -84.48 26.41 -2.24
CA ILE F 354 -84.03 27.79 -2.25
C ILE F 354 -85.16 28.69 -1.79
N ARG F 355 -84.79 29.84 -1.24
CA ARG F 355 -85.74 30.86 -0.79
C ARG F 355 -85.80 31.94 -1.87
N VAL F 356 -86.61 31.67 -2.89
CA VAL F 356 -86.69 32.55 -4.06
C VAL F 356 -87.54 33.76 -3.72
N HIS F 357 -87.12 34.93 -4.21
CA HIS F 357 -87.82 36.18 -3.96
C HIS F 357 -88.69 36.51 -5.17
N GLU F 358 -89.97 36.76 -4.90
CA GLU F 358 -90.94 37.13 -5.93
C GLU F 358 -91.35 38.59 -5.73
N GLY F 359 -91.23 39.39 -6.78
CA GLY F 359 -91.54 40.80 -6.70
C GLY F 359 -90.43 41.68 -7.25
N TYR F 360 -90.80 42.75 -7.95
CA TYR F 360 -89.79 43.63 -8.53
C TYR F 360 -88.90 44.21 -7.45
N GLU F 361 -87.59 44.19 -7.70
CA GLU F 361 -86.61 44.70 -6.75
C GLU F 361 -85.50 45.42 -7.49
N GLU F 362 -84.93 46.42 -6.82
CA GLU F 362 -83.87 47.25 -7.38
C GLU F 362 -82.71 47.27 -6.40
N PHE F 363 -81.57 46.74 -6.82
CA PHE F 363 -80.40 46.62 -5.96
C PHE F 363 -79.22 47.35 -6.58
N THR F 364 -78.31 47.78 -5.71
CA THR F 364 -77.03 48.34 -6.11
C THR F 364 -75.93 47.49 -5.49
N MET F 365 -75.01 47.02 -6.34
CA MET F 365 -73.85 46.25 -5.91
C MET F 365 -72.67 47.22 -5.79
N VAL F 366 -72.15 47.37 -4.58
CA VAL F 366 -71.09 48.34 -4.28
C VAL F 366 -69.81 47.56 -4.02
N GLY F 367 -68.74 47.99 -4.69
CA GLY F 367 -67.43 47.41 -4.50
C GLY F 367 -66.37 48.37 -4.97
N ARG F 368 -65.16 48.18 -4.46
CA ARG F 368 -64.07 49.10 -4.78
C ARG F 368 -63.76 49.10 -6.26
N ARG F 369 -63.72 47.92 -6.88
CA ARG F 369 -63.32 47.78 -8.28
C ARG F 369 -64.48 47.39 -9.19
N ALA F 370 -65.71 47.37 -8.68
CA ALA F 370 -66.86 47.02 -9.50
C ALA F 370 -68.12 47.54 -8.83
N THR F 371 -68.83 48.46 -9.50
CA THR F 371 -70.08 49.01 -9.01
C THR F 371 -71.15 48.80 -10.07
N ALA F 372 -72.30 48.28 -9.65
CA ALA F 372 -73.33 47.88 -10.58
C ALA F 372 -74.70 48.24 -10.04
N ILE F 373 -75.65 48.36 -10.98
CA ILE F 373 -77.06 48.63 -10.69
C ILE F 373 -77.88 47.54 -11.36
N LEU F 374 -78.75 46.89 -10.59
CA LEU F 374 -79.43 45.67 -11.03
C LEU F 374 -80.92 45.78 -10.76
N ARG F 375 -81.72 45.32 -11.72
CA ARG F 375 -83.15 45.13 -11.56
C ARG F 375 -83.45 43.63 -11.57
N LYS F 376 -84.41 43.22 -10.75
CA LYS F 376 -84.85 41.82 -10.76
C LYS F 376 -86.36 41.76 -10.63
N ALA F 377 -86.93 40.67 -11.15
CA ALA F 377 -88.36 40.42 -11.03
C ALA F 377 -88.60 38.99 -10.58
N THR F 378 -89.84 38.51 -10.66
CA THR F 378 -90.15 37.14 -10.25
C THR F 378 -89.46 36.18 -11.21
N ARG F 379 -88.37 35.57 -10.76
CA ARG F 379 -87.60 34.64 -11.58
C ARG F 379 -87.27 35.24 -12.94
N ARG F 380 -86.72 36.45 -12.93
CA ARG F 380 -86.39 37.14 -14.17
C ARG F 380 -85.38 38.25 -13.87
N LEU F 381 -84.37 38.35 -14.73
CA LEU F 381 -83.39 39.42 -14.69
C LEU F 381 -83.57 40.27 -15.96
N ILE F 382 -83.74 41.57 -15.78
CA ILE F 382 -84.12 42.44 -16.89
C ILE F 382 -83.03 43.45 -17.22
N GLN F 383 -82.24 43.86 -16.22
CA GLN F 383 -81.24 44.90 -16.47
C GLN F 383 -80.13 44.82 -15.43
N LEU F 384 -78.90 45.01 -15.89
CA LEU F 384 -77.73 45.09 -15.01
C LEU F 384 -76.69 45.93 -15.71
N ILE F 385 -76.40 47.11 -15.16
CA ILE F 385 -75.38 48.00 -15.69
C ILE F 385 -74.23 48.04 -14.68
N VAL F 386 -73.06 47.56 -15.10
CA VAL F 386 -71.92 47.39 -14.20
C VAL F 386 -70.71 48.09 -14.80
N SER F 387 -69.97 48.81 -13.94
CA SER F 387 -68.72 49.46 -14.32
C SER F 387 -67.61 48.99 -13.39
N GLY F 388 -66.50 48.55 -13.99
CA GLY F 388 -65.36 48.08 -13.21
C GLY F 388 -64.07 48.48 -13.88
N LYS F 389 -63.02 48.56 -13.06
CA LYS F 389 -61.72 48.98 -13.56
C LYS F 389 -61.17 47.99 -14.57
N ASP F 390 -61.33 46.69 -14.31
CA ASP F 390 -60.80 45.65 -15.17
C ASP F 390 -61.91 44.64 -15.50
N GLU F 391 -61.65 43.83 -16.52
CA GLU F 391 -62.64 42.86 -16.96
C GLU F 391 -62.92 41.80 -15.90
N GLN F 392 -61.93 41.48 -15.06
CA GLN F 392 -62.14 40.46 -14.05
C GLN F 392 -63.18 40.89 -13.02
N SER F 393 -63.07 42.13 -12.52
CA SER F 393 -64.03 42.62 -11.55
C SER F 393 -65.43 42.72 -12.16
N ILE F 394 -65.51 43.18 -13.42
CA ILE F 394 -66.81 43.27 -14.09
C ILE F 394 -67.41 41.89 -14.24
N ALA F 395 -66.61 40.89 -14.61
CA ALA F 395 -67.11 39.53 -14.75
C ALA F 395 -67.58 38.98 -13.40
N GLU F 396 -66.83 39.25 -12.33
CA GLU F 396 -67.26 38.80 -11.01
C GLU F 396 -68.59 39.42 -10.63
N ALA F 397 -68.75 40.74 -10.85
CA ALA F 397 -70.00 41.40 -10.55
C ALA F 397 -71.14 40.81 -11.38
N ILE F 398 -70.89 40.54 -12.67
CA ILE F 398 -71.92 39.99 -13.53
C ILE F 398 -72.34 38.60 -13.03
N ILE F 399 -71.37 37.77 -12.66
CA ILE F 399 -71.69 36.43 -12.15
C ILE F 399 -72.50 36.53 -10.86
N VAL F 400 -72.12 37.47 -9.98
CA VAL F 400 -72.88 37.65 -8.75
C VAL F 400 -74.32 38.04 -9.07
N ALA F 401 -74.49 38.94 -10.05
CA ALA F 401 -75.84 39.33 -10.45
C ALA F 401 -76.62 38.12 -10.99
N MET F 402 -75.98 37.30 -11.81
CA MET F 402 -76.68 36.14 -12.37
C MET F 402 -77.12 35.19 -11.27
N VAL F 403 -76.24 34.92 -10.30
CA VAL F 403 -76.60 33.99 -9.23
C VAL F 403 -77.68 34.59 -8.35
N PHE F 404 -77.64 35.90 -8.11
CA PHE F 404 -78.66 36.55 -7.30
C PHE F 404 -80.00 36.63 -8.03
N SER F 405 -80.00 36.55 -9.36
CA SER F 405 -81.24 36.66 -10.12
C SER F 405 -82.16 35.46 -9.92
N GLN F 406 -81.63 34.33 -9.48
CA GLN F 406 -82.43 33.12 -9.27
C GLN F 406 -83.15 32.71 -10.55
N GLU F 407 -82.41 32.71 -11.66
CA GLU F 407 -82.95 32.34 -12.95
C GLU F 407 -82.96 30.82 -13.13
N ASP F 408 -83.99 30.34 -13.83
CA ASP F 408 -84.10 28.89 -14.06
C ASP F 408 -83.02 28.38 -15.00
N CYS F 409 -82.60 29.21 -15.96
CA CYS F 409 -81.60 28.76 -16.93
C CYS F 409 -80.31 28.34 -16.25
N MET F 410 -79.83 29.15 -15.30
CA MET F 410 -78.60 28.79 -14.59
C MET F 410 -78.83 27.56 -13.72
N ILE F 411 -80.05 27.36 -13.21
CA ILE F 411 -80.35 26.12 -12.50
C ILE F 411 -80.17 24.94 -13.43
N LYS F 412 -80.65 25.05 -14.66
CA LYS F 412 -80.43 23.99 -15.65
C LYS F 412 -78.98 23.91 -16.12
N ALA F 413 -78.17 24.93 -15.83
CA ALA F 413 -76.77 24.95 -16.25
C ALA F 413 -75.82 24.44 -15.16
N VAL F 414 -76.34 23.96 -14.03
CA VAL F 414 -75.49 23.46 -12.96
C VAL F 414 -74.87 22.13 -13.39
N ARG F 415 -73.57 22.00 -13.19
CA ARG F 415 -72.83 20.80 -13.56
C ARG F 415 -72.07 20.27 -12.36
N GLY F 416 -72.00 18.94 -12.24
CA GLY F 416 -71.28 18.31 -11.16
C GLY F 416 -72.06 18.30 -9.86
N ASP F 417 -71.40 17.78 -8.82
CA ASP F 417 -71.96 17.71 -7.48
C ASP F 417 -71.38 18.83 -6.64
N LEU F 418 -72.25 19.65 -6.05
CA LEU F 418 -71.84 20.83 -5.29
C LEU F 418 -71.83 20.48 -3.80
N ASN F 419 -70.64 20.45 -3.21
CA ASN F 419 -70.46 20.18 -1.79
C ASN F 419 -69.42 21.12 -1.19
N PHE F 420 -69.41 22.37 -1.66
CA PHE F 420 -68.43 23.34 -1.17
C PHE F 420 -68.59 23.54 0.33
N VAL F 421 -67.46 23.49 1.05
CA VAL F 421 -67.44 23.71 2.49
C VAL F 421 -66.25 24.59 2.82
N ASN F 422 -66.32 25.23 3.99
CA ASN F 422 -65.24 26.08 4.47
C ASN F 422 -64.22 25.23 5.23
N ARG F 423 -63.28 25.89 5.92
CA ARG F 423 -62.24 25.17 6.64
C ARG F 423 -62.81 24.26 7.71
N ALA F 424 -64.03 24.53 8.19
CA ALA F 424 -64.67 23.71 9.21
C ALA F 424 -65.45 22.55 8.61
N ASN F 425 -65.45 22.38 7.30
CA ASN F 425 -66.11 21.29 6.59
C ASN F 425 -67.61 21.27 6.80
N GLN F 426 -68.19 22.33 7.37
CA GLN F 426 -69.62 22.38 7.60
C GLN F 426 -70.35 22.76 6.33
N ARG F 427 -71.38 22.01 5.97
CA ARG F 427 -72.12 22.27 4.76
C ARG F 427 -72.79 23.64 4.83
N LEU F 428 -72.72 24.38 3.73
CA LEU F 428 -73.32 25.71 3.64
C LEU F 428 -74.64 25.63 2.88
N ASN F 429 -75.33 26.77 2.84
CA ASN F 429 -76.61 26.83 2.14
C ASN F 429 -76.38 26.66 0.64
N PRO F 430 -77.38 26.15 -0.09
CA PRO F 430 -77.17 25.87 -1.51
C PRO F 430 -76.80 27.09 -2.34
N MET F 431 -77.31 28.26 -1.98
CA MET F 431 -77.00 29.46 -2.75
C MET F 431 -75.51 29.75 -2.74
N HIS F 432 -74.86 29.63 -1.58
CA HIS F 432 -73.43 29.88 -1.50
C HIS F 432 -72.65 28.85 -2.31
N GLN F 433 -73.08 27.58 -2.27
CA GLN F 433 -72.42 26.56 -3.06
C GLN F 433 -72.52 26.86 -4.55
N LEU F 434 -73.71 27.27 -5.01
CA LEU F 434 -73.88 27.62 -6.42
C LEU F 434 -73.04 28.83 -6.79
N LEU F 435 -72.98 29.82 -5.90
CA LEU F 435 -72.16 31.00 -6.18
C LEU F 435 -70.69 30.61 -6.31
N ARG F 436 -70.19 29.75 -5.41
CA ARG F 436 -68.81 29.32 -5.51
C ARG F 436 -68.56 28.54 -6.80
N HIS F 437 -69.49 27.65 -7.16
CA HIS F 437 -69.33 26.88 -8.38
C HIS F 437 -69.28 27.79 -9.61
N PHE F 438 -70.15 28.80 -9.66
CA PHE F 438 -70.12 29.74 -10.78
C PHE F 438 -68.84 30.56 -10.78
N GLN F 439 -68.38 30.99 -9.60
CA GLN F 439 -67.13 31.73 -9.53
C GLN F 439 -65.95 30.90 -10.02
N LYS F 440 -65.99 29.59 -9.79
CA LYS F 440 -64.93 28.72 -10.31
C LYS F 440 -64.82 28.85 -11.82
N ASP F 441 -65.95 28.82 -12.51
CA ASP F 441 -65.98 29.05 -13.96
C ASP F 441 -67.43 29.25 -14.37
N ALA F 442 -67.62 30.01 -15.46
CA ALA F 442 -68.95 30.29 -15.97
C ALA F 442 -69.02 30.23 -17.50
N LYS F 443 -68.03 29.61 -18.15
CA LYS F 443 -68.03 29.57 -19.61
C LYS F 443 -69.23 28.81 -20.15
N VAL F 444 -69.56 27.67 -19.52
CA VAL F 444 -70.67 26.85 -19.99
C VAL F 444 -72.03 27.49 -19.73
N LEU F 445 -72.09 28.59 -19.00
CA LEU F 445 -73.34 29.24 -18.65
C LEU F 445 -73.66 30.45 -19.53
N PHE F 446 -72.63 31.13 -20.04
CA PHE F 446 -72.86 32.40 -20.75
C PHE F 446 -73.75 32.19 -21.97
N GLN F 447 -73.40 31.24 -22.83
CA GLN F 447 -74.14 31.04 -24.06
C GLN F 447 -75.55 30.54 -23.82
N ASN F 448 -75.84 30.01 -22.62
CA ASN F 448 -77.16 29.44 -22.36
C ASN F 448 -78.22 30.50 -22.15
N TRP F 449 -77.84 31.74 -21.81
CA TRP F 449 -78.84 32.76 -21.53
C TRP F 449 -79.66 33.09 -22.78
N GLY F 450 -78.99 33.24 -23.93
CA GLY F 450 -79.65 33.49 -25.19
C GLY F 450 -79.04 34.69 -25.89
N ILE F 451 -79.79 35.22 -26.86
CA ILE F 451 -79.35 36.33 -27.69
C ILE F 451 -80.48 37.35 -27.76
N GLU F 452 -80.16 38.62 -27.56
CA GLU F 452 -81.11 39.72 -27.64
C GLU F 452 -80.44 40.90 -28.30
N PRO F 453 -81.22 41.81 -28.89
CA PRO F 453 -80.64 42.95 -29.58
C PRO F 453 -80.17 44.02 -28.61
N ILE F 454 -79.35 44.94 -29.13
CA ILE F 454 -78.80 46.04 -28.36
C ILE F 454 -78.93 47.31 -29.19
N ASP F 455 -79.02 48.45 -28.49
CA ASP F 455 -79.06 49.76 -29.11
C ASP F 455 -77.85 50.58 -28.69
N ASN F 456 -77.30 51.35 -29.63
CA ASN F 456 -76.13 52.15 -29.37
C ASN F 456 -76.53 53.41 -28.59
N VAL F 457 -75.94 53.58 -27.40
CA VAL F 457 -76.27 54.69 -26.52
C VAL F 457 -74.98 55.29 -25.99
N MET F 458 -75.04 56.56 -25.60
CA MET F 458 -73.88 57.21 -25.01
C MET F 458 -73.52 56.53 -23.68
N GLY F 459 -72.23 56.25 -23.50
CA GLY F 459 -71.79 55.58 -22.28
C GLY F 459 -72.40 54.21 -22.10
N MET F 460 -72.55 53.45 -23.18
CA MET F 460 -73.15 52.12 -23.15
C MET F 460 -72.17 51.14 -23.77
N ILE F 461 -71.95 50.01 -23.09
CA ILE F 461 -71.02 48.98 -23.54
C ILE F 461 -71.70 47.62 -23.43
N GLY F 462 -71.46 46.77 -24.42
CA GLY F 462 -72.02 45.43 -24.44
C GLY F 462 -71.16 44.43 -23.69
N ILE F 463 -71.67 43.21 -23.62
CA ILE F 463 -71.00 42.09 -22.96
C ILE F 463 -71.15 40.87 -23.85
N LEU F 464 -70.05 40.46 -24.49
CA LEU F 464 -70.07 39.27 -25.34
C LEU F 464 -70.03 38.00 -24.50
N PRO F 465 -70.44 36.87 -25.06
CA PRO F 465 -70.31 35.60 -24.32
C PRO F 465 -68.88 35.29 -23.92
N ASP F 466 -67.91 35.72 -24.72
CA ASP F 466 -66.50 35.50 -24.42
C ASP F 466 -65.93 36.57 -23.49
N MET F 467 -66.78 37.37 -22.85
CA MET F 467 -66.34 38.43 -21.94
C MET F 467 -65.44 39.43 -22.66
N THR F 468 -66.02 40.12 -23.65
CA THR F 468 -65.33 41.15 -24.38
C THR F 468 -66.40 42.17 -24.81
N PRO F 469 -66.15 43.46 -24.61
CA PRO F 469 -67.16 44.46 -25.02
C PRO F 469 -67.39 44.43 -26.53
N SER F 470 -68.65 44.67 -26.92
CA SER F 470 -69.02 44.70 -28.32
C SER F 470 -69.99 45.86 -28.55
N THR F 471 -69.76 46.60 -29.64
CA THR F 471 -70.63 47.73 -29.96
C THR F 471 -71.95 47.28 -30.55
N GLU F 472 -71.98 46.16 -31.26
CA GLU F 472 -73.17 45.71 -31.98
C GLU F 472 -73.97 44.66 -31.21
N MET F 473 -73.38 44.02 -30.20
CA MET F 473 -74.08 42.95 -29.49
C MET F 473 -73.64 42.95 -28.04
N SER F 474 -74.46 42.31 -27.20
CA SER F 474 -74.18 42.20 -25.77
C SER F 474 -74.89 40.96 -25.24
N LEU F 475 -74.45 40.53 -24.06
CA LEU F 475 -75.07 39.38 -23.41
C LEU F 475 -76.41 39.79 -22.81
N ARG F 476 -77.30 38.80 -22.67
CA ARG F 476 -78.67 39.08 -22.23
C ARG F 476 -78.68 39.77 -20.86
N GLY F 477 -79.43 40.87 -20.78
CA GLY F 477 -79.71 41.50 -19.50
C GLY F 477 -78.50 41.91 -18.70
N VAL F 478 -77.37 42.13 -19.36
CA VAL F 478 -76.16 42.58 -18.66
C VAL F 478 -75.39 43.55 -19.56
N ARG F 479 -75.39 44.83 -19.19
CA ARG F 479 -74.72 45.88 -19.93
C ARG F 479 -73.61 46.47 -19.07
N VAL F 480 -72.76 47.27 -19.70
CA VAL F 480 -71.65 47.93 -19.02
C VAL F 480 -71.68 49.41 -19.36
N SER F 481 -71.53 50.25 -18.34
CA SER F 481 -71.47 51.69 -18.49
C SER F 481 -70.07 52.20 -18.15
N LYS F 482 -69.85 53.49 -18.39
CA LYS F 482 -68.57 54.11 -18.09
C LYS F 482 -68.53 54.63 -16.65
N MET F 483 -69.45 55.53 -16.31
CA MET F 483 -69.48 56.08 -14.96
C MET F 483 -70.22 55.15 -14.00
N GLY F 484 -71.36 54.60 -14.43
CA GLY F 484 -72.11 53.71 -13.56
C GLY F 484 -72.75 54.47 -12.40
N VAL F 485 -73.12 53.71 -11.37
CA VAL F 485 -73.74 54.23 -10.17
C VAL F 485 -72.71 54.19 -9.06
N ASP F 486 -72.35 55.37 -8.55
CA ASP F 486 -71.28 55.49 -7.57
C ASP F 486 -71.46 56.80 -6.80
N GLU F 487 -70.42 57.23 -6.09
CA GLU F 487 -70.36 58.52 -5.40
C GLU F 487 -71.05 58.47 -4.05
N TYR F 488 -72.32 58.86 -3.97
CA TYR F 488 -72.97 59.03 -2.69
C TYR F 488 -73.15 57.70 -1.98
N SER F 489 -72.92 57.71 -0.67
CA SER F 489 -73.08 56.55 0.19
C SER F 489 -74.20 56.82 1.20
N SER F 490 -74.39 55.87 2.11
CA SER F 490 -75.45 55.93 3.10
C SER F 490 -74.88 55.84 4.51
N THR F 491 -75.70 56.22 5.48
CA THR F 491 -75.35 56.17 6.90
C THR F 491 -76.50 55.55 7.70
N GLU F 492 -77.00 54.42 7.21
CA GLU F 492 -78.16 53.75 7.80
C GLU F 492 -77.70 52.50 8.55
N ARG F 493 -78.24 52.32 9.76
CA ARG F 493 -77.92 51.18 10.60
C ARG F 493 -79.21 50.54 11.10
N VAL F 494 -79.16 49.24 11.35
CA VAL F 494 -80.34 48.45 11.69
C VAL F 494 -80.00 47.54 12.87
N VAL F 495 -81.06 47.07 13.54
CA VAL F 495 -80.94 46.11 14.63
C VAL F 495 -81.08 44.71 14.04
N VAL F 496 -80.15 43.82 14.41
CA VAL F 496 -80.07 42.49 13.83
C VAL F 496 -79.84 41.45 14.92
N SER F 497 -80.18 40.21 14.60
CA SER F 497 -79.96 39.06 15.47
C SER F 497 -78.85 38.18 14.90
N ILE F 498 -78.24 37.40 15.78
CA ILE F 498 -77.10 36.56 15.44
C ILE F 498 -77.48 35.10 15.68
N ASP F 499 -77.20 34.26 14.69
CA ASP F 499 -77.53 32.84 14.75
C ASP F 499 -76.32 32.04 15.23
N ARG F 500 -76.41 30.71 15.11
CA ARG F 500 -75.44 29.82 15.73
C ARG F 500 -74.04 30.04 15.18
N PHE F 501 -73.89 30.09 13.85
CA PHE F 501 -72.59 30.12 13.21
C PHE F 501 -72.28 31.48 12.59
N LEU F 502 -72.63 32.56 13.30
CA LEU F 502 -72.31 33.93 12.94
C LEU F 502 -73.01 34.41 11.68
N ARG F 503 -73.98 33.65 11.17
CA ARG F 503 -74.75 34.11 10.03
C ARG F 503 -75.70 35.21 10.48
N VAL F 504 -75.41 36.44 10.08
CA VAL F 504 -76.20 37.60 10.49
C VAL F 504 -77.42 37.71 9.58
N ARG F 505 -78.61 37.74 10.18
CA ARG F 505 -79.86 37.77 9.45
C ARG F 505 -80.74 38.88 10.01
N ASP F 506 -81.23 39.75 9.13
CA ASP F 506 -82.06 40.87 9.54
C ASP F 506 -83.47 40.37 9.89
N GLN F 507 -84.33 41.32 10.26
CA GLN F 507 -85.70 40.97 10.63
C GLN F 507 -86.45 40.36 9.46
N ARG F 508 -86.24 40.88 8.25
CA ARG F 508 -87.01 40.41 7.11
C ARG F 508 -86.78 38.92 6.86
N GLY F 509 -85.53 38.48 6.90
CA GLY F 509 -85.22 37.08 6.69
C GLY F 509 -83.99 36.84 5.85
N ASN F 510 -83.68 37.80 4.98
CA ASN F 510 -82.51 37.64 4.10
C ASN F 510 -81.23 37.58 4.93
N VAL F 511 -80.27 36.81 4.44
CA VAL F 511 -78.97 36.69 5.10
C VAL F 511 -78.20 37.98 4.88
N LEU F 512 -77.73 38.59 5.96
CA LEU F 512 -76.98 39.84 5.87
C LEU F 512 -75.48 39.58 5.67
N LEU F 513 -74.87 38.84 6.57
CA LEU F 513 -73.44 38.59 6.52
C LEU F 513 -73.15 37.19 7.04
N SER F 514 -71.94 36.73 6.74
CA SER F 514 -71.44 35.45 7.23
C SER F 514 -69.97 35.33 6.83
N PRO F 515 -69.20 34.52 7.56
CA PRO F 515 -67.78 34.35 7.18
C PRO F 515 -67.59 33.79 5.79
N GLU F 516 -68.60 33.11 5.24
CA GLU F 516 -68.49 32.55 3.90
C GLU F 516 -68.30 33.62 2.84
N GLU F 517 -68.69 34.86 3.13
CA GLU F 517 -68.57 35.96 2.19
C GLU F 517 -67.39 36.88 2.49
N VAL F 518 -66.53 36.49 3.43
CA VAL F 518 -65.38 37.31 3.82
C VAL F 518 -64.25 37.07 2.84
N SER F 519 -63.63 38.15 2.39
CA SER F 519 -62.53 38.06 1.43
C SER F 519 -61.27 37.53 2.10
N GLU F 520 -60.38 36.97 1.28
CA GLU F 520 -59.15 36.34 1.76
C GLU F 520 -57.95 37.27 1.73
N THR F 521 -58.13 38.53 1.35
CA THR F 521 -57.00 39.45 1.24
C THR F 521 -56.36 39.67 2.60
N GLN F 522 -55.03 39.65 2.62
CA GLN F 522 -54.25 39.94 3.81
C GLN F 522 -53.09 40.87 3.42
N GLY F 523 -52.79 41.83 4.29
CA GLY F 523 -51.75 42.79 4.00
C GLY F 523 -50.82 43.04 5.17
N THR F 524 -50.55 44.32 5.45
CA THR F 524 -49.64 44.72 6.50
C THR F 524 -50.35 45.68 7.46
N GLU F 525 -49.78 45.82 8.65
CA GLU F 525 -50.32 46.68 9.69
C GLU F 525 -49.39 47.86 9.87
N LYS F 526 -49.91 49.08 9.68
CA LYS F 526 -49.09 50.27 9.84
C LYS F 526 -48.64 50.44 11.29
N LEU F 527 -49.42 49.94 12.24
CA LEU F 527 -49.08 49.98 13.66
C LEU F 527 -49.24 48.59 14.26
N THR F 528 -48.42 48.30 15.27
CA THR F 528 -48.40 46.97 15.85
C THR F 528 -49.78 46.56 16.33
N ILE F 529 -50.17 45.33 16.01
CA ILE F 529 -51.42 44.73 16.46
C ILE F 529 -51.10 43.46 17.22
N THR F 530 -51.64 43.34 18.42
CA THR F 530 -51.39 42.20 19.29
C THR F 530 -52.64 41.36 19.44
N TYR F 531 -52.46 40.04 19.54
CA TYR F 531 -53.55 39.10 19.72
C TYR F 531 -53.16 38.17 20.87
N SER F 532 -53.76 38.40 22.04
CA SER F 532 -53.45 37.63 23.24
C SER F 532 -54.32 36.38 23.38
N SER F 533 -55.22 36.13 22.45
CA SER F 533 -56.10 34.98 22.56
C SER F 533 -55.32 33.68 22.48
N SER F 534 -56.02 32.57 22.68
CA SER F 534 -55.42 31.24 22.69
C SER F 534 -55.32 30.62 21.30
N MET F 535 -55.94 31.22 20.29
CA MET F 535 -55.94 30.68 18.94
C MET F 535 -55.36 31.63 17.90
N MET F 536 -54.93 32.82 18.31
CA MET F 536 -54.21 33.75 17.44
C MET F 536 -52.70 33.59 17.50
N TRP F 537 -52.19 32.63 18.28
CA TRP F 537 -50.75 32.53 18.46
C TRP F 537 -50.06 32.07 17.18
N GLU F 538 -50.68 31.15 16.44
CA GLU F 538 -50.05 30.61 15.24
C GLU F 538 -50.26 31.55 14.04
N ILE F 539 -49.94 32.83 14.24
CA ILE F 539 -50.05 33.83 13.19
C ILE F 539 -48.74 34.57 12.97
N ASN F 540 -48.05 34.96 14.05
CA ASN F 540 -46.82 35.73 13.95
C ASN F 540 -45.61 34.87 13.65
N GLY F 541 -45.69 33.55 13.80
CA GLY F 541 -44.59 32.67 13.49
C GLY F 541 -44.28 31.71 14.63
N PRO F 542 -43.53 30.64 14.32
CA PRO F 542 -43.22 29.67 15.38
C PRO F 542 -42.54 30.30 16.60
N GLU F 543 -41.64 31.26 16.38
CA GLU F 543 -41.04 31.96 17.51
C GLU F 543 -42.12 32.64 18.34
N SER F 544 -43.09 33.28 17.68
CA SER F 544 -44.19 33.88 18.40
C SER F 544 -45.00 32.82 19.14
N VAL F 545 -45.19 31.64 18.53
CA VAL F 545 -45.94 30.59 19.21
C VAL F 545 -45.25 30.19 20.50
N LEU F 546 -43.93 29.98 20.44
CA LEU F 546 -43.19 29.61 21.65
C LEU F 546 -43.28 30.72 22.69
N VAL F 547 -43.02 31.96 22.27
CA VAL F 547 -43.00 33.06 23.22
C VAL F 547 -44.37 33.20 23.89
N ASN F 548 -45.45 33.09 23.11
CA ASN F 548 -46.78 33.27 23.67
C ASN F 548 -47.21 32.09 24.53
N THR F 549 -46.80 30.87 24.17
CA THR F 549 -47.11 29.74 25.05
C THR F 549 -46.43 29.91 26.40
N TYR F 550 -45.17 30.34 26.41
CA TYR F 550 -44.50 30.56 27.69
C TYR F 550 -45.07 31.78 28.42
N GLN F 551 -45.53 32.79 27.69
CA GLN F 551 -46.21 33.92 28.32
C GLN F 551 -47.50 33.46 29.01
N TRP F 552 -48.27 32.61 28.34
CA TRP F 552 -49.49 32.08 28.95
C TRP F 552 -49.17 31.24 30.17
N ILE F 553 -48.11 30.42 30.09
CA ILE F 553 -47.74 29.60 31.24
C ILE F 553 -47.36 30.48 32.42
N ILE F 554 -46.52 31.50 32.18
CA ILE F 554 -46.05 32.33 33.28
C ILE F 554 -47.18 33.18 33.85
N ARG F 555 -48.08 33.67 33.00
CA ARG F 555 -49.17 34.52 33.47
C ARG F 555 -50.14 33.76 34.36
N ASN F 556 -50.35 32.48 34.10
CA ASN F 556 -51.24 31.63 34.89
C ASN F 556 -50.45 30.71 35.81
N TRP F 557 -49.35 31.22 36.39
CA TRP F 557 -48.44 30.37 37.15
C TRP F 557 -49.13 29.73 38.35
N GLU F 558 -49.92 30.51 39.09
CA GLU F 558 -50.58 29.96 40.28
C GLU F 558 -51.56 28.86 39.91
N ASN F 559 -52.47 29.15 38.98
CA ASN F 559 -53.48 28.16 38.62
C ASN F 559 -52.85 26.94 37.95
N VAL F 560 -51.85 27.15 37.10
CA VAL F 560 -51.21 26.02 36.44
C VAL F 560 -50.46 25.16 37.46
N LYS F 561 -49.82 25.79 38.44
CA LYS F 561 -49.16 25.02 39.51
C LYS F 561 -50.19 24.19 40.27
N ILE F 562 -51.31 24.80 40.64
CA ILE F 562 -52.31 24.08 41.41
C ILE F 562 -52.87 22.92 40.61
N GLN F 563 -53.15 23.15 39.33
CA GLN F 563 -53.67 22.09 38.49
C GLN F 563 -52.66 20.95 38.37
N TRP F 564 -51.39 21.28 38.14
CA TRP F 564 -50.36 20.25 38.01
C TRP F 564 -50.27 19.44 39.30
N SER F 565 -50.31 20.11 40.44
CA SER F 565 -50.19 19.39 41.71
C SER F 565 -51.40 18.49 41.95
N GLN F 566 -52.61 18.96 41.65
CA GLN F 566 -53.82 18.24 42.02
C GLN F 566 -54.25 17.24 40.97
N ASP F 567 -54.58 17.72 39.77
CA ASP F 567 -55.11 16.89 38.68
C ASP F 567 -54.37 17.23 37.40
N PRO F 568 -53.09 16.87 37.32
CA PRO F 568 -52.30 17.24 36.13
C PRO F 568 -52.81 16.62 34.83
N THR F 569 -53.63 15.58 34.91
CA THR F 569 -54.14 14.96 33.69
C THR F 569 -54.96 15.95 32.87
N MET F 570 -55.81 16.73 33.54
CA MET F 570 -56.59 17.74 32.82
C MET F 570 -55.67 18.83 32.27
N LEU F 571 -54.63 19.20 33.02
CA LEU F 571 -53.69 20.20 32.53
C LEU F 571 -53.03 19.73 31.24
N TYR F 572 -52.63 18.46 31.20
CA TYR F 572 -51.99 17.93 30.00
C TYR F 572 -52.96 17.82 28.82
N ASN F 573 -54.26 17.99 29.06
CA ASN F 573 -55.26 18.00 27.99
C ASN F 573 -55.70 19.41 27.63
N LYS F 574 -55.08 20.44 28.21
CA LYS F 574 -55.49 21.80 27.94
C LYS F 574 -55.29 22.15 26.47
N MET F 575 -56.31 22.78 25.87
CA MET F 575 -56.21 23.21 24.48
C MET F 575 -55.21 24.33 24.30
N GLU F 576 -54.89 25.07 25.36
CA GLU F 576 -54.00 26.22 25.23
C GLU F 576 -52.60 25.81 24.78
N PHE F 577 -52.26 24.52 24.88
CA PHE F 577 -50.95 24.02 24.47
C PHE F 577 -50.98 23.39 23.09
N GLU F 578 -52.10 23.50 22.36
CA GLU F 578 -52.17 22.90 21.04
C GLU F 578 -51.11 23.43 20.09
N PRO F 579 -50.81 24.73 20.02
CA PRO F 579 -49.76 25.19 19.09
C PRO F 579 -48.42 24.52 19.31
N PHE F 580 -48.02 24.32 20.57
CA PHE F 580 -46.72 23.71 20.85
C PHE F 580 -46.66 22.31 20.25
N GLN F 581 -47.74 21.54 20.39
CA GLN F 581 -47.76 20.19 19.83
C GLN F 581 -47.48 20.20 18.34
N SER F 582 -47.79 21.31 17.66
CA SER F 582 -47.48 21.41 16.24
C SER F 582 -45.98 21.56 16.01
N LEU F 583 -45.32 22.39 16.82
CA LEU F 583 -43.89 22.61 16.63
C LEU F 583 -43.09 21.34 16.90
N VAL F 584 -43.46 20.59 17.92
CA VAL F 584 -42.74 19.35 18.24
C VAL F 584 -42.98 18.35 17.12
N PRO F 585 -41.93 17.70 16.60
CA PRO F 585 -42.14 16.78 15.47
C PRO F 585 -43.09 15.65 15.82
N LYS F 586 -43.89 15.25 14.83
CA LYS F 586 -44.87 14.19 15.06
C LYS F 586 -44.18 12.86 15.41
N ALA F 587 -43.06 12.58 14.76
CA ALA F 587 -42.38 11.30 15.01
C ALA F 587 -41.90 11.19 16.45
N ALA F 588 -41.59 12.32 17.10
CA ALA F 588 -40.99 12.33 18.42
C ALA F 588 -41.77 13.24 19.35
N ARG F 589 -43.09 13.11 19.35
CA ARG F 589 -43.96 13.82 20.30
C ARG F 589 -44.55 12.91 21.36
N GLY F 590 -44.94 11.70 20.99
CA GLY F 590 -45.41 10.76 22.00
C GLY F 590 -44.32 10.34 22.96
N GLN F 591 -43.13 10.04 22.43
CA GLN F 591 -42.01 9.67 23.29
C GLN F 591 -41.60 10.84 24.18
N TYR F 592 -41.55 12.05 23.61
CA TYR F 592 -41.29 13.23 24.42
C TYR F 592 -42.31 13.36 25.53
N SER F 593 -43.59 13.15 25.20
CA SER F 593 -44.64 13.28 26.20
C SER F 593 -44.49 12.24 27.29
N GLY F 594 -44.16 11.00 26.93
CA GLY F 594 -43.94 9.98 27.95
C GLY F 594 -42.79 10.31 28.87
N PHE F 595 -41.68 10.79 28.30
CA PHE F 595 -40.55 11.20 29.12
C PHE F 595 -40.96 12.31 30.08
N VAL F 596 -41.69 13.31 29.58
CA VAL F 596 -42.11 14.41 30.43
C VAL F 596 -43.04 13.93 31.53
N ARG F 597 -43.97 13.04 31.20
CA ARG F 597 -44.91 12.55 32.20
C ARG F 597 -44.19 11.78 33.29
N VAL F 598 -43.25 10.91 32.92
CA VAL F 598 -42.49 10.16 33.91
C VAL F 598 -41.67 11.11 34.79
N LEU F 599 -41.02 12.08 34.16
CA LEU F 599 -40.21 13.03 34.93
C LEU F 599 -41.05 13.82 35.91
N PHE F 600 -42.24 14.25 35.48
CA PHE F 600 -43.10 15.04 36.37
C PHE F 600 -43.67 14.15 37.48
N GLN F 601 -43.98 12.90 37.19
CA GLN F 601 -44.42 11.98 38.23
C GLN F 601 -43.32 11.81 39.28
N GLN F 602 -42.07 11.69 38.84
CA GLN F 602 -40.96 11.59 39.78
C GLN F 602 -40.85 12.87 40.61
N MET F 603 -40.96 14.03 39.96
CA MET F 603 -40.89 15.29 40.70
C MET F 603 -41.99 15.37 41.74
N ARG F 604 -43.17 14.86 41.43
CA ARG F 604 -44.28 14.89 42.38
C ARG F 604 -44.06 13.92 43.53
N ASP F 605 -43.54 12.72 43.23
CA ASP F 605 -43.43 11.66 44.23
C ASP F 605 -42.15 11.73 45.04
N VAL F 606 -41.21 12.60 44.69
CA VAL F 606 -39.98 12.70 45.47
C VAL F 606 -40.09 13.75 46.57
N LEU F 607 -40.64 14.91 46.26
CA LEU F 607 -40.86 15.97 47.25
C LEU F 607 -39.53 16.58 47.72
N GLY F 608 -39.58 17.86 48.10
CA GLY F 608 -38.43 18.53 48.65
C GLY F 608 -37.44 19.08 47.65
N THR F 609 -37.72 18.98 46.36
CA THR F 609 -36.77 19.41 45.32
C THR F 609 -37.50 20.16 44.21
N PHE F 610 -38.42 21.05 44.57
CA PHE F 610 -39.16 21.81 43.58
C PHE F 610 -38.22 22.75 42.83
N ASP F 611 -38.56 22.99 41.56
CA ASP F 611 -37.78 23.91 40.72
C ASP F 611 -38.74 24.47 39.67
N THR F 612 -39.23 25.68 39.91
CA THR F 612 -40.27 26.25 39.06
C THR F 612 -39.80 26.40 37.61
N VAL F 613 -38.57 26.85 37.42
CA VAL F 613 -38.06 27.07 36.06
C VAL F 613 -38.18 25.81 35.24
N GLN F 614 -37.80 24.66 35.82
CA GLN F 614 -37.90 23.41 35.09
C GLN F 614 -39.35 23.09 34.73
N ILE F 615 -40.28 23.33 35.66
CA ILE F 615 -41.67 23.01 35.38
C ILE F 615 -42.17 23.82 34.19
N ILE F 616 -41.92 25.14 34.22
CA ILE F 616 -42.39 25.98 33.12
C ILE F 616 -41.71 25.56 31.82
N LYS F 617 -40.41 25.26 31.88
CA LYS F 617 -39.67 24.92 30.67
C LYS F 617 -40.19 23.64 30.04
N LEU F 618 -40.53 22.64 30.86
CA LEU F 618 -40.78 21.30 30.37
C LEU F 618 -42.26 20.93 30.26
N LEU F 619 -43.16 21.73 30.83
CA LEU F 619 -44.57 21.34 30.85
C LEU F 619 -45.17 21.13 29.47
N PRO F 620 -45.00 22.03 28.50
CA PRO F 620 -45.81 21.94 27.26
C PRO F 620 -45.57 20.68 26.45
N PHE F 621 -44.47 19.97 26.66
CA PHE F 621 -44.15 18.80 25.84
C PHE F 621 -44.99 17.58 26.19
N ALA F 622 -45.80 17.64 27.25
CA ALA F 622 -46.54 16.47 27.73
C ALA F 622 -47.94 16.36 27.14
N ALA F 623 -48.29 17.19 26.17
CA ALA F 623 -49.66 17.23 25.68
C ALA F 623 -50.05 15.94 24.96
N ALA F 624 -49.10 15.28 24.30
CA ALA F 624 -49.44 14.14 23.47
C ALA F 624 -49.81 12.92 24.32
N PRO F 625 -50.46 11.92 23.72
CA PRO F 625 -50.82 10.71 24.47
C PRO F 625 -49.61 9.82 24.69
N PRO F 626 -48.89 10.02 25.80
CA PRO F 626 -47.55 9.40 25.93
C PRO F 626 -47.55 7.90 25.71
N GLU F 627 -46.37 7.37 25.39
CA GLU F 627 -46.13 5.93 25.27
C GLU F 627 -44.83 5.58 25.97
N GLN F 628 -44.73 4.34 26.43
CA GLN F 628 -43.54 3.91 27.16
C GLN F 628 -42.31 3.99 26.27
N SER F 629 -41.19 4.37 26.86
CA SER F 629 -39.94 4.48 26.12
C SER F 629 -38.78 4.33 27.09
N ARG F 630 -37.60 4.05 26.54
CA ARG F 630 -36.38 3.90 27.32
C ARG F 630 -35.39 5.03 27.09
N MET F 631 -35.57 5.84 26.05
CA MET F 631 -34.62 6.91 25.77
C MET F 631 -34.61 7.91 26.93
N GLN F 632 -33.45 8.53 27.14
CA GLN F 632 -33.26 9.51 28.20
C GLN F 632 -32.89 10.82 27.51
N PHE F 633 -33.90 11.59 27.10
CA PHE F 633 -33.70 12.75 26.26
C PHE F 633 -32.90 13.84 26.97
N SER F 634 -31.71 14.13 26.45
CA SER F 634 -30.89 15.22 26.96
C SER F 634 -31.25 16.56 26.35
N SER F 635 -32.10 16.57 25.32
CA SER F 635 -32.54 17.80 24.68
C SER F 635 -33.72 17.48 23.77
N LEU F 636 -34.67 18.40 23.68
CA LEU F 636 -35.86 18.22 22.86
C LEU F 636 -35.87 19.28 21.76
N THR F 637 -36.37 18.89 20.58
CA THR F 637 -36.28 19.71 19.39
C THR F 637 -37.61 20.40 19.10
N VAL F 638 -37.54 21.68 18.78
CA VAL F 638 -38.70 22.47 18.38
C VAL F 638 -38.40 23.06 17.00
N ASN F 639 -39.28 22.82 16.04
CA ASN F 639 -39.08 23.29 14.68
C ASN F 639 -39.54 24.74 14.58
N VAL F 640 -38.59 25.64 14.30
CA VAL F 640 -38.89 27.05 14.11
C VAL F 640 -38.30 27.47 12.76
N ARG F 641 -39.16 27.99 11.88
CA ARG F 641 -38.72 28.47 10.57
C ARG F 641 -37.93 27.40 9.82
N GLY F 642 -38.42 26.16 9.89
CA GLY F 642 -37.74 25.04 9.25
C GLY F 642 -36.60 24.50 10.10
N SER F 643 -35.63 25.35 10.41
CA SER F 643 -34.51 24.93 11.26
C SER F 643 -35.03 24.50 12.62
N GLY F 644 -34.47 23.43 13.15
CA GLY F 644 -34.90 22.90 14.42
C GLY F 644 -34.01 23.31 15.58
N MET F 645 -34.53 24.15 16.45
CA MET F 645 -33.80 24.53 17.65
C MET F 645 -33.91 23.44 18.70
N ARG F 646 -32.97 23.47 19.65
CA ARG F 646 -32.89 22.45 20.69
C ARG F 646 -32.96 23.13 22.06
N ILE F 647 -33.79 22.57 22.95
CA ILE F 647 -33.93 23.06 24.31
C ILE F 647 -33.48 21.94 25.24
N VAL F 648 -32.54 22.26 26.12
CA VAL F 648 -31.94 21.25 26.99
C VAL F 648 -32.83 21.01 28.19
N VAL F 649 -32.95 19.75 28.61
CA VAL F 649 -33.75 19.42 29.78
C VAL F 649 -33.13 20.02 31.05
N ARG F 650 -31.80 20.06 31.11
CA ARG F 650 -31.08 20.64 32.23
C ARG F 650 -30.36 21.90 31.78
N GLY F 651 -30.37 22.91 32.64
CA GLY F 651 -29.63 24.12 32.38
C GLY F 651 -30.32 25.03 31.38
N ASN F 652 -29.57 26.02 30.92
CA ASN F 652 -30.07 27.02 30.00
C ASN F 652 -29.87 26.59 28.56
N SER F 653 -30.73 27.09 27.68
CA SER F 653 -30.66 26.84 26.25
C SER F 653 -30.96 28.15 25.53
N PRO F 654 -30.49 28.30 24.28
CA PRO F 654 -30.86 29.51 23.53
C PRO F 654 -32.35 29.67 23.38
N VAL F 655 -33.09 28.56 23.22
CA VAL F 655 -34.54 28.65 23.12
C VAL F 655 -35.13 29.15 24.43
N PHE F 656 -34.62 28.66 25.56
CA PHE F 656 -35.14 28.97 26.88
C PHE F 656 -33.97 29.38 27.77
N ASN F 657 -33.88 30.67 28.08
CA ASN F 657 -32.87 31.19 28.99
C ASN F 657 -33.54 31.74 30.23
N TYR F 658 -32.93 31.52 31.39
CA TYR F 658 -33.44 32.03 32.65
C TYR F 658 -32.30 32.67 33.42
N ASN F 659 -32.41 33.97 33.66
CA ASN F 659 -31.41 34.72 34.41
C ASN F 659 -31.89 34.87 35.84
N LYS F 660 -31.28 34.12 36.76
CA LYS F 660 -31.63 34.22 38.17
C LYS F 660 -31.08 35.47 38.82
N ALA F 661 -30.02 36.07 38.26
CA ALA F 661 -29.51 37.32 38.81
C ALA F 661 -30.58 38.41 38.75
N THR F 662 -31.30 38.50 37.64
CA THR F 662 -32.42 39.41 37.50
C THR F 662 -33.77 38.70 37.56
N LYS F 663 -33.78 37.38 37.56
CA LYS F 663 -35.02 36.61 37.61
C LYS F 663 -35.91 36.94 36.41
N ARG F 664 -35.40 36.67 35.22
CA ARG F 664 -36.12 36.98 33.98
C ARG F 664 -35.97 35.83 33.00
N LEU F 665 -37.06 35.49 32.33
CA LEU F 665 -37.10 34.41 31.35
C LEU F 665 -37.07 35.02 29.96
N THR F 666 -36.09 34.61 29.14
CA THR F 666 -35.96 35.06 27.77
C THR F 666 -36.16 33.87 26.84
N VAL F 667 -37.04 34.03 25.85
CA VAL F 667 -37.36 32.97 24.90
C VAL F 667 -36.96 33.47 23.52
N LEU F 668 -35.86 32.94 22.99
CA LEU F 668 -35.35 33.34 21.68
C LEU F 668 -35.04 34.83 21.62
N GLY F 669 -34.68 35.42 22.76
CA GLY F 669 -34.38 36.82 22.84
C GLY F 669 -35.58 37.72 23.09
N LYS F 670 -36.80 37.18 23.07
CA LYS F 670 -38.01 37.93 23.30
C LYS F 670 -38.54 37.60 24.70
N ASP F 671 -38.71 38.62 25.52
CA ASP F 671 -39.15 38.42 26.89
C ASP F 671 -40.51 37.73 26.92
N ALA F 672 -40.67 36.78 27.85
CA ALA F 672 -41.91 36.03 27.99
C ALA F 672 -42.65 36.30 29.29
N GLY F 673 -42.04 37.01 30.23
CA GLY F 673 -42.70 37.33 31.49
C GLY F 673 -41.67 37.36 32.62
N ALA F 674 -42.15 37.02 33.82
CA ALA F 674 -41.30 36.99 35.00
C ALA F 674 -41.78 35.87 35.91
N LEU F 675 -40.82 35.18 36.55
CA LEU F 675 -41.10 34.04 37.40
C LEU F 675 -40.95 34.40 38.87
N MET F 676 -41.93 33.97 39.67
CA MET F 676 -41.88 34.10 41.11
C MET F 676 -41.88 32.71 41.73
N GLU F 677 -40.91 32.44 42.61
CA GLU F 677 -40.77 31.12 43.18
C GLU F 677 -41.99 30.78 44.04
N ASP F 678 -42.47 29.55 43.91
CA ASP F 678 -43.68 29.12 44.58
C ASP F 678 -43.35 28.58 45.97
N PRO F 679 -44.38 28.23 46.78
CA PRO F 679 -44.14 27.75 48.14
C PRO F 679 -43.66 26.30 48.20
N ASP F 680 -42.70 25.96 47.33
CA ASP F 680 -42.06 24.66 47.32
C ASP F 680 -40.74 24.82 46.59
N GLU F 681 -39.65 24.36 47.19
CA GLU F 681 -38.35 24.53 46.56
C GLU F 681 -37.30 23.76 47.35
N GLY F 682 -36.31 23.25 46.63
CA GLY F 682 -35.13 22.66 47.24
C GLY F 682 -33.89 23.48 46.90
N THR F 683 -33.34 24.17 47.90
CA THR F 683 -32.23 25.10 47.70
C THR F 683 -30.88 24.51 48.09
N ALA F 684 -30.78 23.19 48.21
CA ALA F 684 -29.59 22.53 48.70
C ALA F 684 -29.23 21.33 47.82
N GLY F 685 -29.20 21.53 46.50
CA GLY F 685 -28.75 20.48 45.62
C GLY F 685 -29.84 19.75 44.87
N VAL F 686 -30.26 18.60 45.41
CA VAL F 686 -30.96 17.55 44.67
C VAL F 686 -32.00 18.11 43.72
N GLU F 687 -32.03 17.56 42.51
CA GLU F 687 -33.01 17.94 41.48
C GLU F 687 -33.45 16.64 40.80
N SER F 688 -34.72 16.27 40.99
CA SER F 688 -35.21 14.97 40.58
C SER F 688 -35.91 14.98 39.23
N ALA F 689 -35.94 16.11 38.53
CA ALA F 689 -36.67 16.20 37.27
C ALA F 689 -35.75 16.56 36.12
N VAL F 690 -34.59 15.89 36.05
CA VAL F 690 -33.63 16.09 34.97
C VAL F 690 -33.34 14.77 34.26
N LEU F 691 -33.09 13.71 35.02
CA LEU F 691 -32.78 12.39 34.49
C LEU F 691 -33.91 11.44 34.86
N ARG F 692 -34.49 10.78 33.85
CA ARG F 692 -35.58 9.85 34.10
C ARG F 692 -35.07 8.68 34.93
N GLY F 693 -35.83 8.34 35.98
CA GLY F 693 -35.47 7.24 36.85
C GLY F 693 -34.28 7.49 37.74
N PHE F 694 -33.72 8.70 37.74
CA PHE F 694 -32.53 9.02 38.51
C PHE F 694 -32.75 10.30 39.28
N LEU F 695 -32.01 10.45 40.38
CA LEU F 695 -32.02 11.66 41.19
C LEU F 695 -30.62 12.24 41.20
N ILE F 696 -30.49 13.48 40.74
CA ILE F 696 -29.20 14.16 40.72
C ILE F 696 -28.95 14.76 42.10
N LEU F 697 -27.74 14.58 42.61
CA LEU F 697 -27.38 14.99 43.96
C LEU F 697 -26.37 16.13 43.97
N GLY F 698 -26.44 17.03 42.99
CA GLY F 698 -25.64 18.24 43.01
C GLY F 698 -24.21 18.06 42.53
N LYS F 699 -23.28 18.70 43.23
CA LYS F 699 -21.89 18.76 42.78
C LYS F 699 -21.30 17.35 42.70
N GLU F 700 -20.29 17.22 41.84
CA GLU F 700 -19.63 15.94 41.63
C GLU F 700 -18.72 15.60 42.81
N ASN F 701 -18.42 14.31 42.94
CA ASN F 701 -17.53 13.81 43.98
C ASN F 701 -16.54 12.84 43.33
N LYS F 702 -15.25 13.19 43.37
CA LYS F 702 -14.24 12.32 42.79
C LYS F 702 -14.16 10.97 43.49
N ARG F 703 -14.67 10.87 44.72
CA ARG F 703 -14.57 9.62 45.46
C ARG F 703 -15.39 8.51 44.82
N TYR F 704 -16.53 8.85 44.23
CA TYR F 704 -17.38 7.85 43.61
C TYR F 704 -16.81 7.46 42.24
N GLY F 705 -17.49 6.54 41.56
CA GLY F 705 -17.05 6.04 40.29
C GLY F 705 -16.85 7.17 39.29
N PRO F 706 -15.75 7.12 38.50
CA PRO F 706 -15.48 8.22 37.56
C PRO F 706 -16.64 8.49 36.62
N ALA F 707 -16.56 9.58 35.88
CA ALA F 707 -17.67 10.03 35.04
C ALA F 707 -18.15 8.89 34.14
N LEU F 708 -19.46 8.66 34.15
CA LEU F 708 -20.08 7.61 33.36
C LEU F 708 -20.69 8.21 32.10
N SER F 709 -21.41 7.38 31.34
CA SER F 709 -22.11 7.80 30.14
C SER F 709 -23.60 7.61 30.35
N ILE F 710 -24.40 8.46 29.71
CA ILE F 710 -25.85 8.38 29.86
C ILE F 710 -26.34 7.01 29.40
N ASN F 711 -25.76 6.49 28.32
CA ASN F 711 -26.15 5.17 27.83
C ASN F 711 -25.83 4.09 28.86
N GLU F 712 -24.67 4.18 29.51
CA GLU F 712 -24.28 3.16 30.47
C GLU F 712 -25.22 3.13 31.67
N LEU F 713 -25.83 4.26 32.00
CA LEU F 713 -26.69 4.31 33.19
C LEU F 713 -27.77 3.26 33.18
N SER F 714 -28.09 2.68 32.02
CA SER F 714 -29.13 1.66 31.94
C SER F 714 -28.75 0.38 32.66
N ASN F 715 -27.49 0.22 33.07
CA ASN F 715 -27.04 -1.01 33.72
C ASN F 715 -26.89 -0.88 35.23
N LEU F 716 -26.92 0.34 35.77
CA LEU F 716 -26.78 0.51 37.21
C LEU F 716 -27.96 -0.14 37.93
N ALA F 717 -27.68 -0.74 39.08
CA ALA F 717 -28.70 -1.41 39.87
C ALA F 717 -29.50 -0.40 40.69
N LYS F 718 -30.62 -0.85 41.23
CA LYS F 718 -31.48 0.02 42.03
C LYS F 718 -30.73 0.52 43.25
N GLY F 719 -30.70 1.84 43.42
CA GLY F 719 -30.00 2.46 44.51
C GLY F 719 -28.52 2.73 44.26
N GLU F 720 -27.99 2.28 43.14
CA GLU F 720 -26.59 2.50 42.83
C GLU F 720 -26.35 3.99 42.56
N LYS F 721 -25.09 4.40 42.75
CA LYS F 721 -24.68 5.78 42.57
C LYS F 721 -23.51 5.86 41.61
N ALA F 722 -23.41 6.97 40.89
CA ALA F 722 -22.35 7.20 39.92
C ALA F 722 -22.05 8.69 39.87
N ASN F 723 -21.17 9.07 38.96
CA ASN F 723 -20.74 10.45 38.77
C ASN F 723 -20.96 10.90 37.33
N VAL F 724 -22.16 10.61 36.82
CA VAL F 724 -22.49 10.78 35.40
C VAL F 724 -22.12 12.17 34.90
N LEU F 725 -21.71 12.24 33.64
CA LEU F 725 -21.43 13.50 32.95
C LEU F 725 -22.71 13.92 32.24
N ILE F 726 -23.42 14.89 32.82
CA ILE F 726 -24.70 15.31 32.26
C ILE F 726 -24.49 16.05 30.94
N GLY F 727 -23.53 16.95 30.89
CA GLY F 727 -23.29 17.72 29.69
C GLY F 727 -22.43 18.92 29.98
N GLN F 728 -22.21 19.72 28.93
CA GLN F 728 -21.39 20.92 28.98
C GLN F 728 -20.03 20.52 29.53
N GLY F 729 -19.58 21.04 30.66
CA GLY F 729 -18.29 20.67 31.22
C GLY F 729 -18.38 20.47 32.73
N ASP F 730 -19.55 20.01 33.19
CA ASP F 730 -19.82 19.83 34.61
C ASP F 730 -20.24 18.38 34.86
N VAL F 731 -19.76 17.83 35.96
CA VAL F 731 -20.07 16.46 36.37
C VAL F 731 -21.08 16.52 37.51
N VAL F 732 -22.08 15.65 37.44
CA VAL F 732 -23.17 15.62 38.42
C VAL F 732 -23.30 14.21 38.98
N LEU F 733 -23.40 14.11 40.30
CA LEU F 733 -23.58 12.82 40.95
C LEU F 733 -25.07 12.45 40.94
N VAL F 734 -25.37 11.21 40.54
CA VAL F 734 -26.74 10.76 40.38
C VAL F 734 -26.90 9.40 41.04
N MET F 735 -28.07 9.17 41.63
CA MET F 735 -28.41 7.91 42.26
C MET F 735 -29.64 7.34 41.57
N LYS F 736 -29.61 6.03 41.29
CA LYS F 736 -30.70 5.38 40.57
C LYS F 736 -31.88 5.17 41.51
N ARG F 737 -33.05 5.67 41.10
CA ARG F 737 -34.24 5.57 41.93
C ARG F 737 -34.57 4.10 42.22
N LYS F 738 -34.85 3.81 43.49
CA LYS F 738 -35.25 2.46 43.87
C LYS F 738 -36.68 2.16 43.42
N ARG F 739 -37.58 3.12 43.58
CA ARG F 739 -38.98 2.94 43.22
C ARG F 739 -39.15 3.08 41.72
N ASP F 740 -40.39 3.16 41.26
CA ASP F 740 -40.70 3.36 39.85
C ASP F 740 -41.95 4.23 39.73
N SER F 741 -41.85 5.30 38.97
CA SER F 741 -42.96 6.23 38.78
C SER F 741 -43.77 5.81 37.56
N SER F 742 -45.07 5.64 37.75
CA SER F 742 -45.96 5.16 36.70
C SER F 742 -46.85 6.30 36.19
N ILE F 743 -47.34 6.12 34.96
CA ILE F 743 -48.24 7.07 34.33
C ILE F 743 -49.37 6.28 33.68
N LEU F 744 -50.43 7.00 33.31
CA LEU F 744 -51.57 6.39 32.63
C LEU F 744 -51.23 6.09 31.17
N MET G 27 -16.18 -35.58 18.97
CA MET G 27 -17.14 -36.18 19.92
C MET G 27 -18.52 -36.29 19.27
N GLU G 28 -19.42 -37.03 19.93
CA GLU G 28 -20.78 -37.23 19.46
C GLU G 28 -21.77 -36.64 20.46
N MET G 29 -23.04 -36.61 20.07
CA MET G 29 -24.08 -36.07 20.94
C MET G 29 -24.10 -36.79 22.29
N GLY G 30 -24.46 -38.08 22.28
CA GLY G 30 -24.75 -38.77 23.52
C GLY G 30 -23.60 -38.71 24.51
N ARG G 31 -22.37 -38.91 24.02
CA ARG G 31 -21.22 -38.80 24.91
C ARG G 31 -21.10 -37.41 25.50
N ARG G 32 -21.36 -36.38 24.69
CA ARG G 32 -21.31 -35.01 25.21
C ARG G 32 -22.36 -34.78 26.28
N ILE G 33 -23.58 -35.28 26.07
CA ILE G 33 -24.64 -35.10 27.07
C ILE G 33 -24.26 -35.82 28.35
N HIS G 34 -23.74 -37.05 28.24
CA HIS G 34 -23.33 -37.78 29.42
C HIS G 34 -22.23 -37.05 30.17
N LEU G 35 -21.26 -36.49 29.44
CA LEU G 35 -20.19 -35.74 30.09
C LEU G 35 -20.72 -34.51 30.81
N GLU G 36 -21.66 -33.78 30.18
CA GLU G 36 -22.23 -32.61 30.83
C GLU G 36 -23.01 -33.00 32.06
N LEU G 37 -23.71 -34.14 32.01
CA LEU G 37 -24.54 -34.55 33.15
C LEU G 37 -23.72 -34.67 34.43
N ARG G 38 -22.44 -35.01 34.31
CA ARG G 38 -21.56 -35.16 35.48
C ARG G 38 -22.14 -36.20 36.44
N ASN G 39 -22.19 -37.45 35.98
CA ASN G 39 -22.65 -38.60 36.76
C ASN G 39 -23.83 -38.24 37.66
N ARG G 40 -24.78 -37.48 37.10
CA ARG G 40 -25.98 -37.07 37.81
C ARG G 40 -27.20 -37.45 36.98
N THR G 41 -28.34 -37.56 37.65
CA THR G 41 -29.57 -37.88 36.96
C THR G 41 -29.94 -36.74 36.01
N PRO G 42 -30.62 -37.04 34.87
CA PRO G 42 -31.04 -35.99 33.94
C PRO G 42 -32.27 -35.21 34.41
N SER G 43 -32.25 -34.81 35.68
CA SER G 43 -33.36 -34.03 36.24
C SER G 43 -32.89 -32.91 37.18
N ASP G 44 -31.59 -32.70 37.33
CA ASP G 44 -31.05 -31.66 38.21
C ASP G 44 -30.05 -30.78 37.48
N VAL G 45 -30.28 -30.55 36.19
CA VAL G 45 -29.42 -29.70 35.38
C VAL G 45 -30.19 -28.44 35.02
N LYS G 46 -29.61 -27.28 35.34
CA LYS G 46 -30.21 -25.99 35.04
C LYS G 46 -29.56 -25.29 33.86
N GLU G 47 -28.53 -25.89 33.26
CA GLU G 47 -27.86 -25.30 32.11
C GLU G 47 -27.02 -26.37 31.43
N LEU G 48 -27.22 -26.55 30.14
CA LEU G 48 -26.53 -27.57 29.35
C LEU G 48 -25.77 -26.89 28.22
N VAL G 49 -24.49 -27.20 28.10
CA VAL G 49 -23.61 -26.61 27.10
C VAL G 49 -23.19 -27.72 26.14
N LEU G 50 -23.66 -27.65 24.90
CA LEU G 50 -23.31 -28.59 23.84
C LEU G 50 -22.65 -27.79 22.73
N ASP G 51 -21.35 -27.56 22.85
CA ASP G 51 -20.59 -26.74 21.92
C ASP G 51 -19.71 -27.63 21.05
N ASN G 52 -19.70 -27.35 19.75
CA ASN G 52 -18.84 -28.06 18.80
C ASN G 52 -19.10 -29.56 18.83
N SER G 53 -20.37 -29.93 18.99
CA SER G 53 -20.76 -31.34 19.01
C SER G 53 -21.14 -31.77 17.58
N ARG G 54 -21.66 -32.99 17.45
CA ARG G 54 -22.09 -33.51 16.17
C ARG G 54 -23.36 -34.34 16.36
N SER G 55 -24.20 -34.35 15.33
CA SER G 55 -25.44 -35.10 15.34
C SER G 55 -25.56 -35.89 14.05
N ASN G 56 -26.07 -37.11 14.15
CA ASN G 56 -26.21 -37.96 12.97
C ASN G 56 -27.48 -37.59 12.19
N GLU G 57 -27.36 -37.61 10.86
CA GLU G 57 -28.46 -37.28 9.96
C GLU G 57 -29.02 -35.88 10.21
N GLY G 58 -28.24 -35.03 10.87
CA GLY G 58 -28.70 -33.68 11.15
C GLY G 58 -29.98 -33.63 11.94
N LYS G 59 -30.13 -34.51 12.92
CA LYS G 59 -31.32 -34.57 13.77
C LYS G 59 -30.89 -34.66 15.23
N LEU G 60 -31.70 -34.06 16.09
CA LEU G 60 -31.40 -34.07 17.52
C LEU G 60 -31.47 -35.49 18.08
N GLU G 61 -30.48 -35.85 18.89
CA GLU G 61 -30.41 -37.16 19.50
C GLU G 61 -29.95 -37.02 20.94
N GLY G 62 -30.31 -37.99 21.77
CA GLY G 62 -29.91 -38.00 23.16
C GLY G 62 -30.91 -37.36 24.08
N LEU G 63 -31.26 -36.11 23.83
CA LEU G 63 -32.21 -35.40 24.68
C LEU G 63 -33.52 -36.16 24.76
N THR G 64 -34.07 -36.25 25.97
CA THR G 64 -35.29 -36.99 26.22
C THR G 64 -36.15 -36.23 27.22
N ASP G 65 -37.32 -36.80 27.52
CA ASP G 65 -38.26 -36.14 28.44
C ASP G 65 -37.71 -36.03 29.86
N GLU G 66 -36.73 -36.86 30.23
CA GLU G 66 -36.21 -36.83 31.59
C GLU G 66 -35.70 -35.45 31.98
N PHE G 67 -35.19 -34.69 31.01
CA PHE G 67 -34.72 -33.33 31.27
C PHE G 67 -35.92 -32.44 31.57
N GLU G 68 -36.06 -32.00 32.82
CA GLU G 68 -37.18 -31.17 33.22
C GLU G 68 -36.77 -29.97 34.09
N GLU G 69 -35.48 -29.80 34.37
CA GLU G 69 -34.99 -28.66 35.13
C GLU G 69 -34.10 -27.75 34.30
N LEU G 70 -33.84 -28.10 33.04
CA LEU G 70 -32.97 -27.29 32.20
C LEU G 70 -33.56 -25.90 31.99
N GLU G 71 -32.71 -24.88 32.13
CA GLU G 71 -33.13 -23.49 32.03
C GLU G 71 -32.26 -22.65 31.11
N PHE G 72 -31.08 -23.14 30.69
CA PHE G 72 -30.19 -22.39 29.82
C PHE G 72 -29.45 -23.39 28.94
N LEU G 73 -29.99 -23.61 27.74
CA LEU G 73 -29.41 -24.52 26.77
C LEU G 73 -28.58 -23.76 25.75
N SER G 74 -27.66 -24.47 25.10
CA SER G 74 -26.77 -23.86 24.11
C SER G 74 -26.24 -24.94 23.20
N THR G 75 -26.49 -24.80 21.90
CA THR G 75 -25.98 -25.73 20.88
C THR G 75 -25.34 -24.91 19.78
N ILE G 76 -24.02 -25.00 19.65
CA ILE G 76 -23.25 -24.22 18.69
C ILE G 76 -22.42 -25.16 17.84
N ASN G 77 -22.44 -24.95 16.52
CA ASN G 77 -21.67 -25.77 15.58
C ASN G 77 -21.98 -27.25 15.80
N VAL G 78 -23.27 -27.57 15.98
CA VAL G 78 -23.68 -28.94 16.28
C VAL G 78 -24.06 -29.75 15.05
N GLY G 79 -24.08 -29.13 13.87
CA GLY G 79 -24.40 -29.86 12.65
C GLY G 79 -25.79 -30.44 12.62
N LEU G 80 -26.78 -29.69 13.10
CA LEU G 80 -28.17 -30.11 13.08
C LEU G 80 -28.88 -29.50 11.88
N THR G 81 -29.57 -30.34 11.11
CA THR G 81 -30.31 -29.86 9.95
C THR G 81 -31.60 -29.17 10.34
N SER G 82 -32.25 -29.61 11.41
CA SER G 82 -33.48 -28.98 11.88
C SER G 82 -33.77 -29.47 13.30
N ILE G 83 -34.49 -28.64 14.05
CA ILE G 83 -34.89 -29.02 15.43
C ILE G 83 -36.21 -29.75 15.30
N ALA G 84 -36.11 -31.06 15.03
CA ALA G 84 -37.28 -31.91 14.87
C ALA G 84 -37.40 -32.98 15.93
N ASN G 85 -36.41 -33.14 16.80
CA ASN G 85 -36.44 -34.14 17.86
C ASN G 85 -36.17 -33.51 19.22
N LEU G 86 -36.59 -32.27 19.40
CA LEU G 86 -36.45 -31.60 20.69
C LEU G 86 -37.52 -32.11 21.65
N PRO G 87 -37.16 -32.54 22.85
CA PRO G 87 -38.17 -33.01 23.81
C PRO G 87 -38.90 -31.83 24.44
N LYS G 88 -39.84 -32.15 25.33
CA LYS G 88 -40.71 -31.14 25.96
C LYS G 88 -40.02 -30.62 27.23
N LEU G 89 -39.08 -29.70 27.03
CA LEU G 89 -38.42 -29.02 28.14
C LEU G 89 -39.26 -27.82 28.54
N ASN G 90 -40.31 -28.10 29.32
CA ASN G 90 -41.23 -27.04 29.72
C ASN G 90 -40.54 -25.94 30.52
N LYS G 91 -39.39 -26.23 31.12
CA LYS G 91 -38.60 -25.22 31.81
C LYS G 91 -37.53 -24.62 30.92
N LEU G 92 -37.56 -24.90 29.62
CA LEU G 92 -36.61 -24.30 28.69
C LEU G 92 -36.98 -22.84 28.48
N LYS G 93 -36.07 -21.94 28.85
CA LYS G 93 -36.29 -20.51 28.76
C LYS G 93 -35.30 -19.80 27.85
N LYS G 94 -34.01 -20.17 27.93
CA LYS G 94 -32.96 -19.57 27.12
C LYS G 94 -32.44 -20.63 26.17
N LEU G 95 -33.08 -20.74 25.01
CA LEU G 95 -32.69 -21.69 23.97
C LEU G 95 -31.83 -20.97 22.94
N GLU G 96 -30.72 -21.61 22.56
CA GLU G 96 -29.80 -21.04 21.58
C GLU G 96 -29.51 -22.08 20.50
N LEU G 97 -29.74 -21.70 19.25
CA LEU G 97 -29.38 -22.51 18.08
C LEU G 97 -28.61 -21.58 17.14
N SER G 98 -27.30 -21.45 17.37
CA SER G 98 -26.48 -20.47 16.68
C SER G 98 -25.43 -21.18 15.82
N ASP G 99 -25.00 -20.49 14.77
CA ASP G 99 -23.95 -20.99 13.88
C ASP G 99 -24.29 -22.38 13.37
N ASN G 100 -25.55 -22.56 12.96
CA ASN G 100 -26.03 -23.85 12.46
C ASN G 100 -26.82 -23.61 11.18
N ARG G 101 -27.36 -24.70 10.62
CA ARG G 101 -28.09 -24.67 9.37
C ARG G 101 -29.52 -25.19 9.56
N VAL G 102 -30.18 -24.73 10.61
CA VAL G 102 -31.55 -25.15 10.89
C VAL G 102 -32.51 -24.42 9.95
N SER G 103 -33.36 -25.18 9.28
CA SER G 103 -34.37 -24.60 8.40
C SER G 103 -35.55 -25.56 8.31
N GLY G 104 -36.75 -25.00 8.31
CA GLY G 104 -37.98 -25.76 8.25
C GLY G 104 -39.01 -25.18 9.19
N GLY G 105 -40.05 -25.97 9.45
CA GLY G 105 -41.11 -25.52 10.33
C GLY G 105 -40.63 -25.37 11.77
N LEU G 106 -41.23 -24.40 12.45
CA LEU G 106 -40.91 -24.12 13.84
C LEU G 106 -42.09 -24.36 14.78
N GLU G 107 -43.12 -25.07 14.30
CA GLU G 107 -44.23 -25.44 15.17
C GLU G 107 -43.78 -26.39 16.28
N VAL G 108 -42.77 -27.22 15.99
CA VAL G 108 -42.25 -28.13 17.01
C VAL G 108 -41.72 -27.34 18.20
N LEU G 109 -40.95 -26.29 17.93
CA LEU G 109 -40.51 -25.41 19.01
C LEU G 109 -41.69 -24.69 19.66
N ALA G 110 -42.72 -24.37 18.88
CA ALA G 110 -43.87 -23.66 19.43
C ALA G 110 -44.60 -24.50 20.48
N GLU G 111 -44.78 -25.79 20.21
CA GLU G 111 -45.58 -26.62 21.10
C GLU G 111 -44.75 -27.36 22.14
N LYS G 112 -43.61 -27.93 21.75
CA LYS G 112 -42.81 -28.72 22.68
C LYS G 112 -42.30 -27.87 23.83
N CYS G 113 -41.86 -26.65 23.53
CA CYS G 113 -41.32 -25.73 24.54
C CYS G 113 -42.08 -24.41 24.42
N PRO G 114 -43.29 -24.34 24.97
CA PRO G 114 -44.10 -23.12 24.85
C PRO G 114 -43.70 -22.01 25.81
N ASN G 115 -42.65 -22.20 26.60
CA ASN G 115 -42.25 -21.22 27.61
C ASN G 115 -40.90 -20.57 27.29
N LEU G 116 -40.50 -20.56 26.02
CA LEU G 116 -39.23 -19.93 25.67
C LEU G 116 -39.31 -18.43 25.93
N THR G 117 -38.22 -17.89 26.48
CA THR G 117 -38.11 -16.46 26.78
C THR G 117 -37.02 -15.79 25.95
N HIS G 118 -35.82 -16.35 25.94
CA HIS G 118 -34.72 -15.84 25.14
C HIS G 118 -34.36 -16.86 24.08
N LEU G 119 -34.26 -16.41 22.83
CA LEU G 119 -33.96 -17.28 21.71
C LEU G 119 -32.83 -16.67 20.89
N ASN G 120 -32.03 -17.55 20.28
CA ASN G 120 -30.91 -17.12 19.43
C ASN G 120 -30.87 -18.03 18.21
N LEU G 121 -30.97 -17.43 17.03
CA LEU G 121 -30.86 -18.16 15.77
C LEU G 121 -29.78 -17.55 14.87
N SER G 122 -28.82 -16.85 15.46
CA SER G 122 -27.80 -16.17 14.67
C SER G 122 -27.06 -17.15 13.77
N GLY G 123 -26.88 -16.75 12.50
CA GLY G 123 -26.15 -17.57 11.55
C GLY G 123 -26.93 -18.71 10.97
N ASN G 124 -28.23 -18.81 11.24
CA ASN G 124 -29.03 -19.92 10.75
C ASN G 124 -29.41 -19.70 9.28
N LYS G 125 -30.02 -20.73 8.69
CA LYS G 125 -30.48 -20.70 7.30
C LYS G 125 -31.99 -20.60 7.31
N ILE G 126 -32.51 -19.39 7.12
CA ILE G 126 -33.95 -19.13 7.10
C ILE G 126 -34.25 -18.25 5.90
N LYS G 127 -35.31 -18.58 5.17
CA LYS G 127 -35.60 -17.91 3.90
C LYS G 127 -36.28 -16.56 4.11
N ASP G 128 -37.49 -16.58 4.67
CA ASP G 128 -38.27 -15.36 4.80
C ASP G 128 -39.20 -15.49 6.01
N LEU G 129 -40.02 -14.47 6.21
CA LEU G 129 -40.88 -14.42 7.39
C LEU G 129 -41.96 -15.51 7.39
N SER G 130 -42.29 -16.06 6.22
CA SER G 130 -43.31 -17.11 6.18
C SER G 130 -42.89 -18.32 7.00
N THR G 131 -41.59 -18.51 7.19
CA THR G 131 -41.09 -19.62 8.00
C THR G 131 -40.82 -19.22 9.44
N ILE G 132 -40.63 -17.93 9.72
CA ILE G 132 -40.45 -17.46 11.09
C ILE G 132 -41.77 -17.08 11.75
N GLU G 133 -42.88 -17.15 11.03
CA GLU G 133 -44.18 -16.82 11.63
C GLU G 133 -44.52 -17.69 12.82
N PRO G 134 -44.29 -19.01 12.83
CA PRO G 134 -44.77 -19.83 13.94
C PRO G 134 -44.22 -19.43 15.30
N LEU G 135 -43.11 -18.68 15.35
CA LEU G 135 -42.56 -18.26 16.62
C LEU G 135 -43.45 -17.26 17.35
N LYS G 136 -44.47 -16.71 16.67
CA LYS G 136 -45.40 -15.79 17.34
C LYS G 136 -46.23 -16.49 18.40
N LYS G 137 -46.32 -17.82 18.36
CA LYS G 137 -47.15 -18.53 19.33
C LYS G 137 -46.61 -18.38 20.75
N LEU G 138 -45.28 -18.31 20.90
CA LEU G 138 -44.67 -18.17 22.21
C LEU G 138 -44.78 -16.73 22.67
N GLU G 139 -45.62 -16.48 23.67
CA GLU G 139 -45.90 -15.13 24.14
C GLU G 139 -44.88 -14.63 25.17
N ASN G 140 -43.92 -15.46 25.56
CA ASN G 140 -42.93 -15.07 26.56
C ASN G 140 -41.59 -14.72 25.93
N LEU G 141 -41.48 -14.73 24.60
CA LEU G 141 -40.19 -14.44 23.96
C LEU G 141 -39.85 -12.97 24.10
N LYS G 142 -39.08 -12.63 25.12
CA LYS G 142 -38.72 -11.24 25.36
C LYS G 142 -37.58 -10.77 24.46
N SER G 143 -36.86 -11.69 23.82
CA SER G 143 -35.74 -11.31 22.97
C SER G 143 -35.54 -12.39 21.91
N LEU G 144 -35.44 -11.96 20.66
CA LEU G 144 -35.15 -12.84 19.53
C LEU G 144 -33.96 -12.27 18.78
N ASP G 145 -32.95 -13.12 18.55
CA ASP G 145 -31.70 -12.70 17.93
C ASP G 145 -31.56 -13.36 16.56
N LEU G 146 -31.27 -12.54 15.55
CA LEU G 146 -30.96 -13.02 14.21
C LEU G 146 -29.74 -12.28 13.69
N PHE G 147 -28.92 -13.00 12.93
CA PHE G 147 -27.66 -12.45 12.46
C PHE G 147 -27.17 -13.26 11.26
N ASN G 148 -26.66 -12.58 10.25
CA ASN G 148 -26.09 -13.24 9.07
C ASN G 148 -27.09 -14.25 8.48
N CYS G 149 -28.35 -13.85 8.41
CA CYS G 149 -29.41 -14.68 7.85
C CYS G 149 -29.92 -14.07 6.55
N GLU G 150 -30.75 -14.84 5.84
CA GLU G 150 -31.38 -14.33 4.63
C GLU G 150 -32.53 -13.38 4.94
N VAL G 151 -33.25 -13.62 6.04
CA VAL G 151 -34.40 -12.77 6.37
C VAL G 151 -33.95 -11.34 6.63
N THR G 152 -32.80 -11.17 7.27
CA THR G 152 -32.34 -9.83 7.62
C THR G 152 -32.01 -8.99 6.39
N ASN G 153 -31.89 -9.61 5.21
CA ASN G 153 -31.62 -8.84 4.00
C ASN G 153 -32.83 -8.01 3.57
N LEU G 154 -34.03 -8.46 3.91
CA LEU G 154 -35.24 -7.81 3.43
C LEU G 154 -35.35 -6.39 3.99
N ASN G 155 -35.93 -5.50 3.18
CA ASN G 155 -36.07 -4.11 3.58
C ASN G 155 -37.03 -3.99 4.77
N ASP G 156 -36.68 -3.11 5.71
CA ASP G 156 -37.47 -2.93 6.93
C ASP G 156 -37.68 -4.27 7.63
N TYR G 157 -36.62 -5.06 7.68
CA TYR G 157 -36.69 -6.36 8.35
C TYR G 157 -37.02 -6.19 9.83
N ARG G 158 -36.37 -5.24 10.49
CA ARG G 158 -36.58 -5.06 11.92
C ARG G 158 -38.03 -4.76 12.23
N GLU G 159 -38.60 -3.76 11.56
CA GLU G 159 -39.97 -3.35 11.86
C GLU G 159 -40.96 -4.42 11.42
N ASN G 160 -40.72 -5.09 10.30
CA ASN G 160 -41.63 -6.14 9.87
C ASN G 160 -41.65 -7.29 10.87
N VAL G 161 -40.49 -7.68 11.38
CA VAL G 161 -40.44 -8.74 12.38
C VAL G 161 -41.13 -8.28 13.65
N PHE G 162 -40.88 -7.04 14.08
CA PHE G 162 -41.57 -6.52 15.26
C PHE G 162 -43.08 -6.59 15.09
N LYS G 163 -43.58 -6.23 13.91
CA LYS G 163 -45.01 -6.37 13.64
C LYS G 163 -45.43 -7.83 13.73
N LEU G 164 -44.62 -8.74 13.19
CA LEU G 164 -44.99 -10.15 13.21
C LEU G 164 -44.88 -10.74 14.61
N LEU G 165 -44.05 -10.16 15.48
CA LEU G 165 -43.84 -10.64 16.83
C LEU G 165 -44.00 -9.48 17.80
N PRO G 166 -45.23 -9.06 18.07
CA PRO G 166 -45.44 -7.94 19.01
C PRO G 166 -44.89 -8.23 20.40
N GLN G 167 -44.96 -9.48 20.86
CA GLN G 167 -44.45 -9.81 22.19
C GLN G 167 -42.97 -9.54 22.30
N LEU G 168 -42.25 -9.62 21.19
CA LEU G 168 -40.81 -9.36 21.20
C LEU G 168 -40.54 -7.93 21.66
N THR G 169 -39.48 -7.76 22.43
CA THR G 169 -39.09 -6.45 22.93
C THR G 169 -37.66 -6.05 22.59
N TYR G 170 -36.79 -6.99 22.26
CA TYR G 170 -35.39 -6.68 21.93
C TYR G 170 -34.97 -7.58 20.77
N LEU G 171 -34.89 -7.00 19.58
CA LEU G 171 -34.47 -7.72 18.38
C LEU G 171 -32.99 -7.51 18.16
N ASP G 172 -32.25 -8.60 17.95
CA ASP G 172 -30.81 -8.54 17.76
C ASP G 172 -30.14 -7.76 18.89
N GLY G 173 -30.59 -8.01 20.11
CA GLY G 173 -30.06 -7.28 21.24
C GLY G 173 -30.40 -5.81 21.26
N TYR G 174 -31.39 -5.40 20.47
CA TYR G 174 -31.82 -4.01 20.42
C TYR G 174 -33.34 -3.97 20.41
N ASP G 175 -33.89 -2.95 21.04
CA ASP G 175 -35.34 -2.80 21.15
C ASP G 175 -35.87 -2.06 19.92
N ARG G 176 -37.16 -1.73 19.94
CA ARG G 176 -37.79 -1.05 18.81
C ARG G 176 -37.25 0.36 18.61
N ASP G 177 -36.52 0.91 19.58
CA ASP G 177 -35.97 2.26 19.48
C ASP G 177 -34.44 2.26 19.51
N ASP G 178 -33.81 1.14 19.15
CA ASP G 178 -32.37 1.04 19.06
C ASP G 178 -31.69 1.46 20.37
N LYS G 179 -32.00 0.68 21.41
CA LYS G 179 -31.36 0.84 22.72
C LYS G 179 -30.86 -0.52 23.17
N GLU G 180 -29.60 -0.56 23.64
CA GLU G 180 -29.02 -1.83 24.08
C GLU G 180 -29.83 -2.41 25.22
N ALA G 181 -29.94 -3.74 25.25
CA ALA G 181 -30.81 -4.43 26.20
C ALA G 181 -29.99 -4.94 27.38
N PRO G 182 -29.95 -4.23 28.51
CA PRO G 182 -29.30 -4.78 29.69
C PRO G 182 -30.04 -6.00 30.23
N ASP G 183 -29.29 -6.89 30.86
CA ASP G 183 -29.86 -8.09 31.46
C ASP G 183 -30.84 -7.72 32.56
MG MG H . 51.30 -6.05 -2.09
#